data_7WZ0
#
_entry.id   7WZ0
#
_cell.length_a   1.00
_cell.length_b   1.00
_cell.length_c   1.00
_cell.angle_alpha   90.00
_cell.angle_beta   90.00
_cell.angle_gamma   90.00
#
_symmetry.space_group_name_H-M   'P 1'
#
loop_
_entity.id
_entity.type
_entity.pdbx_description
1 polymer 'Sodium/potassium-transporting ATPase subunit alpha'
2 polymer 'Na+,K+-ATPase beta subunit'
3 polymer 'FXYD domain-containing ion transport regulator'
4 branched alpha-D-mannopyranose-(1-3)-[alpha-D-mannopyranose-(1-6)]beta-D-mannopyranose-(1-4)-2-acetamido-2-deoxy-beta-D-glucopyranose-(1-4)-[alpha-L-fucopyranose-(1-6)]2-acetamido-2-deoxy-beta-D-glucopyranose
5 branched 2-acetamido-2-deoxy-beta-D-glucopyranose-(1-2)-alpha-D-mannopyranose-(1-3)-[alpha-D-mannopyranose-(1-6)]beta-D-mannopyranose-(1-4)-2-acetamido-2-deoxy-beta-D-glucopyranose-(1-4)-2-acetamido-2-deoxy-beta-D-glucopyranose
6 branched alpha-D-mannopyranose-(1-3)-beta-D-mannopyranose-(1-4)-2-acetamido-2-deoxy-beta-D-glucopyranose-(1-4)-[alpha-L-fucopyranose-(1-6)]2-acetamido-2-deoxy-beta-D-glucopyranose
7 branched 2-acetamido-2-deoxy-beta-D-glucopyranose-(1-4)-2-acetamido-2-deoxy-beta-D-glucopyranose
8 non-polymer 'MAGNESIUM ION'
9 non-polymer OUABAIN
10 non-polymer CHOLESTEROL
11 non-polymer 1,2-DIOLEOYL-SN-GLYCERO-3-PHOSPHOCHOLINE
12 water water
#
loop_
_entity_poly.entity_id
_entity_poly.type
_entity_poly.pdbx_seq_one_letter_code
_entity_poly.pdbx_strand_id
1 'polypeptide(L)'
;MGKGTASDKYEPAATSENATKSKKKGKKDKIDKKRDLDELKKEVSMDDHKLSLDELHNKYGTDLTRGLTNARAKEILARD
GPNSLTPPPTTPEWIKFCRQLFGGFSILLWIGAILCFLAYGIQAATEDEPANDNLYLGVVLSTVVIVTGCFSYYQEAKSS
RIMDSFKNMVPQQALVIRDGEKSTINAEFVVAGDLVEVKGGDRIPADLRIISAHGCKVDNSSLTGESEPQTRSPEFSSEN
PLETRNIAFFSTNCVEGTARGVVVYTGDRTVMGRIATLASGLEVGRTPIAIEIEHFIHIITGVAVFLGVSFFILSLILGY
SWLEAVIFLIGIIVANVPEGLLATVTVCLTLTAKRMARKNCLVKNLEAVETLGSTSTICS(PHD)KTGTLTQNRMTVAHM
WFDNQIHEADTTENQSGAAFDKTSATWSALSRIAALCNRAVFQAGQDNVPILKRSVAGDASESALLKCIELCCGSVQGMR
DRNPKIVEIPFNSTNKYQLSIHENEKSSESRYLLVMKGAPERILDRCSTILLNGAEEPLKEDMKEAFQNAYLELGGLGER
VLGFCHFALPEDKYNEGYPFDADEPNFPTTDLCFVGLMAMIDPPRAAVPDAVGKCRSAGIKVIMVTGDHPITAKAIAKGV
GIISEGNETIEDIAARLNIPIGQVNPRDAKACVVHGSDLKDLSTEVLDDILHYHTEIVFARTSPQQKLIIVEGCQRQGAI
VAVTGDGVNDSPALKKADIGVAMGISGSDVSKQAADMILLDDNFASIVTGVEEGRLIFDNLKKSIAYTLTSNIPEITPFL
VFIIGNVPLPLGTVTILCIDLGTDMVPAISLAYEQAESDIMKRQPRNPKTDKLVNERLISMAYGQIGMIQALGGFFSYFV
ILAENGFLPMDLIGKRVRWDDRWISDVEDSFGQQWTYEQRKIVEFTCHTSFFISIVVVQWADLIICKTRRNSIFQQGMKN
KILIFGLFEETALAAFLSYCPGTDVALRMYPLKPSWWFCAFPYSLIIFLYDEMRRFIIRRSPGGWVEQETYY
;
A,C
2 'polypeptide(L)'
;MARGKSKETDGGWKKFLWDSEKKEFLGRTGSSWFKIFLFYLIFYGCLAGIFIGTIQVLLLTLSDFEPKYQDRVAPPGLSH
APYAIKTEISFSISNPKSYESFVKSMHKLMDLYNESSQAGNSPFEDCSDTPADYIKRGDLDDSQGQKKACRFSRMWLKNC
SGLDDTTYGYAEGKPCVVAKLNRIIGFYPKPLKNTTDLPEELQANYNQYVLPLRCAAKREEDREKIGSIEYFGLGGYAGF
PLQYYPYYGKRLQKKYLQPLLAIQFTNLTQNMELRIECKVYGENIDYSEKDRFRGRFEVKIEVKS
;
B,D
3 'polypeptide(L)'
;MLGAATGLMVLVAVTQGVWAMDPEGPDNDERFTYDYYRLRVVGLIVAAVLCVIGIIILLAGKCRCKFNQNKRTRSNSGTA
TAQHLLQPGEATEC
;
G,E
#
loop_
_chem_comp.id
_chem_comp.type
_chem_comp.name
_chem_comp.formula
BMA D-saccharide, beta linking beta-D-mannopyranose 'C6 H12 O6'
CLR non-polymer CHOLESTEROL 'C27 H46 O'
FUC L-saccharide, alpha linking alpha-L-fucopyranose 'C6 H12 O5'
MAN D-saccharide, alpha linking alpha-D-mannopyranose 'C6 H12 O6'
MG non-polymer 'MAGNESIUM ION' 'Mg 2'
NAG D-saccharide, beta linking 2-acetamido-2-deoxy-beta-D-glucopyranose 'C8 H15 N O6'
OBN non-polymer OUABAIN 'C29 H44 O12'
PCW non-polymer 1,2-DIOLEOYL-SN-GLYCERO-3-PHOSPHOCHOLINE 'C44 H85 N O8 P 1'
#
# COMPACT_ATOMS: atom_id res chain seq x y z
N ASP A 36 -57.53 19.70 -41.22
CA ASP A 36 -56.70 20.65 -40.49
C ASP A 36 -55.59 21.18 -41.40
N LEU A 37 -55.98 21.99 -42.39
CA LEU A 37 -55.01 22.55 -43.32
C LEU A 37 -54.06 23.45 -42.55
N ASP A 38 -52.78 23.08 -42.51
CA ASP A 38 -51.81 23.90 -41.80
C ASP A 38 -51.42 25.16 -42.56
N GLU A 39 -51.27 25.08 -43.88
CA GLU A 39 -50.89 26.32 -44.57
C GLU A 39 -51.95 27.40 -44.41
N LEU A 40 -53.22 27.04 -44.23
CA LEU A 40 -54.22 28.09 -44.09
C LEU A 40 -54.30 28.55 -42.65
N LYS A 41 -53.58 27.85 -41.78
CA LYS A 41 -53.51 28.18 -40.39
C LYS A 41 -52.17 28.83 -40.14
N LYS A 42 -51.22 28.65 -41.08
CA LYS A 42 -49.92 29.27 -40.89
C LYS A 42 -49.97 30.73 -41.33
N GLU A 43 -50.91 31.04 -42.22
CA GLU A 43 -51.14 32.37 -42.75
C GLU A 43 -51.54 33.33 -41.64
N VAL A 44 -51.28 34.60 -41.86
CA VAL A 44 -51.62 35.61 -40.87
C VAL A 44 -53.11 35.93 -41.00
N SER A 45 -53.74 36.19 -39.85
CA SER A 45 -55.16 36.50 -39.77
C SER A 45 -55.63 37.58 -40.73
N MET A 46 -56.82 37.36 -41.27
CA MET A 46 -57.53 38.23 -42.19
C MET A 46 -58.85 38.55 -41.50
N ASP A 47 -59.62 39.50 -42.01
CA ASP A 47 -60.89 39.81 -41.34
C ASP A 47 -61.78 40.67 -42.22
N ASP A 48 -62.94 41.02 -41.66
CA ASP A 48 -63.98 41.83 -42.30
C ASP A 48 -64.22 43.11 -41.50
N HIS A 49 -63.22 43.53 -40.73
CA HIS A 49 -63.30 44.74 -39.91
C HIS A 49 -63.66 45.98 -40.72
N LYS A 50 -62.90 46.26 -41.78
CA LYS A 50 -63.16 47.44 -42.62
C LYS A 50 -64.50 47.31 -43.35
N LEU A 51 -65.57 47.55 -42.60
CA LEU A 51 -66.91 47.47 -43.13
C LEU A 51 -67.74 48.54 -42.41
N SER A 52 -69.05 48.34 -42.39
CA SER A 52 -69.97 49.28 -41.74
C SER A 52 -70.86 48.52 -40.80
N LEU A 53 -71.72 49.24 -40.09
CA LEU A 53 -72.60 48.53 -39.18
C LEU A 53 -73.74 47.92 -39.98
N ASP A 54 -74.06 48.54 -41.13
CA ASP A 54 -75.12 48.04 -41.98
C ASP A 54 -74.60 46.83 -42.74
N GLU A 55 -73.37 46.91 -43.25
CA GLU A 55 -72.80 45.79 -44.00
C GLU A 55 -72.60 44.60 -43.07
N LEU A 56 -72.22 44.87 -41.82
CA LEU A 56 -72.02 43.80 -40.85
C LEU A 56 -73.33 43.11 -40.54
N HIS A 57 -74.34 43.91 -40.20
CA HIS A 57 -75.65 43.34 -39.88
C HIS A 57 -76.24 42.66 -41.10
N ASN A 58 -75.87 43.11 -42.30
CA ASN A 58 -76.37 42.52 -43.53
C ASN A 58 -75.62 41.25 -43.88
N LYS A 59 -74.42 41.04 -43.33
CA LYS A 59 -73.72 39.81 -43.68
C LYS A 59 -74.04 38.70 -42.69
N TYR A 60 -74.07 38.98 -41.38
CA TYR A 60 -74.41 37.85 -40.53
C TYR A 60 -75.89 37.79 -40.21
N GLY A 61 -76.61 38.90 -40.36
CA GLY A 61 -78.04 38.93 -40.11
C GLY A 61 -78.28 39.38 -38.68
N THR A 62 -78.62 40.64 -38.42
CA THR A 62 -78.84 41.02 -37.03
C THR A 62 -79.34 42.44 -36.77
N ASP A 63 -80.29 42.53 -35.84
CA ASP A 63 -80.88 43.80 -35.42
C ASP A 63 -79.90 44.51 -34.51
N LEU A 64 -79.49 45.72 -34.87
CA LEU A 64 -78.55 46.45 -34.03
C LEU A 64 -79.19 46.88 -32.72
N THR A 65 -80.51 47.05 -32.71
CA THR A 65 -81.22 47.48 -31.51
C THR A 65 -82.11 46.43 -30.87
N ARG A 66 -82.34 45.29 -31.53
CA ARG A 66 -83.18 44.25 -30.96
C ARG A 66 -82.48 42.90 -30.90
N GLY A 67 -81.34 42.75 -31.57
CA GLY A 67 -80.64 41.50 -31.56
C GLY A 67 -81.39 40.45 -32.35
N LEU A 68 -81.05 39.20 -32.05
CA LEU A 68 -81.65 38.05 -32.69
C LEU A 68 -82.89 37.60 -31.92
N THR A 69 -83.60 36.65 -32.51
CA THR A 69 -84.80 36.07 -31.93
C THR A 69 -84.33 34.78 -31.27
N ASN A 70 -85.04 34.33 -30.24
CA ASN A 70 -84.59 33.10 -29.58
C ASN A 70 -84.67 31.90 -30.52
N ALA A 71 -85.73 31.79 -31.31
CA ALA A 71 -85.81 30.66 -32.22
C ALA A 71 -84.66 30.69 -33.23
N ARG A 72 -84.33 31.87 -33.73
CA ARG A 72 -83.24 32.01 -34.68
C ARG A 72 -81.90 31.70 -34.01
N ALA A 73 -81.77 32.12 -32.75
CA ALA A 73 -80.55 31.87 -32.00
C ALA A 73 -80.32 30.39 -31.85
N LYS A 74 -81.38 29.64 -31.48
CA LYS A 74 -81.21 28.21 -31.33
C LYS A 74 -80.98 27.54 -32.69
N GLU A 75 -81.55 28.12 -33.76
CA GLU A 75 -81.35 27.53 -35.08
C GLU A 75 -79.89 27.61 -35.47
N ILE A 76 -79.20 28.65 -35.02
CA ILE A 76 -77.79 28.78 -35.35
C ILE A 76 -76.94 27.97 -34.36
N LEU A 77 -77.34 27.98 -33.09
CA LEU A 77 -76.62 27.24 -32.06
C LEU A 77 -76.51 25.78 -32.46
N ALA A 78 -77.60 25.24 -33.01
CA ALA A 78 -77.60 23.85 -33.46
C ALA A 78 -76.94 23.72 -34.83
N ARG A 79 -76.93 24.81 -35.61
CA ARG A 79 -76.33 24.78 -36.94
C ARG A 79 -74.81 24.72 -36.97
N ASP A 80 -74.09 25.39 -36.05
CA ASP A 80 -72.63 25.30 -36.16
C ASP A 80 -71.82 24.88 -34.94
N GLY A 81 -72.38 24.84 -33.74
CA GLY A 81 -71.58 24.43 -32.61
C GLY A 81 -71.41 25.48 -31.54
N PRO A 82 -71.31 25.03 -30.28
CA PRO A 82 -71.15 25.97 -29.16
C PRO A 82 -69.84 26.74 -29.22
N ASN A 83 -69.87 27.92 -28.60
CA ASN A 83 -68.74 28.84 -28.52
C ASN A 83 -67.68 28.37 -27.50
N SER A 84 -67.19 27.14 -27.69
CA SER A 84 -66.19 26.61 -26.77
C SER A 84 -65.09 25.85 -27.51
N LEU A 85 -63.83 26.13 -27.16
CA LEU A 85 -62.69 25.46 -27.78
C LEU A 85 -62.72 23.95 -27.57
N THR A 86 -62.25 23.23 -28.59
CA THR A 86 -62.21 21.78 -28.54
C THR A 86 -61.27 21.27 -27.44
N PRO A 87 -61.61 20.16 -26.79
CA PRO A 87 -60.73 19.62 -25.75
C PRO A 87 -59.52 19.00 -26.41
N PRO A 88 -58.40 18.86 -25.72
CA PRO A 88 -57.21 18.26 -26.34
C PRO A 88 -57.42 16.79 -26.68
N PRO A 89 -56.54 16.24 -27.52
CA PRO A 89 -56.64 14.82 -27.91
C PRO A 89 -56.14 13.91 -26.80
N THR A 90 -57.05 13.45 -25.93
CA THR A 90 -56.71 12.59 -24.79
C THR A 90 -55.74 11.47 -25.14
N THR A 91 -54.78 11.26 -24.23
CA THR A 91 -53.71 10.26 -24.31
C THR A 91 -53.91 9.13 -23.30
N PRO A 92 -54.44 7.98 -23.69
CA PRO A 92 -54.61 6.88 -22.73
C PRO A 92 -53.30 6.49 -22.08
N GLU A 93 -53.38 5.97 -20.85
CA GLU A 93 -52.17 5.59 -20.13
C GLU A 93 -51.51 4.31 -20.66
N TRP A 94 -52.26 3.41 -21.30
CA TRP A 94 -51.58 2.22 -21.80
C TRP A 94 -50.75 2.58 -23.03
N ILE A 95 -51.14 3.64 -23.73
CA ILE A 95 -50.41 4.05 -24.91
C ILE A 95 -49.03 4.55 -24.50
N LYS A 96 -48.96 5.44 -23.50
CA LYS A 96 -47.65 5.92 -23.11
C LYS A 96 -46.89 4.87 -22.33
N PHE A 97 -47.56 3.84 -21.81
CA PHE A 97 -46.77 2.84 -21.10
C PHE A 97 -46.05 2.01 -22.16
N CYS A 98 -46.78 1.72 -23.26
CA CYS A 98 -46.17 0.97 -24.35
C CYS A 98 -45.10 1.82 -24.99
N ARG A 99 -45.26 3.15 -24.93
CA ARG A 99 -44.26 4.05 -25.49
C ARG A 99 -42.98 3.93 -24.71
N GLN A 100 -43.08 3.92 -23.38
CA GLN A 100 -41.89 3.79 -22.55
C GLN A 100 -41.26 2.42 -22.72
N LEU A 101 -42.03 1.42 -23.15
CA LEU A 101 -41.45 0.09 -23.32
C LEU A 101 -40.62 0.00 -24.60
N PHE A 102 -40.77 0.96 -25.52
CA PHE A 102 -40.07 1.04 -26.78
C PHE A 102 -39.08 2.22 -26.76
N GLY A 103 -38.62 2.62 -27.94
CA GLY A 103 -37.67 3.72 -28.05
C GLY A 103 -36.46 3.34 -28.88
N GLY A 104 -35.26 3.75 -28.46
CA GLY A 104 -34.09 3.39 -29.25
C GLY A 104 -33.18 2.44 -28.49
N PHE A 105 -33.02 2.68 -27.19
CA PHE A 105 -32.17 1.83 -26.36
C PHE A 105 -32.92 0.55 -25.99
N SER A 106 -34.16 0.71 -25.52
CA SER A 106 -34.96 -0.45 -25.16
C SER A 106 -35.17 -1.36 -26.35
N ILE A 107 -35.14 -0.79 -27.56
CA ILE A 107 -35.32 -1.61 -28.74
C ILE A 107 -34.09 -2.47 -28.96
N LEU A 108 -32.91 -1.91 -28.68
CA LEU A 108 -31.69 -2.69 -28.83
C LEU A 108 -31.73 -3.86 -27.87
N LEU A 109 -32.19 -3.60 -26.63
CA LEU A 109 -32.24 -4.70 -25.67
C LEU A 109 -33.32 -5.71 -26.09
N TRP A 110 -34.35 -5.24 -26.80
CA TRP A 110 -35.40 -6.15 -27.24
C TRP A 110 -34.85 -7.10 -28.30
N ILE A 111 -34.11 -6.56 -29.27
CA ILE A 111 -33.54 -7.43 -30.30
C ILE A 111 -32.54 -8.37 -29.66
N GLY A 112 -31.90 -7.94 -28.56
CA GLY A 112 -30.95 -8.83 -27.91
C GLY A 112 -31.66 -10.02 -27.31
N ALA A 113 -32.80 -9.78 -26.66
CA ALA A 113 -33.55 -10.88 -26.06
C ALA A 113 -34.04 -11.83 -27.14
N ILE A 114 -34.51 -11.27 -28.26
CA ILE A 114 -34.99 -12.09 -29.37
C ILE A 114 -33.87 -13.00 -29.88
N LEU A 115 -32.67 -12.44 -30.05
CA LEU A 115 -31.55 -13.24 -30.53
C LEU A 115 -31.22 -14.36 -29.55
N CYS A 116 -31.25 -14.06 -28.25
CA CYS A 116 -30.94 -15.08 -27.26
C CYS A 116 -31.90 -16.27 -27.36
N PHE A 117 -33.19 -15.97 -27.53
CA PHE A 117 -34.12 -17.10 -27.64
C PHE A 117 -33.95 -17.86 -28.95
N LEU A 118 -33.48 -17.17 -30.01
CA LEU A 118 -33.30 -17.89 -31.26
C LEU A 118 -32.16 -18.90 -31.10
N ALA A 119 -31.05 -18.46 -30.50
CA ALA A 119 -29.93 -19.37 -30.29
C ALA A 119 -30.31 -20.52 -29.37
N TYR A 120 -31.27 -20.29 -28.46
CA TYR A 120 -31.66 -21.39 -27.57
C TYR A 120 -32.47 -22.40 -28.36
N GLY A 121 -33.36 -21.93 -29.23
CA GLY A 121 -34.15 -22.86 -30.02
C GLY A 121 -33.24 -23.75 -30.85
N ILE A 122 -32.26 -23.13 -31.52
CA ILE A 122 -31.34 -23.93 -32.34
C ILE A 122 -30.62 -24.97 -31.49
N GLN A 123 -30.16 -24.58 -30.29
CA GLN A 123 -29.48 -25.58 -29.47
C GLN A 123 -30.40 -26.70 -29.00
N ALA A 124 -31.69 -26.40 -28.84
CA ALA A 124 -32.63 -27.43 -28.39
C ALA A 124 -32.95 -28.42 -29.49
N ALA A 125 -33.17 -27.94 -30.71
CA ALA A 125 -33.49 -28.85 -31.80
C ALA A 125 -32.25 -29.52 -32.41
N THR A 126 -31.06 -28.98 -32.19
CA THR A 126 -29.86 -29.58 -32.76
C THR A 126 -29.09 -30.48 -31.80
N GLU A 127 -29.01 -30.15 -30.52
CA GLU A 127 -28.28 -30.98 -29.58
C GLU A 127 -29.14 -31.37 -28.38
N ASP A 128 -28.77 -32.50 -27.79
CA ASP A 128 -29.42 -33.06 -26.62
C ASP A 128 -28.61 -32.56 -25.43
N GLU A 129 -29.32 -32.18 -24.35
CA GLU A 129 -28.80 -31.65 -23.08
C GLU A 129 -28.45 -30.16 -23.21
N PRO A 130 -29.16 -29.40 -24.06
CA PRO A 130 -28.87 -27.98 -24.25
C PRO A 130 -28.77 -27.16 -22.97
N ALA A 131 -27.68 -26.40 -22.85
CA ALA A 131 -27.52 -25.57 -21.65
C ALA A 131 -28.56 -24.46 -21.73
N ASN A 132 -29.03 -24.03 -20.56
CA ASN A 132 -30.04 -22.97 -20.50
C ASN A 132 -29.48 -21.57 -20.28
N ASP A 133 -28.19 -21.37 -20.55
CA ASP A 133 -27.55 -20.07 -20.38
C ASP A 133 -28.27 -18.95 -21.14
N ASN A 134 -28.52 -19.21 -22.43
CA ASN A 134 -29.17 -18.24 -23.31
C ASN A 134 -30.60 -17.91 -22.90
N LEU A 135 -31.36 -18.89 -22.38
CA LEU A 135 -32.72 -18.56 -22.00
C LEU A 135 -32.75 -17.67 -20.77
N TYR A 136 -31.74 -17.80 -19.90
CA TYR A 136 -31.67 -16.97 -18.70
C TYR A 136 -31.36 -15.55 -19.12
N LEU A 137 -30.31 -15.41 -19.96
CA LEU A 137 -29.91 -14.09 -20.43
C LEU A 137 -31.04 -13.39 -21.15
N GLY A 138 -31.90 -14.13 -21.86
CA GLY A 138 -32.98 -13.47 -22.56
C GLY A 138 -34.09 -13.01 -21.65
N VAL A 139 -34.49 -13.83 -20.68
CA VAL A 139 -35.56 -13.35 -19.81
C VAL A 139 -35.04 -12.18 -18.98
N VAL A 140 -33.74 -12.17 -18.67
CA VAL A 140 -33.19 -11.06 -17.88
C VAL A 140 -33.23 -9.77 -18.69
N LEU A 141 -32.86 -9.83 -19.98
CA LEU A 141 -32.90 -8.61 -20.78
C LEU A 141 -34.32 -8.08 -20.89
N SER A 142 -35.29 -8.98 -21.04
CA SER A 142 -36.68 -8.53 -21.14
C SER A 142 -37.10 -7.85 -19.85
N THR A 143 -36.71 -8.42 -18.71
CA THR A 143 -37.06 -7.82 -17.43
C THR A 143 -36.43 -6.44 -17.28
N VAL A 144 -35.21 -6.28 -17.78
CA VAL A 144 -34.54 -4.99 -17.69
C VAL A 144 -35.33 -3.94 -18.44
N VAL A 145 -35.77 -4.27 -19.66
CA VAL A 145 -36.55 -3.30 -20.45
C VAL A 145 -37.86 -2.97 -19.75
N ILE A 146 -38.54 -3.98 -19.22
CA ILE A 146 -39.82 -3.74 -18.54
C ILE A 146 -39.65 -2.85 -17.31
N VAL A 147 -38.63 -3.13 -16.49
CA VAL A 147 -38.41 -2.33 -15.28
C VAL A 147 -38.07 -0.89 -15.65
N THR A 148 -37.20 -0.70 -16.65
CA THR A 148 -36.85 0.67 -17.03
C THR A 148 -38.10 1.41 -17.49
N GLY A 149 -38.97 0.70 -18.23
CA GLY A 149 -40.19 1.33 -18.69
C GLY A 149 -41.09 1.74 -17.55
N CYS A 150 -41.22 0.87 -16.54
CA CYS A 150 -42.06 1.19 -15.39
C CYS A 150 -41.58 2.43 -14.65
N PHE A 151 -40.27 2.54 -14.44
CA PHE A 151 -39.72 3.70 -13.74
C PHE A 151 -39.89 4.98 -14.55
N SER A 152 -39.48 4.96 -15.81
CA SER A 152 -39.60 6.15 -16.64
C SER A 152 -41.05 6.59 -16.77
N TYR A 153 -41.98 5.64 -16.88
CA TYR A 153 -43.40 5.99 -17.01
C TYR A 153 -43.93 6.62 -15.73
N TYR A 154 -43.52 6.09 -14.58
CA TYR A 154 -43.99 6.62 -13.31
C TYR A 154 -43.59 8.08 -13.10
N GLN A 155 -42.40 8.46 -13.57
CA GLN A 155 -42.01 9.86 -13.37
C GLN A 155 -42.87 10.82 -14.20
N GLU A 156 -43.05 10.53 -15.50
CA GLU A 156 -43.86 11.42 -16.33
C GLU A 156 -45.31 11.47 -15.83
N ALA A 157 -45.73 10.48 -15.05
CA ALA A 157 -47.11 10.56 -14.57
C ALA A 157 -47.14 11.47 -13.36
N LYS A 158 -46.08 11.43 -12.56
CA LYS A 158 -46.00 12.29 -11.39
C LYS A 158 -46.12 13.74 -11.83
N SER A 159 -45.34 14.10 -12.86
CA SER A 159 -45.40 15.47 -13.37
C SER A 159 -46.78 15.78 -13.92
N SER A 160 -47.46 14.79 -14.53
CA SER A 160 -48.79 15.10 -15.05
C SER A 160 -49.80 15.36 -13.93
N ARG A 161 -49.68 14.69 -12.79
CA ARG A 161 -50.63 14.93 -11.71
C ARG A 161 -50.43 16.33 -11.13
N ILE A 162 -49.17 16.67 -10.84
CA ILE A 162 -48.97 18.02 -10.30
C ILE A 162 -49.35 19.04 -11.36
N MET A 163 -49.41 18.62 -12.63
CA MET A 163 -49.79 19.53 -13.70
C MET A 163 -51.31 19.70 -13.75
N ASP A 164 -52.04 18.65 -13.39
CA ASP A 164 -53.50 18.72 -13.39
C ASP A 164 -53.99 19.57 -12.23
N SER A 165 -53.16 19.71 -11.20
CA SER A 165 -53.68 20.55 -10.12
C SER A 165 -53.67 22.07 -10.48
N PHE A 166 -53.40 22.51 -11.72
CA PHE A 166 -53.39 23.92 -12.04
C PHE A 166 -54.56 24.40 -12.89
N LYS A 167 -55.20 23.53 -13.67
CA LYS A 167 -56.33 23.95 -14.50
C LYS A 167 -57.55 24.19 -13.61
N ASN A 168 -57.79 25.44 -13.25
CA ASN A 168 -58.92 25.82 -12.40
C ASN A 168 -59.90 26.51 -13.34
N MET A 169 -60.90 25.76 -13.82
CA MET A 169 -61.90 26.25 -14.76
C MET A 169 -63.29 26.44 -14.14
N VAL A 170 -63.62 27.71 -13.87
CA VAL A 170 -64.90 28.15 -13.30
C VAL A 170 -65.80 28.54 -14.46
N PRO A 171 -67.02 27.99 -14.58
CA PRO A 171 -67.88 28.38 -15.70
C PRO A 171 -68.11 29.89 -15.75
N GLN A 172 -68.34 30.40 -16.96
CA GLN A 172 -68.55 31.82 -17.22
C GLN A 172 -69.78 32.06 -18.08
N GLN A 173 -70.56 33.09 -17.73
CA GLN A 173 -71.77 33.45 -18.46
C GLN A 173 -71.71 34.88 -19.00
N ALA A 174 -72.12 35.04 -20.27
CA ALA A 174 -72.15 36.29 -21.00
C ALA A 174 -73.55 36.94 -20.97
N LEU A 175 -73.59 38.24 -21.29
CA LEU A 175 -74.82 39.03 -21.34
C LEU A 175 -75.17 39.28 -22.80
N VAL A 176 -76.23 38.62 -23.27
CA VAL A 176 -76.72 38.72 -24.64
C VAL A 176 -78.10 39.36 -24.66
N ILE A 177 -78.39 40.09 -25.74
CA ILE A 177 -79.67 40.78 -25.92
C ILE A 177 -80.42 40.12 -27.07
N ARG A 178 -81.53 39.47 -26.75
CA ARG A 178 -82.37 38.79 -27.72
C ARG A 178 -83.81 39.29 -27.59
N ASP A 179 -84.43 39.55 -28.74
CA ASP A 179 -85.81 40.03 -28.80
C ASP A 179 -85.95 41.35 -28.06
N GLY A 180 -84.83 42.05 -27.86
CA GLY A 180 -84.83 43.32 -27.17
C GLY A 180 -84.64 43.21 -25.68
N GLU A 181 -84.37 42.03 -25.14
CA GLU A 181 -84.19 41.85 -23.71
C GLU A 181 -82.80 41.33 -23.37
N LYS A 182 -82.32 41.73 -22.18
CA LYS A 182 -81.02 41.36 -21.65
C LYS A 182 -81.11 40.06 -20.85
N SER A 183 -80.24 39.10 -21.18
CA SER A 183 -80.22 37.82 -20.49
C SER A 183 -78.78 37.34 -20.36
N THR A 184 -78.47 36.67 -19.27
CA THR A 184 -77.14 36.15 -19.00
C THR A 184 -77.18 34.64 -19.21
N ILE A 185 -76.51 34.18 -20.26
CA ILE A 185 -76.47 32.76 -20.61
C ILE A 185 -75.04 32.26 -20.61
N ASN A 186 -74.89 30.95 -20.34
CA ASN A 186 -73.60 30.27 -20.32
C ASN A 186 -72.76 30.67 -21.53
N ALA A 187 -71.43 30.71 -21.38
CA ALA A 187 -70.58 31.10 -22.50
C ALA A 187 -70.71 30.13 -23.68
N GLU A 188 -71.09 28.89 -23.41
CA GLU A 188 -71.25 27.86 -24.42
C GLU A 188 -72.51 28.01 -25.28
N PHE A 189 -73.38 28.98 -25.00
CA PHE A 189 -74.60 29.16 -25.77
C PHE A 189 -74.62 30.39 -26.66
N VAL A 190 -73.51 31.11 -26.77
CA VAL A 190 -73.47 32.30 -27.61
C VAL A 190 -73.25 31.89 -29.06
N VAL A 191 -73.95 32.54 -29.98
CA VAL A 191 -73.81 32.21 -31.40
C VAL A 191 -73.37 33.43 -32.20
N ALA A 192 -73.19 33.24 -33.50
CA ALA A 192 -72.79 34.32 -34.39
C ALA A 192 -73.99 35.18 -34.71
N GLY A 193 -73.89 36.48 -34.47
CA GLY A 193 -75.05 37.29 -34.79
C GLY A 193 -75.80 37.98 -33.66
N ASP A 194 -75.87 37.37 -32.49
CA ASP A 194 -76.61 38.04 -31.44
C ASP A 194 -75.83 39.25 -30.90
N LEU A 195 -76.54 40.07 -30.14
CA LEU A 195 -75.99 41.27 -29.54
C LEU A 195 -75.40 40.88 -28.20
N VAL A 196 -74.21 41.40 -27.90
CA VAL A 196 -73.56 41.07 -26.64
C VAL A 196 -73.05 42.35 -26.02
N GLU A 197 -73.34 42.50 -24.73
CA GLU A 197 -72.93 43.66 -23.94
C GLU A 197 -71.88 43.20 -22.96
N VAL A 198 -70.88 44.06 -22.73
CA VAL A 198 -69.81 43.75 -21.80
C VAL A 198 -69.72 44.93 -20.85
N LYS A 199 -69.09 44.65 -19.71
CA LYS A 199 -68.92 45.60 -18.63
C LYS A 199 -67.55 45.38 -17.98
N GLY A 200 -66.90 46.49 -17.62
CA GLY A 200 -65.59 46.45 -17.00
C GLY A 200 -65.48 45.44 -15.87
N GLY A 201 -64.73 44.37 -16.15
CA GLY A 201 -64.53 43.32 -15.19
C GLY A 201 -64.91 41.97 -15.79
N ASP A 202 -65.67 42.00 -16.88
CA ASP A 202 -66.08 40.76 -17.51
C ASP A 202 -65.13 40.40 -18.66
N ARG A 203 -65.31 39.19 -19.17
CA ARG A 203 -64.50 38.68 -20.26
C ARG A 203 -65.25 38.69 -21.58
N ILE A 204 -64.56 39.09 -22.64
CA ILE A 204 -65.16 39.15 -23.97
C ILE A 204 -65.44 37.70 -24.34
N PRO A 205 -66.69 37.29 -24.54
CA PRO A 205 -66.97 35.90 -24.89
C PRO A 205 -66.37 35.40 -26.20
N ALA A 206 -66.88 35.88 -27.33
CA ALA A 206 -66.40 35.50 -28.65
C ALA A 206 -65.78 36.71 -29.34
N ASP A 207 -65.50 36.58 -30.63
CA ASP A 207 -64.91 37.71 -31.35
C ASP A 207 -66.06 38.60 -31.76
N LEU A 208 -66.12 39.79 -31.14
CA LEU A 208 -67.14 40.80 -31.33
C LEU A 208 -66.69 41.92 -32.26
N ARG A 209 -67.69 42.64 -32.75
CA ARG A 209 -67.54 43.78 -33.65
C ARG A 209 -68.27 44.87 -32.87
N ILE A 210 -67.50 45.74 -32.20
CA ILE A 210 -68.09 46.80 -31.40
C ILE A 210 -69.00 47.71 -32.22
N ILE A 211 -70.19 47.96 -31.68
CA ILE A 211 -71.17 48.81 -32.34
C ILE A 211 -71.39 50.10 -31.56
N SER A 212 -71.19 50.10 -30.24
CA SER A 212 -71.37 51.28 -29.40
C SER A 212 -70.55 51.07 -28.13
N ALA A 213 -69.69 52.04 -27.80
CA ALA A 213 -68.86 51.95 -26.61
C ALA A 213 -69.01 53.19 -25.74
N HIS A 214 -68.63 53.05 -24.45
CA HIS A 214 -68.70 54.15 -23.49
C HIS A 214 -67.40 54.12 -22.68
N GLY A 215 -66.32 54.68 -23.24
CA GLY A 215 -65.04 54.71 -22.57
C GLY A 215 -64.59 53.32 -22.16
N CYS A 216 -64.72 52.37 -23.08
CA CYS A 216 -64.36 50.97 -22.86
C CYS A 216 -62.91 50.65 -23.23
N LYS A 217 -62.20 50.00 -22.30
CA LYS A 217 -60.81 49.60 -22.47
C LYS A 217 -60.70 48.10 -22.28
N VAL A 218 -59.78 47.46 -23.02
CA VAL A 218 -59.59 46.01 -22.93
C VAL A 218 -58.10 45.68 -22.79
N ASP A 219 -57.82 44.52 -22.17
CA ASP A 219 -56.47 44.02 -21.94
C ASP A 219 -56.10 43.01 -23.03
N ASN A 220 -55.36 43.47 -24.04
CA ASN A 220 -54.92 42.64 -25.16
C ASN A 220 -53.50 42.11 -24.95
N SER A 221 -53.15 41.76 -23.71
CA SER A 221 -51.82 41.25 -23.39
C SER A 221 -51.59 39.80 -23.80
N SER A 222 -52.52 38.89 -23.50
CA SER A 222 -52.30 37.49 -23.86
C SER A 222 -52.32 37.24 -25.36
N LEU A 223 -53.33 37.76 -26.07
CA LEU A 223 -53.37 37.52 -27.51
C LEU A 223 -52.40 38.36 -28.32
N THR A 224 -52.54 39.69 -28.29
CA THR A 224 -51.65 40.55 -29.06
C THR A 224 -50.38 41.03 -28.35
N GLY A 225 -50.30 40.98 -27.02
CA GLY A 225 -49.07 41.43 -26.39
C GLY A 225 -48.96 42.91 -26.08
N GLU A 226 -50.07 43.61 -25.91
CA GLU A 226 -50.05 45.05 -25.62
C GLU A 226 -50.20 45.26 -24.12
N SER A 227 -49.11 45.74 -23.50
CA SER A 227 -49.06 46.00 -22.06
C SER A 227 -50.09 46.99 -21.54
N GLU A 228 -50.51 47.96 -22.33
CA GLU A 228 -51.50 48.86 -21.74
C GLU A 228 -52.89 48.62 -22.30
N PRO A 229 -53.94 49.10 -21.61
CA PRO A 229 -55.30 48.89 -22.10
C PRO A 229 -55.70 49.73 -23.30
N GLN A 230 -55.88 49.07 -24.44
CA GLN A 230 -56.27 49.72 -25.68
C GLN A 230 -57.77 49.98 -25.67
N THR A 231 -58.17 51.22 -25.92
CA THR A 231 -59.58 51.56 -25.93
C THR A 231 -60.29 51.01 -27.17
N ARG A 232 -61.45 50.41 -26.96
CA ARG A 232 -62.25 49.83 -28.04
C ARG A 232 -63.30 50.87 -28.47
N SER A 233 -63.18 51.36 -29.69
CA SER A 233 -64.11 52.35 -30.22
C SER A 233 -64.87 51.75 -31.40
N PRO A 234 -66.12 52.17 -31.62
CA PRO A 234 -66.87 51.60 -32.75
C PRO A 234 -66.29 51.97 -34.11
N GLU A 235 -65.50 53.03 -34.20
CA GLU A 235 -64.92 53.44 -35.46
C GLU A 235 -63.69 52.57 -35.76
N PHE A 236 -63.30 52.54 -37.04
CA PHE A 236 -62.16 51.76 -37.49
C PHE A 236 -60.91 52.64 -37.55
N SER A 237 -59.74 52.02 -37.31
CA SER A 237 -58.52 52.84 -37.33
C SER A 237 -57.34 52.27 -38.10
N SER A 238 -57.07 50.97 -38.01
CA SER A 238 -55.92 50.39 -38.71
C SER A 238 -56.30 49.21 -39.59
N GLU A 239 -55.57 49.07 -40.69
CA GLU A 239 -55.79 47.99 -41.64
C GLU A 239 -55.55 46.62 -41.03
N ASN A 240 -54.77 46.54 -39.95
CA ASN A 240 -54.48 45.28 -39.29
C ASN A 240 -55.58 45.02 -38.26
N PRO A 241 -56.31 43.90 -38.33
CA PRO A 241 -57.38 43.67 -37.34
C PRO A 241 -56.93 43.66 -35.88
N LEU A 242 -55.67 43.27 -35.60
CA LEU A 242 -55.22 43.26 -34.22
C LEU A 242 -55.01 44.66 -33.66
N GLU A 243 -54.83 45.66 -34.53
CA GLU A 243 -54.61 47.04 -34.12
C GLU A 243 -55.87 47.89 -34.06
N THR A 244 -56.90 47.55 -34.83
CA THR A 244 -58.12 48.35 -34.80
C THR A 244 -58.85 48.21 -33.46
N ARG A 245 -59.70 49.19 -33.18
CA ARG A 245 -60.48 49.25 -31.95
C ARG A 245 -61.93 48.80 -32.08
N ASN A 246 -62.40 48.44 -33.28
CA ASN A 246 -63.78 48.01 -33.43
C ASN A 246 -63.96 46.50 -33.29
N ILE A 247 -62.97 45.80 -32.74
CA ILE A 247 -63.06 44.35 -32.57
C ILE A 247 -62.59 43.92 -31.20
N ALA A 248 -63.45 43.18 -30.50
CA ALA A 248 -63.14 42.67 -29.17
C ALA A 248 -62.64 41.25 -29.43
N PHE A 249 -61.76 40.74 -28.58
CA PHE A 249 -61.25 39.40 -28.84
C PHE A 249 -61.53 38.38 -27.73
N PHE A 250 -61.41 37.12 -28.13
CA PHE A 250 -61.61 35.97 -27.25
C PHE A 250 -60.53 35.93 -26.19
N SER A 251 -60.94 35.64 -24.95
CA SER A 251 -60.10 35.53 -23.76
C SER A 251 -59.59 36.89 -23.27
N THR A 252 -60.05 37.99 -23.85
CA THR A 252 -59.60 39.28 -23.39
C THR A 252 -60.57 39.76 -22.30
N ASN A 253 -60.18 40.79 -21.57
CA ASN A 253 -61.03 41.31 -20.51
C ASN A 253 -61.22 42.80 -20.63
N CYS A 254 -62.42 43.26 -20.29
CA CYS A 254 -62.77 44.67 -20.36
C CYS A 254 -62.39 45.28 -19.01
N VAL A 255 -61.32 46.09 -19.01
CA VAL A 255 -60.84 46.71 -17.79
C VAL A 255 -61.83 47.74 -17.25
N GLU A 256 -62.07 48.81 -18.02
CA GLU A 256 -62.99 49.86 -17.58
C GLU A 256 -63.91 50.30 -18.71
N GLY A 257 -65.19 50.44 -18.40
CA GLY A 257 -66.18 50.87 -19.36
C GLY A 257 -67.12 49.73 -19.75
N THR A 258 -68.10 50.09 -20.59
CA THR A 258 -69.09 49.15 -21.07
C THR A 258 -69.19 49.29 -22.59
N ALA A 259 -69.54 48.18 -23.24
CA ALA A 259 -69.66 48.22 -24.69
C ALA A 259 -70.64 47.19 -25.22
N ARG A 260 -71.02 47.37 -26.48
CA ARG A 260 -71.94 46.49 -27.21
C ARG A 260 -71.24 45.98 -28.46
N GLY A 261 -71.73 44.88 -29.00
CA GLY A 261 -71.11 44.35 -30.20
C GLY A 261 -71.81 43.12 -30.74
N VAL A 262 -71.61 42.91 -32.04
CA VAL A 262 -72.18 41.79 -32.77
C VAL A 262 -71.11 40.71 -32.86
N VAL A 263 -71.46 39.49 -32.50
CA VAL A 263 -70.52 38.38 -32.53
C VAL A 263 -70.17 38.05 -33.98
N VAL A 264 -68.94 38.29 -34.37
CA VAL A 264 -68.49 38.00 -35.73
C VAL A 264 -67.92 36.60 -35.82
N TYR A 265 -67.04 36.22 -34.88
CA TYR A 265 -66.45 34.89 -34.88
C TYR A 265 -66.83 34.16 -33.60
N THR A 266 -67.09 32.87 -33.74
CA THR A 266 -67.49 32.00 -32.62
C THR A 266 -66.79 30.66 -32.69
N GLY A 267 -66.65 30.02 -31.53
CA GLY A 267 -66.03 28.72 -31.35
C GLY A 267 -64.57 28.67 -31.75
N ASP A 268 -64.14 27.46 -32.13
CA ASP A 268 -62.76 27.23 -32.55
C ASP A 268 -62.34 28.14 -33.69
N ARG A 269 -63.29 28.64 -34.50
CA ARG A 269 -62.96 29.51 -35.61
C ARG A 269 -62.42 30.87 -35.16
N THR A 270 -62.32 31.10 -33.85
CA THR A 270 -61.82 32.36 -33.32
C THR A 270 -60.31 32.47 -33.54
N VAL A 271 -59.78 33.65 -33.22
CA VAL A 271 -58.33 33.90 -33.38
C VAL A 271 -57.53 32.94 -32.51
N MET A 272 -57.73 33.00 -31.20
CA MET A 272 -56.99 32.11 -30.34
C MET A 272 -57.37 30.65 -30.57
N GLY A 273 -58.44 30.40 -31.31
CA GLY A 273 -58.88 29.04 -31.60
C GLY A 273 -58.00 28.53 -32.72
N ARG A 274 -57.77 29.37 -33.75
CA ARG A 274 -56.91 28.93 -34.83
C ARG A 274 -55.49 28.78 -34.32
N ILE A 275 -55.09 29.63 -33.36
CA ILE A 275 -53.75 29.54 -32.81
C ILE A 275 -53.59 28.25 -32.02
N ALA A 276 -54.58 27.91 -31.19
CA ALA A 276 -54.48 26.69 -30.40
C ALA A 276 -54.50 25.46 -31.31
N THR A 277 -55.37 25.46 -32.33
CA THR A 277 -55.43 24.32 -33.22
C THR A 277 -54.11 24.18 -33.98
N LEU A 278 -53.45 25.29 -34.28
CA LEU A 278 -52.17 25.21 -34.97
C LEU A 278 -51.13 24.62 -34.04
N ALA A 279 -51.16 25.04 -32.77
CA ALA A 279 -50.21 24.54 -31.79
C ALA A 279 -50.32 23.03 -31.66
N SER A 280 -51.55 22.51 -31.56
CA SER A 280 -51.73 21.06 -31.45
C SER A 280 -51.28 20.34 -32.72
N GLY A 281 -51.39 21.00 -33.88
CA GLY A 281 -51.00 20.41 -35.15
C GLY A 281 -49.62 20.76 -35.65
N LEU A 282 -48.65 20.69 -34.73
CA LEU A 282 -47.25 20.97 -34.98
C LEU A 282 -46.50 19.72 -34.57
N GLU A 283 -45.33 19.46 -35.16
CA GLU A 283 -44.70 18.23 -34.71
C GLU A 283 -43.95 18.46 -33.41
N VAL A 284 -43.35 17.40 -32.88
CA VAL A 284 -42.63 17.48 -31.62
C VAL A 284 -41.13 17.67 -31.80
N GLY A 285 -40.47 16.83 -32.58
CA GLY A 285 -39.05 17.05 -32.69
C GLY A 285 -38.31 15.84 -32.15
N ARG A 286 -37.00 16.01 -32.00
CA ARG A 286 -36.15 14.94 -31.48
C ARG A 286 -35.00 15.68 -30.82
N THR A 287 -35.03 15.70 -29.48
CA THR A 287 -34.05 16.37 -28.63
C THR A 287 -32.61 16.01 -28.98
N PRO A 288 -31.64 16.76 -28.45
CA PRO A 288 -30.23 16.44 -28.78
C PRO A 288 -29.73 15.20 -28.08
N ILE A 289 -30.14 14.98 -26.83
CA ILE A 289 -29.71 13.82 -26.07
C ILE A 289 -30.14 12.53 -26.76
N ALA A 290 -31.31 12.56 -27.42
CA ALA A 290 -31.79 11.37 -28.11
C ALA A 290 -30.91 11.08 -29.32
N ILE A 291 -30.54 12.13 -30.07
CA ILE A 291 -29.69 11.92 -31.24
C ILE A 291 -28.34 11.38 -30.80
N GLU A 292 -27.87 11.80 -29.62
CA GLU A 292 -26.58 11.29 -29.17
C GLU A 292 -26.69 9.82 -28.82
N ILE A 293 -27.79 9.42 -28.17
CA ILE A 293 -27.96 8.02 -27.82
C ILE A 293 -28.05 7.18 -29.09
N GLU A 294 -28.71 7.73 -30.12
CA GLU A 294 -28.85 7.01 -31.38
C GLU A 294 -27.50 6.78 -32.05
N HIS A 295 -26.67 7.83 -32.16
CA HIS A 295 -25.37 7.63 -32.79
C HIS A 295 -24.49 6.72 -31.93
N PHE A 296 -24.81 6.64 -30.63
CA PHE A 296 -24.05 5.78 -29.74
C PHE A 296 -24.35 4.33 -30.08
N ILE A 297 -25.65 4.03 -30.24
CA ILE A 297 -26.04 2.67 -30.60
C ILE A 297 -25.48 2.34 -31.96
N HIS A 298 -25.35 3.35 -32.84
CA HIS A 298 -24.80 3.10 -34.17
C HIS A 298 -23.38 2.55 -34.06
N ILE A 299 -22.58 3.13 -33.16
CA ILE A 299 -21.22 2.64 -33.02
C ILE A 299 -21.19 1.28 -32.34
N ILE A 300 -21.97 1.11 -31.27
CA ILE A 300 -22.00 -0.17 -30.58
C ILE A 300 -22.36 -1.31 -31.53
N THR A 301 -23.28 -1.06 -32.47
CA THR A 301 -23.64 -2.13 -33.39
C THR A 301 -22.60 -2.29 -34.48
N GLY A 302 -21.89 -1.22 -34.82
CA GLY A 302 -20.88 -1.34 -35.84
C GLY A 302 -19.83 -2.33 -35.39
N VAL A 303 -19.26 -2.06 -34.20
CA VAL A 303 -18.24 -2.97 -33.70
C VAL A 303 -18.80 -4.34 -33.31
N ALA A 304 -20.10 -4.45 -33.03
CA ALA A 304 -20.61 -5.76 -32.66
C ALA A 304 -20.77 -6.66 -33.88
N VAL A 305 -21.39 -6.14 -34.96
CA VAL A 305 -21.51 -7.02 -36.10
C VAL A 305 -20.16 -7.20 -36.78
N PHE A 306 -19.20 -6.32 -36.51
CA PHE A 306 -17.91 -6.53 -37.16
C PHE A 306 -17.21 -7.70 -36.50
N LEU A 307 -17.19 -7.73 -35.15
CA LEU A 307 -16.53 -8.85 -34.48
C LEU A 307 -17.28 -10.14 -34.73
N GLY A 308 -18.58 -10.09 -34.99
CA GLY A 308 -19.26 -11.35 -35.22
C GLY A 308 -19.08 -11.93 -36.61
N VAL A 309 -19.23 -11.10 -37.65
CA VAL A 309 -19.06 -11.67 -38.98
C VAL A 309 -17.59 -12.07 -39.19
N SER A 310 -16.67 -11.40 -38.50
CA SER A 310 -15.29 -11.79 -38.70
C SER A 310 -15.00 -13.07 -37.92
N PHE A 311 -15.42 -13.15 -36.63
CA PHE A 311 -15.07 -14.44 -36.05
C PHE A 311 -15.93 -15.57 -36.61
N PHE A 312 -16.77 -15.28 -37.60
CA PHE A 312 -17.60 -16.32 -38.19
C PHE A 312 -16.80 -16.90 -39.34
N ILE A 313 -16.19 -16.02 -40.14
CA ILE A 313 -15.40 -16.56 -41.22
C ILE A 313 -14.18 -17.26 -40.63
N LEU A 314 -13.62 -16.70 -39.55
CA LEU A 314 -12.46 -17.32 -38.91
C LEU A 314 -12.80 -18.69 -38.34
N SER A 315 -14.01 -18.85 -37.75
CA SER A 315 -14.32 -20.16 -37.21
C SER A 315 -14.57 -21.14 -38.35
N LEU A 316 -15.13 -20.68 -39.47
CA LEU A 316 -15.34 -21.62 -40.57
C LEU A 316 -14.01 -22.04 -41.16
N ILE A 317 -12.98 -21.20 -41.01
CA ILE A 317 -11.68 -21.53 -41.55
C ILE A 317 -10.94 -22.48 -40.60
N LEU A 318 -11.35 -22.54 -39.32
CA LEU A 318 -10.66 -23.45 -38.41
C LEU A 318 -11.27 -24.85 -38.32
N GLY A 319 -12.32 -25.18 -39.08
CA GLY A 319 -12.93 -26.50 -39.04
C GLY A 319 -14.32 -26.62 -38.44
N TYR A 320 -14.70 -25.78 -37.48
CA TYR A 320 -16.03 -25.89 -36.89
C TYR A 320 -17.15 -25.96 -37.92
N SER A 321 -18.30 -26.50 -37.54
CA SER A 321 -19.43 -26.61 -38.43
C SER A 321 -20.24 -25.32 -38.45
N TRP A 322 -21.18 -25.22 -39.40
CA TRP A 322 -22.02 -24.03 -39.52
C TRP A 322 -22.90 -23.82 -38.29
N LEU A 323 -23.63 -24.86 -37.87
CA LEU A 323 -24.52 -24.80 -36.71
C LEU A 323 -23.88 -24.12 -35.51
N GLU A 324 -22.60 -24.39 -35.28
CA GLU A 324 -21.87 -23.80 -34.17
C GLU A 324 -21.47 -22.36 -34.45
N ALA A 325 -21.01 -22.10 -35.67
CA ALA A 325 -20.61 -20.74 -36.04
C ALA A 325 -21.78 -19.77 -35.92
N VAL A 326 -23.00 -20.21 -36.20
CA VAL A 326 -24.13 -19.29 -36.09
C VAL A 326 -24.32 -18.90 -34.62
N ILE A 327 -24.17 -19.87 -33.73
CA ILE A 327 -24.31 -19.59 -32.30
C ILE A 327 -23.19 -18.68 -31.86
N PHE A 328 -22.01 -18.81 -32.46
CA PHE A 328 -20.89 -17.96 -32.10
C PHE A 328 -21.17 -16.52 -32.52
N LEU A 329 -21.73 -16.35 -33.72
CA LEU A 329 -22.05 -15.02 -34.23
C LEU A 329 -23.05 -14.34 -33.29
N ILE A 330 -24.12 -15.06 -32.95
CA ILE A 330 -25.13 -14.48 -32.07
C ILE A 330 -24.54 -14.21 -30.69
N GLY A 331 -23.70 -15.11 -30.18
CA GLY A 331 -23.12 -14.88 -28.87
C GLY A 331 -22.22 -13.66 -28.80
N ILE A 332 -21.42 -13.43 -29.83
CA ILE A 332 -20.54 -12.27 -29.82
C ILE A 332 -21.32 -10.97 -29.99
N ILE A 333 -22.35 -10.99 -30.84
CA ILE A 333 -23.13 -9.77 -31.04
C ILE A 333 -23.92 -9.45 -29.78
N VAL A 334 -24.58 -10.45 -29.19
CA VAL A 334 -25.36 -10.21 -27.97
C VAL A 334 -24.42 -9.81 -26.83
N ALA A 335 -23.22 -10.39 -26.78
CA ALA A 335 -22.28 -10.04 -25.72
C ALA A 335 -21.85 -8.60 -25.80
N ASN A 336 -21.85 -8.02 -27.01
CA ASN A 336 -21.44 -6.63 -27.18
C ASN A 336 -22.60 -5.63 -26.98
N VAL A 337 -23.60 -5.95 -26.19
CA VAL A 337 -24.74 -5.07 -25.95
C VAL A 337 -24.77 -4.68 -24.47
N PRO A 338 -24.78 -3.37 -24.14
CA PRO A 338 -24.82 -2.97 -22.71
C PRO A 338 -26.21 -3.11 -22.12
N GLU A 339 -26.41 -4.16 -21.31
CA GLU A 339 -27.72 -4.38 -20.69
C GLU A 339 -28.02 -3.40 -19.57
N GLY A 340 -27.01 -3.05 -18.77
CA GLY A 340 -27.25 -2.12 -17.69
C GLY A 340 -27.07 -0.66 -17.99
N LEU A 341 -26.47 -0.32 -19.13
CA LEU A 341 -26.30 1.09 -19.46
C LEU A 341 -27.64 1.79 -19.58
N LEU A 342 -28.72 1.04 -19.82
CA LEU A 342 -30.04 1.62 -19.95
C LEU A 342 -30.54 2.11 -18.60
N ALA A 343 -30.48 1.24 -17.59
CA ALA A 343 -30.92 1.62 -16.26
C ALA A 343 -30.04 2.71 -15.69
N THR A 344 -28.74 2.65 -15.98
CA THR A 344 -27.82 3.67 -15.46
C THR A 344 -28.11 5.02 -16.10
N VAL A 345 -28.33 5.04 -17.43
CA VAL A 345 -28.61 6.31 -18.08
C VAL A 345 -29.94 6.87 -17.59
N THR A 346 -30.95 6.00 -17.41
CA THR A 346 -32.24 6.47 -16.93
C THR A 346 -32.12 7.09 -15.55
N VAL A 347 -31.43 6.40 -14.63
CA VAL A 347 -31.26 6.95 -13.28
C VAL A 347 -30.45 8.24 -13.34
N CYS A 348 -29.47 8.30 -14.24
CA CYS A 348 -28.65 9.51 -14.38
C CYS A 348 -29.54 10.70 -14.70
N LEU A 349 -30.36 10.56 -15.75
CA LEU A 349 -31.26 11.64 -16.15
C LEU A 349 -32.25 11.96 -15.04
N THR A 350 -32.75 10.95 -14.35
CA THR A 350 -33.72 11.15 -13.28
C THR A 350 -33.15 11.95 -12.10
N LEU A 351 -31.86 11.77 -11.78
CA LEU A 351 -31.30 12.50 -10.64
C LEU A 351 -31.28 14.01 -10.87
N THR A 352 -30.86 14.46 -12.04
CA THR A 352 -30.80 15.89 -12.31
C THR A 352 -32.18 16.55 -12.34
N ALA A 353 -33.25 15.78 -12.55
CA ALA A 353 -34.58 16.38 -12.58
C ALA A 353 -35.11 16.66 -11.19
N LYS A 354 -34.66 15.93 -10.18
CA LYS A 354 -35.17 16.20 -8.84
C LYS A 354 -34.55 17.50 -8.31
N ARG A 355 -33.27 17.73 -8.64
CA ARG A 355 -32.62 18.96 -8.21
C ARG A 355 -33.39 20.14 -8.75
N MET A 356 -33.93 19.99 -9.96
CA MET A 356 -34.70 21.03 -10.62
C MET A 356 -36.04 21.19 -9.92
N ALA A 357 -36.68 20.08 -9.56
CA ALA A 357 -37.96 20.21 -8.87
C ALA A 357 -37.80 20.81 -7.48
N ARG A 358 -36.57 20.83 -6.95
CA ARG A 358 -36.38 21.42 -5.62
C ARG A 358 -36.39 22.94 -5.70
N LYS A 359 -35.95 23.51 -6.82
CA LYS A 359 -35.91 24.96 -6.99
C LYS A 359 -37.09 25.49 -7.79
N ASN A 360 -38.18 24.72 -7.88
CA ASN A 360 -39.42 25.08 -8.59
C ASN A 360 -39.31 25.12 -10.12
N CYS A 361 -38.53 24.23 -10.72
CA CYS A 361 -38.35 24.17 -12.18
C CYS A 361 -38.82 22.76 -12.57
N LEU A 362 -40.05 22.63 -13.08
CA LEU A 362 -40.56 21.29 -13.43
C LEU A 362 -40.55 20.97 -14.93
N VAL A 363 -40.05 19.78 -15.25
CA VAL A 363 -39.97 19.27 -16.63
C VAL A 363 -41.02 18.19 -16.81
N LYS A 364 -41.75 18.24 -17.93
CA LYS A 364 -42.78 17.23 -18.18
C LYS A 364 -42.16 15.95 -18.72
N ASN A 365 -41.23 16.07 -19.64
CA ASN A 365 -40.57 14.91 -20.22
C ASN A 365 -39.34 14.66 -19.35
N LEU A 366 -38.48 13.73 -19.73
CA LEU A 366 -37.31 13.47 -18.92
C LEU A 366 -36.02 13.96 -19.54
N GLU A 367 -35.92 13.96 -20.86
CA GLU A 367 -34.71 14.42 -21.53
C GLU A 367 -34.66 15.94 -21.70
N ALA A 368 -35.77 16.64 -21.49
CA ALA A 368 -35.79 18.10 -21.64
C ALA A 368 -34.90 18.76 -20.59
N VAL A 369 -34.25 17.95 -19.75
CA VAL A 369 -33.37 18.46 -18.71
C VAL A 369 -32.00 18.83 -19.26
N GLU A 370 -31.60 18.22 -20.37
CA GLU A 370 -30.31 18.47 -21.00
C GLU A 370 -30.33 19.56 -22.07
N THR A 371 -31.47 19.77 -22.74
CA THR A 371 -31.56 20.77 -23.81
C THR A 371 -31.16 22.17 -23.37
N LEU A 372 -31.42 22.58 -22.12
CA LEU A 372 -31.04 23.92 -21.72
C LEU A 372 -29.53 24.15 -21.81
N GLY A 373 -28.73 23.17 -21.38
CA GLY A 373 -27.29 23.33 -21.43
C GLY A 373 -26.74 23.43 -22.84
N SER A 374 -27.39 22.79 -23.80
CA SER A 374 -26.95 22.80 -25.19
C SER A 374 -27.48 23.99 -25.99
N THR A 375 -28.36 24.80 -25.39
CA THR A 375 -28.91 25.95 -26.09
C THR A 375 -27.83 26.99 -26.38
N SER A 376 -27.97 27.64 -27.53
CA SER A 376 -27.03 28.67 -27.94
C SER A 376 -27.72 29.92 -28.47
N THR A 377 -29.04 29.97 -28.42
CA THR A 377 -29.80 31.13 -28.90
C THR A 377 -31.15 31.09 -28.19
N ILE A 378 -31.38 32.03 -27.27
CA ILE A 378 -32.63 32.10 -26.52
C ILE A 378 -33.52 33.20 -27.09
N CYS A 379 -34.70 32.82 -27.54
CA CYS A 379 -35.67 33.75 -28.10
C CYS A 379 -36.65 34.01 -26.96
N SER A 380 -36.68 35.25 -26.46
CA SER A 380 -37.59 35.55 -25.35
C SER A 380 -38.74 36.46 -25.69
N PHD A 381 -39.72 36.48 -24.80
CA PHD A 381 -40.90 37.30 -24.94
C PHD A 381 -40.74 38.48 -23.96
O PHD A 381 -40.07 38.33 -22.89
CB PHD A 381 -42.21 36.54 -24.69
CG PHD A 381 -43.49 37.35 -24.63
OD1 PHD A 381 -43.97 37.78 -25.78
OD2 PHD A 381 -44.12 37.65 -23.60
P PHD A 381 -44.90 38.96 -25.72
OP1 PHD A 381 -44.14 40.19 -25.36
OP2 PHD A 381 -45.55 39.15 -27.06
OP3 PHD A 381 -45.96 38.70 -24.68
N LYS A 382 -41.34 39.62 -24.27
CA LYS A 382 -41.24 40.80 -23.41
C LYS A 382 -42.34 40.87 -22.35
N THR A 383 -43.58 41.05 -22.79
CA THR A 383 -44.72 41.14 -21.89
C THR A 383 -45.00 39.82 -21.19
N GLY A 384 -44.91 39.82 -19.86
CA GLY A 384 -45.14 38.66 -19.05
C GLY A 384 -43.95 37.76 -18.82
N THR A 385 -42.92 37.85 -19.66
CA THR A 385 -41.73 37.02 -19.50
C THR A 385 -40.56 37.91 -19.10
N LEU A 386 -40.16 38.83 -19.98
CA LEU A 386 -39.06 39.72 -19.66
C LEU A 386 -39.49 40.78 -18.64
N THR A 387 -40.78 41.12 -18.62
CA THR A 387 -41.34 42.12 -17.71
C THR A 387 -42.35 41.50 -16.73
N GLN A 388 -43.01 42.39 -15.97
CA GLN A 388 -44.00 42.04 -14.95
C GLN A 388 -45.45 42.31 -15.35
N ASN A 389 -45.69 42.93 -16.50
CA ASN A 389 -47.04 43.26 -16.99
C ASN A 389 -47.88 44.02 -15.95
N ARG A 390 -47.25 44.76 -15.05
CA ARG A 390 -47.95 45.55 -14.05
C ARG A 390 -47.34 46.93 -14.04
N MET A 391 -48.16 47.97 -14.21
CA MET A 391 -47.63 49.33 -14.22
C MET A 391 -47.10 49.70 -12.83
N THR A 392 -45.91 50.29 -12.79
CA THR A 392 -45.28 50.69 -11.54
C THR A 392 -44.61 52.04 -11.64
N VAL A 393 -44.73 52.84 -10.58
CA VAL A 393 -44.12 54.18 -10.50
C VAL A 393 -42.61 53.99 -10.56
N ALA A 394 -41.98 54.43 -11.65
CA ALA A 394 -40.53 54.28 -11.81
C ALA A 394 -39.66 55.45 -11.35
N HIS A 395 -39.84 56.64 -11.93
CA HIS A 395 -39.04 57.82 -11.58
C HIS A 395 -39.92 58.99 -11.16
N MET A 396 -39.39 59.84 -10.28
CA MET A 396 -40.12 61.02 -9.79
C MET A 396 -39.27 62.29 -9.86
N TRP A 397 -39.91 63.42 -10.19
CA TRP A 397 -39.25 64.73 -10.27
C TRP A 397 -39.68 65.62 -9.12
N PHE A 398 -38.72 66.21 -8.44
CA PHE A 398 -38.98 67.12 -7.32
C PHE A 398 -37.64 67.68 -6.86
N ASP A 399 -37.66 68.96 -6.49
CA ASP A 399 -36.51 69.74 -6.05
C ASP A 399 -35.42 69.65 -7.12
N ASN A 400 -35.80 69.99 -8.35
CA ASN A 400 -34.89 69.97 -9.50
C ASN A 400 -33.98 68.74 -9.41
N GLN A 401 -34.60 67.58 -9.22
CA GLN A 401 -33.80 66.37 -9.09
C GLN A 401 -34.59 65.10 -9.36
N ILE A 402 -34.03 64.25 -10.21
CA ILE A 402 -34.66 62.97 -10.56
C ILE A 402 -34.40 61.98 -9.44
N HIS A 403 -35.46 61.32 -8.99
CA HIS A 403 -35.40 60.33 -7.92
C HIS A 403 -35.89 59.01 -8.49
N GLU A 404 -35.26 57.91 -8.10
CA GLU A 404 -35.67 56.60 -8.61
C GLU A 404 -36.33 55.81 -7.49
N ALA A 405 -37.38 55.08 -7.84
CA ALA A 405 -38.11 54.27 -6.89
C ALA A 405 -37.89 52.79 -7.18
N ASP A 406 -38.08 51.97 -6.16
CA ASP A 406 -37.91 50.54 -6.30
C ASP A 406 -39.11 49.96 -7.05
N THR A 407 -38.83 49.33 -8.19
CA THR A 407 -39.83 48.71 -9.06
C THR A 407 -39.61 47.21 -9.14
N THR A 408 -39.37 46.56 -8.02
CA THR A 408 -39.13 45.12 -7.98
C THR A 408 -40.11 44.41 -7.07
N GLU A 409 -40.63 43.29 -7.56
CA GLU A 409 -41.60 42.41 -6.91
C GLU A 409 -41.46 42.26 -5.41
N ASN A 410 -40.32 41.78 -4.92
CA ASN A 410 -40.13 41.59 -3.49
C ASN A 410 -39.62 42.82 -2.75
N GLN A 411 -39.51 43.97 -3.42
CA GLN A 411 -39.03 45.20 -2.79
C GLN A 411 -37.66 45.01 -2.13
N SER A 412 -36.66 44.76 -2.98
CA SER A 412 -35.29 44.55 -2.53
C SER A 412 -34.41 45.56 -3.24
N GLY A 413 -34.39 46.79 -2.75
CA GLY A 413 -33.56 47.78 -3.39
C GLY A 413 -33.23 49.03 -2.62
N ALA A 414 -33.29 50.18 -3.27
CA ALA A 414 -32.97 51.47 -2.66
C ALA A 414 -34.17 52.39 -2.45
N ALA A 415 -34.28 52.94 -1.24
CA ALA A 415 -35.36 53.87 -0.93
C ALA A 415 -35.04 55.19 -1.66
N PHE A 416 -35.97 56.13 -1.69
CA PHE A 416 -35.69 57.38 -2.39
C PHE A 416 -35.52 58.62 -1.53
N ASP A 417 -35.06 58.52 -0.27
CA ASP A 417 -34.90 59.74 0.53
C ASP A 417 -36.21 60.43 0.89
N LYS A 418 -37.00 59.82 1.78
CA LYS A 418 -38.27 60.36 2.24
C LYS A 418 -38.14 61.38 3.37
N THR A 419 -37.27 62.38 3.23
CA THR A 419 -37.09 63.37 4.29
C THR A 419 -37.43 64.81 3.93
N SER A 420 -37.82 65.12 2.70
CA SER A 420 -38.14 66.50 2.37
C SER A 420 -39.65 66.73 2.48
N ALA A 421 -40.03 68.00 2.64
CA ALA A 421 -41.44 68.32 2.73
C ALA A 421 -42.09 68.17 1.36
N THR A 422 -41.31 68.43 0.32
CA THR A 422 -41.78 68.31 -1.06
C THR A 422 -42.43 66.95 -1.28
N TRP A 423 -41.71 65.89 -0.88
CA TRP A 423 -42.24 64.54 -1.03
C TRP A 423 -43.57 64.36 -0.31
N SER A 424 -43.69 64.93 0.89
CA SER A 424 -44.94 64.80 1.62
C SER A 424 -46.08 65.46 0.84
N ALA A 425 -45.84 66.67 0.35
CA ALA A 425 -46.89 67.33 -0.43
C ALA A 425 -47.24 66.51 -1.67
N LEU A 426 -46.23 65.85 -2.26
CA LEU A 426 -46.48 65.02 -3.43
C LEU A 426 -47.38 63.85 -3.05
N SER A 427 -47.11 63.25 -1.89
CA SER A 427 -47.91 62.14 -1.42
C SER A 427 -49.34 62.57 -1.22
N ARG A 428 -49.54 63.81 -0.75
CA ARG A 428 -50.92 64.28 -0.54
C ARG A 428 -51.60 64.52 -1.88
N ILE A 429 -50.87 65.05 -2.86
CA ILE A 429 -51.47 65.31 -4.17
C ILE A 429 -51.93 64.00 -4.81
N ALA A 430 -50.99 63.07 -4.98
CA ALA A 430 -51.33 61.78 -5.61
C ALA A 430 -52.32 60.95 -4.78
N ALA A 431 -52.12 60.85 -3.46
CA ALA A 431 -53.02 60.05 -2.64
C ALA A 431 -54.43 60.64 -2.56
N LEU A 432 -54.59 61.94 -2.74
CA LEU A 432 -55.93 62.52 -2.67
C LEU A 432 -56.60 62.57 -4.05
N CYS A 433 -55.95 63.23 -5.01
CA CYS A 433 -56.49 63.35 -6.36
C CYS A 433 -56.29 62.02 -7.09
N ASN A 434 -57.05 61.02 -6.64
CA ASN A 434 -57.03 59.66 -7.15
C ASN A 434 -58.29 58.99 -6.59
N ARG A 435 -59.07 58.35 -7.46
CA ARG A 435 -60.32 57.68 -7.12
C ARG A 435 -60.27 56.17 -6.96
N ALA A 436 -59.16 55.49 -7.26
CA ALA A 436 -59.17 54.04 -7.10
C ALA A 436 -58.88 53.61 -5.66
N VAL A 437 -59.37 52.42 -5.31
CA VAL A 437 -59.19 51.84 -3.97
C VAL A 437 -59.02 50.33 -4.03
N PHE A 438 -58.17 49.81 -3.14
CA PHE A 438 -57.94 48.37 -3.07
C PHE A 438 -59.27 47.62 -2.96
N GLN A 439 -59.31 46.43 -3.56
CA GLN A 439 -60.53 45.63 -3.51
C GLN A 439 -60.74 45.06 -2.12
N ALA A 440 -61.97 45.13 -1.63
CA ALA A 440 -62.32 44.60 -0.31
C ALA A 440 -61.64 43.25 -0.08
N GLY A 441 -61.25 42.96 1.15
CA GLY A 441 -60.61 41.67 1.42
C GLY A 441 -59.24 41.34 0.85
N GLN A 442 -58.28 42.27 0.88
CA GLN A 442 -56.95 42.00 0.37
C GLN A 442 -55.95 42.18 1.50
N ASP A 443 -56.45 42.33 2.72
CA ASP A 443 -55.74 42.50 3.99
C ASP A 443 -54.60 41.50 4.17
N ASN A 444 -54.55 40.47 3.32
CA ASN A 444 -53.56 39.41 3.38
C ASN A 444 -52.46 39.48 2.33
N VAL A 445 -52.77 39.70 1.06
CA VAL A 445 -51.73 39.76 0.03
C VAL A 445 -50.74 40.90 0.28
N PRO A 446 -49.64 40.99 -0.47
CA PRO A 446 -48.69 42.07 -0.27
C PRO A 446 -49.20 43.34 -0.94
N ILE A 447 -48.50 44.44 -0.67
CA ILE A 447 -48.89 45.74 -1.24
C ILE A 447 -48.84 45.80 -2.76
N LEU A 448 -47.97 45.03 -3.41
CA LEU A 448 -47.95 45.15 -4.87
C LEU A 448 -48.86 44.16 -5.59
N LYS A 449 -49.00 42.93 -5.10
CA LYS A 449 -49.86 41.94 -5.75
C LYS A 449 -51.36 42.06 -5.45
N ARG A 450 -51.84 43.07 -4.73
CA ARG A 450 -53.28 43.08 -4.49
C ARG A 450 -54.07 43.72 -5.63
N SER A 451 -55.36 43.39 -5.66
CA SER A 451 -56.31 43.87 -6.66
C SER A 451 -56.77 45.30 -6.39
N VAL A 452 -56.70 46.15 -7.40
CA VAL A 452 -57.11 47.54 -7.28
C VAL A 452 -58.08 47.86 -8.41
N ALA A 453 -59.24 48.41 -8.03
CA ALA A 453 -60.31 48.78 -8.97
C ALA A 453 -60.05 50.18 -9.54
N GLY A 454 -59.69 50.27 -10.81
CA GLY A 454 -59.44 51.57 -11.41
C GLY A 454 -58.49 51.46 -12.59
N ASP A 455 -58.08 52.63 -13.06
CA ASP A 455 -57.16 52.70 -14.19
C ASP A 455 -55.79 52.19 -13.72
N ALA A 456 -54.89 51.92 -14.67
CA ALA A 456 -53.58 51.43 -14.25
C ALA A 456 -52.70 52.54 -13.71
N SER A 457 -53.01 53.80 -14.01
CA SER A 457 -52.19 54.90 -13.52
C SER A 457 -52.54 55.21 -12.08
N GLU A 458 -53.84 55.34 -11.78
CA GLU A 458 -54.22 55.63 -10.41
C GLU A 458 -53.83 54.45 -9.52
N SER A 459 -53.84 53.23 -10.08
CA SER A 459 -53.47 52.07 -9.29
C SER A 459 -51.98 52.11 -8.97
N ALA A 460 -51.14 52.45 -9.96
CA ALA A 460 -49.71 52.50 -9.70
C ALA A 460 -49.40 53.58 -8.66
N LEU A 461 -50.09 54.73 -8.76
CA LEU A 461 -49.86 55.81 -7.81
C LEU A 461 -50.32 55.41 -6.41
N LEU A 462 -51.49 54.77 -6.33
CA LEU A 462 -52.02 54.35 -5.04
C LEU A 462 -51.08 53.36 -4.38
N LYS A 463 -50.52 52.44 -5.16
CA LYS A 463 -49.59 51.46 -4.58
C LYS A 463 -48.31 52.12 -4.10
N CYS A 464 -47.77 53.10 -4.85
CA CYS A 464 -46.54 53.72 -4.38
C CYS A 464 -46.77 54.53 -3.10
N ILE A 465 -47.92 55.19 -3.00
CA ILE A 465 -48.19 55.97 -1.80
C ILE A 465 -48.47 55.04 -0.63
N GLU A 466 -49.21 53.96 -0.87
CA GLU A 466 -49.50 53.00 0.18
C GLU A 466 -48.24 52.25 0.59
N LEU A 467 -47.22 52.29 -0.27
CA LEU A 467 -45.97 51.59 0.01
C LEU A 467 -45.06 52.37 0.95
N CYS A 468 -44.74 53.63 0.64
CA CYS A 468 -43.85 54.31 1.59
C CYS A 468 -44.49 55.49 2.31
N CYS A 469 -45.82 55.49 2.45
CA CYS A 469 -46.54 56.55 3.13
C CYS A 469 -47.64 55.97 4.01
N GLY A 470 -47.67 54.66 4.18
CA GLY A 470 -48.68 53.97 4.97
C GLY A 470 -50.06 54.06 4.35
N SER A 471 -51.04 53.53 5.07
CA SER A 471 -52.44 53.47 4.66
C SER A 471 -53.09 54.70 4.03
N VAL A 472 -53.42 54.59 2.74
CA VAL A 472 -54.08 55.68 2.03
C VAL A 472 -55.50 55.86 2.55
N GLN A 473 -56.16 54.79 3.00
CA GLN A 473 -57.53 54.90 3.50
C GLN A 473 -57.65 55.89 4.66
N GLY A 474 -56.59 56.09 5.42
CA GLY A 474 -56.72 57.02 6.53
C GLY A 474 -56.21 58.33 6.02
N MET A 475 -55.26 58.27 5.09
CA MET A 475 -54.75 59.50 4.52
C MET A 475 -55.88 60.23 3.80
N ARG A 476 -56.81 59.45 3.26
CA ARG A 476 -57.98 59.94 2.53
C ARG A 476 -59.08 60.35 3.50
N ASP A 477 -59.24 59.64 4.62
CA ASP A 477 -60.30 60.13 5.49
C ASP A 477 -59.82 61.29 6.34
N ARG A 478 -58.51 61.50 6.39
CA ARG A 478 -57.91 62.59 7.15
C ARG A 478 -58.18 63.94 6.48
N ASN A 479 -58.54 63.92 5.20
CA ASN A 479 -58.82 65.13 4.40
C ASN A 479 -60.08 64.88 3.57
N PRO A 480 -61.22 65.47 3.94
CA PRO A 480 -62.48 65.26 3.21
C PRO A 480 -62.60 66.00 1.88
N LYS A 481 -62.84 65.24 0.80
CA LYS A 481 -62.99 65.77 -0.55
C LYS A 481 -64.32 66.49 -0.73
N ILE A 482 -64.27 67.78 -1.03
CA ILE A 482 -65.50 68.55 -1.22
C ILE A 482 -66.03 68.47 -2.64
N VAL A 483 -65.23 68.90 -3.62
CA VAL A 483 -65.73 68.87 -5.00
C VAL A 483 -64.64 68.48 -5.98
N GLU A 484 -65.00 67.59 -6.90
CA GLU A 484 -64.09 67.08 -7.92
C GLU A 484 -64.64 67.25 -9.32
N ILE A 485 -63.78 67.69 -10.24
CA ILE A 485 -64.21 67.84 -11.62
C ILE A 485 -63.49 66.73 -12.39
N PRO A 486 -64.20 65.66 -12.79
CA PRO A 486 -63.53 64.56 -13.50
C PRO A 486 -62.69 64.94 -14.71
N PHE A 487 -61.77 64.04 -15.06
CA PHE A 487 -60.89 64.22 -16.20
C PHE A 487 -61.72 64.56 -17.41
N ASN A 488 -61.32 65.61 -18.13
CA ASN A 488 -62.04 66.03 -19.32
C ASN A 488 -61.17 65.90 -20.55
N SER A 489 -61.81 65.62 -21.68
CA SER A 489 -61.06 65.49 -22.93
C SER A 489 -60.52 66.84 -23.40
N THR A 490 -61.12 67.93 -22.93
CA THR A 490 -60.70 69.28 -23.28
C THR A 490 -59.77 69.86 -22.22
N ASN A 491 -60.12 69.67 -20.95
CA ASN A 491 -59.31 70.18 -19.84
C ASN A 491 -57.99 69.44 -19.75
N LYS A 492 -57.98 68.14 -20.08
CA LYS A 492 -56.77 67.32 -20.03
C LYS A 492 -56.16 67.33 -18.63
N TYR A 493 -57.01 67.29 -17.60
CA TYR A 493 -56.57 67.32 -16.21
C TYR A 493 -57.66 66.81 -15.28
N GLN A 494 -57.23 66.39 -14.10
CA GLN A 494 -58.11 65.86 -13.05
C GLN A 494 -57.86 66.67 -11.78
N LEU A 495 -58.88 67.38 -11.28
CA LEU A 495 -58.71 68.18 -10.07
C LEU A 495 -59.81 67.93 -9.05
N SER A 496 -59.53 68.36 -7.81
CA SER A 496 -60.45 68.22 -6.70
C SER A 496 -60.00 69.04 -5.50
N ILE A 497 -60.98 69.51 -4.72
CA ILE A 497 -60.75 70.29 -3.50
C ILE A 497 -61.23 69.47 -2.31
N HIS A 498 -60.44 69.58 -1.24
CA HIS A 498 -60.62 68.91 0.02
C HIS A 498 -60.26 69.85 1.16
N GLU A 499 -60.72 69.48 2.35
CA GLU A 499 -60.46 70.25 3.55
C GLU A 499 -59.00 70.00 3.95
N ASN A 500 -58.44 70.90 4.75
CA ASN A 500 -57.05 70.75 5.19
C ASN A 500 -57.05 70.25 6.62
N GLU A 501 -56.40 69.09 6.84
CA GLU A 501 -56.36 68.54 8.19
C GLU A 501 -55.52 69.31 9.13
N LYS A 502 -54.92 70.43 8.77
CA LYS A 502 -54.11 71.16 9.73
C LYS A 502 -55.06 71.67 10.81
N SER A 503 -54.85 71.29 12.06
CA SER A 503 -55.79 71.81 13.05
C SER A 503 -55.58 73.29 13.29
N SER A 504 -54.53 73.88 12.73
CA SER A 504 -54.28 75.30 12.90
C SER A 504 -54.64 76.08 11.65
N GLU A 505 -54.94 75.40 10.56
CA GLU A 505 -55.33 76.03 9.30
C GLU A 505 -56.60 75.34 8.83
N SER A 506 -57.68 76.10 8.77
CA SER A 506 -58.98 75.60 8.34
C SER A 506 -59.25 75.92 6.88
N ARG A 507 -58.22 76.36 6.15
CA ARG A 507 -58.39 76.70 4.74
C ARG A 507 -58.74 75.52 3.87
N TYR A 508 -58.79 75.76 2.56
CA TYR A 508 -59.15 74.73 1.62
C TYR A 508 -57.97 74.39 0.73
N LEU A 509 -57.80 73.10 0.47
CA LEU A 509 -56.72 72.59 -0.36
C LEU A 509 -57.26 72.21 -1.73
N LEU A 510 -56.52 72.54 -2.78
CA LEU A 510 -56.91 72.22 -4.14
C LEU A 510 -55.75 71.48 -4.77
N VAL A 511 -56.05 70.36 -5.43
CA VAL A 511 -55.01 69.57 -6.07
C VAL A 511 -55.46 69.23 -7.48
N MET A 512 -54.49 69.07 -8.38
CA MET A 512 -54.79 68.74 -9.75
C MET A 512 -53.58 68.03 -10.36
N LYS A 513 -53.87 67.08 -11.24
CA LYS A 513 -52.87 66.29 -11.93
C LYS A 513 -53.20 66.32 -13.41
N GLY A 514 -52.20 66.04 -14.23
CA GLY A 514 -52.45 66.05 -15.66
C GLY A 514 -51.15 66.00 -16.45
N ALA A 515 -51.30 66.11 -17.76
CA ALA A 515 -50.13 66.08 -18.62
C ALA A 515 -49.17 67.20 -18.20
N PRO A 516 -47.86 66.95 -18.15
CA PRO A 516 -46.93 68.00 -17.71
C PRO A 516 -46.94 69.27 -18.55
N GLU A 517 -47.28 69.21 -19.84
CA GLU A 517 -47.29 70.44 -20.62
C GLU A 517 -48.46 71.33 -20.19
N ARG A 518 -49.65 70.74 -20.10
CA ARG A 518 -50.84 71.48 -19.69
C ARG A 518 -50.67 72.05 -18.29
N ILE A 519 -50.16 71.24 -17.35
CA ILE A 519 -49.98 71.74 -15.99
C ILE A 519 -48.87 72.78 -15.94
N LEU A 520 -47.84 72.66 -16.79
CA LEU A 520 -46.78 73.66 -16.76
C LEU A 520 -47.35 75.00 -17.17
N ASP A 521 -48.31 74.99 -18.09
CA ASP A 521 -48.91 76.25 -18.51
C ASP A 521 -49.85 76.83 -17.45
N ARG A 522 -50.01 76.16 -16.30
CA ARG A 522 -50.89 76.62 -15.24
C ARG A 522 -50.18 76.88 -13.92
N CYS A 523 -48.89 77.11 -13.91
CA CYS A 523 -48.21 77.35 -12.65
C CYS A 523 -47.39 78.64 -12.76
N SER A 524 -46.91 79.10 -11.62
CA SER A 524 -46.10 80.31 -11.57
C SER A 524 -45.17 80.27 -10.37
N THR A 525 -45.26 79.18 -9.63
CA THR A 525 -44.46 78.96 -8.43
C THR A 525 -43.96 77.52 -8.47
N ILE A 526 -43.00 77.24 -7.60
CA ILE A 526 -42.41 75.92 -7.51
C ILE A 526 -42.03 75.70 -6.05
N LEU A 527 -42.45 74.55 -5.53
CA LEU A 527 -42.18 74.16 -4.14
C LEU A 527 -40.78 73.57 -4.12
N LEU A 528 -39.81 74.40 -3.79
CA LEU A 528 -38.42 73.95 -3.74
C LEU A 528 -38.01 73.70 -2.29
N ASN A 529 -37.68 72.44 -2.00
CA ASN A 529 -37.24 71.97 -0.69
C ASN A 529 -38.21 72.37 0.42
N GLY A 530 -39.41 72.78 0.05
CA GLY A 530 -40.43 73.18 1.00
C GLY A 530 -40.89 74.60 0.75
N ALA A 531 -39.96 75.56 0.75
CA ALA A 531 -40.36 76.95 0.50
C ALA A 531 -40.87 77.09 -0.93
N GLU A 532 -41.37 78.26 -1.29
CA GLU A 532 -41.85 78.45 -2.66
C GLU A 532 -40.91 79.41 -3.37
N GLU A 533 -40.93 79.36 -4.70
CA GLU A 533 -40.08 80.20 -5.53
C GLU A 533 -40.79 80.47 -6.83
N PRO A 534 -40.35 81.49 -7.59
CA PRO A 534 -41.01 81.79 -8.87
C PRO A 534 -40.65 80.73 -9.91
N LEU A 535 -41.34 80.81 -11.04
CA LEU A 535 -41.14 79.87 -12.15
C LEU A 535 -40.23 80.43 -13.25
N LYS A 536 -39.11 81.08 -12.92
CA LYS A 536 -38.23 81.62 -13.96
C LYS A 536 -37.82 80.53 -14.95
N GLU A 537 -37.42 80.97 -16.15
CA GLU A 537 -37.02 80.06 -17.21
C GLU A 537 -35.90 79.09 -16.83
N ASP A 538 -35.14 79.34 -15.77
CA ASP A 538 -34.10 78.39 -15.41
C ASP A 538 -34.73 77.06 -15.01
N MET A 539 -35.72 77.11 -14.12
CA MET A 539 -36.37 75.88 -13.71
C MET A 539 -37.34 75.41 -14.79
N LYS A 540 -37.78 76.31 -15.68
CA LYS A 540 -38.68 75.87 -16.74
C LYS A 540 -37.91 75.00 -17.72
N GLU A 541 -36.61 75.31 -17.88
CA GLU A 541 -35.80 74.51 -18.78
C GLU A 541 -35.37 73.25 -18.06
N ALA A 542 -35.21 73.34 -16.73
CA ALA A 542 -34.84 72.13 -16.02
C ALA A 542 -36.02 71.16 -16.05
N PHE A 543 -37.22 71.71 -16.20
CA PHE A 543 -38.43 70.91 -16.25
C PHE A 543 -38.57 70.31 -17.64
N GLN A 544 -38.06 71.01 -18.65
CA GLN A 544 -38.16 70.45 -20.00
C GLN A 544 -37.16 69.32 -20.16
N ASN A 545 -35.94 69.51 -19.65
CA ASN A 545 -34.98 68.41 -19.78
C ASN A 545 -35.44 67.22 -18.95
N ALA A 546 -36.11 67.47 -17.80
CA ALA A 546 -36.59 66.35 -17.01
C ALA A 546 -37.69 65.62 -17.76
N TYR A 547 -38.54 66.37 -18.48
CA TYR A 547 -39.62 65.76 -19.24
C TYR A 547 -39.04 64.86 -20.32
N LEU A 548 -38.02 65.35 -21.03
CA LEU A 548 -37.44 64.51 -22.08
C LEU A 548 -36.63 63.36 -21.50
N GLU A 549 -36.17 63.49 -20.25
CA GLU A 549 -35.40 62.40 -19.65
C GLU A 549 -36.33 61.26 -19.30
N LEU A 550 -37.44 61.56 -18.64
CA LEU A 550 -38.39 60.51 -18.29
C LEU A 550 -39.09 59.99 -19.54
N GLY A 551 -39.27 60.85 -20.55
CA GLY A 551 -39.92 60.40 -21.77
C GLY A 551 -39.04 59.47 -22.58
N GLY A 552 -37.76 59.82 -22.73
CA GLY A 552 -36.85 58.98 -23.49
C GLY A 552 -36.66 57.62 -22.86
N LEU A 553 -36.95 57.49 -21.57
CA LEU A 553 -36.83 56.25 -20.84
C LEU A 553 -37.99 55.31 -21.14
N GLY A 554 -38.83 55.67 -22.11
CA GLY A 554 -39.96 54.83 -22.45
C GLY A 554 -41.07 54.88 -21.44
N GLU A 555 -40.99 55.80 -20.48
CA GLU A 555 -41.99 55.97 -19.42
C GLU A 555 -43.00 57.06 -19.74
N ARG A 556 -44.13 56.99 -19.04
CA ARG A 556 -45.23 57.93 -19.18
C ARG A 556 -45.16 58.84 -17.95
N VAL A 557 -45.07 60.14 -18.17
CA VAL A 557 -44.97 61.11 -17.09
C VAL A 557 -46.24 61.92 -16.90
N LEU A 558 -46.49 62.27 -15.64
CA LEU A 558 -47.64 63.06 -15.22
C LEU A 558 -47.13 64.17 -14.30
N GLY A 559 -47.87 65.27 -14.25
CA GLY A 559 -47.51 66.42 -13.44
C GLY A 559 -48.55 66.62 -12.34
N PHE A 560 -48.06 66.95 -11.14
CA PHE A 560 -48.91 67.17 -9.97
C PHE A 560 -48.68 68.56 -9.38
N CYS A 561 -49.76 69.27 -9.11
CA CYS A 561 -49.66 70.60 -8.53
C CYS A 561 -50.82 70.80 -7.56
N HIS A 562 -50.66 71.80 -6.70
CA HIS A 562 -51.69 72.10 -5.71
C HIS A 562 -51.62 73.57 -5.34
N PHE A 563 -52.65 74.01 -4.62
CA PHE A 563 -52.70 75.40 -4.20
C PHE A 563 -53.61 75.55 -2.99
N ALA A 564 -53.26 76.49 -2.12
CA ALA A 564 -54.01 76.78 -0.92
C ALA A 564 -55.03 77.87 -1.27
N LEU A 565 -56.30 77.52 -1.24
CA LEU A 565 -57.33 78.50 -1.57
C LEU A 565 -57.48 79.47 -0.40
N PRO A 566 -57.48 80.78 -0.66
CA PRO A 566 -57.62 81.74 0.45
C PRO A 566 -58.98 81.62 1.10
N GLU A 567 -58.98 81.33 2.40
CA GLU A 567 -60.25 81.20 3.11
C GLU A 567 -60.96 82.52 3.26
N ASP A 568 -60.37 83.63 2.82
CA ASP A 568 -61.02 84.93 2.93
C ASP A 568 -61.93 85.19 1.74
N LYS A 569 -61.57 84.65 0.57
CA LYS A 569 -62.35 84.80 -0.64
C LYS A 569 -63.28 83.61 -0.85
N TYR A 570 -62.98 82.49 -0.18
CA TYR A 570 -63.75 81.25 -0.25
C TYR A 570 -63.76 80.71 1.18
N ASN A 571 -64.73 81.15 1.98
CA ASN A 571 -64.83 80.72 3.37
C ASN A 571 -65.15 79.22 3.47
N GLU A 572 -65.13 78.72 4.71
CA GLU A 572 -65.41 77.31 4.98
C GLU A 572 -66.86 76.94 4.70
N GLY A 573 -67.75 77.91 4.56
CA GLY A 573 -69.14 77.62 4.29
C GLY A 573 -69.52 77.68 2.83
N TYR A 574 -68.73 78.41 2.04
CA TYR A 574 -69.03 78.53 0.62
C TYR A 574 -68.92 77.20 -0.10
N PRO A 575 -69.87 76.88 -0.99
CA PRO A 575 -69.82 75.61 -1.72
C PRO A 575 -69.42 75.87 -3.17
N PHE A 576 -68.30 75.30 -3.60
CA PHE A 576 -67.81 75.49 -4.97
C PHE A 576 -68.41 74.46 -5.92
N ASP A 577 -69.66 74.70 -6.31
CA ASP A 577 -70.32 73.78 -7.24
C ASP A 577 -69.55 73.76 -8.55
N ALA A 578 -69.39 72.55 -9.12
CA ALA A 578 -68.67 72.39 -10.38
C ALA A 578 -69.45 72.91 -11.58
N ASP A 579 -69.46 74.23 -11.74
CA ASP A 579 -70.17 74.84 -12.86
C ASP A 579 -69.38 75.96 -13.54
N GLU A 580 -68.94 76.94 -12.74
CA GLU A 580 -68.20 78.10 -13.21
C GLU A 580 -66.76 78.17 -12.66
N PRO A 581 -65.97 79.24 -12.97
CA PRO A 581 -64.60 79.30 -12.43
C PRO A 581 -64.54 79.65 -10.96
N ASN A 582 -64.64 78.64 -10.12
CA ASN A 582 -64.58 78.81 -8.69
C ASN A 582 -63.16 78.62 -8.18
N PHE A 583 -62.29 78.05 -9.01
CA PHE A 583 -60.93 77.83 -8.58
C PHE A 583 -59.97 78.47 -9.57
N PRO A 584 -58.87 79.06 -9.10
CA PRO A 584 -57.94 79.67 -10.05
C PRO A 584 -57.22 78.61 -10.85
N THR A 585 -57.54 78.52 -12.15
CA THR A 585 -56.88 77.52 -13.00
C THR A 585 -55.38 77.75 -13.06
N THR A 586 -54.97 79.01 -13.20
CA THR A 586 -53.56 79.35 -13.26
C THR A 586 -53.07 79.71 -11.86
N ASP A 587 -51.84 80.20 -11.77
CA ASP A 587 -51.21 80.62 -10.52
C ASP A 587 -51.12 79.49 -9.49
N LEU A 588 -51.10 78.23 -9.94
CA LEU A 588 -51.01 77.09 -9.02
C LEU A 588 -49.56 76.87 -8.63
N CYS A 589 -49.31 75.90 -7.74
CA CYS A 589 -47.97 75.58 -7.26
C CYS A 589 -47.61 74.18 -7.74
N PHE A 590 -46.72 74.09 -8.73
CA PHE A 590 -46.28 72.81 -9.26
C PHE A 590 -45.33 72.17 -8.27
N VAL A 591 -45.56 70.90 -7.92
CA VAL A 591 -44.69 70.25 -6.97
C VAL A 591 -43.71 69.31 -7.67
N GLY A 592 -44.17 68.54 -8.67
CA GLY A 592 -43.25 67.65 -9.35
C GLY A 592 -43.88 66.59 -10.25
N LEU A 593 -43.09 66.10 -11.19
CA LEU A 593 -43.53 65.09 -12.14
C LEU A 593 -43.46 63.69 -11.51
N MET A 594 -44.25 62.77 -12.07
CA MET A 594 -44.30 61.39 -11.61
C MET A 594 -44.44 60.48 -12.81
N ALA A 595 -43.38 59.74 -13.13
CA ALA A 595 -43.38 58.82 -14.27
C ALA A 595 -43.79 57.41 -13.83
N MET A 596 -44.00 56.53 -14.80
CA MET A 596 -44.40 55.16 -14.51
C MET A 596 -44.25 54.29 -15.74
N ILE A 597 -43.98 53.00 -15.52
CA ILE A 597 -43.80 52.03 -16.61
C ILE A 597 -43.80 50.63 -16.02
N ASP A 598 -44.00 49.62 -16.87
CA ASP A 598 -44.00 48.23 -16.42
C ASP A 598 -42.55 47.81 -16.20
N PRO A 599 -42.13 47.49 -14.98
CA PRO A 599 -40.74 47.10 -14.75
C PRO A 599 -40.50 45.63 -14.99
N PRO A 600 -39.23 45.25 -15.13
CA PRO A 600 -38.89 43.84 -15.36
C PRO A 600 -38.79 43.08 -14.04
N ARG A 601 -38.84 41.76 -14.15
CA ARG A 601 -38.75 40.94 -12.95
C ARG A 601 -37.36 41.07 -12.35
N ALA A 602 -37.28 40.89 -11.03
CA ALA A 602 -36.06 41.00 -10.26
C ALA A 602 -34.80 40.41 -10.89
N ALA A 603 -34.73 39.10 -11.08
CA ALA A 603 -33.53 38.52 -11.67
C ALA A 603 -33.48 38.52 -13.19
N VAL A 604 -34.15 39.45 -13.86
CA VAL A 604 -34.11 39.47 -15.32
C VAL A 604 -32.78 39.99 -15.84
N PRO A 605 -32.28 41.17 -15.42
CA PRO A 605 -30.99 41.63 -15.95
C PRO A 605 -29.83 40.70 -15.64
N ASP A 606 -29.74 40.24 -14.38
CA ASP A 606 -28.67 39.34 -13.99
C ASP A 606 -28.72 38.04 -14.80
N ALA A 607 -29.91 37.47 -14.98
CA ALA A 607 -30.02 36.23 -15.75
C ALA A 607 -29.64 36.44 -17.21
N VAL A 608 -30.08 37.56 -17.80
CA VAL A 608 -29.72 37.79 -19.20
C VAL A 608 -28.21 37.92 -19.31
N GLY A 609 -27.60 38.60 -18.34
CA GLY A 609 -26.16 38.76 -18.37
C GLY A 609 -25.45 37.43 -18.23
N LYS A 610 -26.00 36.55 -17.39
CA LYS A 610 -25.40 35.23 -17.19
C LYS A 610 -25.49 34.41 -18.46
N CYS A 611 -26.61 34.52 -19.18
CA CYS A 611 -26.77 33.77 -20.41
C CYS A 611 -25.80 34.30 -21.47
N ARG A 612 -25.66 35.63 -21.56
CA ARG A 612 -24.73 36.19 -22.54
C ARG A 612 -23.30 35.79 -22.20
N SER A 613 -23.00 35.67 -20.90
CA SER A 613 -21.65 35.29 -20.48
C SER A 613 -21.32 33.88 -20.96
N ALA A 614 -22.31 33.01 -20.97
CA ALA A 614 -22.16 31.63 -21.41
C ALA A 614 -22.19 31.49 -22.92
N GLY A 615 -22.15 32.61 -23.65
CA GLY A 615 -22.17 32.57 -25.10
C GLY A 615 -23.51 32.30 -25.72
N ILE A 616 -24.61 32.58 -25.02
CA ILE A 616 -25.95 32.37 -25.53
C ILE A 616 -26.48 33.66 -26.13
N LYS A 617 -26.86 33.61 -27.40
CA LYS A 617 -27.39 34.79 -28.09
C LYS A 617 -28.81 35.05 -27.61
N VAL A 618 -29.05 36.23 -27.05
CA VAL A 618 -30.36 36.61 -26.56
C VAL A 618 -31.01 37.49 -27.63
N ILE A 619 -32.15 37.05 -28.14
CA ILE A 619 -32.89 37.77 -29.18
C ILE A 619 -34.29 38.04 -28.68
N MET A 620 -34.68 39.31 -28.64
CA MET A 620 -36.03 39.63 -28.18
C MET A 620 -37.04 39.48 -29.29
N VAL A 621 -38.15 38.82 -29.02
CA VAL A 621 -39.22 38.60 -29.99
C VAL A 621 -40.51 38.94 -29.28
N THR A 622 -41.12 40.08 -29.62
CA THR A 622 -42.37 40.45 -28.96
C THR A 622 -43.29 41.22 -29.90
N GLY A 623 -44.58 41.12 -29.62
CA GLY A 623 -45.61 41.79 -30.40
C GLY A 623 -45.98 43.14 -29.83
N ASP A 624 -45.03 43.79 -29.15
CA ASP A 624 -45.26 45.10 -28.55
C ASP A 624 -44.67 46.22 -29.39
N HIS A 625 -45.03 47.44 -29.01
CA HIS A 625 -44.58 48.66 -29.68
C HIS A 625 -43.05 48.74 -29.64
N PRO A 626 -42.38 48.99 -30.77
CA PRO A 626 -40.91 49.06 -30.76
C PRO A 626 -40.30 50.11 -29.85
N ILE A 627 -40.97 51.25 -29.65
CA ILE A 627 -40.40 52.28 -28.78
C ILE A 627 -40.23 51.77 -27.36
N THR A 628 -41.06 50.83 -26.94
CA THR A 628 -40.96 50.27 -25.60
C THR A 628 -40.08 49.02 -25.60
N ALA A 629 -40.13 48.25 -26.68
CA ALA A 629 -39.32 47.05 -26.78
C ALA A 629 -37.84 47.39 -26.76
N LYS A 630 -37.44 48.45 -27.47
CA LYS A 630 -36.03 48.83 -27.48
C LYS A 630 -35.57 49.27 -26.10
N ALA A 631 -36.43 49.99 -25.38
CA ALA A 631 -36.06 50.45 -24.04
C ALA A 631 -35.91 49.28 -23.09
N ILE A 632 -36.84 48.31 -23.15
CA ILE A 632 -36.72 47.17 -22.25
C ILE A 632 -35.51 46.33 -22.65
N ALA A 633 -35.19 46.28 -23.94
CA ALA A 633 -34.04 45.51 -24.39
C ALA A 633 -32.77 46.11 -23.79
N LYS A 634 -32.63 47.44 -23.88
CA LYS A 634 -31.45 48.08 -23.32
C LYS A 634 -31.43 47.96 -21.80
N GLY A 635 -32.60 47.91 -21.18
CA GLY A 635 -32.67 47.79 -19.72
C GLY A 635 -32.38 46.41 -19.18
N VAL A 636 -32.57 45.37 -19.99
CA VAL A 636 -32.31 44.00 -19.53
C VAL A 636 -30.98 43.44 -20.04
N GLY A 637 -30.33 44.11 -20.99
CA GLY A 637 -29.07 43.64 -21.52
C GLY A 637 -29.08 43.10 -22.94
N ILE A 638 -30.24 43.04 -23.60
CA ILE A 638 -30.24 42.52 -24.97
C ILE A 638 -29.48 43.47 -25.88
N ILE A 639 -29.69 44.77 -25.72
CA ILE A 639 -29.00 45.78 -26.52
C ILE A 639 -28.00 46.40 -25.57
N SER A 640 -26.78 45.88 -25.55
CA SER A 640 -25.74 46.40 -24.66
C SER A 640 -25.62 47.91 -24.82
N GLU A 641 -25.40 48.58 -23.69
CA GLU A 641 -25.27 50.03 -23.72
C GLU A 641 -24.04 50.39 -24.54
N GLY A 642 -24.24 51.23 -25.54
CA GLY A 642 -23.14 51.63 -26.41
C GLY A 642 -23.38 51.20 -27.84
N ASN A 643 -24.01 50.04 -28.03
CA ASN A 643 -24.28 49.57 -29.38
C ASN A 643 -25.29 50.50 -30.02
N GLU A 644 -25.35 50.52 -31.36
CA GLU A 644 -26.27 51.43 -32.02
C GLU A 644 -26.93 50.88 -33.28
N THR A 645 -28.15 51.37 -33.52
CA THR A 645 -29.00 51.05 -34.66
C THR A 645 -28.76 52.06 -35.78
N ILE A 646 -29.18 51.70 -37.00
CA ILE A 646 -28.99 52.62 -38.14
C ILE A 646 -29.71 53.94 -37.96
N GLU A 647 -30.90 53.94 -37.32
CA GLU A 647 -31.58 55.22 -37.15
C GLU A 647 -30.86 56.07 -36.13
N ASP A 648 -30.25 55.45 -35.12
CA ASP A 648 -29.54 56.22 -34.11
C ASP A 648 -28.36 56.94 -34.75
N ILE A 649 -27.69 56.28 -35.71
CA ILE A 649 -26.55 56.90 -36.36
C ILE A 649 -27.03 58.05 -37.24
N ALA A 650 -28.16 57.84 -37.94
CA ALA A 650 -28.67 58.92 -38.78
C ALA A 650 -29.10 60.12 -37.94
N ALA A 651 -29.53 59.87 -36.69
CA ALA A 651 -29.94 60.96 -35.83
C ALA A 651 -28.75 61.65 -35.20
N ARG A 652 -27.68 60.90 -34.91
CA ARG A 652 -26.49 61.49 -34.31
C ARG A 652 -25.72 62.33 -35.32
N LEU A 653 -25.86 62.01 -36.61
CA LEU A 653 -25.14 62.76 -37.65
C LEU A 653 -26.00 63.81 -38.34
N ASN A 654 -27.32 63.61 -38.41
CA ASN A 654 -28.30 64.51 -39.02
C ASN A 654 -28.29 64.31 -40.54
N ILE A 655 -28.27 63.06 -40.96
CA ILE A 655 -28.26 62.69 -42.38
C ILE A 655 -29.35 61.65 -42.61
N PRO A 656 -29.77 61.47 -43.86
CA PRO A 656 -30.82 60.46 -44.13
C PRO A 656 -30.33 59.08 -43.74
N ILE A 657 -31.28 58.15 -43.58
CA ILE A 657 -30.93 56.79 -43.18
C ILE A 657 -30.46 55.93 -44.36
N GLY A 658 -30.83 56.27 -45.60
CA GLY A 658 -30.41 55.48 -46.74
C GLY A 658 -28.94 55.60 -47.09
N GLN A 659 -28.21 56.50 -46.44
CA GLN A 659 -26.79 56.70 -46.71
C GLN A 659 -25.85 55.83 -45.88
N VAL A 660 -26.15 55.65 -44.58
CA VAL A 660 -25.30 54.85 -43.71
C VAL A 660 -25.23 53.38 -44.15
N ASN A 661 -24.09 52.75 -43.83
CA ASN A 661 -23.84 51.34 -44.15
C ASN A 661 -24.36 50.50 -42.99
N PRO A 662 -25.15 49.45 -43.25
CA PRO A 662 -25.68 48.63 -42.16
C PRO A 662 -24.68 47.73 -41.47
N ARG A 663 -23.42 47.69 -41.90
CA ARG A 663 -22.46 46.82 -41.24
C ARG A 663 -21.88 47.47 -40.00
N ASP A 664 -21.97 48.80 -39.88
CA ASP A 664 -21.46 49.52 -38.73
C ASP A 664 -22.44 49.50 -37.56
N ALA A 665 -23.59 48.82 -37.70
CA ALA A 665 -24.61 48.73 -36.66
C ALA A 665 -24.68 47.30 -36.12
N LYS A 666 -24.31 47.13 -34.85
CA LYS A 666 -24.32 45.82 -34.22
C LYS A 666 -25.73 45.34 -33.87
N ALA A 667 -26.57 46.23 -33.35
CA ALA A 667 -27.94 45.90 -32.95
C ALA A 667 -28.99 46.45 -33.91
N CYS A 668 -30.05 45.65 -34.13
CA CYS A 668 -31.12 46.08 -35.03
C CYS A 668 -32.52 45.76 -34.51
N VAL A 669 -33.43 46.69 -34.77
CA VAL A 669 -34.84 46.62 -34.39
C VAL A 669 -35.62 46.32 -35.66
N VAL A 670 -36.12 45.11 -35.80
CA VAL A 670 -36.88 44.70 -36.98
C VAL A 670 -38.37 44.80 -36.67
N HIS A 671 -39.07 45.64 -37.43
CA HIS A 671 -40.51 45.82 -37.24
C HIS A 671 -41.28 44.69 -37.91
N GLY A 672 -42.41 44.33 -37.32
CA GLY A 672 -43.22 43.25 -37.88
C GLY A 672 -43.76 43.57 -39.26
N SER A 673 -44.27 44.78 -39.45
CA SER A 673 -44.81 45.16 -40.76
C SER A 673 -43.76 44.92 -41.83
N ASP A 674 -42.49 45.22 -41.51
CA ASP A 674 -41.41 45.01 -42.46
C ASP A 674 -41.03 43.53 -42.54
N LEU A 675 -41.24 42.80 -41.44
CA LEU A 675 -40.93 41.37 -41.42
C LEU A 675 -41.84 40.60 -42.35
N LYS A 676 -43.07 41.09 -42.56
CA LYS A 676 -44.01 40.42 -43.45
C LYS A 676 -43.51 40.33 -44.88
N ASP A 677 -42.76 41.33 -45.34
CA ASP A 677 -42.21 41.41 -46.70
C ASP A 677 -40.76 40.97 -46.79
N LEU A 678 -40.29 39.92 -46.12
CA LEU A 678 -38.87 39.59 -46.25
C LEU A 678 -38.63 38.15 -46.68
N SER A 679 -37.65 38.00 -47.58
CA SER A 679 -37.21 36.72 -48.14
C SER A 679 -36.51 35.87 -47.08
N THR A 680 -36.25 34.62 -47.44
CA THR A 680 -35.59 33.69 -46.53
C THR A 680 -34.14 34.11 -46.28
N GLU A 681 -33.42 34.47 -47.35
CA GLU A 681 -32.03 34.87 -47.20
C GLU A 681 -31.92 36.14 -46.36
N VAL A 682 -32.84 37.08 -46.53
CA VAL A 682 -32.77 38.31 -45.74
C VAL A 682 -32.82 37.99 -44.25
N LEU A 683 -33.71 37.08 -43.83
CA LEU A 683 -33.75 36.76 -42.41
C LEU A 683 -32.45 36.10 -41.99
N ASP A 684 -31.90 35.27 -42.86
CA ASP A 684 -30.63 34.61 -42.52
C ASP A 684 -29.56 35.67 -42.29
N ASP A 685 -29.53 36.69 -43.16
CA ASP A 685 -28.54 37.76 -43.03
C ASP A 685 -28.80 38.61 -41.79
N ILE A 686 -30.07 38.79 -41.43
CA ILE A 686 -30.41 39.58 -40.25
C ILE A 686 -29.83 38.92 -39.02
N LEU A 687 -29.94 37.60 -38.94
CA LEU A 687 -29.39 36.89 -37.79
C LEU A 687 -27.89 36.67 -37.90
N HIS A 688 -27.36 36.67 -39.12
CA HIS A 688 -25.94 36.47 -39.40
C HIS A 688 -25.08 37.71 -39.23
N TYR A 689 -25.65 38.91 -39.30
CA TYR A 689 -24.85 40.12 -39.16
C TYR A 689 -25.15 40.95 -37.93
N HIS A 690 -26.31 40.81 -37.32
CA HIS A 690 -26.67 41.57 -36.14
C HIS A 690 -26.57 40.68 -34.91
N THR A 691 -25.81 41.14 -33.92
CA THR A 691 -25.61 40.39 -32.68
C THR A 691 -26.68 40.65 -31.63
N GLU A 692 -27.28 41.84 -31.61
CA GLU A 692 -28.32 42.22 -30.66
C GLU A 692 -29.57 42.54 -31.48
N ILE A 693 -30.40 41.53 -31.71
CA ILE A 693 -31.62 41.68 -32.50
C ILE A 693 -32.87 41.75 -31.63
N VAL A 694 -33.80 42.61 -32.04
CA VAL A 694 -35.07 42.80 -31.36
C VAL A 694 -36.16 42.86 -32.41
N PHE A 695 -37.04 41.86 -32.42
CA PHE A 695 -38.16 41.76 -33.34
C PHE A 695 -39.36 42.36 -32.62
N ALA A 696 -39.86 43.48 -33.12
CA ALA A 696 -41.00 44.15 -32.53
C ALA A 696 -42.21 44.09 -33.46
N ARG A 697 -43.40 44.12 -32.84
CA ARG A 697 -44.68 44.08 -33.55
C ARG A 697 -44.80 42.82 -34.42
N THR A 698 -44.30 41.70 -33.93
CA THR A 698 -44.35 40.44 -34.66
C THR A 698 -45.53 39.59 -34.18
N SER A 699 -46.28 39.05 -35.14
CA SER A 699 -47.43 38.21 -34.86
C SER A 699 -46.96 36.82 -34.40
N PRO A 700 -47.83 36.03 -33.77
CA PRO A 700 -47.40 34.69 -33.33
C PRO A 700 -46.85 33.86 -34.48
N GLN A 701 -47.48 33.96 -35.64
CA GLN A 701 -47.00 33.21 -36.80
C GLN A 701 -45.60 33.68 -37.16
N GLN A 702 -45.36 34.99 -37.03
CA GLN A 702 -44.04 35.49 -37.34
C GLN A 702 -43.06 35.02 -36.29
N LYS A 703 -43.52 34.85 -35.04
CA LYS A 703 -42.64 34.35 -33.99
C LYS A 703 -42.14 32.98 -34.41
N LEU A 704 -43.05 32.15 -34.90
CA LEU A 704 -42.70 30.81 -35.35
C LEU A 704 -41.71 30.89 -36.50
N ILE A 705 -41.93 31.84 -37.41
CA ILE A 705 -41.03 32.01 -38.55
C ILE A 705 -39.62 32.37 -38.06
N ILE A 706 -39.54 33.18 -37.02
CA ILE A 706 -38.24 33.58 -36.47
C ILE A 706 -37.54 32.39 -35.84
N VAL A 707 -38.27 31.57 -35.09
CA VAL A 707 -37.66 30.40 -34.46
C VAL A 707 -37.11 29.49 -35.55
N GLU A 708 -37.89 29.31 -36.63
CA GLU A 708 -37.44 28.47 -37.73
C GLU A 708 -36.21 29.08 -38.38
N GLY A 709 -36.17 30.41 -38.49
CA GLY A 709 -35.01 31.04 -39.09
C GLY A 709 -33.76 30.81 -38.28
N CYS A 710 -33.93 30.55 -36.98
CA CYS A 710 -32.75 30.29 -36.17
C CYS A 710 -32.30 28.85 -36.37
N GLN A 711 -33.26 27.94 -36.48
CA GLN A 711 -32.92 26.52 -36.67
C GLN A 711 -32.28 26.23 -38.03
N ARG A 712 -32.76 26.88 -39.11
CA ARG A 712 -32.21 26.64 -40.45
C ARG A 712 -30.69 26.64 -40.50
N GLN A 713 -30.04 27.43 -39.65
CA GLN A 713 -28.58 27.46 -39.65
C GLN A 713 -28.01 26.23 -38.95
N GLY A 714 -28.41 26.00 -37.70
CA GLY A 714 -27.89 24.84 -37.00
C GLY A 714 -27.72 24.96 -35.51
N ALA A 715 -28.37 25.95 -34.90
CA ALA A 715 -28.27 26.16 -33.47
C ALA A 715 -29.53 25.69 -32.75
N ILE A 716 -29.35 25.30 -31.49
CA ILE A 716 -30.46 24.84 -30.66
C ILE A 716 -31.20 26.08 -30.17
N VAL A 717 -32.52 26.01 -30.06
CA VAL A 717 -33.28 27.18 -29.64
C VAL A 717 -34.22 26.90 -28.46
N ALA A 718 -34.29 27.88 -27.56
CA ALA A 718 -35.12 27.85 -26.37
C ALA A 718 -35.96 29.12 -26.38
N VAL A 719 -37.27 28.95 -26.39
CA VAL A 719 -38.22 30.07 -26.41
C VAL A 719 -38.83 30.20 -25.03
N THR A 720 -38.76 31.39 -24.44
CA THR A 720 -39.31 31.65 -23.11
C THR A 720 -40.51 32.60 -23.21
N GLY A 721 -41.70 32.11 -22.90
CA GLY A 721 -42.88 32.97 -22.97
C GLY A 721 -43.99 32.76 -21.95
N ASP A 722 -45.11 33.45 -22.15
CA ASP A 722 -46.24 33.32 -21.22
C ASP A 722 -47.65 33.25 -21.80
N GLY A 723 -47.95 34.04 -22.84
CA GLY A 723 -49.27 34.06 -23.42
C GLY A 723 -49.52 33.05 -24.52
N VAL A 724 -50.69 33.20 -25.16
CA VAL A 724 -51.07 32.30 -26.24
C VAL A 724 -50.29 32.60 -27.51
N ASN A 725 -49.82 33.84 -27.67
CA ASN A 725 -49.07 34.17 -28.88
C ASN A 725 -47.74 33.42 -28.91
N ASP A 726 -47.31 32.90 -27.77
CA ASP A 726 -46.07 32.16 -27.67
C ASP A 726 -46.27 30.67 -27.87
N SER A 727 -47.51 30.19 -27.94
CA SER A 727 -47.75 28.76 -28.14
C SER A 727 -47.07 28.24 -29.40
N PRO A 728 -47.26 28.81 -30.59
CA PRO A 728 -46.57 28.25 -31.76
C PRO A 728 -45.06 28.43 -31.72
N ALA A 729 -44.55 29.30 -30.85
CA ALA A 729 -43.12 29.52 -30.74
C ALA A 729 -42.49 28.55 -29.75
N LEU A 730 -43.20 28.24 -28.67
CA LEU A 730 -42.69 27.31 -27.67
C LEU A 730 -42.73 25.88 -28.20
N LYS A 731 -43.70 25.57 -29.05
CA LYS A 731 -43.84 24.23 -29.61
C LYS A 731 -42.72 23.89 -30.60
N LYS A 732 -42.50 24.74 -31.60
CA LYS A 732 -41.47 24.49 -32.60
C LYS A 732 -40.04 24.68 -32.07
N ALA A 733 -39.86 25.38 -30.97
CA ALA A 733 -38.52 25.57 -30.45
C ALA A 733 -37.98 24.26 -29.88
N ASP A 734 -36.64 24.14 -29.85
CA ASP A 734 -36.05 22.93 -29.30
C ASP A 734 -36.50 22.73 -27.87
N ILE A 735 -36.79 23.82 -27.16
CA ILE A 735 -37.25 23.71 -25.78
C ILE A 735 -38.04 24.97 -25.44
N GLY A 736 -39.24 24.77 -24.91
CA GLY A 736 -40.11 25.87 -24.53
C GLY A 736 -40.13 26.00 -23.02
N VAL A 737 -40.18 27.25 -22.57
CA VAL A 737 -40.20 27.59 -21.16
C VAL A 737 -41.42 28.47 -20.96
N ALA A 738 -42.40 27.98 -20.23
CA ALA A 738 -43.59 28.76 -19.99
C ALA A 738 -43.59 29.27 -18.56
N MET A 739 -44.21 30.44 -18.38
CA MET A 739 -44.27 30.97 -17.03
C MET A 739 -45.37 30.20 -16.32
N GLY A 740 -45.23 30.03 -15.01
CA GLY A 740 -46.25 29.29 -14.30
C GLY A 740 -47.41 30.08 -13.74
N ILE A 741 -47.15 31.22 -13.11
CA ILE A 741 -48.24 32.00 -12.55
C ILE A 741 -48.86 32.92 -13.59
N SER A 742 -48.02 33.64 -14.34
CA SER A 742 -48.49 34.58 -15.37
C SER A 742 -48.68 33.95 -16.74
N GLY A 743 -48.56 32.65 -16.88
CA GLY A 743 -48.73 32.04 -18.19
C GLY A 743 -50.14 31.61 -18.51
N SER A 744 -50.40 31.43 -19.81
CA SER A 744 -51.70 31.00 -20.30
C SER A 744 -51.74 29.47 -20.29
N ASP A 745 -52.96 28.93 -20.21
CA ASP A 745 -53.12 27.48 -20.19
C ASP A 745 -52.67 26.81 -21.49
N VAL A 746 -52.91 27.44 -22.63
CA VAL A 746 -52.51 26.83 -23.91
C VAL A 746 -50.99 26.76 -24.01
N SER A 747 -50.30 27.87 -23.74
CA SER A 747 -48.84 27.85 -23.83
C SER A 747 -48.26 27.00 -22.72
N LYS A 748 -48.99 26.81 -21.63
CA LYS A 748 -48.48 25.99 -20.54
C LYS A 748 -48.57 24.52 -20.91
N GLN A 749 -49.62 24.15 -21.66
CA GLN A 749 -49.78 22.76 -22.08
C GLN A 749 -48.92 22.42 -23.27
N ALA A 750 -48.50 23.43 -24.05
CA ALA A 750 -47.67 23.19 -25.22
C ALA A 750 -46.18 23.34 -24.94
N ALA A 751 -45.81 23.73 -23.74
CA ALA A 751 -44.41 23.91 -23.39
C ALA A 751 -43.81 22.60 -22.87
N ASP A 752 -42.48 22.59 -22.75
CA ASP A 752 -41.79 21.42 -22.26
C ASP A 752 -41.25 21.63 -20.86
N MET A 753 -41.04 22.87 -20.44
CA MET A 753 -40.54 23.17 -19.10
C MET A 753 -41.42 24.27 -18.52
N ILE A 754 -41.79 24.14 -17.25
CA ILE A 754 -42.64 25.11 -16.57
C ILE A 754 -41.90 25.73 -15.39
N LEU A 755 -42.07 27.04 -15.22
CA LEU A 755 -41.47 27.82 -14.15
C LEU A 755 -42.61 28.16 -13.20
N LEU A 756 -42.84 27.27 -12.23
CA LEU A 756 -43.92 27.46 -11.25
C LEU A 756 -43.75 28.67 -10.34
N ASP A 757 -42.55 29.23 -10.23
CA ASP A 757 -42.33 30.40 -9.37
C ASP A 757 -42.15 31.67 -10.17
N ASP A 758 -42.14 31.58 -11.50
CA ASP A 758 -41.97 32.72 -12.40
C ASP A 758 -40.62 33.40 -12.17
N ASN A 759 -39.65 32.64 -11.69
CA ASN A 759 -38.32 33.17 -11.45
C ASN A 759 -37.56 32.92 -12.75
N PHE A 760 -36.79 33.90 -13.19
CA PHE A 760 -36.07 33.69 -14.43
C PHE A 760 -34.67 33.15 -14.22
N ALA A 761 -34.13 33.23 -13.00
CA ALA A 761 -32.79 32.70 -12.75
C ALA A 761 -32.76 31.20 -12.91
N SER A 762 -33.93 30.55 -12.85
CA SER A 762 -33.99 29.11 -13.01
C SER A 762 -33.45 28.71 -14.37
N ILE A 763 -33.49 29.63 -15.35
CA ILE A 763 -32.96 29.32 -16.67
C ILE A 763 -31.46 29.15 -16.56
N VAL A 764 -30.81 29.99 -15.76
CA VAL A 764 -29.37 29.89 -15.58
C VAL A 764 -29.05 28.59 -14.85
N THR A 765 -29.84 28.26 -13.83
CA THR A 765 -29.60 27.02 -13.11
C THR A 765 -29.73 25.84 -14.07
N GLY A 766 -30.73 25.89 -14.95
CA GLY A 766 -30.95 24.83 -15.91
C GLY A 766 -29.81 24.68 -16.90
N VAL A 767 -29.33 25.81 -17.45
CA VAL A 767 -28.24 25.73 -18.41
C VAL A 767 -26.98 25.21 -17.73
N GLU A 768 -26.86 25.38 -16.41
CA GLU A 768 -25.68 24.87 -15.72
C GLU A 768 -25.79 23.36 -15.52
N GLU A 769 -26.95 22.92 -15.03
CA GLU A 769 -27.19 21.50 -14.78
C GLU A 769 -27.12 20.70 -16.08
N GLY A 770 -27.60 21.29 -17.20
CA GLY A 770 -27.58 20.60 -18.48
C GLY A 770 -26.19 20.22 -18.94
N ARG A 771 -25.19 21.00 -18.55
CA ARG A 771 -23.81 20.73 -18.92
C ARG A 771 -23.23 19.71 -17.94
N LEU A 772 -23.31 20.05 -16.66
CA LEU A 772 -22.80 19.17 -15.60
C LEU A 772 -23.24 17.71 -15.80
N ILE A 773 -24.53 17.46 -16.06
CA ILE A 773 -25.01 16.09 -16.26
C ILE A 773 -24.57 15.48 -17.59
N PHE A 774 -23.89 16.25 -18.42
CA PHE A 774 -23.43 15.75 -19.71
C PHE A 774 -22.03 15.15 -19.57
N ASP A 775 -21.13 15.92 -18.96
CA ASP A 775 -19.77 15.40 -18.79
C ASP A 775 -19.76 14.13 -17.94
N ASN A 776 -20.76 13.98 -17.07
CA ASN A 776 -20.83 12.81 -16.23
C ASN A 776 -21.31 11.61 -17.02
N LEU A 777 -22.22 11.82 -17.98
CA LEU A 777 -22.66 10.70 -18.76
C LEU A 777 -21.48 10.15 -19.53
N LYS A 778 -20.62 11.06 -20.00
CA LYS A 778 -19.44 10.59 -20.74
C LYS A 778 -18.59 9.70 -19.84
N LYS A 779 -18.32 10.15 -18.61
CA LYS A 779 -17.51 9.36 -17.69
C LYS A 779 -18.13 7.99 -17.40
N SER A 780 -19.42 7.97 -17.06
CA SER A 780 -20.09 6.70 -16.75
C SER A 780 -20.12 5.76 -17.94
N ILE A 781 -20.28 6.30 -19.15
CA ILE A 781 -20.32 5.44 -20.32
C ILE A 781 -18.95 4.79 -20.51
N ALA A 782 -17.88 5.58 -20.35
CA ALA A 782 -16.55 4.98 -20.51
C ALA A 782 -16.34 3.92 -19.45
N TYR A 783 -16.95 4.09 -18.28
CA TYR A 783 -16.81 3.09 -17.21
C TYR A 783 -17.49 1.79 -17.60
N THR A 784 -18.78 1.86 -17.94
CA THR A 784 -19.52 0.66 -18.31
C THR A 784 -19.03 0.04 -19.61
N LEU A 785 -18.22 0.76 -20.40
CA LEU A 785 -17.71 0.20 -21.64
C LEU A 785 -16.33 -0.41 -21.46
N THR A 786 -15.61 0.02 -20.42
CA THR A 786 -14.28 -0.53 -20.16
C THR A 786 -14.34 -2.00 -19.77
N SER A 787 -15.38 -2.41 -19.02
CA SER A 787 -15.48 -3.81 -18.62
C SER A 787 -15.81 -4.73 -19.78
N ASN A 788 -16.31 -4.19 -20.89
CA ASN A 788 -16.65 -4.97 -22.08
C ASN A 788 -15.58 -6.00 -22.47
N ILE A 789 -14.37 -5.52 -22.72
CA ILE A 789 -13.21 -6.33 -23.12
C ILE A 789 -12.91 -7.51 -22.20
N PRO A 790 -12.69 -7.32 -20.87
CA PRO A 790 -12.42 -8.50 -20.03
C PRO A 790 -13.60 -9.44 -19.91
N GLU A 791 -14.68 -9.16 -20.65
CA GLU A 791 -15.87 -9.98 -20.65
C GLU A 791 -16.04 -10.77 -21.93
N ILE A 792 -15.40 -10.33 -23.01
CA ILE A 792 -15.46 -11.01 -24.30
C ILE A 792 -14.17 -11.75 -24.62
N THR A 793 -13.02 -11.18 -24.24
CA THR A 793 -11.75 -11.83 -24.51
C THR A 793 -11.68 -13.29 -24.03
N PRO A 794 -12.19 -13.66 -22.85
CA PRO A 794 -12.11 -15.08 -22.45
C PRO A 794 -12.70 -16.02 -23.49
N PHE A 795 -13.87 -15.67 -24.01
CA PHE A 795 -14.53 -16.50 -25.02
C PHE A 795 -13.76 -16.52 -26.34
N LEU A 796 -13.14 -15.39 -26.70
CA LEU A 796 -12.40 -15.35 -27.94
C LEU A 796 -11.18 -16.26 -27.86
N VAL A 797 -10.49 -16.24 -26.71
CA VAL A 797 -9.33 -17.11 -26.60
C VAL A 797 -9.82 -18.53 -26.42
N PHE A 798 -11.08 -18.70 -26.00
CA PHE A 798 -11.64 -20.03 -25.84
C PHE A 798 -11.81 -20.69 -27.20
N ILE A 799 -12.28 -19.94 -28.19
CA ILE A 799 -12.46 -20.53 -29.52
C ILE A 799 -11.15 -20.59 -30.30
N ILE A 800 -10.31 -19.56 -30.23
CA ILE A 800 -9.05 -19.57 -30.98
C ILE A 800 -7.98 -20.46 -30.34
N GLY A 801 -7.73 -20.32 -29.03
CA GLY A 801 -6.72 -21.11 -28.36
C GLY A 801 -7.11 -22.43 -27.74
N ASN A 802 -8.40 -22.76 -27.65
CA ASN A 802 -8.89 -24.00 -27.07
C ASN A 802 -8.43 -24.24 -25.63
N VAL A 803 -8.77 -23.30 -24.76
CA VAL A 803 -8.41 -23.41 -23.34
C VAL A 803 -9.73 -23.56 -22.60
N PRO A 804 -9.77 -24.01 -21.35
CA PRO A 804 -11.06 -24.12 -20.66
C PRO A 804 -11.70 -22.75 -20.53
N LEU A 805 -13.03 -22.70 -20.68
CA LEU A 805 -13.78 -21.47 -20.60
C LEU A 805 -13.39 -20.62 -19.39
N PRO A 806 -12.91 -19.40 -19.58
CA PRO A 806 -12.51 -18.55 -18.45
C PRO A 806 -13.64 -17.81 -17.72
N LEU A 807 -14.50 -17.07 -18.43
CA LEU A 807 -15.60 -16.31 -17.81
C LEU A 807 -17.00 -16.83 -18.14
N GLY A 808 -17.67 -17.44 -17.16
CA GLY A 808 -19.01 -17.97 -17.28
C GLY A 808 -20.11 -16.94 -17.55
N THR A 809 -21.36 -17.38 -17.74
CA THR A 809 -22.48 -16.48 -18.00
C THR A 809 -23.11 -15.87 -16.74
N VAL A 810 -23.19 -16.63 -15.64
CA VAL A 810 -23.81 -16.05 -14.45
C VAL A 810 -22.85 -15.12 -13.73
N THR A 811 -21.62 -15.01 -14.23
CA THR A 811 -20.66 -14.12 -13.62
C THR A 811 -20.67 -12.84 -14.41
N ILE A 812 -20.81 -12.97 -15.73
CA ILE A 812 -20.89 -11.76 -16.54
C ILE A 812 -22.13 -11.03 -16.09
N LEU A 813 -23.21 -11.78 -15.79
CA LEU A 813 -24.43 -11.15 -15.32
C LEU A 813 -24.21 -10.54 -13.94
N CYS A 814 -23.42 -11.21 -13.07
CA CYS A 814 -23.19 -10.60 -11.77
C CYS A 814 -22.33 -9.34 -11.86
N ILE A 815 -21.67 -9.13 -12.99
CA ILE A 815 -20.83 -7.94 -13.16
C ILE A 815 -21.59 -6.79 -13.82
N ASP A 816 -22.18 -7.04 -14.99
CA ASP A 816 -22.93 -6.02 -15.72
C ASP A 816 -24.17 -5.49 -14.98
N LEU A 817 -24.90 -6.35 -14.28
CA LEU A 817 -26.11 -5.92 -13.58
C LEU A 817 -26.01 -5.86 -12.07
N GLY A 818 -24.85 -6.17 -11.49
CA GLY A 818 -24.74 -6.12 -10.05
C GLY A 818 -23.79 -5.03 -9.61
N THR A 819 -22.63 -5.43 -9.11
CA THR A 819 -21.57 -4.55 -8.64
C THR A 819 -21.47 -3.22 -9.39
N ASP A 820 -21.31 -3.31 -10.71
CA ASP A 820 -21.18 -2.16 -11.61
C ASP A 820 -22.24 -1.06 -11.49
N MET A 821 -23.50 -1.40 -11.23
CA MET A 821 -24.57 -0.40 -11.16
C MET A 821 -24.33 0.75 -10.17
N VAL A 822 -24.08 0.47 -8.88
CA VAL A 822 -23.88 1.57 -7.94
C VAL A 822 -22.75 2.52 -8.34
N PRO A 823 -21.56 2.05 -8.76
CA PRO A 823 -20.52 3.02 -9.15
C PRO A 823 -20.91 3.89 -10.33
N ALA A 824 -21.49 3.28 -11.36
CA ALA A 824 -21.91 4.05 -12.53
C ALA A 824 -22.95 5.09 -12.15
N ILE A 825 -23.81 4.76 -11.19
CA ILE A 825 -24.84 5.71 -10.76
C ILE A 825 -24.18 6.84 -9.99
N SER A 826 -23.16 6.52 -9.20
CA SER A 826 -22.45 7.52 -8.41
C SER A 826 -21.67 8.50 -9.26
N LEU A 827 -21.16 8.07 -10.42
CA LEU A 827 -20.41 9.01 -11.26
C LEU A 827 -21.21 10.26 -11.65
N ALA A 828 -22.51 10.31 -11.36
CA ALA A 828 -23.32 11.47 -11.70
C ALA A 828 -23.14 12.61 -10.71
N TYR A 829 -22.90 12.29 -9.44
CA TYR A 829 -22.71 13.24 -8.35
C TYR A 829 -21.38 13.98 -8.44
N GLU A 830 -20.65 13.91 -9.55
CA GLU A 830 -19.37 14.61 -9.67
C GLU A 830 -19.56 16.09 -9.97
N GLN A 831 -18.82 16.90 -9.23
CA GLN A 831 -18.83 18.35 -9.35
C GLN A 831 -18.00 18.78 -10.54
N ALA A 832 -18.06 20.07 -10.84
CA ALA A 832 -17.31 20.61 -11.96
C ALA A 832 -15.81 20.60 -11.69
N GLU A 833 -15.05 20.66 -12.77
CA GLU A 833 -13.59 20.68 -12.73
C GLU A 833 -13.08 22.09 -12.96
N SER A 834 -13.66 22.77 -13.94
CA SER A 834 -13.35 24.14 -14.31
C SER A 834 -14.69 24.86 -14.30
N ASP A 835 -14.70 26.16 -14.59
CA ASP A 835 -15.97 26.85 -14.58
C ASP A 835 -16.78 26.38 -15.79
N ILE A 836 -17.98 25.84 -15.55
CA ILE A 836 -18.79 25.38 -16.67
C ILE A 836 -19.54 26.55 -17.28
N MET A 837 -19.88 27.55 -16.48
CA MET A 837 -20.60 28.72 -16.93
C MET A 837 -19.69 29.71 -17.66
N LYS A 838 -18.53 29.25 -18.12
CA LYS A 838 -17.54 30.07 -18.83
C LYS A 838 -17.23 29.59 -20.24
N ARG A 839 -17.17 28.29 -20.47
CA ARG A 839 -16.87 27.80 -21.80
C ARG A 839 -18.02 28.06 -22.77
N GLN A 840 -17.69 28.11 -24.05
CA GLN A 840 -18.66 28.35 -25.10
C GLN A 840 -19.56 27.12 -25.28
N PRO A 841 -20.75 27.32 -25.87
CA PRO A 841 -21.64 26.17 -26.08
C PRO A 841 -21.02 25.13 -26.99
N ARG A 842 -21.29 23.86 -26.68
CA ARG A 842 -20.75 22.76 -27.46
C ARG A 842 -21.25 22.78 -28.90
N ASN A 843 -20.35 22.51 -29.83
CA ASN A 843 -20.75 22.50 -31.23
C ASN A 843 -21.46 21.19 -31.49
N PRO A 844 -22.65 21.21 -32.10
CA PRO A 844 -23.37 19.96 -32.35
C PRO A 844 -22.81 19.13 -33.48
N LYS A 845 -22.30 19.79 -34.52
CA LYS A 845 -21.76 19.07 -35.66
C LYS A 845 -20.37 18.48 -35.43
N THR A 846 -19.66 18.85 -34.36
CA THR A 846 -18.34 18.26 -34.16
C THR A 846 -18.12 17.60 -32.80
N ASP A 847 -18.47 18.25 -31.69
CA ASP A 847 -18.28 17.63 -30.38
C ASP A 847 -19.50 16.79 -30.03
N LYS A 848 -19.32 15.47 -30.08
CA LYS A 848 -20.33 14.46 -29.81
C LYS A 848 -20.25 14.00 -28.36
N LEU A 849 -21.09 13.02 -28.03
CA LEU A 849 -21.16 12.44 -26.71
C LEU A 849 -20.25 11.22 -26.61
N VAL A 850 -20.20 10.41 -27.67
CA VAL A 850 -19.37 9.22 -27.73
C VAL A 850 -18.55 9.28 -29.02
N ASN A 851 -17.28 9.66 -28.92
CA ASN A 851 -16.39 9.77 -30.06
C ASN A 851 -15.44 8.56 -30.09
N GLU A 852 -14.49 8.60 -31.03
CA GLU A 852 -13.53 7.50 -31.14
C GLU A 852 -12.47 7.60 -30.07
N ARG A 853 -12.34 8.77 -29.43
CA ARG A 853 -11.35 8.95 -28.38
C ARG A 853 -11.73 8.16 -27.15
N LEU A 854 -13.04 7.91 -26.96
CA LEU A 854 -13.48 7.14 -25.81
C LEU A 854 -13.24 5.66 -26.09
N ILE A 855 -13.67 5.21 -27.27
CA ILE A 855 -13.49 3.81 -27.69
C ILE A 855 -12.03 3.43 -27.61
N SER A 856 -11.14 4.36 -27.94
CA SER A 856 -9.71 4.05 -27.87
C SER A 856 -9.24 3.82 -26.44
N MET A 857 -9.94 4.38 -25.46
CA MET A 857 -9.58 4.22 -24.06
C MET A 857 -10.21 2.98 -23.44
N ALA A 858 -11.53 2.92 -23.44
CA ALA A 858 -12.25 1.79 -22.85
C ALA A 858 -11.94 0.48 -23.56
N TYR A 859 -12.23 0.41 -24.86
CA TYR A 859 -11.99 -0.82 -25.62
C TYR A 859 -10.52 -1.06 -25.94
N GLY A 860 -9.75 0.00 -26.09
CA GLY A 860 -8.34 -0.11 -26.42
C GLY A 860 -7.25 -0.20 -25.37
N GLN A 861 -7.27 0.65 -24.34
CA GLN A 861 -6.23 0.64 -23.34
C GLN A 861 -6.59 0.13 -21.94
N ILE A 862 -7.66 0.62 -21.32
CA ILE A 862 -7.98 0.15 -19.97
C ILE A 862 -8.59 -1.26 -20.00
N GLY A 863 -9.58 -1.50 -20.86
CA GLY A 863 -10.18 -2.82 -20.92
C GLY A 863 -9.17 -3.91 -21.23
N MET A 864 -8.15 -3.57 -22.00
CA MET A 864 -7.13 -4.56 -22.35
C MET A 864 -6.36 -4.99 -21.11
N ILE A 865 -5.97 -4.03 -20.28
CA ILE A 865 -5.23 -4.34 -19.07
C ILE A 865 -6.12 -5.16 -18.13
N GLN A 866 -7.39 -4.81 -18.04
CA GLN A 866 -8.29 -5.57 -17.17
C GLN A 866 -8.41 -7.02 -17.65
N ALA A 867 -8.43 -7.23 -18.97
CA ALA A 867 -8.53 -8.58 -19.50
C ALA A 867 -7.27 -9.36 -19.18
N LEU A 868 -6.11 -8.71 -19.28
CA LEU A 868 -4.87 -9.40 -18.98
C LEU A 868 -4.83 -9.80 -17.50
N GLY A 869 -5.33 -8.92 -16.62
CA GLY A 869 -5.32 -9.26 -15.21
C GLY A 869 -6.21 -10.46 -14.93
N GLY A 870 -7.37 -10.51 -15.61
CA GLY A 870 -8.26 -11.65 -15.41
C GLY A 870 -7.61 -12.94 -15.85
N PHE A 871 -6.95 -12.92 -17.02
CA PHE A 871 -6.30 -14.14 -17.49
C PHE A 871 -5.16 -14.53 -16.56
N PHE A 872 -4.55 -13.54 -15.91
CA PHE A 872 -3.47 -13.85 -14.99
C PHE A 872 -3.99 -14.64 -13.80
N SER A 873 -5.07 -14.15 -13.17
CA SER A 873 -5.63 -14.86 -12.04
C SER A 873 -6.07 -16.26 -12.46
N TYR A 874 -6.56 -16.38 -13.69
CA TYR A 874 -7.01 -17.64 -14.26
C TYR A 874 -5.87 -18.66 -14.27
N PHE A 875 -4.83 -18.35 -15.05
CA PHE A 875 -3.68 -19.25 -15.11
C PHE A 875 -3.13 -19.58 -13.74
N VAL A 876 -3.23 -18.65 -12.78
CA VAL A 876 -2.71 -18.95 -11.45
C VAL A 876 -3.53 -20.06 -10.79
N ILE A 877 -4.86 -19.93 -10.87
CA ILE A 877 -5.72 -20.95 -10.26
C ILE A 877 -5.47 -22.32 -10.90
N LEU A 878 -5.35 -22.36 -12.23
CA LEU A 878 -5.12 -23.67 -12.84
C LEU A 878 -3.70 -24.20 -12.63
N ALA A 879 -2.72 -23.32 -12.39
CA ALA A 879 -1.36 -23.79 -12.18
C ALA A 879 -1.17 -24.31 -10.77
N GLU A 880 -1.89 -23.76 -9.81
CA GLU A 880 -1.74 -24.22 -8.43
C GLU A 880 -2.41 -25.57 -8.20
N ASN A 881 -3.45 -25.90 -8.96
CA ASN A 881 -4.14 -27.17 -8.81
C ASN A 881 -3.54 -28.30 -9.64
N GLY A 882 -2.58 -28.01 -10.53
CA GLY A 882 -2.01 -29.08 -11.31
C GLY A 882 -2.00 -28.95 -12.83
N PHE A 883 -2.69 -27.96 -13.39
CA PHE A 883 -2.73 -27.77 -14.84
C PHE A 883 -1.85 -26.59 -15.25
N LEU A 884 -0.62 -26.88 -15.66
CA LEU A 884 0.32 -25.86 -16.08
C LEU A 884 -0.08 -25.23 -17.42
N PRO A 885 0.37 -24.01 -17.70
CA PRO A 885 0.02 -23.34 -18.96
C PRO A 885 0.39 -24.09 -20.24
N MET A 886 1.42 -24.93 -20.24
CA MET A 886 1.76 -25.63 -21.48
C MET A 886 0.77 -26.73 -21.81
N ASP A 887 0.17 -27.35 -20.81
CA ASP A 887 -0.79 -28.41 -21.05
C ASP A 887 -2.23 -27.94 -21.21
N LEU A 888 -2.53 -26.65 -21.04
CA LEU A 888 -3.92 -26.23 -21.20
C LEU A 888 -4.32 -26.00 -22.66
N ILE A 889 -3.37 -25.65 -23.53
CA ILE A 889 -3.66 -25.40 -24.94
C ILE A 889 -3.98 -26.72 -25.66
N GLY A 890 -5.20 -26.87 -26.16
CA GLY A 890 -5.52 -28.10 -26.85
C GLY A 890 -6.37 -29.09 -26.08
N LYS A 891 -6.90 -28.71 -24.93
CA LYS A 891 -7.67 -29.58 -24.07
C LYS A 891 -9.20 -29.45 -24.10
N ARG A 892 -9.78 -28.32 -24.48
CA ARG A 892 -11.25 -28.20 -24.47
C ARG A 892 -12.03 -29.39 -24.99
N VAL A 893 -11.55 -30.14 -26.00
CA VAL A 893 -12.35 -31.27 -26.46
C VAL A 893 -12.47 -32.32 -25.37
N ARG A 894 -11.40 -32.57 -24.61
CA ARG A 894 -11.55 -33.56 -23.56
C ARG A 894 -11.92 -32.91 -22.25
N TRP A 895 -11.63 -31.62 -22.09
CA TRP A 895 -11.98 -30.93 -20.85
C TRP A 895 -13.48 -30.79 -20.75
N ASP A 896 -14.17 -30.76 -21.89
CA ASP A 896 -15.61 -30.61 -21.91
C ASP A 896 -16.31 -31.96 -21.96
N ASP A 897 -15.83 -32.90 -22.79
CA ASP A 897 -16.43 -34.23 -22.88
C ASP A 897 -16.92 -34.66 -21.52
N ARG A 898 -18.15 -35.12 -21.45
CA ARG A 898 -18.78 -35.54 -20.21
C ARG A 898 -18.51 -37.00 -19.86
N TRP A 899 -17.91 -37.78 -20.76
CA TRP A 899 -17.66 -39.18 -20.47
C TRP A 899 -16.18 -39.58 -20.31
N ILE A 900 -15.27 -38.63 -20.08
CA ILE A 900 -13.86 -38.97 -19.92
C ILE A 900 -13.52 -38.77 -18.44
N SER A 901 -13.58 -39.85 -17.66
CA SER A 901 -13.28 -39.76 -16.23
C SER A 901 -11.79 -39.97 -15.91
N ASP A 902 -10.89 -39.60 -16.82
CA ASP A 902 -9.46 -39.75 -16.57
C ASP A 902 -8.70 -38.75 -17.44
N VAL A 903 -8.58 -37.51 -16.96
CA VAL A 903 -7.87 -36.46 -17.70
C VAL A 903 -6.55 -36.18 -16.98
N GLU A 904 -5.46 -36.53 -17.63
CA GLU A 904 -4.12 -36.33 -17.10
C GLU A 904 -3.71 -34.87 -17.08
N ASP A 905 -3.13 -34.42 -15.97
CA ASP A 905 -2.69 -33.04 -15.86
C ASP A 905 -1.17 -33.02 -16.04
N SER A 906 -0.57 -31.85 -15.86
CA SER A 906 0.87 -31.71 -16.03
C SER A 906 1.71 -32.58 -15.09
N PHE A 907 1.15 -33.08 -13.99
CA PHE A 907 1.92 -33.92 -13.09
C PHE A 907 1.61 -35.40 -13.19
N GLY A 908 0.60 -35.80 -13.96
CA GLY A 908 0.24 -37.19 -14.13
C GLY A 908 -0.98 -37.65 -13.35
N GLN A 909 -1.64 -36.77 -12.63
CA GLN A 909 -2.83 -37.13 -11.86
C GLN A 909 -4.03 -37.29 -12.80
N GLN A 910 -4.98 -38.14 -12.39
CA GLN A 910 -6.19 -38.41 -13.16
C GLN A 910 -7.38 -37.69 -12.52
N TRP A 911 -8.01 -36.79 -13.28
CA TRP A 911 -9.15 -35.99 -12.82
C TRP A 911 -10.49 -36.38 -13.45
N THR A 912 -11.49 -36.66 -12.61
CA THR A 912 -12.82 -36.99 -13.15
C THR A 912 -13.45 -35.74 -13.77
N TYR A 913 -14.59 -35.90 -14.42
CA TYR A 913 -15.26 -34.76 -15.07
C TYR A 913 -15.73 -33.68 -14.08
N GLU A 914 -16.51 -34.07 -13.06
CA GLU A 914 -17.00 -33.08 -12.10
C GLU A 914 -15.89 -32.40 -11.32
N GLN A 915 -14.77 -33.10 -11.11
CA GLN A 915 -13.67 -32.49 -10.36
C GLN A 915 -13.03 -31.37 -11.15
N ARG A 916 -12.81 -31.57 -12.46
CA ARG A 916 -12.21 -30.49 -13.24
C ARG A 916 -13.21 -29.35 -13.43
N LYS A 917 -14.51 -29.67 -13.42
CA LYS A 917 -15.49 -28.59 -13.59
C LYS A 917 -15.53 -27.70 -12.36
N ILE A 918 -15.34 -28.27 -11.16
CA ILE A 918 -15.35 -27.43 -9.96
C ILE A 918 -14.23 -26.39 -10.04
N VAL A 919 -13.07 -26.79 -10.56
CA VAL A 919 -11.95 -25.86 -10.67
C VAL A 919 -12.27 -24.78 -11.70
N GLU A 920 -12.92 -25.15 -12.81
CA GLU A 920 -13.25 -24.13 -13.80
C GLU A 920 -14.19 -23.09 -13.20
N PHE A 921 -15.13 -23.55 -12.37
CA PHE A 921 -16.05 -22.60 -11.76
C PHE A 921 -15.32 -21.71 -10.77
N THR A 922 -14.38 -22.28 -10.00
CA THR A 922 -13.66 -21.43 -9.06
C THR A 922 -12.83 -20.41 -9.84
N CYS A 923 -12.52 -20.72 -11.11
CA CYS A 923 -11.75 -19.79 -11.91
C CYS A 923 -12.66 -18.69 -12.41
N HIS A 924 -13.96 -18.97 -12.44
CA HIS A 924 -14.87 -17.93 -12.91
C HIS A 924 -15.06 -16.96 -11.77
N THR A 925 -15.18 -17.50 -10.55
CA THR A 925 -15.36 -16.66 -9.38
C THR A 925 -14.17 -15.71 -9.22
N SER A 926 -12.94 -16.24 -9.33
CA SER A 926 -11.82 -15.31 -9.17
C SER A 926 -11.71 -14.36 -10.36
N PHE A 927 -12.18 -14.76 -11.56
CA PHE A 927 -12.10 -13.83 -12.68
C PHE A 927 -12.99 -12.63 -12.41
N PHE A 928 -14.18 -12.89 -11.85
CA PHE A 928 -15.15 -11.86 -11.51
C PHE A 928 -14.59 -10.95 -10.42
N ILE A 929 -13.85 -11.53 -9.48
CA ILE A 929 -13.29 -10.72 -8.41
C ILE A 929 -12.16 -9.86 -8.97
N SER A 930 -11.46 -10.37 -9.98
CA SER A 930 -10.39 -9.61 -10.59
C SER A 930 -11.00 -8.40 -11.29
N ILE A 931 -12.16 -8.62 -11.89
CA ILE A 931 -12.85 -7.54 -12.58
C ILE A 931 -13.15 -6.43 -11.59
N VAL A 932 -13.67 -6.80 -10.41
CA VAL A 932 -13.97 -5.78 -9.40
C VAL A 932 -12.70 -5.03 -8.97
N VAL A 933 -11.60 -5.77 -8.79
CA VAL A 933 -10.35 -5.14 -8.38
C VAL A 933 -9.87 -4.13 -9.41
N VAL A 934 -9.94 -4.47 -10.70
CA VAL A 934 -9.49 -3.49 -11.69
C VAL A 934 -10.52 -2.38 -11.86
N GLN A 935 -11.79 -2.65 -11.51
CA GLN A 935 -12.79 -1.61 -11.64
C GLN A 935 -12.55 -0.55 -10.60
N TRP A 936 -11.83 -0.88 -9.51
CA TRP A 936 -11.56 0.14 -8.50
C TRP A 936 -10.79 1.29 -9.15
N ALA A 937 -9.66 0.95 -9.77
CA ALA A 937 -8.83 1.94 -10.43
C ALA A 937 -9.54 2.52 -11.64
N ASP A 938 -10.52 1.81 -12.20
CA ASP A 938 -11.19 2.40 -13.35
C ASP A 938 -12.19 3.45 -12.89
N LEU A 939 -12.84 3.21 -11.75
CA LEU A 939 -13.80 4.18 -11.23
C LEU A 939 -13.07 5.41 -10.73
N ILE A 940 -11.80 5.25 -10.37
CA ILE A 940 -11.05 6.39 -9.88
C ILE A 940 -10.47 7.18 -11.05
N ILE A 941 -10.05 6.49 -12.12
CA ILE A 941 -9.53 7.26 -13.23
C ILE A 941 -10.66 7.83 -14.07
N CYS A 942 -11.89 7.33 -13.87
CA CYS A 942 -13.05 7.84 -14.61
C CYS A 942 -13.70 8.98 -13.86
N LYS A 943 -13.36 9.13 -12.57
CA LYS A 943 -13.93 10.22 -11.77
C LYS A 943 -13.64 11.57 -12.41
N THR A 944 -12.41 11.78 -12.85
CA THR A 944 -11.97 13.02 -13.49
C THR A 944 -11.50 12.74 -14.90
N ARG A 945 -11.81 13.66 -15.82
CA ARG A 945 -11.42 13.51 -17.22
C ARG A 945 -10.10 14.19 -17.55
N ARG A 946 -9.79 15.29 -16.87
CA ARG A 946 -8.55 16.01 -17.13
C ARG A 946 -7.76 16.21 -15.83
N ASN A 947 -8.36 16.90 -14.86
CA ASN A 947 -7.75 17.18 -13.56
C ASN A 947 -7.20 15.95 -12.85
N SER A 948 -6.39 16.16 -11.81
CA SER A 948 -5.80 15.07 -11.03
C SER A 948 -6.66 14.73 -9.82
N ILE A 949 -6.42 13.55 -9.26
CA ILE A 949 -7.17 13.14 -8.08
C ILE A 949 -6.76 13.97 -6.86
N PHE A 950 -5.48 14.34 -6.78
CA PHE A 950 -4.99 15.13 -5.65
C PHE A 950 -5.44 16.58 -5.71
N GLN A 951 -6.20 16.95 -6.74
CA GLN A 951 -6.69 18.32 -6.91
C GLN A 951 -8.18 18.30 -6.59
N GLN A 952 -8.99 17.68 -7.47
CA GLN A 952 -10.44 17.56 -7.29
C GLN A 952 -10.69 17.07 -5.86
N GLY A 953 -10.39 15.81 -5.60
CA GLY A 953 -10.56 15.22 -4.29
C GLY A 953 -11.69 14.19 -4.24
N MET A 954 -11.58 13.30 -3.26
CA MET A 954 -12.55 12.23 -3.02
C MET A 954 -13.61 12.69 -2.02
N LYS A 955 -14.31 13.76 -2.40
CA LYS A 955 -15.34 14.33 -1.57
C LYS A 955 -16.71 13.73 -1.88
N ASN A 956 -16.79 12.91 -2.92
CA ASN A 956 -18.01 12.24 -3.36
C ASN A 956 -18.21 11.02 -2.48
N LYS A 957 -19.13 11.12 -1.52
CA LYS A 957 -19.40 10.02 -0.60
C LYS A 957 -20.04 8.82 -1.29
N ILE A 958 -20.83 9.06 -2.34
CA ILE A 958 -21.48 7.96 -3.04
C ILE A 958 -20.45 7.05 -3.70
N LEU A 959 -19.43 7.63 -4.35
CA LEU A 959 -18.42 6.78 -5.00
C LEU A 959 -17.72 5.89 -3.97
N ILE A 960 -17.42 6.44 -2.80
CA ILE A 960 -16.76 5.66 -1.74
C ILE A 960 -17.64 4.50 -1.34
N PHE A 961 -18.95 4.78 -1.23
CA PHE A 961 -19.89 3.75 -0.85
C PHE A 961 -19.99 2.71 -1.96
N GLY A 962 -19.82 3.14 -3.21
CA GLY A 962 -19.89 2.22 -4.32
C GLY A 962 -18.75 1.21 -4.24
N LEU A 963 -17.54 1.69 -3.96
CA LEU A 963 -16.40 0.78 -3.85
C LEU A 963 -16.61 -0.23 -2.72
N PHE A 964 -16.99 0.26 -1.53
CA PHE A 964 -17.20 -0.63 -0.40
C PHE A 964 -18.27 -1.69 -0.68
N GLU A 965 -19.41 -1.27 -1.24
CA GLU A 965 -20.47 -2.22 -1.55
C GLU A 965 -20.06 -3.19 -2.64
N GLU A 966 -19.36 -2.69 -3.66
CA GLU A 966 -18.90 -3.53 -4.75
C GLU A 966 -18.03 -4.67 -4.24
N THR A 967 -17.26 -4.41 -3.18
CA THR A 967 -16.41 -5.47 -2.63
C THR A 967 -17.21 -6.43 -1.75
N ALA A 968 -18.12 -5.88 -0.94
CA ALA A 968 -18.92 -6.72 -0.06
C ALA A 968 -19.79 -7.69 -0.85
N LEU A 969 -20.30 -7.27 -2.00
CA LEU A 969 -21.14 -8.17 -2.77
C LEU A 969 -20.33 -9.34 -3.34
N ALA A 970 -19.11 -9.08 -3.83
CA ALA A 970 -18.30 -10.17 -4.36
C ALA A 970 -17.96 -11.18 -3.28
N ALA A 971 -17.65 -10.69 -2.07
CA ALA A 971 -17.31 -11.63 -1.01
C ALA A 971 -18.54 -12.42 -0.61
N PHE A 972 -19.70 -11.77 -0.61
CA PHE A 972 -20.92 -12.46 -0.26
C PHE A 972 -21.28 -13.54 -1.27
N LEU A 973 -21.17 -13.25 -2.56
CA LEU A 973 -21.51 -14.25 -3.57
C LEU A 973 -20.57 -15.43 -3.51
N SER A 974 -19.34 -15.23 -3.03
CA SER A 974 -18.47 -16.40 -3.01
C SER A 974 -18.53 -17.24 -1.73
N TYR A 975 -18.50 -16.59 -0.55
CA TYR A 975 -18.51 -17.25 0.75
C TYR A 975 -19.85 -17.75 1.31
N CYS A 976 -21.00 -17.33 0.81
CA CYS A 976 -22.23 -17.83 1.43
C CYS A 976 -22.54 -19.28 1.05
N PRO A 977 -22.87 -20.14 2.01
CA PRO A 977 -23.19 -21.54 1.71
C PRO A 977 -24.33 -21.68 0.72
N GLY A 978 -24.23 -22.72 -0.11
CA GLY A 978 -25.23 -23.01 -1.11
C GLY A 978 -25.13 -22.17 -2.37
N THR A 979 -24.00 -21.50 -2.60
CA THR A 979 -23.87 -20.71 -3.81
C THR A 979 -23.33 -21.57 -4.92
N ASP A 980 -22.48 -22.54 -4.56
CA ASP A 980 -21.89 -23.45 -5.54
C ASP A 980 -22.95 -24.40 -6.07
N VAL A 981 -24.13 -24.34 -5.47
CA VAL A 981 -25.28 -25.15 -5.83
C VAL A 981 -26.26 -24.32 -6.65
N ALA A 982 -26.56 -23.11 -6.15
CA ALA A 982 -27.47 -22.19 -6.81
C ALA A 982 -26.83 -21.45 -7.98
N LEU A 983 -25.76 -20.66 -7.72
CA LEU A 983 -25.11 -19.89 -8.78
C LEU A 983 -23.79 -20.46 -9.31
N ARG A 984 -23.23 -21.50 -8.70
CA ARG A 984 -21.97 -22.10 -9.16
C ARG A 984 -20.74 -21.19 -8.97
N MET A 985 -20.52 -20.74 -7.73
CA MET A 985 -19.39 -19.89 -7.38
C MET A 985 -18.83 -20.49 -6.10
N TYR A 986 -17.60 -20.99 -6.18
CA TYR A 986 -16.94 -21.63 -5.06
C TYR A 986 -16.04 -20.68 -4.28
N PRO A 987 -15.76 -21.00 -3.02
CA PRO A 987 -14.89 -20.14 -2.20
C PRO A 987 -13.48 -20.06 -2.74
N LEU A 988 -12.84 -18.94 -2.45
CA LEU A 988 -11.47 -18.66 -2.86
C LEU A 988 -10.51 -18.76 -1.68
N LYS A 989 -9.29 -19.14 -1.99
CA LYS A 989 -8.24 -19.27 -0.99
C LYS A 989 -7.60 -17.90 -0.90
N PRO A 990 -7.51 -17.31 0.30
CA PRO A 990 -6.95 -15.95 0.47
C PRO A 990 -5.71 -15.52 -0.30
N SER A 991 -4.96 -16.39 -0.95
CA SER A 991 -3.81 -15.87 -1.66
C SER A 991 -4.16 -15.44 -3.07
N TRP A 992 -5.29 -15.93 -3.61
CA TRP A 992 -5.71 -15.57 -4.96
C TRP A 992 -6.18 -14.12 -5.05
N TRP A 993 -7.04 -13.66 -4.12
CA TRP A 993 -7.52 -12.28 -4.13
C TRP A 993 -6.50 -11.20 -4.44
N PHE A 994 -5.21 -11.51 -4.37
CA PHE A 994 -4.14 -10.55 -4.64
C PHE A 994 -3.49 -10.69 -6.01
N CYS A 995 -4.11 -11.42 -6.94
CA CYS A 995 -3.52 -11.57 -8.26
C CYS A 995 -3.84 -10.40 -9.19
N ALA A 996 -4.86 -9.60 -8.90
CA ALA A 996 -5.24 -8.46 -9.72
C ALA A 996 -4.74 -7.11 -9.24
N PHE A 997 -4.20 -7.04 -8.02
CA PHE A 997 -3.71 -5.77 -7.46
C PHE A 997 -2.67 -5.04 -8.33
N PRO A 998 -1.62 -5.68 -8.84
CA PRO A 998 -0.64 -4.92 -9.64
C PRO A 998 -1.22 -4.31 -10.89
N TYR A 999 -2.13 -5.01 -11.56
CA TYR A 999 -2.74 -4.47 -12.77
C TYR A 999 -3.51 -3.20 -12.45
N SER A 1000 -4.20 -3.19 -11.30
CA SER A 1000 -4.96 -2.02 -10.89
C SER A 1000 -4.04 -0.84 -10.62
N LEU A 1001 -2.95 -1.05 -9.87
CA LEU A 1001 -2.07 0.09 -9.62
C LEU A 1001 -1.51 0.61 -10.94
N ILE A 1002 -1.20 -0.30 -11.86
CA ILE A 1002 -0.66 0.14 -13.15
C ILE A 1002 -1.69 0.98 -13.90
N ILE A 1003 -2.96 0.58 -13.84
CA ILE A 1003 -4.01 1.34 -14.53
C ILE A 1003 -4.06 2.75 -13.98
N PHE A 1004 -3.94 2.86 -12.66
CA PHE A 1004 -3.98 4.15 -11.99
C PHE A 1004 -2.79 5.03 -12.38
N LEU A 1005 -1.58 4.45 -12.42
CA LEU A 1005 -0.41 5.24 -12.80
C LEU A 1005 -0.45 5.66 -14.26
N TYR A 1006 -0.89 4.77 -15.14
CA TYR A 1006 -0.94 5.11 -16.55
C TYR A 1006 -1.91 6.25 -16.79
N ASP A 1007 -3.14 6.13 -16.27
CA ASP A 1007 -4.09 7.22 -16.47
C ASP A 1007 -3.63 8.50 -15.77
N GLU A 1008 -2.88 8.38 -14.67
CA GLU A 1008 -2.44 9.61 -14.01
C GLU A 1008 -1.44 10.34 -14.88
N MET A 1009 -0.49 9.62 -15.48
CA MET A 1009 0.45 10.31 -16.35
C MET A 1009 -0.25 10.79 -17.61
N ARG A 1010 -1.34 10.11 -17.99
CA ARG A 1010 -2.09 10.52 -19.18
C ARG A 1010 -2.68 11.91 -18.97
N ARG A 1011 -3.42 12.07 -17.86
CA ARG A 1011 -4.08 13.30 -17.42
C ARG A 1011 -3.11 14.39 -16.98
N PHE A 1012 -1.83 14.24 -17.31
CA PHE A 1012 -0.78 15.18 -16.94
C PHE A 1012 -0.19 15.89 -18.15
N ILE A 1013 0.05 15.15 -19.22
CA ILE A 1013 0.58 15.75 -20.43
C ILE A 1013 -0.51 16.61 -21.05
N ILE A 1014 -1.78 16.23 -20.83
CA ILE A 1014 -2.89 17.00 -21.37
C ILE A 1014 -2.90 18.38 -20.75
N ARG A 1015 -2.62 18.45 -19.44
CA ARG A 1015 -2.61 19.71 -18.73
C ARG A 1015 -1.42 20.56 -19.16
N ARG A 1016 -0.21 20.01 -19.04
CA ARG A 1016 0.99 20.77 -19.41
C ARG A 1016 1.05 21.09 -20.90
N SER A 1017 0.61 20.16 -21.77
CA SER A 1017 0.63 20.32 -23.23
C SER A 1017 -0.76 20.46 -23.85
N PRO A 1018 -1.33 21.67 -23.90
CA PRO A 1018 -2.68 21.85 -24.48
C PRO A 1018 -2.67 21.88 -26.01
N GLY A 1019 -3.48 21.00 -26.60
CA GLY A 1019 -3.66 20.82 -28.03
C GLY A 1019 -2.76 19.77 -28.64
N GLY A 1020 -1.91 19.13 -27.84
CA GLY A 1020 -1.00 18.11 -28.30
C GLY A 1020 -1.66 16.76 -28.60
N TRP A 1021 -0.79 15.82 -28.97
CA TRP A 1021 -1.17 14.45 -29.30
C TRP A 1021 -2.05 13.75 -28.27
N VAL A 1022 -1.66 13.81 -27.00
CA VAL A 1022 -2.45 13.14 -25.97
C VAL A 1022 -3.85 13.70 -25.90
N GLU A 1023 -4.04 14.97 -26.29
CA GLU A 1023 -5.37 15.57 -26.23
C GLU A 1023 -6.23 15.19 -27.43
N GLN A 1024 -5.71 15.34 -28.65
CA GLN A 1024 -6.54 14.98 -29.79
C GLN A 1024 -6.58 13.49 -30.04
N GLU A 1025 -5.97 12.69 -29.18
CA GLU A 1025 -5.99 11.25 -29.33
C GLU A 1025 -6.69 10.55 -28.17
N THR A 1026 -6.53 11.02 -26.93
CA THR A 1026 -7.16 10.41 -25.76
C THR A 1026 -8.16 11.27 -24.95
N TYR A 1027 -8.43 12.53 -25.31
CA TYR A 1027 -9.36 13.39 -24.55
C TYR A 1027 -10.83 13.30 -24.94
N TYR A 1028 -11.50 12.26 -24.43
CA TYR A 1028 -12.95 11.98 -24.66
C TYR A 1028 -13.75 12.99 -25.47
N GLY B 12 -19.85 12.68 -48.45
CA GLY B 12 -19.82 11.76 -47.34
C GLY B 12 -19.13 10.44 -47.64
N TRP B 13 -19.89 9.53 -48.28
CA TRP B 13 -19.40 8.20 -48.65
C TRP B 13 -18.00 8.23 -49.26
N LYS B 14 -17.81 9.06 -50.28
CA LYS B 14 -16.54 9.20 -50.99
C LYS B 14 -15.49 10.03 -50.24
N LYS B 15 -15.86 11.21 -49.75
CA LYS B 15 -14.89 12.06 -49.06
C LYS B 15 -14.27 11.38 -47.83
N PHE B 16 -15.09 11.00 -46.83
CA PHE B 16 -14.49 10.34 -45.65
C PHE B 16 -13.61 9.13 -45.97
N LEU B 17 -13.43 8.82 -47.25
CA LEU B 17 -12.60 7.72 -47.72
C LEU B 17 -11.30 8.22 -48.29
N TRP B 18 -11.36 9.32 -49.03
CA TRP B 18 -10.20 9.90 -49.65
C TRP B 18 -10.51 11.24 -50.29
N ASP B 19 -9.93 12.29 -49.70
CA ASP B 19 -10.08 13.66 -50.16
C ASP B 19 -8.70 13.99 -50.70
N SER B 20 -8.61 14.89 -51.67
CA SER B 20 -7.28 15.17 -52.19
C SER B 20 -6.76 16.56 -51.88
N GLU B 21 -7.40 17.31 -50.98
CA GLU B 21 -6.82 18.61 -50.71
C GLU B 21 -5.95 18.50 -49.47
N LYS B 22 -6.48 17.87 -48.42
CA LYS B 22 -5.76 17.64 -47.17
C LYS B 22 -4.94 16.35 -47.22
N LYS B 23 -5.00 15.60 -48.33
CA LYS B 23 -4.28 14.34 -48.53
C LYS B 23 -4.52 13.36 -47.37
N GLU B 24 -5.79 13.19 -47.03
CA GLU B 24 -6.25 12.32 -45.95
C GLU B 24 -6.88 11.01 -46.42
N PHE B 25 -6.65 9.93 -45.65
CA PHE B 25 -7.20 8.61 -45.93
C PHE B 25 -7.98 8.22 -44.68
N LEU B 26 -9.27 7.96 -44.83
CA LEU B 26 -10.17 7.57 -43.74
C LEU B 26 -10.35 8.64 -42.67
N GLY B 27 -9.56 9.71 -42.70
CA GLY B 27 -9.70 10.75 -41.71
C GLY B 27 -8.41 11.46 -41.33
N ARG B 28 -7.34 10.71 -41.21
CA ARG B 28 -6.03 11.26 -40.87
C ARG B 28 -5.12 11.27 -42.10
N THR B 29 -3.92 11.81 -41.90
CA THR B 29 -2.92 11.91 -42.93
C THR B 29 -1.96 10.71 -42.83
N GLY B 30 -0.91 10.72 -43.63
CA GLY B 30 0.03 9.61 -43.59
C GLY B 30 0.78 9.54 -42.28
N SER B 31 1.32 10.67 -41.82
CA SER B 31 2.07 10.70 -40.57
C SER B 31 1.21 10.35 -39.35
N SER B 32 -0.11 10.43 -39.46
CA SER B 32 -0.94 10.11 -38.30
C SER B 32 -1.09 8.61 -38.14
N TRP B 33 -1.55 7.91 -39.19
CA TRP B 33 -1.68 6.46 -39.08
C TRP B 33 -0.40 5.85 -38.54
N PHE B 34 0.76 6.45 -38.86
CA PHE B 34 2.03 5.93 -38.37
C PHE B 34 2.24 6.26 -36.92
N LYS B 35 1.90 7.48 -36.49
CA LYS B 35 2.09 7.81 -35.08
C LYS B 35 1.22 6.92 -34.20
N ILE B 36 -0.03 6.69 -34.62
CA ILE B 36 -0.94 5.85 -33.85
C ILE B 36 -0.50 4.38 -33.89
N PHE B 37 -0.15 3.85 -35.07
CA PHE B 37 0.27 2.46 -35.12
C PHE B 37 1.51 2.23 -34.27
N LEU B 38 2.48 3.14 -34.34
CA LEU B 38 3.69 2.99 -33.55
C LEU B 38 3.36 3.04 -32.06
N PHE B 39 2.46 3.94 -31.66
CA PHE B 39 2.10 4.03 -30.25
C PHE B 39 1.47 2.73 -29.79
N TYR B 40 0.49 2.23 -30.54
CA TYR B 40 -0.16 1.00 -30.12
C TYR B 40 0.81 -0.18 -30.11
N LEU B 41 1.79 -0.19 -31.02
CA LEU B 41 2.73 -1.30 -31.01
C LEU B 41 3.58 -1.27 -29.76
N ILE B 42 4.06 -0.08 -29.38
CA ILE B 42 4.89 0.02 -28.18
C ILE B 42 4.05 -0.28 -26.93
N PHE B 43 2.83 0.25 -26.87
CA PHE B 43 1.95 0.04 -25.74
C PHE B 43 1.63 -1.45 -25.55
N TYR B 44 1.12 -2.09 -26.61
CA TYR B 44 0.80 -3.51 -26.50
C TYR B 44 2.05 -4.34 -26.24
N GLY B 45 3.22 -3.91 -26.73
CA GLY B 45 4.43 -4.66 -26.48
C GLY B 45 4.75 -4.64 -25.00
N CYS B 46 4.61 -3.47 -24.37
CA CYS B 46 4.88 -3.37 -22.95
C CYS B 46 3.88 -4.20 -22.17
N LEU B 47 2.62 -4.18 -22.62
CA LEU B 47 1.57 -4.97 -21.96
C LEU B 47 1.93 -6.45 -21.99
N ALA B 48 2.37 -6.93 -23.15
CA ALA B 48 2.75 -8.33 -23.31
C ALA B 48 3.93 -8.68 -22.41
N GLY B 49 4.95 -7.82 -22.38
CA GLY B 49 6.11 -8.12 -21.54
C GLY B 49 5.77 -8.15 -20.07
N ILE B 50 4.85 -7.30 -19.63
CA ILE B 50 4.47 -7.29 -18.23
C ILE B 50 3.70 -8.56 -17.88
N PHE B 51 2.73 -8.94 -18.73
CA PHE B 51 1.98 -10.15 -18.46
C PHE B 51 2.90 -11.37 -18.42
N ILE B 52 3.90 -11.40 -19.31
CA ILE B 52 4.83 -12.52 -19.34
C ILE B 52 5.68 -12.56 -18.08
N GLY B 53 6.15 -11.40 -17.60
CA GLY B 53 6.95 -11.41 -16.39
C GLY B 53 6.14 -11.90 -15.20
N THR B 54 4.89 -11.44 -15.10
CA THR B 54 4.07 -11.88 -13.99
C THR B 54 3.70 -13.35 -14.11
N ILE B 55 3.88 -13.97 -15.27
CA ILE B 55 3.55 -15.38 -15.39
C ILE B 55 4.80 -16.21 -15.07
N GLN B 56 5.99 -15.62 -15.30
CA GLN B 56 7.21 -16.35 -15.01
C GLN B 56 7.38 -16.46 -13.51
N VAL B 57 7.08 -15.39 -12.76
CA VAL B 57 7.24 -15.52 -11.31
C VAL B 57 6.29 -16.62 -10.80
N LEU B 58 5.21 -16.86 -11.53
CA LEU B 58 4.25 -17.89 -11.14
C LEU B 58 4.85 -19.25 -11.40
N LEU B 59 5.63 -19.37 -12.46
CA LEU B 59 6.23 -20.67 -12.72
C LEU B 59 7.30 -20.94 -11.68
N LEU B 60 7.90 -19.88 -11.14
CA LEU B 60 8.92 -20.09 -10.13
C LEU B 60 8.30 -20.43 -8.77
N THR B 61 7.01 -20.20 -8.60
CA THR B 61 6.34 -20.50 -7.34
C THR B 61 5.83 -21.94 -7.21
N LEU B 62 5.97 -22.79 -8.23
CA LEU B 62 5.47 -24.17 -8.17
C LEU B 62 6.57 -25.22 -8.32
N SER B 63 6.30 -26.40 -7.74
CA SER B 63 7.20 -27.55 -7.74
C SER B 63 6.87 -28.53 -8.86
N ASP B 64 7.91 -29.17 -9.41
CA ASP B 64 7.80 -30.14 -10.49
C ASP B 64 7.47 -31.57 -10.06
N PHE B 65 7.57 -31.90 -8.77
CA PHE B 65 7.27 -33.25 -8.32
C PHE B 65 5.99 -33.39 -7.51
N GLU B 66 5.22 -32.32 -7.33
CA GLU B 66 4.00 -32.47 -6.54
C GLU B 66 3.03 -31.30 -6.69
N PRO B 67 1.73 -31.59 -6.82
CA PRO B 67 0.76 -30.50 -6.95
C PRO B 67 0.51 -29.90 -5.58
N LYS B 68 0.60 -28.57 -5.49
CA LYS B 68 0.42 -27.89 -4.21
C LYS B 68 -0.93 -28.20 -3.57
N TYR B 69 -2.01 -28.17 -4.34
CA TYR B 69 -3.35 -28.45 -3.82
C TYR B 69 -3.86 -29.78 -4.35
N GLN B 70 -4.19 -30.70 -3.44
CA GLN B 70 -4.71 -32.01 -3.82
C GLN B 70 -6.05 -32.30 -3.16
N ASP B 71 -6.90 -31.27 -2.98
CA ASP B 71 -8.18 -31.52 -2.34
C ASP B 71 -9.32 -31.72 -3.34
N ARG B 72 -9.18 -31.27 -4.58
CA ARG B 72 -10.25 -31.48 -5.54
C ARG B 72 -10.24 -32.88 -6.13
N VAL B 73 -9.27 -33.70 -5.72
CA VAL B 73 -9.08 -35.08 -6.17
C VAL B 73 -8.88 -36.02 -4.98
N ALA B 74 -9.47 -35.72 -3.80
CA ALA B 74 -9.24 -36.62 -2.67
C ALA B 74 -9.98 -37.95 -2.81
N PRO B 75 -11.31 -38.02 -2.94
CA PRO B 75 -11.93 -39.36 -3.09
C PRO B 75 -11.81 -39.79 -4.55
N PRO B 76 -11.00 -40.81 -4.83
CA PRO B 76 -10.80 -41.27 -6.21
C PRO B 76 -12.02 -41.83 -6.92
N GLY B 77 -11.96 -41.69 -8.24
CA GLY B 77 -12.99 -42.16 -9.15
C GLY B 77 -12.84 -43.64 -9.47
N LEU B 78 -13.75 -44.13 -10.30
CA LEU B 78 -13.79 -45.52 -10.74
C LEU B 78 -14.21 -45.51 -12.21
N SER B 79 -13.24 -45.56 -13.12
CA SER B 79 -13.62 -45.56 -14.52
C SER B 79 -13.50 -46.96 -15.10
N HIS B 80 -13.87 -47.10 -16.38
CA HIS B 80 -13.81 -48.39 -17.03
C HIS B 80 -13.18 -48.25 -18.42
N ALA B 81 -12.99 -49.40 -19.06
CA ALA B 81 -12.40 -49.56 -20.39
C ALA B 81 -13.31 -49.20 -21.56
N PRO B 82 -14.58 -49.64 -21.61
CA PRO B 82 -15.39 -49.28 -22.77
C PRO B 82 -15.79 -47.82 -22.66
N TYR B 83 -15.96 -47.21 -23.81
CA TYR B 83 -16.34 -45.81 -23.89
C TYR B 83 -17.81 -45.82 -24.29
N ALA B 84 -18.65 -45.60 -23.29
CA ALA B 84 -20.10 -45.56 -23.46
C ALA B 84 -20.46 -44.10 -23.52
N ILE B 85 -21.34 -43.74 -24.45
CA ILE B 85 -21.73 -42.35 -24.61
C ILE B 85 -22.60 -41.90 -23.44
N LYS B 86 -23.60 -42.70 -23.08
CA LYS B 86 -24.49 -42.35 -21.98
C LYS B 86 -24.43 -43.43 -20.90
N THR B 87 -23.25 -44.05 -20.76
CA THR B 87 -23.01 -45.12 -19.80
C THR B 87 -23.91 -46.30 -20.13
N GLU B 88 -24.04 -46.58 -21.43
CA GLU B 88 -24.85 -47.67 -21.94
C GLU B 88 -24.04 -48.49 -22.92
N ILE B 89 -24.15 -49.81 -22.81
CA ILE B 89 -23.46 -50.77 -23.65
C ILE B 89 -24.56 -51.54 -24.38
N SER B 90 -24.83 -51.18 -25.63
CA SER B 90 -25.87 -51.82 -26.43
C SER B 90 -25.32 -52.32 -27.76
N PHE B 91 -25.43 -53.63 -28.00
CA PHE B 91 -24.94 -54.21 -29.24
C PHE B 91 -25.62 -55.53 -29.57
N SER B 92 -25.72 -55.79 -30.88
CA SER B 92 -26.33 -56.99 -31.47
C SER B 92 -25.32 -58.13 -31.57
N ILE B 93 -25.71 -59.36 -31.18
CA ILE B 93 -24.75 -60.45 -31.28
C ILE B 93 -24.61 -60.96 -32.71
N SER B 94 -25.37 -60.43 -33.67
CA SER B 94 -25.23 -60.90 -35.05
C SER B 94 -24.37 -59.92 -35.84
N ASN B 95 -24.82 -58.67 -35.95
CA ASN B 95 -24.13 -57.60 -36.67
C ASN B 95 -22.78 -57.29 -36.02
N PRO B 96 -21.66 -57.56 -36.71
CA PRO B 96 -20.35 -57.26 -36.11
C PRO B 96 -20.05 -55.78 -36.00
N LYS B 97 -20.51 -54.95 -36.93
CA LYS B 97 -20.24 -53.51 -36.88
C LYS B 97 -21.04 -52.80 -35.80
N SER B 98 -21.38 -53.52 -34.73
CA SER B 98 -22.13 -52.96 -33.62
C SER B 98 -21.30 -52.80 -32.36
N TYR B 99 -20.39 -53.73 -32.08
CA TYR B 99 -19.55 -53.64 -30.89
C TYR B 99 -18.11 -53.25 -31.23
N GLU B 100 -17.89 -52.70 -32.42
CA GLU B 100 -16.55 -52.29 -32.81
C GLU B 100 -16.04 -51.13 -31.96
N SER B 101 -16.91 -50.16 -31.66
CA SER B 101 -16.52 -49.02 -30.85
C SER B 101 -16.06 -49.44 -29.47
N PHE B 102 -16.57 -50.57 -28.97
CA PHE B 102 -16.18 -51.05 -27.66
C PHE B 102 -14.81 -51.71 -27.70
N VAL B 103 -14.68 -52.76 -28.53
CA VAL B 103 -13.42 -53.48 -28.67
C VAL B 103 -12.27 -52.54 -29.00
N LYS B 104 -12.51 -51.55 -29.87
CA LYS B 104 -11.44 -50.62 -30.24
C LYS B 104 -10.88 -49.93 -28.99
N SER B 105 -11.77 -49.46 -28.12
CA SER B 105 -11.33 -48.79 -26.89
C SER B 105 -10.64 -49.80 -25.99
N MET B 106 -11.38 -50.82 -25.52
CA MET B 106 -10.84 -51.87 -24.67
C MET B 106 -9.41 -52.15 -25.09
N HIS B 107 -9.24 -52.41 -26.40
CA HIS B 107 -7.93 -52.68 -26.98
C HIS B 107 -6.96 -51.54 -26.71
N LYS B 108 -7.42 -50.30 -26.87
CA LYS B 108 -6.56 -49.14 -26.62
C LYS B 108 -6.01 -49.17 -25.20
N LEU B 109 -6.86 -49.58 -24.25
CA LEU B 109 -6.45 -49.65 -22.85
C LEU B 109 -5.47 -50.78 -22.59
N MET B 110 -5.82 -52.00 -23.00
CA MET B 110 -4.92 -53.14 -22.75
C MET B 110 -3.64 -53.09 -23.58
N ASP B 111 -3.63 -52.38 -24.70
CA ASP B 111 -2.47 -52.26 -25.56
C ASP B 111 -1.28 -51.63 -24.85
N LEU B 112 -1.46 -51.11 -23.64
CA LEU B 112 -0.41 -50.47 -22.88
C LEU B 112 0.24 -51.39 -21.86
N TYR B 113 -0.33 -52.58 -21.64
CA TYR B 113 0.19 -53.55 -20.69
C TYR B 113 0.95 -54.67 -21.40
N ASN B 114 1.28 -54.47 -22.67
CA ASN B 114 2.00 -55.45 -23.48
C ASN B 114 3.33 -55.78 -22.81
N GLU B 115 3.69 -57.07 -22.80
CA GLU B 115 4.94 -57.49 -22.17
C GLU B 115 6.15 -56.85 -22.85
N SER B 116 6.11 -56.70 -24.18
CA SER B 116 7.23 -56.08 -24.87
C SER B 116 7.57 -54.73 -24.26
N SER B 117 6.54 -54.01 -23.81
CA SER B 117 6.76 -52.70 -23.20
C SER B 117 7.46 -52.86 -21.85
N GLN B 118 7.02 -53.84 -21.06
CA GLN B 118 7.58 -54.14 -19.74
C GLN B 118 8.74 -55.11 -19.88
N ALA B 119 9.97 -54.60 -19.95
CA ALA B 119 11.09 -55.52 -20.08
C ALA B 119 12.36 -54.95 -19.46
N GLY B 120 13.21 -55.85 -19.00
CA GLY B 120 14.47 -55.48 -18.39
C GLY B 120 14.35 -55.22 -16.90
N ASN B 121 15.46 -54.77 -16.33
CA ASN B 121 15.47 -54.46 -14.91
C ASN B 121 15.01 -53.03 -14.73
N SER B 122 15.33 -52.21 -15.68
CA SER B 122 14.93 -50.83 -15.68
C SER B 122 13.80 -50.66 -16.68
N PRO B 123 12.72 -49.97 -16.32
CA PRO B 123 12.62 -49.40 -14.99
C PRO B 123 11.67 -50.31 -14.17
N PHE B 124 11.34 -51.47 -14.74
CA PHE B 124 10.42 -52.45 -14.17
C PHE B 124 11.04 -53.45 -13.19
N GLU B 125 10.22 -53.85 -12.20
CA GLU B 125 10.59 -54.79 -11.15
C GLU B 125 9.53 -55.86 -10.87
N ASP B 126 9.96 -57.12 -10.76
CA ASP B 126 9.05 -58.23 -10.47
C ASP B 126 8.53 -58.14 -9.04
N CYS B 127 7.21 -58.13 -8.86
CA CYS B 127 6.63 -58.04 -7.53
C CYS B 127 5.82 -59.30 -7.23
N SER B 128 5.47 -59.47 -5.94
CA SER B 128 4.70 -60.60 -5.42
C SER B 128 3.52 -60.98 -6.32
N ASP B 129 3.49 -62.26 -6.73
CA ASP B 129 2.41 -62.73 -7.57
C ASP B 129 1.08 -62.77 -6.84
N THR B 130 1.09 -62.63 -5.52
CA THR B 130 -0.03 -62.62 -4.61
C THR B 130 -0.11 -61.24 -3.99
N PRO B 131 -1.32 -60.69 -3.76
CA PRO B 131 -1.43 -59.35 -3.16
C PRO B 131 -0.48 -59.15 -1.99
N ALA B 132 0.09 -57.95 -1.87
CA ALA B 132 1.02 -57.65 -0.79
C ALA B 132 0.74 -56.24 -0.27
N ASP B 133 1.67 -55.73 0.53
CA ASP B 133 1.52 -54.40 1.12
C ASP B 133 2.14 -53.31 0.26
N TYR B 134 2.07 -52.09 0.80
CA TYR B 134 2.59 -50.90 0.16
C TYR B 134 4.09 -51.03 -0.05
N ILE B 135 4.64 -50.15 -0.87
CA ILE B 135 6.07 -50.15 -1.13
C ILE B 135 6.43 -48.68 -1.29
N LYS B 136 7.34 -48.21 -0.46
CA LYS B 136 7.77 -46.82 -0.48
C LYS B 136 9.17 -46.75 -1.08
N ARG B 137 9.28 -46.09 -2.23
CA ARG B 137 10.57 -45.95 -2.90
C ARG B 137 11.23 -44.64 -2.52
N GLY B 138 11.07 -44.25 -1.28
CA GLY B 138 11.64 -43.03 -0.76
C GLY B 138 10.65 -41.88 -0.82
N ASP B 139 11.20 -40.68 -0.79
CA ASP B 139 10.41 -39.47 -0.83
C ASP B 139 10.11 -39.08 -2.28
N LEU B 140 9.60 -37.86 -2.46
CA LEU B 140 9.25 -37.32 -3.76
C LEU B 140 10.37 -36.37 -4.19
N ASP B 141 11.53 -36.97 -4.45
CA ASP B 141 12.73 -36.24 -4.84
C ASP B 141 13.37 -36.82 -6.09
N ASP B 142 14.42 -36.12 -6.52
CA ASP B 142 15.24 -36.45 -7.67
C ASP B 142 16.57 -37.02 -7.20
N SER B 143 16.77 -37.13 -5.88
CA SER B 143 17.99 -37.67 -5.30
C SER B 143 18.19 -39.01 -5.97
N GLN B 144 17.34 -39.99 -5.65
CA GLN B 144 17.51 -41.25 -6.35
C GLN B 144 16.92 -41.00 -7.72
N GLY B 145 17.47 -41.64 -8.74
CA GLY B 145 16.88 -41.39 -10.05
C GLY B 145 15.45 -41.87 -10.17
N GLN B 146 14.99 -42.01 -11.39
CA GLN B 146 13.64 -42.47 -11.69
C GLN B 146 13.28 -43.70 -10.86
N LYS B 147 12.25 -43.59 -10.02
CA LYS B 147 11.83 -44.72 -9.19
C LYS B 147 11.44 -45.92 -10.07
N LYS B 148 11.06 -47.04 -9.45
CA LYS B 148 10.70 -48.26 -10.17
C LYS B 148 9.27 -48.69 -9.87
N ALA B 149 8.52 -49.06 -10.91
CA ALA B 149 7.14 -49.50 -10.75
C ALA B 149 6.99 -51.01 -11.01
N CYS B 150 6.00 -51.62 -10.34
CA CYS B 150 5.71 -53.04 -10.47
C CYS B 150 5.10 -53.38 -11.83
N ARG B 151 5.42 -54.59 -12.31
CA ARG B 151 4.92 -55.08 -13.60
C ARG B 151 3.50 -55.63 -13.43
N PHE B 152 2.65 -55.40 -14.43
CA PHE B 152 1.27 -55.90 -14.40
C PHE B 152 1.05 -56.64 -15.71
N SER B 153 0.92 -57.95 -15.63
CA SER B 153 0.71 -58.76 -16.81
C SER B 153 -0.74 -58.78 -17.29
N ARG B 154 -0.87 -58.95 -18.60
CA ARG B 154 -2.12 -59.04 -19.35
C ARG B 154 -2.83 -60.28 -18.86
N MET B 155 -2.22 -61.43 -19.15
CA MET B 155 -2.69 -62.77 -18.81
C MET B 155 -3.34 -62.83 -17.42
N TRP B 156 -2.96 -61.94 -16.49
CA TRP B 156 -3.59 -61.99 -15.17
C TRP B 156 -5.12 -61.95 -15.37
N LEU B 157 -5.59 -61.08 -16.27
CA LEU B 157 -7.00 -60.98 -16.62
C LEU B 157 -7.17 -62.22 -17.49
N LYS B 158 -7.93 -63.21 -17.01
CA LYS B 158 -8.06 -64.46 -17.78
C LYS B 158 -8.96 -64.52 -19.01
N ASN B 159 -10.28 -64.39 -18.89
CA ASN B 159 -11.00 -64.50 -20.16
C ASN B 159 -11.12 -63.18 -20.92
N CYS B 160 -10.69 -62.04 -20.36
CA CYS B 160 -10.76 -60.75 -21.07
C CYS B 160 -9.34 -60.20 -21.19
N SER B 161 -8.65 -60.54 -22.26
CA SER B 161 -7.30 -60.05 -22.45
C SER B 161 -7.00 -59.77 -23.92
N GLY B 162 -7.89 -60.15 -24.81
CA GLY B 162 -7.78 -59.97 -26.25
C GLY B 162 -6.61 -60.76 -26.82
N LEU B 163 -6.03 -61.63 -25.99
CA LEU B 163 -4.92 -62.45 -26.46
C LEU B 163 -5.44 -63.74 -27.05
N ASP B 164 -6.61 -64.17 -26.56
CA ASP B 164 -7.31 -65.38 -26.96
C ASP B 164 -8.48 -65.06 -27.87
N ASP B 165 -9.45 -64.31 -27.36
CA ASP B 165 -10.67 -63.90 -28.06
C ASP B 165 -10.62 -62.38 -28.15
N THR B 166 -9.80 -61.89 -29.09
CA THR B 166 -9.57 -60.48 -29.40
C THR B 166 -10.78 -59.62 -29.07
N THR B 167 -11.96 -60.06 -29.51
CA THR B 167 -13.22 -59.35 -29.28
C THR B 167 -13.50 -59.09 -27.80
N TYR B 168 -13.00 -59.97 -26.91
CA TYR B 168 -13.12 -59.96 -25.44
C TYR B 168 -14.47 -60.41 -24.90
N GLY B 169 -15.34 -61.05 -25.67
CA GLY B 169 -16.58 -61.44 -25.03
C GLY B 169 -17.82 -61.10 -25.82
N TYR B 170 -17.80 -59.87 -26.32
CA TYR B 170 -18.86 -59.27 -27.10
C TYR B 170 -19.34 -60.12 -28.27
N ALA B 171 -18.57 -61.14 -28.64
CA ALA B 171 -18.95 -61.99 -29.77
C ALA B 171 -20.09 -62.94 -29.44
N GLU B 172 -20.21 -63.43 -28.20
CA GLU B 172 -21.31 -64.36 -27.97
C GLU B 172 -22.18 -64.02 -26.76
N GLY B 173 -22.44 -62.75 -26.50
CA GLY B 173 -23.31 -62.44 -25.35
C GLY B 173 -22.67 -62.57 -24.00
N LYS B 174 -21.40 -62.18 -23.85
CA LYS B 174 -20.70 -62.30 -22.57
C LYS B 174 -19.64 -61.21 -22.50
N PRO B 175 -20.05 -59.94 -22.43
CA PRO B 175 -19.06 -58.87 -22.39
C PRO B 175 -18.30 -58.78 -21.09
N CYS B 176 -17.15 -58.11 -21.19
CA CYS B 176 -16.22 -57.87 -20.10
C CYS B 176 -16.19 -56.37 -19.87
N VAL B 177 -15.70 -55.97 -18.70
CA VAL B 177 -15.60 -54.55 -18.34
C VAL B 177 -14.40 -54.40 -17.43
N VAL B 178 -13.35 -53.80 -17.96
CA VAL B 178 -12.10 -53.58 -17.22
C VAL B 178 -12.23 -52.30 -16.39
N ALA B 179 -12.31 -52.46 -15.07
CA ALA B 179 -12.43 -51.34 -14.15
C ALA B 179 -11.03 -50.87 -13.77
N LYS B 180 -10.94 -49.59 -13.40
CA LYS B 180 -9.68 -48.97 -13.02
C LYS B 180 -9.87 -47.83 -12.01
N LEU B 181 -8.94 -47.77 -11.06
CA LEU B 181 -8.91 -46.77 -9.99
C LEU B 181 -8.08 -45.57 -10.45
N ASN B 182 -8.65 -44.37 -10.33
CA ASN B 182 -7.98 -43.14 -10.73
C ASN B 182 -6.68 -42.87 -9.96
N ARG B 183 -5.59 -42.71 -10.71
CA ARG B 183 -4.25 -42.45 -10.22
C ARG B 183 -4.10 -41.13 -9.46
N ILE B 184 -3.71 -41.20 -8.19
CA ILE B 184 -3.52 -40.02 -7.34
C ILE B 184 -2.13 -40.09 -6.73
N ILE B 185 -1.42 -38.96 -6.73
CA ILE B 185 -0.06 -38.89 -6.17
C ILE B 185 -0.08 -39.01 -4.66
N GLY B 186 0.78 -39.87 -4.12
CA GLY B 186 0.87 -40.08 -2.68
C GLY B 186 -0.37 -40.62 -2.03
N PHE B 187 -1.24 -41.27 -2.78
CA PHE B 187 -2.48 -41.82 -2.24
C PHE B 187 -2.33 -43.30 -1.86
N TYR B 188 -2.58 -43.60 -0.59
CA TYR B 188 -2.50 -44.97 -0.11
C TYR B 188 -3.90 -45.54 -0.02
N PRO B 189 -4.24 -46.62 -0.72
CA PRO B 189 -5.59 -47.15 -0.59
C PRO B 189 -5.65 -47.91 0.73
N LYS B 190 -6.75 -47.73 1.46
CA LYS B 190 -6.90 -48.40 2.74
C LYS B 190 -8.21 -49.18 2.77
N PRO B 191 -8.17 -50.48 3.03
CA PRO B 191 -9.40 -51.28 3.07
C PRO B 191 -10.04 -51.32 4.46
N LEU B 192 -11.31 -51.71 4.44
CA LEU B 192 -12.11 -51.83 5.66
C LEU B 192 -11.55 -52.96 6.53
N LYS B 193 -11.59 -52.79 7.85
CA LYS B 193 -11.05 -53.86 8.69
C LYS B 193 -12.14 -54.93 8.95
N ASN B 194 -11.69 -56.08 9.46
CA ASN B 194 -12.49 -57.27 9.78
C ASN B 194 -13.57 -57.19 10.88
N THR B 195 -13.75 -56.05 11.53
CA THR B 195 -14.74 -55.90 12.62
C THR B 195 -16.18 -56.20 12.16
N THR B 196 -17.06 -56.46 13.15
CA THR B 196 -18.47 -56.80 12.94
C THR B 196 -19.24 -55.87 12.02
N ASP B 197 -18.78 -54.66 11.73
CA ASP B 197 -19.52 -53.83 10.81
C ASP B 197 -18.61 -53.89 9.61
N LEU B 198 -19.17 -54.39 8.55
CA LEU B 198 -18.57 -54.61 7.26
C LEU B 198 -19.77 -55.02 6.44
N PRO B 199 -19.80 -54.71 5.16
CA PRO B 199 -20.97 -55.11 4.38
C PRO B 199 -21.10 -56.62 4.38
N GLU B 200 -22.22 -57.09 3.84
CA GLU B 200 -22.49 -58.52 3.79
C GLU B 200 -21.40 -59.14 2.91
N GLU B 201 -21.40 -58.76 1.63
CA GLU B 201 -20.49 -59.14 0.56
C GLU B 201 -19.01 -59.39 0.86
N LEU B 202 -18.38 -58.38 1.47
CA LEU B 202 -16.96 -58.33 1.84
C LEU B 202 -16.45 -59.39 2.80
N GLN B 203 -17.29 -59.98 3.65
CA GLN B 203 -16.80 -60.96 4.61
C GLN B 203 -15.92 -62.07 4.02
N ALA B 204 -16.42 -62.85 3.07
CA ALA B 204 -15.55 -63.90 2.52
C ALA B 204 -14.33 -63.33 1.79
N ASN B 205 -13.19 -64.03 1.90
CA ASN B 205 -11.92 -63.64 1.25
C ASN B 205 -11.35 -62.28 1.67
N TYR B 206 -11.18 -62.04 2.98
CA TYR B 206 -10.65 -60.73 3.42
C TYR B 206 -9.12 -60.57 3.34
N ASN B 207 -8.58 -60.54 2.13
CA ASN B 207 -7.13 -60.31 2.09
C ASN B 207 -6.96 -58.84 2.47
N GLN B 208 -6.36 -58.52 3.64
CA GLN B 208 -6.21 -57.11 3.98
C GLN B 208 -5.66 -56.29 2.82
N TYR B 209 -4.63 -56.82 2.17
CA TYR B 209 -3.95 -56.20 1.03
C TYR B 209 -4.74 -55.98 -0.26
N VAL B 210 -6.04 -56.23 -0.28
CA VAL B 210 -6.82 -56.05 -1.50
C VAL B 210 -7.95 -55.06 -1.32
N LEU B 211 -8.08 -54.12 -2.27
CA LEU B 211 -9.15 -53.14 -2.22
C LEU B 211 -10.28 -53.79 -2.99
N PRO B 212 -11.40 -54.13 -2.35
CA PRO B 212 -12.50 -54.81 -3.04
C PRO B 212 -13.39 -53.96 -3.95
N LEU B 213 -13.79 -54.60 -5.04
CA LEU B 213 -14.66 -54.05 -6.06
C LEU B 213 -15.79 -55.08 -6.16
N ARG B 214 -17.03 -54.64 -6.04
CA ARG B 214 -18.16 -55.55 -6.10
C ARG B 214 -19.31 -54.84 -6.80
N CYS B 215 -19.80 -55.47 -7.87
CA CYS B 215 -20.89 -54.97 -8.70
C CYS B 215 -22.21 -55.60 -8.31
N ALA B 216 -23.29 -54.88 -8.59
CA ALA B 216 -24.64 -55.34 -8.28
C ALA B 216 -25.62 -54.62 -9.18
N ALA B 217 -26.92 -54.76 -8.87
CA ALA B 217 -27.98 -54.14 -9.64
C ALA B 217 -28.59 -52.96 -8.89
N LYS B 218 -28.84 -51.90 -9.64
CA LYS B 218 -29.41 -50.66 -9.09
C LYS B 218 -30.77 -50.87 -8.44
N ARG B 219 -31.68 -51.55 -9.12
CA ARG B 219 -33.01 -51.77 -8.56
C ARG B 219 -33.12 -53.18 -7.99
N GLU B 220 -34.07 -53.35 -7.06
CA GLU B 220 -34.27 -54.65 -6.44
C GLU B 220 -34.80 -55.67 -7.42
N GLU B 221 -35.58 -55.24 -8.41
CA GLU B 221 -36.13 -56.15 -9.41
C GLU B 221 -35.02 -56.81 -10.22
N ASP B 222 -34.20 -55.98 -10.88
CA ASP B 222 -33.09 -56.38 -11.75
C ASP B 222 -32.16 -57.45 -11.19
N ARG B 223 -32.11 -57.68 -9.87
CA ARG B 223 -31.23 -58.70 -9.30
C ARG B 223 -31.30 -59.99 -10.13
N GLU B 224 -32.51 -60.53 -10.16
CA GLU B 224 -32.85 -61.76 -10.86
C GLU B 224 -32.40 -61.79 -12.32
N LYS B 225 -32.56 -60.69 -13.06
CA LYS B 225 -32.19 -60.70 -14.46
C LYS B 225 -30.70 -60.57 -14.74
N ILE B 226 -29.86 -60.33 -13.73
CA ILE B 226 -28.42 -60.24 -13.93
C ILE B 226 -27.90 -61.57 -13.44
N GLY B 227 -27.11 -62.26 -14.26
CA GLY B 227 -26.68 -63.55 -13.74
C GLY B 227 -25.48 -63.70 -12.83
N SER B 228 -24.37 -64.23 -13.32
CA SER B 228 -23.20 -64.42 -12.48
C SER B 228 -22.02 -63.51 -12.84
N ILE B 229 -21.79 -62.52 -11.98
CA ILE B 229 -20.70 -61.55 -12.08
C ILE B 229 -19.37 -62.26 -11.81
N GLU B 230 -18.56 -62.50 -12.84
CA GLU B 230 -17.28 -63.20 -12.63
C GLU B 230 -16.10 -62.21 -12.77
N TYR B 231 -15.49 -61.89 -11.63
CA TYR B 231 -14.35 -60.96 -11.57
C TYR B 231 -12.99 -61.65 -11.73
N PHE B 232 -12.07 -60.97 -12.41
CA PHE B 232 -10.72 -61.43 -12.66
C PHE B 232 -9.75 -60.36 -12.15
N GLY B 233 -8.68 -60.80 -11.50
CA GLY B 233 -7.72 -59.85 -10.97
C GLY B 233 -6.44 -60.52 -10.50
N LEU B 234 -5.60 -59.71 -9.84
CA LEU B 234 -4.33 -60.19 -9.33
C LEU B 234 -4.56 -61.14 -8.17
N GLY B 235 -4.11 -62.38 -8.32
CA GLY B 235 -4.30 -63.34 -7.26
C GLY B 235 -5.64 -64.03 -7.33
N GLY B 236 -6.48 -63.64 -8.29
CA GLY B 236 -7.79 -64.21 -8.44
C GLY B 236 -8.83 -63.47 -7.65
N TYR B 237 -8.43 -62.47 -6.88
CA TYR B 237 -9.35 -61.69 -6.07
C TYR B 237 -10.00 -60.59 -6.89
N ALA B 238 -11.12 -60.09 -6.36
CA ALA B 238 -11.87 -59.02 -6.99
C ALA B 238 -11.47 -57.68 -6.39
N GLY B 239 -10.23 -57.28 -6.65
CA GLY B 239 -9.79 -56.01 -6.11
C GLY B 239 -8.46 -55.59 -6.68
N PHE B 240 -7.90 -54.58 -6.04
CA PHE B 240 -6.63 -54.01 -6.43
C PHE B 240 -5.57 -54.27 -5.37
N PRO B 241 -4.44 -54.86 -5.75
CA PRO B 241 -3.37 -55.14 -4.78
C PRO B 241 -2.72 -53.85 -4.31
N LEU B 242 -2.56 -53.73 -2.99
CA LEU B 242 -1.96 -52.54 -2.37
C LEU B 242 -0.50 -52.33 -2.77
N GLN B 243 0.18 -53.35 -3.30
CA GLN B 243 1.57 -53.19 -3.68
C GLN B 243 1.79 -52.23 -4.84
N TYR B 244 0.77 -51.94 -5.63
CA TYR B 244 0.92 -51.01 -6.75
C TYR B 244 0.78 -49.56 -6.35
N TYR B 245 0.94 -49.23 -5.08
CA TYR B 245 0.80 -47.86 -4.61
C TYR B 245 1.89 -47.53 -3.63
N PRO B 246 2.20 -46.23 -3.44
CA PRO B 246 1.55 -45.12 -4.14
C PRO B 246 2.14 -44.78 -5.50
N TYR B 247 1.55 -43.77 -6.13
CA TYR B 247 1.97 -43.28 -7.43
C TYR B 247 2.85 -42.08 -7.15
N TYR B 248 4.05 -42.08 -7.71
CA TYR B 248 4.99 -40.99 -7.51
C TYR B 248 4.87 -39.90 -8.55
N GLY B 249 3.88 -39.96 -9.42
CA GLY B 249 3.77 -38.93 -10.41
C GLY B 249 4.56 -39.26 -11.66
N LYS B 250 4.10 -38.70 -12.78
CA LYS B 250 4.74 -38.92 -14.07
C LYS B 250 6.24 -38.62 -14.04
N ARG B 251 6.60 -37.42 -13.58
CA ARG B 251 8.01 -37.03 -13.52
C ARG B 251 8.89 -38.00 -12.75
N LEU B 252 8.41 -38.52 -11.63
CA LEU B 252 9.20 -39.45 -10.84
C LEU B 252 8.95 -40.91 -11.15
N GLN B 253 8.05 -41.24 -12.06
CA GLN B 253 7.78 -42.63 -12.37
C GLN B 253 7.23 -42.89 -13.76
N LYS B 254 7.78 -42.28 -14.81
CA LYS B 254 7.25 -42.56 -16.14
C LYS B 254 7.27 -44.09 -16.28
N LYS B 255 6.49 -44.64 -17.20
CA LYS B 255 6.44 -46.10 -17.37
C LYS B 255 5.86 -46.77 -16.13
N TYR B 256 4.76 -46.25 -15.63
CA TYR B 256 4.09 -46.79 -14.45
C TYR B 256 2.74 -47.34 -14.87
N LEU B 257 2.42 -48.53 -14.37
CA LEU B 257 1.17 -49.21 -14.68
C LEU B 257 0.32 -49.37 -13.44
N GLN B 258 -0.95 -48.98 -13.54
CA GLN B 258 -1.93 -49.07 -12.48
C GLN B 258 -2.66 -50.40 -12.57
N PRO B 259 -2.97 -51.04 -11.44
CA PRO B 259 -3.68 -52.33 -11.51
C PRO B 259 -5.00 -52.19 -12.25
N LEU B 260 -5.56 -53.34 -12.65
CA LEU B 260 -6.82 -53.38 -13.37
C LEU B 260 -7.64 -54.57 -12.91
N LEU B 261 -8.97 -54.47 -13.06
CA LEU B 261 -9.82 -55.58 -12.64
C LEU B 261 -10.85 -55.85 -13.73
N ALA B 262 -10.91 -57.09 -14.22
CA ALA B 262 -11.87 -57.41 -15.27
C ALA B 262 -13.16 -57.96 -14.67
N ILE B 263 -14.30 -57.65 -15.31
CA ILE B 263 -15.59 -58.12 -14.83
C ILE B 263 -16.39 -58.69 -16.00
N GLN B 264 -16.72 -59.99 -15.95
CA GLN B 264 -17.49 -60.63 -16.99
C GLN B 264 -18.93 -60.80 -16.55
N PHE B 265 -19.84 -60.29 -17.36
CA PHE B 265 -21.28 -60.36 -17.08
C PHE B 265 -21.93 -61.55 -17.79
N THR B 266 -21.44 -62.74 -17.44
CA THR B 266 -21.96 -63.99 -17.99
C THR B 266 -23.46 -64.11 -17.66
N ASN B 267 -24.15 -65.00 -18.37
CA ASN B 267 -25.59 -65.21 -18.15
C ASN B 267 -26.41 -63.92 -18.06
N LEU B 268 -26.36 -63.14 -19.12
CA LEU B 268 -27.10 -61.89 -19.16
C LEU B 268 -28.38 -62.04 -19.97
N THR B 269 -29.49 -61.69 -19.34
CA THR B 269 -30.79 -61.79 -19.98
C THR B 269 -30.75 -61.00 -21.28
N GLN B 270 -31.34 -61.58 -22.31
CA GLN B 270 -31.37 -61.01 -23.63
C GLN B 270 -32.59 -60.12 -23.87
N ASN B 271 -32.37 -59.10 -24.71
CA ASN B 271 -33.33 -58.08 -25.13
C ASN B 271 -34.03 -57.34 -23.98
N MET B 272 -33.23 -56.71 -23.09
CA MET B 272 -33.76 -55.93 -21.96
C MET B 272 -32.65 -55.12 -21.26
N GLU B 273 -32.88 -53.82 -21.03
CA GLU B 273 -31.94 -52.90 -20.38
C GLU B 273 -31.60 -53.17 -18.91
N LEU B 274 -30.35 -53.52 -18.61
CA LEU B 274 -29.91 -53.80 -17.24
C LEU B 274 -28.98 -52.73 -16.69
N ARG B 275 -29.34 -52.18 -15.52
CA ARG B 275 -28.62 -51.13 -14.79
C ARG B 275 -27.71 -51.78 -13.74
N ILE B 276 -26.40 -51.79 -13.98
CA ILE B 276 -25.42 -52.40 -13.07
C ILE B 276 -24.50 -51.35 -12.46
N GLU B 277 -24.51 -51.25 -11.13
CA GLU B 277 -23.68 -50.32 -10.39
C GLU B 277 -22.52 -51.06 -9.71
N CYS B 278 -21.29 -50.68 -10.03
CA CYS B 278 -20.11 -51.30 -9.43
C CYS B 278 -19.62 -50.36 -8.35
N LYS B 279 -19.12 -50.93 -7.24
CA LYS B 279 -18.64 -50.08 -6.15
C LYS B 279 -17.43 -50.64 -5.40
N VAL B 280 -16.49 -49.74 -5.08
CA VAL B 280 -15.28 -50.05 -4.34
C VAL B 280 -15.57 -49.71 -2.89
N TYR B 281 -14.91 -50.40 -1.96
CA TYR B 281 -15.13 -50.16 -0.54
C TYR B 281 -13.80 -49.84 0.14
N GLY B 282 -13.83 -48.88 1.06
CA GLY B 282 -12.62 -48.50 1.77
C GLY B 282 -12.73 -47.22 2.59
N GLU B 283 -11.78 -47.06 3.53
CA GLU B 283 -11.74 -45.89 4.40
C GLU B 283 -11.61 -44.58 3.64
N ASN B 284 -10.46 -44.33 3.01
CA ASN B 284 -10.25 -43.10 2.25
C ASN B 284 -11.04 -43.05 0.96
N ILE B 285 -12.18 -43.75 0.90
CA ILE B 285 -13.04 -43.79 -0.27
C ILE B 285 -14.41 -43.32 0.20
N ASP B 286 -14.95 -42.32 -0.49
CA ASP B 286 -16.25 -41.75 -0.16
C ASP B 286 -16.95 -41.40 -1.46
N TYR B 287 -18.26 -41.66 -1.51
CA TYR B 287 -19.04 -41.41 -2.71
C TYR B 287 -19.72 -40.03 -2.67
N SER B 288 -20.27 -39.65 -3.82
CA SER B 288 -20.95 -38.37 -4.01
C SER B 288 -22.25 -38.50 -4.78
N GLU B 289 -23.32 -37.89 -4.24
CA GLU B 289 -24.62 -37.94 -4.91
C GLU B 289 -24.64 -37.10 -6.18
N LYS B 290 -23.64 -36.23 -6.37
CA LYS B 290 -23.54 -35.37 -7.54
C LYS B 290 -22.62 -35.95 -8.60
N ASP B 291 -21.47 -36.49 -8.21
CA ASP B 291 -20.51 -37.08 -9.13
C ASP B 291 -20.78 -38.58 -9.06
N ARG B 292 -21.30 -39.14 -10.15
CA ARG B 292 -21.61 -40.56 -10.20
C ARG B 292 -20.44 -41.44 -10.62
N PHE B 293 -19.22 -40.94 -10.52
CA PHE B 293 -18.02 -41.68 -10.87
C PHE B 293 -17.02 -41.68 -9.74
N ARG B 294 -17.38 -41.11 -8.60
CA ARG B 294 -16.54 -41.02 -7.41
C ARG B 294 -16.71 -42.30 -6.61
N GLY B 295 -15.76 -43.22 -6.75
CA GLY B 295 -15.76 -44.49 -6.06
C GLY B 295 -16.59 -45.57 -6.72
N ARG B 296 -17.71 -45.21 -7.35
CA ARG B 296 -18.56 -46.18 -8.02
C ARG B 296 -18.74 -45.79 -9.48
N PHE B 297 -19.50 -46.60 -10.20
CA PHE B 297 -19.76 -46.29 -11.60
C PHE B 297 -21.01 -47.07 -12.00
N GLU B 298 -21.69 -46.57 -13.03
CA GLU B 298 -22.91 -47.17 -13.54
C GLU B 298 -22.78 -47.55 -15.01
N VAL B 299 -23.38 -48.68 -15.37
CA VAL B 299 -23.34 -49.16 -16.74
C VAL B 299 -24.73 -49.69 -17.09
N LYS B 300 -25.15 -49.43 -18.33
CA LYS B 300 -26.45 -49.86 -18.82
C LYS B 300 -26.16 -50.87 -19.94
N ILE B 301 -26.12 -52.14 -19.59
CA ILE B 301 -25.85 -53.18 -20.58
C ILE B 301 -27.14 -53.71 -21.16
N GLU B 302 -27.10 -53.98 -22.47
CA GLU B 302 -28.25 -54.50 -23.21
C GLU B 302 -27.70 -55.28 -24.39
N VAL B 303 -27.66 -56.61 -24.26
CA VAL B 303 -27.16 -57.47 -25.34
C VAL B 303 -28.38 -57.89 -26.13
N LYS B 304 -28.79 -57.05 -27.06
CA LYS B 304 -29.95 -57.30 -27.91
C LYS B 304 -29.56 -58.15 -29.12
N SER B 305 -30.13 -59.34 -29.22
CA SER B 305 -29.83 -60.22 -30.34
C SER B 305 -31.06 -60.98 -30.82
N GLU C 24 4.77 -38.94 9.33
CA GLU C 24 3.83 -39.02 8.22
C GLU C 24 3.76 -40.44 7.69
N GLY C 25 3.62 -40.57 6.38
CA GLY C 25 3.55 -41.87 5.74
C GLY C 25 2.16 -42.34 5.38
N PRO C 26 1.81 -43.53 5.85
CA PRO C 26 0.48 -44.09 5.55
C PRO C 26 -0.70 -43.24 6.02
N ASP C 27 -0.66 -42.69 7.23
CA ASP C 27 -1.75 -41.88 7.76
C ASP C 27 -1.67 -40.41 7.35
N ASN C 28 -1.16 -40.10 6.17
CA ASN C 28 -1.05 -38.72 5.69
C ASN C 28 -2.40 -38.24 5.14
N ASP C 29 -3.44 -38.34 5.97
CA ASP C 29 -4.77 -37.92 5.55
C ASP C 29 -4.93 -36.42 5.50
N GLU C 30 -4.20 -35.68 6.33
CA GLU C 30 -4.31 -34.22 6.34
C GLU C 30 -3.94 -33.61 4.99
N ARG C 31 -3.04 -34.23 4.25
CA ARG C 31 -2.61 -33.73 2.94
C ARG C 31 -3.74 -33.64 1.92
N PHE C 32 -4.96 -34.04 2.29
CA PHE C 32 -6.09 -33.99 1.37
C PHE C 32 -7.30 -33.31 2.01
N THR C 33 -7.09 -32.51 3.05
CA THR C 33 -8.17 -31.83 3.73
C THR C 33 -7.94 -30.33 3.78
N TYR C 34 -9.03 -29.57 3.69
CA TYR C 34 -8.99 -28.11 3.73
C TYR C 34 -10.19 -27.67 4.54
N ASP C 35 -9.98 -26.73 5.46
CA ASP C 35 -11.04 -26.22 6.31
C ASP C 35 -11.82 -25.08 5.64
N TYR C 36 -12.66 -25.47 4.68
CA TYR C 36 -13.47 -24.48 3.97
C TYR C 36 -14.47 -23.82 4.92
N TYR C 37 -14.91 -24.54 5.95
CA TYR C 37 -15.86 -23.98 6.90
C TYR C 37 -15.33 -22.71 7.54
N ARG C 38 -14.16 -22.81 8.19
CA ARG C 38 -13.55 -21.65 8.83
C ARG C 38 -13.32 -20.52 7.85
N LEU C 39 -12.98 -20.86 6.60
CA LEU C 39 -12.74 -19.83 5.59
C LEU C 39 -14.02 -19.09 5.27
N ARG C 40 -15.13 -19.82 5.13
CA ARG C 40 -16.39 -19.17 4.83
C ARG C 40 -16.81 -18.29 5.99
N VAL C 41 -16.65 -18.78 7.23
CA VAL C 41 -17.03 -17.98 8.40
C VAL C 41 -16.30 -16.64 8.38
N VAL C 42 -14.98 -16.69 8.23
CA VAL C 42 -14.19 -15.45 8.21
C VAL C 42 -14.58 -14.56 7.04
N GLY C 43 -14.66 -15.13 5.83
CA GLY C 43 -15.03 -14.30 4.70
C GLY C 43 -16.38 -13.62 4.87
N LEU C 44 -17.27 -14.21 5.67
CA LEU C 44 -18.55 -13.56 5.85
C LEU C 44 -18.40 -12.46 6.88
N ILE C 45 -17.65 -12.72 7.96
CA ILE C 45 -17.43 -11.69 8.97
C ILE C 45 -16.91 -10.43 8.28
N VAL C 46 -15.90 -10.62 7.42
CA VAL C 46 -15.27 -9.52 6.70
C VAL C 46 -16.28 -8.83 5.78
N ALA C 47 -17.05 -9.61 5.00
CA ALA C 47 -18.02 -8.96 4.13
C ALA C 47 -18.96 -8.08 4.94
N ALA C 48 -19.45 -8.61 6.06
CA ALA C 48 -20.34 -7.88 6.95
C ALA C 48 -19.73 -6.57 7.40
N VAL C 49 -18.48 -6.62 7.87
CA VAL C 49 -17.79 -5.41 8.33
C VAL C 49 -17.71 -4.38 7.22
N LEU C 50 -17.24 -4.79 6.03
CA LEU C 50 -17.14 -3.85 4.93
C LEU C 50 -18.49 -3.20 4.63
N CYS C 51 -19.55 -4.00 4.70
CA CYS C 51 -20.91 -3.51 4.44
C CYS C 51 -21.29 -2.43 5.45
N VAL C 52 -21.01 -2.69 6.74
CA VAL C 52 -21.36 -1.71 7.77
C VAL C 52 -20.59 -0.42 7.52
N ILE C 53 -19.25 -0.51 7.48
CA ILE C 53 -18.39 0.65 7.22
C ILE C 53 -18.99 1.49 6.11
N GLY C 54 -19.41 0.82 5.03
CA GLY C 54 -20.02 1.49 3.90
C GLY C 54 -21.19 2.34 4.36
N ILE C 55 -22.14 1.70 5.07
CA ILE C 55 -23.30 2.45 5.55
C ILE C 55 -22.88 3.65 6.40
N ILE C 56 -21.91 3.45 7.32
CA ILE C 56 -21.43 4.54 8.16
C ILE C 56 -21.04 5.74 7.31
N ILE C 57 -20.16 5.51 6.33
CA ILE C 57 -19.70 6.57 5.46
C ILE C 57 -20.88 7.24 4.75
N LEU C 58 -21.81 6.44 4.24
CA LEU C 58 -22.97 6.98 3.52
C LEU C 58 -23.85 7.89 4.37
N LEU C 59 -24.21 7.47 5.58
CA LEU C 59 -25.09 8.30 6.40
C LEU C 59 -24.36 9.33 7.28
N ALA C 60 -23.04 9.31 7.36
CA ALA C 60 -22.27 10.25 8.17
C ALA C 60 -22.30 11.66 7.60
N GLY C 61 -23.17 12.52 8.11
CA GLY C 61 -23.30 13.90 7.67
C GLY C 61 -24.75 14.31 7.76
N LYS C 62 -25.62 13.31 7.59
CA LYS C 62 -27.06 13.51 7.67
C LYS C 62 -27.49 13.31 9.11
N CYS C 63 -26.60 13.65 10.03
CA CYS C 63 -26.76 13.53 11.45
C CYS C 63 -25.57 14.17 12.17
N ASP D 36 62.82 -20.60 32.04
CA ASP D 36 61.69 -21.50 31.82
C ASP D 36 61.88 -22.23 30.49
N LEU D 37 62.85 -23.14 30.46
CA LEU D 37 63.12 -23.91 29.25
C LEU D 37 61.91 -24.77 28.92
N ASP D 38 61.26 -24.50 27.79
CA ASP D 38 60.08 -25.28 27.43
C ASP D 38 60.44 -26.66 26.90
N GLU D 39 61.50 -26.79 26.10
CA GLU D 39 61.81 -28.13 25.62
C GLU D 39 62.11 -29.09 26.75
N LEU D 40 62.63 -28.61 27.88
CA LEU D 40 62.93 -29.54 28.97
C LEU D 40 61.69 -29.78 29.81
N LYS D 41 60.65 -29.04 29.52
CA LYS D 41 59.38 -29.17 30.19
C LYS D 41 58.43 -29.88 29.24
N LYS D 42 58.78 -29.91 27.94
CA LYS D 42 57.91 -30.61 27.00
C LYS D 42 58.19 -32.10 27.04
N GLU D 43 59.41 -32.46 27.46
CA GLU D 43 59.87 -33.82 27.58
C GLU D 43 59.04 -34.59 28.61
N VAL D 44 59.00 -35.89 28.45
CA VAL D 44 58.24 -36.72 29.38
C VAL D 44 59.07 -36.93 30.63
N SER D 45 58.38 -36.98 31.77
CA SER D 45 59.00 -37.14 33.08
C SER D 45 59.97 -38.32 33.16
N MET D 46 61.06 -38.08 33.89
CA MET D 46 62.13 -39.01 34.17
C MET D 46 62.18 -39.12 35.69
N ASP D 47 62.93 -40.08 36.24
CA ASP D 47 62.96 -40.19 37.69
C ASP D 47 64.11 -41.08 38.15
N ASP D 48 64.18 -41.24 39.48
CA ASP D 48 65.18 -42.05 40.17
C ASP D 48 64.51 -43.18 40.95
N HIS D 49 63.31 -43.58 40.52
CA HIS D 49 62.55 -44.63 41.17
C HIS D 49 63.33 -45.94 41.26
N LYS D 50 63.84 -46.45 40.13
CA LYS D 50 64.59 -47.70 40.09
C LYS D 50 65.89 -47.57 40.88
N LEU D 51 65.77 -47.62 42.19
CA LEU D 51 66.92 -47.51 43.08
C LEU D 51 66.63 -48.38 44.29
N SER D 52 67.28 -48.09 45.41
CA SER D 52 67.11 -48.85 46.64
C SER D 52 66.81 -47.88 47.76
N LEU D 53 66.58 -48.43 48.97
CA LEU D 53 66.30 -47.53 50.06
C LEU D 53 67.61 -46.96 50.57
N ASP D 54 68.70 -47.69 50.37
CA ASP D 54 70.01 -47.23 50.79
C ASP D 54 70.51 -46.19 49.79
N GLU D 55 70.32 -46.45 48.49
CA GLU D 55 70.76 -45.49 47.49
C GLU D 55 69.96 -44.20 47.59
N LEU D 56 68.68 -44.32 47.92
CA LEU D 56 67.83 -43.14 48.07
C LEU D 56 68.27 -42.32 49.26
N HIS D 57 68.44 -42.98 50.41
CA HIS D 57 68.86 -42.27 51.61
C HIS D 57 70.26 -41.71 51.42
N ASN D 58 71.07 -42.35 50.57
CA ASN D 58 72.43 -41.92 50.31
C ASN D 58 72.46 -40.76 49.31
N LYS D 59 71.40 -40.58 48.53
CA LYS D 59 71.45 -39.47 47.58
C LYS D 59 70.84 -38.21 48.19
N TYR D 60 69.72 -38.30 48.90
CA TYR D 60 69.25 -37.03 49.44
C TYR D 60 69.73 -36.81 50.87
N GLY D 61 70.12 -37.86 51.57
CA GLY D 61 70.62 -37.75 52.92
C GLY D 61 69.48 -37.97 53.90
N THR D 62 69.33 -39.15 54.50
CA THR D 62 68.22 -39.31 55.42
C THR D 62 68.12 -40.63 56.18
N ASP D 63 67.80 -40.51 57.46
CA ASP D 63 67.64 -41.65 58.36
C ASP D 63 66.29 -42.30 58.06
N LEU D 64 66.31 -43.59 57.70
CA LEU D 64 65.04 -44.26 57.40
C LEU D 64 64.21 -44.45 58.66
N THR D 65 64.84 -44.51 59.84
CA THR D 65 64.13 -44.71 61.09
C THR D 65 64.13 -43.51 62.01
N ARG D 66 64.90 -42.46 61.74
CA ARG D 66 64.92 -41.28 62.58
C ARG D 66 64.63 -40.01 61.82
N GLY D 67 64.64 -40.04 60.50
CA GLY D 67 64.38 -38.87 59.71
C GLY D 67 65.52 -37.87 59.82
N LEU D 68 65.20 -36.63 59.51
CA LEU D 68 66.14 -35.54 59.54
C LEU D 68 66.14 -34.89 60.93
N THR D 69 67.08 -33.97 61.11
CA THR D 69 67.24 -33.21 62.34
C THR D 69 66.55 -31.89 62.09
N ASN D 70 66.04 -31.25 63.15
CA ASN D 70 65.36 -29.97 62.90
C ASN D 70 66.30 -28.92 62.34
N ALA D 71 67.52 -28.84 62.85
CA ALA D 71 68.45 -27.84 62.32
C ALA D 71 68.73 -28.10 60.84
N ARG D 72 68.89 -29.37 60.47
CA ARG D 72 69.14 -29.73 59.08
C ARG D 72 67.92 -29.44 58.22
N ALA D 73 66.74 -29.68 58.79
CA ALA D 73 65.50 -29.44 58.07
C ALA D 73 65.38 -27.96 57.73
N LYS D 74 65.65 -27.10 58.72
CA LYS D 74 65.57 -25.66 58.44
C LYS D 74 66.66 -25.22 57.49
N GLU D 75 67.83 -25.89 57.53
CA GLU D 75 68.91 -25.52 56.64
C GLU D 75 68.50 -25.77 55.19
N ILE D 76 67.67 -26.79 54.97
CA ILE D 76 67.24 -27.07 53.61
C ILE D 76 66.03 -26.22 53.25
N LEU D 77 65.14 -26.01 54.24
CA LEU D 77 63.96 -25.19 54.01
C LEU D 77 64.37 -23.82 53.51
N ALA D 78 65.44 -23.27 54.10
CA ALA D 78 65.92 -21.96 53.68
C ALA D 78 66.78 -22.08 52.43
N ARG D 79 67.35 -23.26 52.19
CA ARG D 79 68.20 -23.48 51.02
C ARG D 79 67.46 -23.55 49.68
N ASP D 80 66.26 -24.13 49.61
CA ASP D 80 65.63 -24.17 48.29
C ASP D 80 64.20 -23.66 48.13
N GLY D 81 63.45 -23.39 49.20
CA GLY D 81 62.11 -22.90 49.00
C GLY D 81 61.01 -23.80 49.53
N PRO D 82 59.93 -23.18 50.01
CA PRO D 82 58.80 -23.96 50.55
C PRO D 82 58.14 -24.85 49.51
N ASN D 83 57.51 -25.92 50.00
CA ASN D 83 56.80 -26.91 49.19
C ASN D 83 55.44 -26.38 48.72
N SER D 84 55.44 -25.24 48.03
CA SER D 84 54.19 -24.65 47.55
C SER D 84 54.34 -24.10 46.13
N LEU D 85 53.38 -24.43 45.27
CA LEU D 85 53.40 -23.96 43.89
C LEU D 85 53.35 -22.44 43.80
N THR D 86 54.05 -21.90 42.80
CA THR D 86 54.11 -20.47 42.58
C THR D 86 52.74 -19.89 42.24
N PRO D 87 52.43 -18.68 42.69
CA PRO D 87 51.14 -18.07 42.38
C PRO D 87 51.15 -17.65 40.92
N PRO D 88 49.99 -17.49 40.28
CA PRO D 88 49.97 -17.09 38.86
C PRO D 88 50.50 -15.68 38.66
N PRO D 89 50.83 -15.31 37.42
CA PRO D 89 51.33 -13.96 37.11
C PRO D 89 50.20 -12.95 37.11
N THR D 90 49.94 -12.30 38.25
CA THR D 90 48.87 -11.32 38.39
C THR D 90 48.77 -10.34 37.22
N THR D 91 47.52 -10.09 36.82
CA THR D 91 47.13 -9.20 35.73
C THR D 91 46.45 -7.92 36.22
N PRO D 92 47.15 -6.79 36.33
CA PRO D 92 46.50 -5.55 36.80
C PRO D 92 45.31 -5.20 35.93
N GLU D 93 44.35 -4.49 36.52
CA GLU D 93 43.14 -4.11 35.78
C GLU D 93 43.37 -2.99 34.78
N TRP D 94 44.37 -2.13 34.98
CA TRP D 94 44.56 -1.09 33.98
C TRP D 94 45.17 -1.66 32.72
N ILE D 95 45.87 -2.78 32.86
CA ILE D 95 46.48 -3.43 31.71
C ILE D 95 45.40 -3.97 30.79
N LYS D 96 44.44 -4.71 31.36
CA LYS D 96 43.39 -5.24 30.48
C LYS D 96 42.42 -4.15 30.06
N PHE D 97 42.40 -3.01 30.75
CA PHE D 97 41.48 -1.98 30.28
C PHE D 97 42.11 -1.37 29.03
N CYS D 98 43.43 -1.18 29.08
CA CYS D 98 44.13 -0.64 27.92
C CYS D 98 44.07 -1.66 26.79
N ARG D 99 43.99 -2.95 27.15
CA ARG D 99 43.89 -4.00 26.14
C ARG D 99 42.58 -3.87 25.40
N GLN D 100 41.48 -3.67 26.15
CA GLN D 100 40.18 -3.51 25.51
C GLN D 100 40.12 -2.24 24.70
N LEU D 101 40.96 -1.25 25.01
CA LEU D 101 40.93 -0.02 24.23
C LEU D 101 41.62 -0.17 22.87
N PHE D 102 42.40 -1.24 22.70
CA PHE D 102 43.14 -1.55 21.47
C PHE D 102 42.52 -2.79 20.81
N GLY D 103 43.26 -3.40 19.88
CA GLY D 103 42.79 -4.57 19.17
C GLY D 103 42.92 -4.41 17.67
N GLY D 104 41.93 -4.85 16.90
CA GLY D 104 42.04 -4.70 15.46
C GLY D 104 41.01 -3.73 14.92
N PHE D 105 39.79 -3.80 15.45
CA PHE D 105 38.72 -2.90 15.01
C PHE D 105 38.89 -1.54 15.65
N SER D 106 39.10 -1.52 16.97
CA SER D 106 39.27 -0.27 17.68
C SER D 106 40.49 0.48 17.15
N ILE D 107 41.47 -0.26 16.61
CA ILE D 107 42.65 0.40 16.07
C ILE D 107 42.27 1.12 14.77
N LEU D 108 41.39 0.51 13.98
CA LEU D 108 40.98 1.17 12.74
C LEU D 108 40.25 2.45 13.09
N LEU D 109 39.41 2.41 14.12
CA LEU D 109 38.71 3.64 14.49
C LEU D 109 39.68 4.66 15.06
N TRP D 110 40.78 4.19 15.67
CA TRP D 110 41.77 5.10 16.23
C TRP D 110 42.48 5.84 15.10
N ILE D 111 42.88 5.11 14.06
CA ILE D 111 43.56 5.77 12.95
C ILE D 111 42.58 6.71 12.26
N GLY D 112 41.28 6.40 12.32
CA GLY D 112 40.31 7.29 11.69
C GLY D 112 40.25 8.61 12.43
N ALA D 113 40.24 8.55 13.77
CA ALA D 113 40.20 9.78 14.55
C ALA D 113 41.46 10.61 14.30
N ILE D 114 42.60 9.93 14.23
CA ILE D 114 43.87 10.62 13.99
C ILE D 114 43.82 11.36 12.65
N LEU D 115 43.32 10.69 11.62
CA LEU D 115 43.23 11.32 10.30
C LEU D 115 42.31 12.53 10.34
N CYS D 116 41.18 12.43 11.04
CA CYS D 116 40.26 13.55 11.13
C CYS D 116 40.93 14.77 11.73
N PHE D 117 41.71 14.58 12.80
CA PHE D 117 42.36 15.75 13.39
C PHE D 117 43.46 16.28 12.48
N LEU D 118 44.07 15.43 11.67
CA LEU D 118 45.12 15.94 10.79
C LEU D 118 44.48 16.87 9.75
N ALA D 119 43.37 16.44 9.15
CA ALA D 119 42.72 17.27 8.16
C ALA D 119 42.21 18.57 8.79
N TYR D 120 41.88 18.54 10.09
CA TYR D 120 41.41 19.78 10.70
C TYR D 120 42.57 20.74 10.87
N GLY D 121 43.73 20.23 11.27
CA GLY D 121 44.89 21.09 11.43
C GLY D 121 45.23 21.77 10.12
N ILE D 122 45.25 20.99 9.03
CA ILE D 122 45.56 21.58 7.72
C ILE D 122 44.55 22.68 7.38
N GLN D 123 43.25 22.44 7.62
CA GLN D 123 42.28 23.48 7.30
C GLN D 123 42.44 24.72 8.17
N ALA D 124 42.92 24.55 9.40
CA ALA D 124 43.09 25.71 10.28
C ALA D 124 44.28 26.56 9.87
N ALA D 125 45.40 25.92 9.53
CA ALA D 125 46.58 26.70 9.14
C ALA D 125 46.54 27.17 7.70
N THR D 126 45.70 26.57 6.84
CA THR D 126 45.63 26.98 5.45
C THR D 126 44.50 27.95 5.14
N GLU D 127 43.33 27.79 5.74
CA GLU D 127 42.22 28.70 5.46
C GLU D 127 41.65 29.31 6.72
N ASP D 128 41.06 30.48 6.54
CA ASP D 128 40.42 31.25 7.60
C ASP D 128 38.96 30.87 7.56
N GLU D 129 38.35 30.69 8.75
CA GLU D 129 36.94 30.31 9.00
C GLU D 129 36.76 28.79 8.84
N PRO D 130 37.80 27.99 9.14
CA PRO D 130 37.69 26.54 9.00
C PRO D 130 36.47 25.90 9.65
N ALA D 131 35.75 25.08 8.89
CA ALA D 131 34.59 24.42 9.45
C ALA D 131 35.07 23.39 10.47
N ASN D 132 34.28 23.16 11.51
CA ASN D 132 34.64 22.22 12.56
C ASN D 132 34.05 20.83 12.38
N ASP D 133 33.61 20.48 11.16
CA ASP D 133 33.04 19.17 10.89
C ASP D 133 33.98 18.02 11.28
N ASN D 134 35.22 18.11 10.84
CA ASN D 134 36.23 17.08 11.10
C ASN D 134 36.58 16.93 12.57
N LEU D 135 36.60 18.03 13.34
CA LEU D 135 36.92 17.87 14.76
C LEU D 135 35.80 17.16 15.50
N TYR D 136 34.56 17.34 15.03
CA TYR D 136 33.44 16.68 15.69
C TYR D 136 33.52 15.20 15.40
N LEU D 137 33.69 14.86 14.12
CA LEU D 137 33.79 13.46 13.73
C LEU D 137 34.93 12.74 14.46
N GLY D 138 36.02 13.45 14.73
CA GLY D 138 37.12 12.79 15.42
C GLY D 138 36.86 12.54 16.89
N VAL D 139 36.29 13.54 17.59
CA VAL D 139 36.04 13.26 19.00
C VAL D 139 34.98 12.19 19.12
N VAL D 140 34.04 12.12 18.16
CA VAL D 140 33.00 11.10 18.23
C VAL D 140 33.61 9.71 18.05
N LEU D 141 34.53 9.55 17.09
CA LEU D 141 35.14 8.24 16.90
C LEU D 141 35.91 7.81 18.15
N SER D 142 36.62 8.77 18.79
CA SER D 142 37.36 8.42 19.99
C SER D 142 36.41 7.96 21.08
N THR D 143 35.28 8.66 21.22
CA THR D 143 34.30 8.27 22.24
C THR D 143 33.75 6.88 21.97
N VAL D 144 33.54 6.56 20.68
CA VAL D 144 33.02 5.24 20.34
C VAL D 144 33.98 4.16 20.80
N VAL D 145 35.28 4.35 20.53
CA VAL D 145 36.27 3.35 20.94
C VAL D 145 36.29 3.21 22.47
N ILE D 146 36.28 4.35 23.17
CA ILE D 146 36.32 4.31 24.64
C ILE D 146 35.09 3.61 25.22
N VAL D 147 33.90 3.90 24.70
CA VAL D 147 32.69 3.27 25.23
C VAL D 147 32.70 1.77 24.96
N THR D 148 33.11 1.36 23.75
CA THR D 148 33.16 -0.06 23.45
C THR D 148 34.12 -0.76 24.40
N GLY D 149 35.24 -0.10 24.69
CA GLY D 149 36.22 -0.68 25.60
C GLY D 149 35.66 -0.85 26.99
N CYS D 150 34.91 0.16 27.47
CA CYS D 150 34.34 0.09 28.81
C CYS D 150 33.36 -1.09 28.93
N PHE D 151 32.50 -1.27 27.92
CA PHE D 151 31.53 -2.35 27.96
C PHE D 151 32.20 -3.73 27.89
N SER D 152 33.09 -3.90 26.91
CA SER D 152 33.76 -5.19 26.77
C SER D 152 34.57 -5.54 28.02
N TYR D 153 35.22 -4.54 28.63
CA TYR D 153 36.00 -4.78 29.84
C TYR D 153 35.12 -5.18 31.02
N TYR D 154 33.96 -4.52 31.15
CA TYR D 154 33.06 -4.83 32.26
C TYR D 154 32.57 -6.27 32.22
N GLN D 155 32.34 -6.82 31.02
CA GLN D 155 31.87 -8.20 30.98
C GLN D 155 32.93 -9.20 31.44
N GLU D 156 34.16 -9.08 30.92
CA GLU D 156 35.20 -10.01 31.34
C GLU D 156 35.50 -9.87 32.83
N ALA D 157 35.12 -8.75 33.44
CA ALA D 157 35.40 -8.64 34.86
C ALA D 157 34.30 -9.37 35.62
N LYS D 158 33.08 -9.30 35.09
CA LYS D 158 31.96 -9.99 35.72
C LYS D 158 32.29 -11.48 35.82
N SER D 159 32.76 -12.03 34.69
CA SER D 159 33.11 -13.45 34.68
C SER D 159 34.26 -13.73 35.64
N SER D 160 35.20 -12.79 35.79
CA SER D 160 36.29 -13.06 36.71
C SER D 160 35.82 -13.08 38.17
N ARG D 161 34.83 -12.25 38.53
CA ARG D 161 34.36 -12.26 39.91
C ARG D 161 33.65 -13.58 40.22
N ILE D 162 32.73 -13.99 39.34
CA ILE D 162 32.05 -15.24 39.62
C ILE D 162 33.07 -16.37 39.56
N MET D 163 34.23 -16.14 38.93
CA MET D 163 35.27 -17.16 38.87
C MET D 163 36.05 -17.21 40.17
N ASP D 164 36.21 -16.06 40.83
CA ASP D 164 36.94 -16.02 42.10
C ASP D 164 36.12 -16.64 43.20
N SER D 165 34.82 -16.70 43.01
CA SER D 165 34.07 -17.34 44.11
C SER D 165 34.25 -18.90 44.14
N PHE D 166 35.15 -19.52 43.36
CA PHE D 166 35.29 -20.97 43.40
C PHE D 166 36.58 -21.46 44.05
N LYS D 167 37.64 -20.66 44.09
CA LYS D 167 38.89 -21.09 44.73
C LYS D 167 38.73 -21.11 46.24
N ASN D 168 38.43 -22.27 46.81
CA ASN D 168 38.25 -22.44 48.25
C ASN D 168 39.49 -23.17 48.72
N MET D 169 40.47 -22.41 49.24
CA MET D 169 41.74 -22.95 49.71
C MET D 169 41.89 -22.95 51.23
N VAL D 170 41.72 -24.13 51.83
CA VAL D 170 41.84 -24.37 53.26
C VAL D 170 43.26 -24.85 53.54
N PRO D 171 44.02 -24.24 54.44
CA PRO D 171 45.39 -24.70 54.68
C PRO D 171 45.42 -26.17 55.08
N GLN D 172 46.53 -26.84 54.74
CA GLN D 172 46.75 -28.26 55.00
C GLN D 172 48.09 -28.53 55.66
N GLN D 173 48.10 -29.42 56.65
CA GLN D 173 49.31 -29.78 57.38
C GLN D 173 49.63 -31.28 57.27
N ALA D 174 50.91 -31.58 57.03
CA ALA D 174 51.44 -32.92 56.88
C ALA D 174 52.08 -33.44 58.18
N LEU D 175 52.27 -34.76 58.24
CA LEU D 175 52.86 -35.44 59.39
C LEU D 175 54.27 -35.88 59.01
N VAL D 176 55.27 -35.21 59.59
CA VAL D 176 56.69 -35.46 59.35
C VAL D 176 57.35 -35.98 60.63
N ILE D 177 58.35 -36.83 60.44
CA ILE D 177 59.10 -37.42 61.55
C ILE D 177 60.53 -36.88 61.54
N ARG D 178 60.86 -36.10 62.56
CA ARG D 178 62.18 -35.51 62.72
C ARG D 178 62.75 -35.86 64.08
N ASP D 179 64.03 -36.23 64.09
CA ASP D 179 64.74 -36.61 65.31
C ASP D 179 64.06 -37.79 65.98
N GLY D 180 63.28 -38.54 65.21
CA GLY D 180 62.57 -39.69 65.73
C GLY D 180 61.20 -39.39 66.29
N GLU D 181 60.70 -38.17 66.14
CA GLU D 181 59.39 -37.81 66.67
C GLU D 181 58.44 -37.36 65.57
N LYS D 182 57.14 -37.62 65.81
CA LYS D 182 56.06 -37.29 64.90
C LYS D 182 55.52 -35.89 65.17
N SER D 183 55.45 -35.05 64.14
CA SER D 183 54.96 -33.70 64.27
C SER D 183 54.16 -33.33 63.03
N THR D 184 53.11 -32.52 63.22
CA THR D 184 52.26 -32.09 62.12
C THR D 184 52.59 -30.62 61.84
N ILE D 185 53.19 -30.36 60.68
CA ILE D 185 53.58 -29.02 60.28
C ILE D 185 52.90 -28.64 58.97
N ASN D 186 52.71 -27.33 58.79
CA ASN D 186 52.08 -26.76 57.60
C ASN D 186 52.66 -27.40 56.34
N ALA D 187 51.87 -27.52 55.28
CA ALA D 187 52.37 -28.13 54.05
C ALA D 187 53.53 -27.34 53.45
N GLU D 188 53.59 -26.03 53.74
CA GLU D 188 54.63 -25.15 53.23
C GLU D 188 55.99 -25.32 53.92
N PHE D 189 56.10 -26.17 54.93
CA PHE D 189 57.37 -26.35 55.64
C PHE D 189 58.04 -27.70 55.38
N VAL D 190 57.53 -28.51 54.47
CA VAL D 190 58.13 -29.81 54.20
C VAL D 190 59.29 -29.62 53.24
N VAL D 191 60.39 -30.35 53.48
CA VAL D 191 61.56 -30.23 52.62
C VAL D 191 61.92 -31.58 52.02
N ALA D 192 62.97 -31.59 51.20
CA ALA D 192 63.44 -32.81 50.57
C ALA D 192 64.25 -33.61 51.57
N GLY D 193 63.89 -34.87 51.78
CA GLY D 193 64.68 -35.61 52.74
C GLY D 193 64.04 -36.07 54.02
N ASP D 194 63.11 -35.30 54.58
CA ASP D 194 62.52 -35.77 55.83
C ASP D 194 61.57 -36.93 55.58
N LEU D 195 61.21 -37.58 56.69
CA LEU D 195 60.32 -38.72 56.68
C LEU D 195 58.90 -38.20 56.78
N VAL D 196 58.00 -38.76 55.98
CA VAL D 196 56.62 -38.31 55.98
C VAL D 196 55.72 -39.53 56.04
N GLU D 197 54.74 -39.47 56.93
CA GLU D 197 53.77 -40.53 57.13
C GLU D 197 52.43 -40.04 56.65
N VAL D 198 51.66 -40.92 56.02
CA VAL D 198 50.35 -40.57 55.52
C VAL D 198 49.38 -41.60 56.08
N LYS D 199 48.11 -41.22 56.05
CA LYS D 199 47.01 -42.03 56.56
C LYS D 199 45.79 -41.83 55.69
N GLY D 200 45.05 -42.92 55.46
CA GLY D 200 43.86 -42.90 54.63
C GLY D 200 42.93 -41.75 54.95
N GLY D 201 42.88 -40.80 54.01
CA GLY D 201 42.04 -39.64 54.16
C GLY D 201 42.85 -38.37 54.00
N ASP D 202 44.16 -38.48 54.13
CA ASP D 202 45.03 -37.31 53.99
C ASP D 202 45.55 -37.21 52.57
N ARG D 203 46.19 -36.07 52.30
CA ARG D 203 46.75 -35.78 51.00
C ARG D 203 48.27 -35.92 50.99
N ILE D 204 48.80 -36.52 49.93
CA ILE D 204 50.24 -36.72 49.80
C ILE D 204 50.83 -35.31 49.66
N PRO D 205 51.66 -34.85 50.58
CA PRO D 205 52.21 -33.49 50.46
C PRO D 205 53.07 -33.24 49.22
N ALA D 206 54.27 -33.82 49.17
CA ALA D 206 55.19 -33.68 48.07
C ALA D 206 55.37 -35.03 47.36
N ASP D 207 56.34 -35.11 46.46
CA ASP D 207 56.58 -36.37 45.76
C ASP D 207 57.44 -37.22 46.68
N LEU D 208 56.84 -38.28 47.21
CA LEU D 208 57.43 -39.24 48.13
C LEU D 208 57.91 -40.50 47.45
N ARG D 209 58.79 -41.21 48.16
CA ARG D 209 59.38 -42.47 47.75
C ARG D 209 58.99 -43.37 48.91
N ILE D 210 57.96 -44.20 48.71
CA ILE D 210 57.47 -45.09 49.75
C ILE D 210 58.56 -46.02 50.26
N ILE D 211 58.68 -46.09 51.59
CA ILE D 211 59.67 -46.95 52.23
C ILE D 211 59.00 -48.10 52.99
N SER D 212 57.77 -47.92 53.46
CA SER D 212 57.04 -48.95 54.19
C SER D 212 55.56 -48.64 54.08
N ALA D 213 54.76 -49.62 53.65
CA ALA D 213 53.33 -49.42 53.50
C ALA D 213 52.55 -50.51 54.22
N HIS D 214 51.26 -50.21 54.51
CA HIS D 214 50.38 -51.16 55.20
C HIS D 214 49.02 -51.13 54.48
N GLY D 215 48.93 -51.85 53.36
CA GLY D 215 47.70 -51.89 52.57
C GLY D 215 47.24 -50.50 52.19
N CYS D 216 48.17 -49.67 51.73
CA CYS D 216 47.92 -48.29 51.33
C CYS D 216 47.53 -48.14 49.85
N LYS D 217 46.42 -47.43 49.60
CA LYS D 217 45.90 -47.18 48.27
C LYS D 217 45.80 -45.67 48.07
N VAL D 218 46.03 -45.22 46.82
CA VAL D 218 45.98 -43.80 46.48
C VAL D 218 45.13 -43.56 45.24
N ASP D 219 44.55 -42.36 45.14
CA ASP D 219 43.71 -41.94 44.02
C ASP D 219 44.55 -41.13 43.02
N ASN D 220 45.01 -41.79 41.96
CA ASN D 220 45.82 -41.16 40.90
C ASN D 220 44.96 -40.72 39.72
N SER D 221 43.74 -40.23 39.98
CA SER D 221 42.85 -39.79 38.91
C SER D 221 43.20 -38.44 38.30
N SER D 222 43.48 -37.43 39.13
CA SER D 222 43.79 -36.11 38.57
C SER D 222 45.12 -36.08 37.82
N LEU D 223 46.19 -36.60 38.40
CA LEU D 223 47.48 -36.57 37.71
C LEU D 223 47.61 -37.60 36.58
N THR D 224 47.54 -38.89 36.91
CA THR D 224 47.68 -39.92 35.89
C THR D 224 46.40 -40.38 35.21
N GLY D 225 45.22 -40.16 35.78
CA GLY D 225 44.02 -40.61 35.11
C GLY D 225 43.58 -42.03 35.36
N GLU D 226 43.92 -42.62 36.51
CA GLU D 226 43.56 -44.00 36.84
C GLU D 226 42.33 -43.99 37.74
N SER D 227 41.20 -44.46 37.17
CA SER D 227 39.91 -44.51 37.86
C SER D 227 39.92 -45.33 39.15
N GLU D 228 40.72 -46.37 39.26
CA GLU D 228 40.63 -47.09 40.53
C GLU D 228 41.85 -46.83 41.41
N PRO D 229 41.74 -47.12 42.71
CA PRO D 229 42.87 -46.86 43.62
C PRO D 229 44.03 -47.84 43.49
N GLN D 230 45.15 -47.32 42.99
CA GLN D 230 46.36 -48.11 42.81
C GLN D 230 47.08 -48.24 44.15
N THR D 231 47.41 -49.47 44.54
CA THR D 231 48.09 -49.70 45.80
C THR D 231 49.56 -49.26 45.71
N ARG D 232 50.02 -48.55 46.74
CA ARG D 232 51.40 -48.07 46.81
C ARG D 232 52.20 -49.07 47.65
N SER D 233 53.16 -49.74 47.02
CA SER D 233 54.01 -50.72 47.69
C SER D 233 55.45 -50.23 47.69
N PRO D 234 56.23 -50.57 48.71
CA PRO D 234 57.63 -50.11 48.73
C PRO D 234 58.47 -50.71 47.61
N GLU D 235 58.07 -51.84 47.05
CA GLU D 235 58.82 -52.47 45.97
C GLU D 235 58.53 -51.75 44.64
N PHE D 236 59.44 -51.93 43.69
CA PHE D 236 59.31 -51.32 42.36
C PHE D 236 58.66 -52.30 41.39
N SER D 237 57.91 -51.75 40.41
CA SER D 237 57.26 -52.66 39.47
C SER D 237 57.37 -52.30 38.00
N SER D 238 57.26 -51.02 37.61
CA SER D 238 57.34 -50.64 36.21
C SER D 238 58.38 -49.58 35.94
N GLU D 239 58.96 -49.65 34.75
CA GLU D 239 59.98 -48.70 34.32
C GLU D 239 59.45 -47.27 34.24
N ASN D 240 58.14 -47.11 34.07
CA ASN D 240 57.52 -45.80 33.98
C ASN D 240 57.21 -45.32 35.39
N PRO D 241 57.73 -44.16 35.82
CA PRO D 241 57.43 -43.70 37.19
C PRO D 241 55.96 -43.52 37.51
N LEU D 242 55.13 -43.19 36.53
CA LEU D 242 53.70 -43.03 36.81
C LEU D 242 53.00 -44.35 37.10
N GLU D 243 53.57 -45.47 36.66
CA GLU D 243 52.99 -46.79 36.87
C GLU D 243 53.52 -47.52 38.10
N THR D 244 54.72 -47.21 38.57
CA THR D 244 55.25 -47.90 39.74
C THR D 244 54.47 -47.52 40.99
N ARG D 245 54.59 -48.37 42.01
CA ARG D 245 53.92 -48.19 43.29
C ARG D 245 54.79 -47.65 44.41
N ASN D 246 56.08 -47.43 44.17
CA ASN D 246 56.95 -46.92 45.23
C ASN D 246 57.05 -45.39 45.23
N ILE D 247 56.13 -44.70 44.56
CA ILE D 247 56.15 -43.25 44.51
C ILE D 247 54.77 -42.65 44.73
N ALA D 248 54.65 -41.77 45.70
CA ALA D 248 53.40 -41.10 46.00
C ALA D 248 53.49 -39.76 45.26
N PHE D 249 52.35 -39.22 44.84
CA PHE D 249 52.44 -37.97 44.10
C PHE D 249 51.71 -36.80 44.73
N PHE D 250 52.10 -35.61 44.25
CA PHE D 250 51.54 -34.34 44.70
C PHE D 250 50.08 -34.23 44.28
N SER D 251 49.25 -33.74 45.20
CA SER D 251 47.80 -33.54 45.04
C SER D 251 47.01 -34.83 45.04
N THR D 252 47.65 -35.96 45.31
CA THR D 252 46.93 -37.22 45.34
C THR D 252 46.44 -37.45 46.76
N ASN D 253 45.53 -38.41 46.93
CA ASN D 253 45.00 -38.69 48.26
C ASN D 253 45.08 -40.17 48.56
N CYS D 254 45.36 -40.48 49.83
CA CYS D 254 45.48 -41.85 50.31
C CYS D 254 44.08 -42.30 50.72
N VAL D 255 43.47 -43.18 49.91
CA VAL D 255 42.12 -43.66 50.19
C VAL D 255 42.09 -44.52 51.45
N GLU D 256 42.77 -45.66 51.44
CA GLU D 256 42.77 -46.54 52.59
C GLU D 256 44.18 -47.08 52.88
N GLY D 257 44.53 -47.08 54.15
CA GLY D 257 45.83 -47.54 54.61
C GLY D 257 46.73 -46.41 55.07
N THR D 258 47.91 -46.80 55.53
CA THR D 258 48.91 -45.86 56.02
C THR D 258 50.25 -46.20 55.38
N ALA D 259 51.09 -45.17 55.21
CA ALA D 259 52.38 -45.42 54.60
C ALA D 259 53.42 -44.38 55.04
N ARG D 260 54.68 -44.70 54.76
CA ARG D 260 55.84 -43.88 55.08
C ARG D 260 56.60 -43.60 53.79
N GLY D 261 57.41 -42.55 53.80
CA GLY D 261 58.17 -42.25 52.60
C GLY D 261 59.09 -41.06 52.76
N VAL D 262 60.12 -41.06 51.93
CA VAL D 262 61.13 -40.00 51.89
C VAL D 262 60.77 -39.04 50.78
N VAL D 263 60.71 -37.75 51.09
CA VAL D 263 60.36 -36.74 50.10
C VAL D 263 61.47 -36.65 49.05
N VAL D 264 61.15 -37.04 47.82
CA VAL D 264 62.12 -36.98 46.74
C VAL D 264 62.03 -35.65 46.00
N TYR D 265 60.81 -35.23 45.66
CA TYR D 265 60.62 -33.97 44.96
C TYR D 265 59.77 -33.02 45.82
N THR D 266 60.12 -31.74 45.79
CA THR D 266 59.44 -30.71 46.55
C THR D 266 59.26 -29.44 45.72
N GLY D 267 58.24 -28.67 46.09
CA GLY D 267 57.88 -27.41 45.46
C GLY D 267 57.49 -27.53 44.00
N ASP D 268 57.70 -26.42 43.27
CA ASP D 268 57.39 -26.37 41.85
C ASP D 268 58.08 -27.46 41.05
N ARG D 269 59.20 -27.99 41.54
CA ARG D 269 59.93 -29.03 40.83
C ARG D 269 59.16 -30.35 40.79
N THR D 270 57.97 -30.41 41.37
CA THR D 270 57.16 -31.62 41.39
C THR D 270 56.57 -31.88 40.00
N VAL D 271 55.93 -33.05 39.86
CA VAL D 271 55.32 -33.43 38.58
C VAL D 271 54.24 -32.43 38.18
N MET D 272 53.21 -32.28 39.01
CA MET D 272 52.17 -31.34 38.66
C MET D 272 52.68 -29.90 38.68
N GLY D 273 53.89 -29.66 39.19
CA GLY D 273 54.46 -28.34 39.23
C GLY D 273 55.02 -28.07 37.85
N ARG D 274 55.72 -29.06 37.27
CA ARG D 274 56.25 -28.84 35.94
C ARG D 274 55.11 -28.74 34.94
N ILE D 275 54.02 -29.47 35.20
CA ILE D 275 52.88 -29.42 34.30
C ILE D 275 52.21 -28.05 34.37
N ALA D 276 52.03 -27.51 35.58
CA ALA D 276 51.41 -26.20 35.71
C ALA D 276 52.30 -25.11 35.11
N THR D 277 53.62 -25.19 35.35
CA THR D 277 54.51 -24.18 34.80
C THR D 277 54.50 -24.26 33.29
N LEU D 278 54.33 -25.46 32.72
CA LEU D 278 54.30 -25.58 31.28
C LEU D 278 53.01 -24.95 30.76
N ALA D 279 51.90 -25.18 31.47
CA ALA D 279 50.62 -24.63 31.06
C ALA D 279 50.69 -23.10 31.00
N SER D 280 51.26 -22.48 32.04
CA SER D 280 51.38 -21.02 32.03
C SER D 280 52.30 -20.53 30.92
N GLY D 281 53.30 -21.33 30.54
CA GLY D 281 54.25 -20.96 29.51
C GLY D 281 53.94 -21.49 28.11
N LEU D 282 52.69 -21.37 27.72
CA LEU D 282 52.17 -21.80 26.44
C LEU D 282 51.54 -20.55 25.81
N GLU D 283 51.47 -20.48 24.49
CA GLU D 283 50.87 -19.25 24.00
C GLU D 283 49.36 -19.36 24.02
N VAL D 284 48.68 -18.29 23.61
CA VAL D 284 47.24 -18.25 23.62
C VAL D 284 46.62 -18.58 22.28
N GLY D 285 47.02 -17.92 21.20
CA GLY D 285 46.38 -18.26 19.96
C GLY D 285 45.64 -17.06 19.41
N ARG D 286 44.85 -17.30 18.39
CA ARG D 286 44.06 -16.25 17.76
C ARG D 286 42.85 -16.98 17.20
N THR D 287 41.71 -16.81 17.88
CA THR D 287 40.43 -17.41 17.56
C THR D 287 40.03 -17.24 16.10
N PRO D 288 39.03 -17.98 15.63
CA PRO D 288 38.62 -17.83 14.22
C PRO D 288 37.87 -16.54 13.95
N ILE D 289 37.02 -16.12 14.88
CA ILE D 289 36.25 -14.89 14.73
C ILE D 289 37.16 -13.69 14.58
N ALA D 290 38.31 -13.72 15.26
CA ALA D 290 39.24 -12.61 15.16
C ALA D 290 39.87 -12.56 13.78
N ILE D 291 40.24 -13.73 13.24
CA ILE D 291 40.84 -13.76 11.90
C ILE D 291 39.83 -13.27 10.88
N GLU D 292 38.54 -13.56 11.11
CA GLU D 292 37.54 -13.10 10.15
C GLU D 292 37.42 -11.58 10.21
N ILE D 293 37.44 -11.02 11.42
CA ILE D 293 37.35 -9.56 11.54
C ILE D 293 38.55 -8.90 10.88
N GLU D 294 39.72 -9.54 11.02
CA GLU D 294 40.94 -8.99 10.42
C GLU D 294 40.84 -8.98 8.90
N HIS D 295 40.43 -10.10 8.28
CA HIS D 295 40.34 -10.09 6.83
C HIS D 295 39.24 -9.14 6.37
N PHE D 296 38.29 -8.85 7.26
CA PHE D 296 37.21 -7.94 6.92
C PHE D 296 37.78 -6.54 6.82
N ILE D 297 38.59 -6.16 7.80
CA ILE D 297 39.20 -4.83 7.78
C ILE D 297 40.12 -4.74 6.57
N HIS D 298 40.73 -5.88 6.18
CA HIS D 298 41.62 -5.86 5.02
C HIS D 298 40.85 -5.43 3.77
N ILE D 299 39.63 -5.94 3.61
CA ILE D 299 38.86 -5.55 2.44
C ILE D 299 38.37 -4.11 2.55
N ILE D 300 37.86 -3.72 3.73
CA ILE D 300 37.38 -2.36 3.92
C ILE D 300 38.48 -1.34 3.60
N THR D 301 39.72 -1.64 3.96
CA THR D 301 40.79 -0.69 3.66
C THR D 301 41.22 -0.77 2.22
N GLY D 302 41.06 -1.93 1.59
CA GLY D 302 41.44 -2.04 0.20
C GLY D 302 40.60 -1.08 -0.61
N VAL D 303 39.27 -1.23 -0.48
CA VAL D 303 38.40 -0.34 -1.25
C VAL D 303 38.46 1.12 -0.77
N ALA D 304 38.88 1.36 0.47
CA ALA D 304 38.94 2.75 0.91
C ALA D 304 40.14 3.47 0.32
N VAL D 305 41.32 2.86 0.39
CA VAL D 305 42.45 3.59 -0.18
C VAL D 305 42.37 3.56 -1.70
N PHE D 306 41.58 2.64 -2.28
CA PHE D 306 41.49 2.65 -3.73
C PHE D 306 40.67 3.85 -4.18
N LEU D 307 39.50 4.06 -3.53
CA LEU D 307 38.69 5.21 -3.92
C LEU D 307 39.38 6.51 -3.59
N GLY D 308 40.26 6.53 -2.59
CA GLY D 308 40.90 7.80 -2.29
C GLY D 308 42.05 8.16 -3.21
N VAL D 309 42.96 7.21 -3.48
CA VAL D 309 44.07 7.56 -4.37
C VAL D 309 43.54 7.81 -5.78
N SER D 310 42.42 7.17 -6.14
CA SER D 310 41.92 7.41 -7.48
C SER D 310 41.22 8.76 -7.54
N PHE D 311 40.33 9.06 -6.54
CA PHE D 311 39.76 10.38 -6.74
C PHE D 311 40.77 11.49 -6.44
N PHE D 312 42.02 11.13 -6.16
CA PHE D 312 43.03 12.14 -5.89
C PHE D 312 43.67 12.49 -7.21
N ILE D 313 43.97 11.46 -8.01
CA ILE D 313 44.55 11.77 -9.30
C ILE D 313 43.48 12.45 -10.15
N LEU D 314 42.23 12.00 -10.02
CA LEU D 314 41.14 12.61 -10.79
C LEU D 314 40.94 14.08 -10.41
N SER D 315 41.04 14.40 -9.11
CA SER D 315 40.86 15.80 -8.77
C SER D 315 42.04 16.63 -9.24
N LEU D 316 43.25 16.06 -9.24
CA LEU D 316 44.37 16.85 -9.74
C LEU D 316 44.24 17.08 -11.23
N ILE D 317 43.53 16.18 -11.93
CA ILE D 317 43.36 16.34 -13.37
C ILE D 317 42.25 17.34 -13.66
N LEU D 318 41.37 17.61 -12.70
CA LEU D 318 40.31 18.58 -12.97
C LEU D 318 40.65 20.02 -12.59
N GLY D 319 41.86 20.33 -12.11
CA GLY D 319 42.24 21.68 -11.75
C GLY D 319 42.44 22.01 -10.28
N TYR D 320 41.73 21.33 -9.37
CA TYR D 320 41.90 21.64 -7.95
C TYR D 320 43.37 21.65 -7.50
N SER D 321 43.66 22.34 -6.40
CA SER D 321 45.02 22.41 -5.89
C SER D 321 45.32 21.19 -5.01
N TRP D 322 46.61 21.04 -4.65
CA TRP D 322 47.03 19.92 -3.83
C TRP D 322 46.41 19.96 -2.44
N LEU D 323 46.51 21.10 -1.75
CA LEU D 323 45.95 21.28 -0.41
C LEU D 323 44.53 20.73 -0.27
N GLU D 324 43.72 20.92 -1.30
CA GLU D 324 42.34 20.44 -1.29
C GLU D 324 42.27 18.95 -1.57
N ALA D 325 43.06 18.47 -2.53
CA ALA D 325 43.06 17.05 -2.87
C ALA D 325 43.46 16.20 -1.67
N VAL D 326 44.37 16.70 -0.82
CA VAL D 326 44.77 15.90 0.35
C VAL D 326 43.56 15.73 1.28
N ILE D 327 42.80 16.81 1.45
CA ILE D 327 41.62 16.75 2.31
C ILE D 327 40.60 15.82 1.69
N PHE D 328 40.54 15.77 0.36
CA PHE D 328 39.59 14.89 -0.30
C PHE D 328 39.97 13.44 -0.07
N LEU D 329 41.27 13.14 -0.14
CA LEU D 329 41.76 11.79 0.07
C LEU D 329 41.41 11.32 1.48
N ILE D 330 41.71 12.16 2.47
CA ILE D 330 41.42 11.80 3.85
C ILE D 330 39.92 11.67 4.07
N GLY D 331 39.13 12.57 3.47
CA GLY D 331 37.68 12.50 3.64
C GLY D 331 37.08 11.22 3.08
N ILE D 332 37.54 10.79 1.90
CA ILE D 332 36.98 9.57 1.31
C ILE D 332 37.42 8.34 2.10
N ILE D 333 38.68 8.31 2.56
CA ILE D 333 39.13 7.14 3.31
C ILE D 333 38.43 7.07 4.64
N VAL D 334 38.33 8.18 5.36
CA VAL D 334 37.66 8.18 6.66
C VAL D 334 36.18 7.88 6.48
N ALA D 335 35.57 8.36 5.39
CA ALA D 335 34.16 8.10 5.14
C ALA D 335 33.90 6.62 4.93
N ASN D 336 34.88 5.88 4.43
CA ASN D 336 34.71 4.44 4.20
C ASN D 336 35.03 3.58 5.42
N VAL D 337 34.89 4.10 6.63
CA VAL D 337 35.19 3.35 7.85
C VAL D 337 33.89 3.18 8.66
N PRO D 338 33.51 1.94 9.02
CA PRO D 338 32.27 1.75 9.80
C PRO D 338 32.48 2.09 11.27
N GLU D 339 31.97 3.25 11.70
CA GLU D 339 32.12 3.66 13.09
C GLU D 339 31.22 2.87 14.03
N GLY D 340 29.99 2.56 13.61
CA GLY D 340 29.11 1.82 14.48
C GLY D 340 29.16 0.32 14.39
N LEU D 341 29.81 -0.23 13.35
CA LEU D 341 29.88 -1.67 13.24
C LEU D 341 30.61 -2.28 14.44
N LEU D 342 31.43 -1.48 15.14
CA LEU D 342 32.16 -1.97 16.30
C LEU D 342 31.20 -2.22 17.45
N ALA D 343 30.38 -1.22 17.77
CA ALA D 343 29.43 -1.37 18.87
C ALA D 343 28.40 -2.44 18.54
N THR D 344 27.99 -2.53 17.26
CA THR D 344 27.01 -3.53 16.87
C THR D 344 27.60 -4.93 17.00
N VAL D 345 28.83 -5.13 16.55
CA VAL D 345 29.45 -6.45 16.65
C VAL D 345 29.65 -6.83 18.11
N THR D 346 30.06 -5.86 18.94
CA THR D 346 30.28 -6.15 20.35
C THR D 346 28.97 -6.57 21.01
N VAL D 347 27.88 -5.82 20.77
CA VAL D 347 26.60 -6.18 21.37
C VAL D 347 26.14 -7.53 20.83
N CYS D 348 26.42 -7.80 19.56
CA CYS D 348 26.02 -9.07 18.95
C CYS D 348 26.65 -10.22 19.71
N LEU D 349 27.97 -10.17 19.88
CA LEU D 349 28.68 -11.21 20.61
C LEU D 349 28.20 -11.31 22.06
N THR D 350 27.94 -10.15 22.69
CA THR D 350 27.49 -10.13 24.08
C THR D 350 26.13 -10.79 24.28
N LEU D 351 25.22 -10.67 23.31
CA LEU D 351 23.90 -11.28 23.48
C LEU D 351 23.95 -12.81 23.56
N THR D 352 24.72 -13.45 22.68
CA THR D 352 24.80 -14.91 22.72
C THR D 352 25.46 -15.45 23.98
N ALA D 353 26.26 -14.62 24.68
CA ALA D 353 26.90 -15.11 25.89
C ALA D 353 25.95 -15.16 27.08
N LYS D 354 24.91 -14.33 27.08
CA LYS D 354 23.99 -14.37 28.21
C LYS D 354 23.13 -15.61 28.12
N ARG D 355 22.74 -16.00 26.89
CA ARG D 355 21.94 -17.20 26.72
C ARG D 355 22.70 -18.39 27.29
N MET D 356 24.02 -18.36 27.12
CA MET D 356 24.88 -19.42 27.62
C MET D 356 24.95 -19.37 29.14
N ALA D 357 25.06 -18.17 29.71
CA ALA D 357 25.10 -18.09 31.16
C ALA D 357 23.77 -18.50 31.79
N ARG D 358 22.70 -18.55 31.00
CA ARG D 358 21.41 -18.95 31.58
C ARG D 358 21.36 -20.47 31.76
N LYS D 359 22.05 -21.22 30.90
CA LYS D 359 22.06 -22.68 30.99
C LYS D 359 23.30 -23.23 31.69
N ASN D 360 23.99 -22.38 32.48
CA ASN D 360 25.20 -22.75 33.24
C ASN D 360 26.45 -23.02 32.40
N CYS D 361 26.65 -22.27 31.31
CA CYS D 361 27.82 -22.44 30.44
C CYS D 361 28.50 -21.07 30.46
N LEU D 362 29.57 -20.90 31.23
CA LEU D 362 30.24 -19.61 31.31
C LEU D 362 31.54 -19.50 30.52
N VAL D 363 31.68 -18.40 29.77
CA VAL D 363 32.84 -18.11 28.95
C VAL D 363 33.62 -16.97 29.62
N LYS D 364 34.95 -17.13 29.69
CA LYS D 364 35.77 -16.09 30.32
C LYS D 364 36.04 -14.95 29.35
N ASN D 365 36.35 -15.27 28.10
CA ASN D 365 36.60 -14.26 27.09
C ASN D 365 35.25 -13.99 26.43
N LEU D 366 35.23 -13.20 25.36
CA LEU D 366 33.96 -12.93 24.72
C LEU D 366 33.80 -13.60 23.37
N GLU D 367 34.89 -13.80 22.64
CA GLU D 367 34.82 -14.45 21.34
C GLU D 367 34.81 -15.97 21.43
N ALA D 368 35.13 -16.55 22.58
CA ALA D 368 35.15 -18.00 22.73
C ALA D 368 33.74 -18.58 22.58
N VAL D 369 32.77 -17.71 22.31
CA VAL D 369 31.38 -18.14 22.14
C VAL D 369 31.14 -18.70 20.75
N GLU D 370 31.94 -18.28 19.77
CA GLU D 370 31.82 -18.72 18.38
C GLU D 370 32.66 -19.94 18.04
N THR D 371 33.79 -20.15 18.71
CA THR D 371 34.66 -21.28 18.42
C THR D 371 33.98 -22.64 18.47
N LEU D 372 32.99 -22.84 19.36
CA LEU D 372 32.34 -24.15 19.42
C LEU D 372 31.64 -24.50 18.12
N GLY D 373 30.95 -23.55 17.50
CA GLY D 373 30.26 -23.82 16.26
C GLY D 373 31.18 -24.16 15.11
N SER D 374 32.39 -23.61 15.10
CA SER D 374 33.36 -23.86 14.05
C SER D 374 34.21 -25.09 14.29
N THR D 375 34.08 -25.74 15.45
CA THR D 375 34.87 -26.93 15.74
C THR D 375 34.49 -28.08 14.82
N SER D 376 35.49 -28.89 14.45
CA SER D 376 35.28 -30.04 13.59
C SER D 376 35.99 -31.29 14.10
N THR D 377 36.60 -31.23 15.28
CA THR D 377 37.30 -32.36 15.86
C THR D 377 37.37 -32.12 17.36
N ILE D 378 36.64 -32.90 18.14
CA ILE D 378 36.60 -32.76 19.59
C ILE D 378 37.45 -33.85 20.23
N CYS D 379 38.48 -33.45 20.97
CA CYS D 379 39.36 -34.36 21.67
C CYS D 379 38.85 -34.39 23.10
N SER D 380 38.33 -35.52 23.55
CA SER D 380 37.82 -35.60 24.91
C SER D 380 38.62 -36.45 25.86
N PHD D 381 38.34 -36.26 27.15
CA PHD D 381 39.00 -36.99 28.21
C PHD D 381 37.97 -38.04 28.73
O PHD D 381 36.73 -37.79 28.64
CB PHD D 381 39.50 -36.11 29.35
CG PHD D 381 40.03 -36.80 30.59
OD1 PHD D 381 41.22 -37.34 30.51
OD2 PHD D 381 39.44 -36.89 31.69
P PHD D 381 41.54 -38.42 31.50
OP1 PHD D 381 40.75 -39.65 31.20
OP2 PHD D 381 43.01 -38.75 31.43
OP3 PHD D 381 41.20 -37.93 32.88
N LYS D 382 38.45 -39.16 29.25
CA LYS D 382 37.57 -40.20 29.75
C LYS D 382 37.19 -40.04 31.22
N THR D 383 38.18 -40.18 32.10
CA THR D 383 37.99 -40.06 33.54
C THR D 383 37.63 -38.62 33.94
N GLY D 384 36.44 -38.45 34.50
CA GLY D 384 35.96 -37.16 34.95
C GLY D 384 35.24 -36.34 33.90
N THR D 385 35.42 -36.63 32.62
CA THR D 385 34.76 -35.89 31.55
C THR D 385 33.76 -36.81 30.87
N LEU D 386 34.23 -37.86 30.22
CA LEU D 386 33.33 -38.79 29.56
C LEU D 386 32.58 -39.65 30.58
N THR D 387 33.18 -39.88 31.75
CA THR D 387 32.61 -40.69 32.82
C THR D 387 32.32 -39.86 34.08
N GLN D 388 31.93 -40.57 35.15
CA GLN D 388 31.59 -40.00 36.45
C GLN D 388 32.64 -40.21 37.54
N ASN D 389 33.69 -40.98 37.27
CA ASN D 389 34.77 -41.26 38.23
C ASN D 389 34.24 -41.80 39.57
N ARG D 390 33.09 -42.45 39.57
CA ARG D 390 32.51 -43.02 40.78
C ARG D 390 32.08 -44.44 40.45
N MET D 391 32.56 -45.41 41.22
CA MET D 391 32.18 -46.80 40.96
C MET D 391 30.69 -47.00 41.23
N THR D 392 30.01 -47.69 40.31
CA THR D 392 28.58 -47.94 40.45
C THR D 392 28.22 -49.36 40.00
N VAL D 393 27.31 -49.99 40.75
CA VAL D 393 26.83 -51.35 40.45
C VAL D 393 26.13 -51.29 39.10
N ALA D 394 26.71 -51.93 38.08
CA ALA D 394 26.13 -51.92 36.73
C ALA D 394 25.19 -53.08 36.37
N HIS D 395 25.68 -54.33 36.41
CA HIS D 395 24.89 -55.50 36.07
C HIS D 395 24.87 -56.52 37.20
N MET D 396 23.78 -57.29 37.29
CA MET D 396 23.63 -58.32 38.32
C MET D 396 23.16 -59.65 37.74
N TRP D 397 23.67 -60.76 38.28
CA TRP D 397 23.31 -62.11 37.86
C TRP D 397 22.46 -62.80 38.92
N PHE D 398 21.34 -63.36 38.51
CA PHE D 398 20.43 -64.08 39.41
C PHE D 398 19.31 -64.68 38.57
N ASP D 399 18.91 -65.89 38.95
CA ASP D 399 17.87 -66.68 38.28
C ASP D 399 18.25 -66.84 36.81
N ASN D 400 19.48 -67.32 36.58
CA ASN D 400 20.01 -67.53 35.23
C ASN D 400 19.58 -66.38 34.32
N GLN D 401 19.81 -65.15 34.78
CA GLN D 401 19.39 -64.01 33.99
C GLN D 401 20.13 -62.73 34.35
N ILE D 402 20.66 -62.05 33.34
CA ILE D 402 21.37 -60.80 33.53
C ILE D 402 20.36 -59.68 33.72
N HIS D 403 20.56 -58.87 34.75
CA HIS D 403 19.69 -57.75 35.08
C HIS D 403 20.55 -56.49 35.04
N GLU D 404 19.99 -55.40 34.53
CA GLU D 404 20.73 -54.16 34.45
C GLU D 404 20.17 -53.17 35.45
N ALA D 405 21.07 -52.40 36.08
CA ALA D 405 20.68 -51.41 37.07
C ALA D 405 20.94 -50.01 36.52
N ASP D 406 20.22 -49.05 37.08
CA ASP D 406 20.38 -47.66 36.66
C ASP D 406 21.67 -47.10 37.24
N THR D 407 22.56 -46.66 36.35
CA THR D 407 23.86 -46.10 36.69
C THR D 407 23.95 -44.64 36.25
N THR D 408 22.90 -43.86 36.50
CA THR D 408 22.88 -42.46 36.11
C THR D 408 22.65 -41.54 37.31
N GLU D 409 23.43 -40.47 37.35
CA GLU D 409 23.43 -39.42 38.38
C GLU D 409 22.08 -39.07 38.98
N ASN D 410 21.12 -38.63 38.17
CA ASN D 410 19.81 -38.25 38.69
C ASN D 410 18.82 -39.41 38.78
N GLN D 411 19.24 -40.65 38.52
CA GLN D 411 18.36 -41.81 38.59
C GLN D 411 17.12 -41.63 37.70
N SER D 412 17.37 -41.59 36.40
CA SER D 412 16.30 -41.43 35.42
C SER D 412 16.40 -42.60 34.45
N GLY D 413 15.86 -43.75 34.85
CA GLY D 413 15.92 -44.88 33.96
C GLY D 413 14.97 -46.03 34.24
N ALA D 414 15.47 -47.26 34.12
CA ALA D 414 14.68 -48.46 34.33
C ALA D 414 15.02 -49.24 35.60
N ALA D 415 14.00 -49.62 36.36
CA ALA D 415 14.22 -50.39 37.57
C ALA D 415 14.55 -51.81 37.12
N PHE D 416 14.97 -52.69 38.05
CA PHE D 416 15.33 -54.04 37.62
C PHE D 416 14.40 -55.16 38.08
N ASP D 417 13.10 -54.91 38.28
CA ASP D 417 12.23 -56.02 38.72
C ASP D 417 12.51 -56.54 40.13
N LYS D 418 12.21 -55.75 41.15
CA LYS D 418 12.42 -56.12 42.54
C LYS D 418 11.29 -56.97 43.13
N THR D 419 10.89 -58.05 42.45
CA THR D 419 9.81 -58.89 42.96
C THR D 419 10.17 -60.34 43.28
N SER D 420 11.40 -60.78 43.06
CA SER D 420 11.73 -62.16 43.37
C SER D 420 12.38 -62.25 44.74
N ALA D 421 12.33 -63.46 45.32
CA ALA D 421 12.94 -63.64 46.63
C ALA D 421 14.45 -63.64 46.51
N THR D 422 14.93 -64.09 45.35
CA THR D 422 16.36 -64.14 45.06
C THR D 422 16.98 -62.78 45.32
N TRP D 423 16.37 -61.72 44.76
CA TRP D 423 16.88 -60.37 44.94
C TRP D 423 16.95 -59.99 46.41
N SER D 424 15.93 -60.38 47.19
CA SER D 424 15.94 -60.04 48.60
C SER D 424 17.13 -60.70 49.28
N ALA D 425 17.34 -62.00 49.01
CA ALA D 425 18.48 -62.68 49.62
C ALA D 425 19.78 -62.00 49.20
N LEU D 426 19.85 -61.52 47.95
CA LEU D 426 21.04 -60.84 47.47
C LEU D 426 21.27 -59.56 48.27
N SER D 427 20.18 -58.84 48.52
CA SER D 427 20.28 -57.61 49.28
C SER D 427 20.79 -57.89 50.68
N ARG D 428 20.38 -59.02 51.25
CA ARG D 428 20.86 -59.35 52.60
C ARG D 428 22.33 -59.72 52.57
N ILE D 429 22.77 -60.44 51.54
CA ILE D 429 24.17 -60.84 51.43
C ILE D 429 25.06 -59.60 51.34
N ALA D 430 24.81 -58.77 50.32
CA ALA D 430 25.62 -57.57 50.13
C ALA D 430 25.48 -56.55 51.26
N ALA D 431 24.25 -56.28 51.72
CA ALA D 431 24.07 -55.31 52.79
C ALA D 431 24.66 -55.75 54.12
N LEU D 432 24.80 -57.06 54.35
CA LEU D 432 25.36 -57.51 55.62
C LEU D 432 26.87 -57.70 55.53
N CYS D 433 27.32 -58.53 54.59
CA CYS D 433 28.74 -58.81 54.41
C CYS D 433 29.38 -57.61 53.69
N ASN D 434 29.45 -56.50 54.43
CA ASN D 434 30.01 -55.23 53.97
C ASN D 434 30.20 -54.39 55.22
N ARG D 435 31.41 -53.82 55.38
CA ARG D 435 31.79 -53.02 56.53
C ARG D 435 31.77 -51.50 56.35
N ALA D 436 31.51 -50.96 55.16
CA ALA D 436 31.50 -49.51 55.03
C ALA D 436 30.15 -48.91 55.43
N VAL D 437 30.20 -47.64 55.85
CA VAL D 437 29.00 -46.89 56.28
C VAL D 437 29.09 -45.44 55.90
N PHE D 438 27.94 -44.85 55.52
CA PHE D 438 27.88 -43.44 55.17
C PHE D 438 28.52 -42.58 56.25
N GLN D 439 29.15 -41.49 55.83
CA GLN D 439 29.78 -40.59 56.77
C GLN D 439 28.75 -39.82 57.56
N ALA D 440 28.94 -39.71 58.88
CA ALA D 440 28.02 -38.97 59.74
C ALA D 440 27.60 -37.66 59.09
N GLY D 441 26.37 -37.24 59.30
CA GLY D 441 25.92 -35.98 58.71
C GLY D 441 25.75 -35.84 57.21
N GLN D 442 25.16 -36.83 56.54
CA GLN D 442 24.94 -36.75 55.10
C GLN D 442 23.45 -36.85 54.81
N ASP D 443 22.65 -36.77 55.87
CA ASP D 443 21.19 -36.82 55.90
C ASP D 443 20.53 -35.90 54.87
N ASN D 444 21.33 -35.01 54.27
CA ASN D 444 20.86 -34.05 53.29
C ASN D 444 21.20 -34.35 51.84
N VAL D 445 22.44 -34.72 51.52
CA VAL D 445 22.79 -35.02 50.13
C VAL D 445 21.97 -36.18 49.56
N PRO D 446 22.06 -36.46 48.26
CA PRO D 446 21.32 -37.57 47.69
C PRO D 446 22.05 -38.89 47.98
N ILE D 447 21.38 -39.99 47.66
CA ILE D 447 21.96 -41.32 47.91
C ILE D 447 23.23 -41.60 47.12
N LEU D 448 23.41 -41.00 45.94
CA LEU D 448 24.64 -41.33 45.23
C LEU D 448 25.81 -40.38 45.51
N LYS D 449 25.56 -39.09 45.71
CA LYS D 449 26.63 -38.13 45.99
C LYS D 449 27.12 -38.09 47.44
N ARG D 450 26.66 -38.95 48.35
CA ARG D 450 27.18 -38.81 49.71
C ARG D 450 28.51 -39.53 49.92
N SER D 451 29.21 -39.10 50.97
CA SER D 451 30.51 -39.63 51.36
C SER D 451 30.39 -40.97 52.09
N VAL D 452 31.16 -41.97 51.65
CA VAL D 452 31.15 -43.29 52.26
C VAL D 452 32.58 -43.69 52.60
N ALA D 453 32.80 -44.08 53.85
CA ALA D 453 34.11 -44.49 54.35
C ALA D 453 34.36 -45.98 54.05
N GLY D 454 35.26 -46.27 53.13
CA GLY D 454 35.54 -47.66 52.80
C GLY D 454 36.08 -47.80 51.39
N ASP D 455 36.20 -49.05 50.97
CA ASP D 455 36.68 -49.35 49.63
C ASP D 455 35.64 -48.90 48.61
N ALA D 456 36.02 -48.83 47.35
CA ALA D 456 35.05 -48.41 46.35
C ALA D 456 34.03 -49.49 46.01
N SER D 457 34.35 -50.74 46.31
CA SER D 457 33.42 -51.82 46.00
C SER D 457 32.33 -51.91 47.07
N GLU D 458 32.73 -51.88 48.35
CA GLU D 458 31.71 -51.94 49.38
C GLU D 458 30.85 -50.69 49.32
N SER D 459 31.44 -49.57 48.89
CA SER D 459 30.66 -48.34 48.78
C SER D 459 29.64 -48.44 47.66
N ALA D 460 30.04 -48.99 46.51
CA ALA D 460 29.08 -49.13 45.41
C ALA D 460 27.94 -50.06 45.81
N LEU D 461 28.29 -51.15 46.51
CA LEU D 461 27.26 -52.11 46.94
C LEU D 461 26.32 -51.48 47.96
N LEU D 462 26.90 -50.74 48.92
CA LEU D 462 26.10 -50.09 49.95
C LEU D 462 25.14 -49.10 49.32
N LYS D 463 25.60 -48.35 48.32
CA LYS D 463 24.72 -47.38 47.67
C LYS D 463 23.60 -48.07 46.90
N CYS D 464 23.89 -49.18 46.22
CA CYS D 464 22.82 -49.84 45.47
C CYS D 464 21.76 -50.43 46.41
N ILE D 465 22.20 -50.98 47.54
CA ILE D 465 21.25 -51.55 48.48
C ILE D 465 20.45 -50.44 49.15
N GLU D 466 21.12 -49.35 49.52
CA GLU D 466 20.45 -48.23 50.15
C GLU D 466 19.53 -47.53 49.15
N LEU D 467 19.74 -47.78 47.86
CA LEU D 467 18.93 -47.15 46.83
C LEU D 467 17.60 -47.86 46.63
N CYS D 468 17.59 -49.18 46.37
CA CYS D 468 16.27 -49.78 46.17
C CYS D 468 15.89 -50.80 47.25
N CYS D 469 16.43 -50.66 48.44
CA CYS D 469 16.13 -51.56 49.56
C CYS D 469 15.98 -50.77 50.86
N GLY D 470 15.94 -49.44 50.78
CA GLY D 470 15.83 -48.59 51.93
C GLY D 470 17.06 -48.65 52.83
N SER D 471 16.98 -47.94 53.95
CA SER D 471 18.05 -47.83 54.94
C SER D 471 18.81 -49.08 55.36
N VAL D 472 20.09 -49.12 55.00
CA VAL D 472 20.94 -50.24 55.37
C VAL D 472 21.20 -50.23 56.87
N GLN D 473 21.23 -49.06 57.51
CA GLN D 473 21.49 -49.00 58.95
C GLN D 473 20.46 -49.78 59.77
N GLY D 474 19.26 -49.96 59.25
CA GLY D 474 18.30 -50.71 60.04
C GLY D 474 18.37 -52.11 59.53
N MET D 475 18.70 -52.27 58.25
CA MET D 475 18.83 -53.61 57.71
C MET D 475 19.95 -54.33 58.43
N ARG D 476 20.96 -53.57 58.86
CA ARG D 476 22.13 -54.06 59.57
C ARG D 476 21.82 -54.24 61.04
N ASP D 477 20.99 -53.37 61.64
CA ASP D 477 20.75 -53.65 63.05
C ASP D 477 19.68 -54.71 63.21
N ARG D 478 18.95 -55.02 62.15
CA ARG D 478 17.91 -56.03 62.15
C ARG D 478 18.51 -57.43 62.24
N ASN D 479 19.80 -57.57 61.93
CA ASN D 479 20.52 -58.84 61.95
C ASN D 479 21.89 -58.61 62.58
N PRO D 480 22.10 -59.05 63.83
CA PRO D 480 23.38 -58.85 64.53
C PRO D 480 24.53 -59.76 64.08
N LYS D 481 25.64 -59.14 63.64
CA LYS D 481 26.83 -59.85 63.18
C LYS D 481 27.60 -60.47 64.35
N ILE D 482 27.73 -61.79 64.34
CA ILE D 482 28.45 -62.47 65.41
C ILE D 482 29.94 -62.56 65.16
N VAL D 483 30.35 -63.18 64.05
CA VAL D 483 31.79 -63.31 63.80
C VAL D 483 32.11 -63.15 62.33
N GLU D 484 33.16 -62.37 62.06
CA GLU D 484 33.61 -62.09 60.70
C GLU D 484 35.09 -62.42 60.51
N ILE D 485 35.40 -63.05 59.39
CA ILE D 485 36.80 -63.35 59.09
C ILE D 485 37.18 -62.42 57.94
N PRO D 486 37.97 -61.37 58.20
CA PRO D 486 38.34 -60.44 57.12
C PRO D 486 38.92 -61.05 55.86
N PHE D 487 38.83 -60.28 54.79
CA PHE D 487 39.34 -60.71 53.49
C PHE D 487 40.79 -61.14 53.65
N ASN D 488 41.12 -62.30 53.10
CA ASN D 488 42.47 -62.83 53.20
C ASN D 488 43.09 -62.96 51.83
N SER D 489 44.41 -62.79 51.77
CA SER D 489 45.11 -62.90 50.51
C SER D 489 45.14 -64.33 50.01
N THR D 490 44.94 -65.29 50.90
CA THR D 490 44.92 -66.71 50.55
C THR D 490 43.50 -67.21 50.37
N ASN D 491 42.60 -66.82 51.27
CA ASN D 491 41.20 -67.22 51.18
C ASN D 491 40.51 -66.58 49.98
N LYS D 492 40.90 -65.35 49.63
CA LYS D 492 40.32 -64.63 48.49
C LYS D 492 38.80 -64.50 48.66
N TYR D 493 38.35 -64.26 49.90
CA TYR D 493 36.93 -64.11 50.20
C TYR D 493 36.72 -63.38 51.53
N GLN D 494 35.51 -62.83 51.68
CA GLN D 494 35.11 -62.10 52.87
C GLN D 494 33.82 -62.73 53.39
N LEU D 495 33.85 -63.28 54.61
CA LEU D 495 32.66 -63.92 55.17
C LEU D 495 32.36 -63.43 56.59
N SER D 496 31.11 -63.71 57.01
CA SER D 496 30.64 -63.34 58.33
C SER D 496 29.31 -64.02 58.65
N ILE D 497 29.09 -64.29 59.94
CA ILE D 497 27.86 -64.90 60.46
C ILE D 497 27.15 -63.89 61.33
N HIS D 498 25.82 -63.91 61.19
CA HIS D 498 24.89 -63.05 61.87
C HIS D 498 23.65 -63.85 62.26
N GLU D 499 22.89 -63.28 63.18
CA GLU D 499 21.66 -63.90 63.66
C GLU D 499 20.60 -63.70 62.57
N ASN D 500 19.56 -64.53 62.60
CA ASN D 500 18.50 -64.42 61.60
C ASN D 500 17.31 -63.72 62.23
N GLU D 501 16.89 -62.61 61.61
CA GLU D 501 15.75 -61.87 62.17
C GLU D 501 14.46 -62.56 62.01
N LYS D 502 14.36 -63.78 61.48
CA LYS D 502 13.07 -64.42 61.37
C LYS D 502 12.59 -64.69 62.78
N SER D 503 11.43 -64.17 63.16
CA SER D 503 11.02 -64.46 64.52
C SER D 503 10.58 -65.90 64.68
N SER D 504 10.48 -66.65 63.58
CA SER D 504 10.09 -68.05 63.64
C SER D 504 11.29 -68.97 63.46
N GLU D 505 12.44 -68.42 63.08
CA GLU D 505 13.66 -69.19 62.88
C GLU D 505 14.75 -68.47 63.65
N SER D 506 15.30 -69.14 64.65
CA SER D 506 16.36 -68.61 65.50
C SER D 506 17.72 -69.11 65.05
N ARG D 507 17.79 -69.73 63.87
CA ARG D 507 19.06 -70.24 63.37
C ARG D 507 20.10 -69.18 63.08
N TYR D 508 21.22 -69.60 62.52
CA TYR D 508 22.29 -68.69 62.22
C TYR D 508 22.49 -68.57 60.71
N LEU D 509 22.73 -67.35 60.26
CA LEU D 509 22.94 -67.06 58.86
C LEU D 509 24.43 -66.82 58.60
N LEU D 510 24.93 -67.36 57.49
CA LEU D 510 26.32 -67.21 57.10
C LEU D 510 26.34 -66.67 55.70
N VAL D 511 27.15 -65.63 55.47
CA VAL D 511 27.25 -65.02 54.15
C VAL D 511 28.71 -64.85 53.81
N MET D 512 28.99 -64.90 52.50
CA MET D 512 30.36 -64.74 52.04
C MET D 512 30.33 -64.22 50.61
N LYS D 513 31.31 -63.39 50.29
CA LYS D 513 31.47 -62.79 48.98
C LYS D 513 32.91 -63.00 48.54
N GLY D 514 33.13 -62.92 47.23
CA GLY D 514 34.49 -63.11 46.75
C GLY D 514 34.51 -63.28 45.25
N ALA D 515 35.70 -63.57 44.74
CA ALA D 515 35.86 -63.76 43.30
C ALA D 515 34.92 -64.88 42.85
N PRO D 516 34.23 -64.72 41.71
CA PRO D 516 33.30 -65.78 41.27
C PRO D 516 33.93 -67.14 41.05
N GLU D 517 35.20 -67.24 40.69
CA GLU D 517 35.79 -68.56 40.50
C GLU D 517 35.93 -69.28 41.84
N ARG D 518 36.50 -68.59 42.82
CA ARG D 518 36.68 -69.16 44.15
C ARG D 518 35.34 -69.55 44.77
N ILE D 519 34.35 -68.66 44.68
CA ILE D 519 33.05 -68.97 45.26
C ILE D 519 32.36 -70.07 44.48
N LEU D 520 32.60 -70.17 43.17
CA LEU D 520 31.95 -71.23 42.41
C LEU D 520 32.48 -72.58 42.89
N ASP D 521 33.75 -72.62 43.26
CA ASP D 521 34.32 -73.88 43.75
C ASP D 521 33.82 -74.21 45.16
N ARG D 522 32.98 -73.38 45.76
CA ARG D 522 32.46 -73.61 47.11
C ARG D 522 30.94 -73.73 47.19
N CYS D 523 30.27 -74.06 46.10
CA CYS D 523 28.83 -74.18 46.18
C CYS D 523 28.40 -75.53 45.60
N SER D 524 27.14 -75.86 45.81
CA SER D 524 26.60 -77.12 45.30
C SER D 524 25.11 -76.98 45.10
N THR D 525 24.59 -75.79 45.38
CA THR D 525 23.19 -75.47 45.24
C THR D 525 23.09 -74.10 44.60
N ILE D 526 21.88 -73.78 44.16
CA ILE D 526 21.59 -72.51 43.51
C ILE D 526 20.18 -72.10 43.87
N LEU D 527 20.03 -70.88 44.33
CA LEU D 527 18.74 -70.32 44.72
C LEU D 527 18.07 -69.85 43.44
N LEU D 528 17.21 -70.69 42.88
CA LEU D 528 16.52 -70.35 41.66
C LEU D 528 15.08 -69.93 41.98
N ASN D 529 14.77 -68.68 41.65
CA ASN D 529 13.46 -68.07 41.85
C ASN D 529 12.96 -68.23 43.29
N GLY D 530 13.86 -68.58 44.20
CA GLY D 530 13.51 -68.76 45.60
C GLY D 530 13.85 -70.16 46.08
N ALA D 531 13.30 -71.18 45.42
CA ALA D 531 13.60 -72.55 45.83
C ALA D 531 15.07 -72.86 45.59
N GLU D 532 15.55 -74.03 46.00
CA GLU D 532 16.94 -74.37 45.77
C GLU D 532 17.01 -75.49 44.75
N GLU D 533 18.16 -75.62 44.10
CA GLU D 533 18.37 -76.64 43.08
C GLU D 533 19.83 -77.04 43.09
N PRO D 534 20.18 -78.18 42.49
CA PRO D 534 21.58 -78.60 42.47
C PRO D 534 22.38 -77.74 41.50
N LEU D 535 23.70 -77.92 41.54
CA LEU D 535 24.63 -77.17 40.70
C LEU D 535 25.07 -77.95 39.46
N LYS D 536 24.16 -78.63 38.75
CA LYS D 536 24.56 -79.38 37.56
C LYS D 536 25.30 -78.48 36.56
N GLU D 537 26.09 -79.12 35.69
CA GLU D 537 26.89 -78.40 34.69
C GLU D 537 26.08 -77.48 33.79
N ASP D 538 24.76 -77.64 33.69
CA ASP D 538 24.00 -76.73 32.83
C ASP D 538 24.09 -75.31 33.39
N MET D 539 23.82 -75.17 34.69
CA MET D 539 23.90 -73.84 35.26
C MET D 539 25.34 -73.44 35.51
N LYS D 540 26.26 -74.42 35.57
CA LYS D 540 27.66 -74.07 35.77
C LYS D 540 28.18 -73.42 34.50
N GLU D 541 27.65 -73.84 33.35
CA GLU D 541 28.09 -73.25 32.10
C GLU D 541 27.34 -71.94 31.90
N ALA D 542 26.12 -71.85 32.44
CA ALA D 542 25.41 -70.59 32.29
C ALA D 542 26.11 -69.54 33.15
N PHE D 543 26.80 -70.00 34.20
CA PHE D 543 27.53 -69.12 35.09
C PHE D 543 28.84 -68.72 34.45
N GLN D 544 29.39 -69.60 33.60
CA GLN D 544 30.64 -69.23 32.96
C GLN D 544 30.38 -68.22 31.85
N ASN D 545 29.30 -68.42 31.08
CA ASN D 545 29.02 -67.44 30.05
C ASN D 545 28.63 -66.11 30.68
N ALA D 546 27.97 -66.15 31.85
CA ALA D 546 27.61 -64.88 32.49
C ALA D 546 28.88 -64.18 32.97
N TYR D 547 29.86 -64.96 33.46
CA TYR D 547 31.11 -64.37 33.92
C TYR D 547 31.83 -63.69 32.77
N LEU D 548 31.88 -64.34 31.61
CA LEU D 548 32.56 -63.71 30.48
C LEU D 548 31.75 -62.57 29.90
N GLU D 549 30.43 -62.55 30.14
CA GLU D 549 29.61 -61.47 29.62
C GLU D 549 29.88 -60.20 30.42
N LEU D 550 29.84 -60.33 31.74
CA LEU D 550 30.10 -59.17 32.58
C LEU D 550 31.57 -58.77 32.51
N GLY D 551 32.47 -59.73 32.28
CA GLY D 551 33.89 -59.42 32.18
C GLY D 551 34.21 -58.69 30.90
N GLY D 552 33.67 -59.16 29.77
CA GLY D 552 33.92 -58.51 28.50
C GLY D 552 33.39 -57.10 28.44
N LEU D 553 32.44 -56.76 29.32
CA LEU D 553 31.86 -55.44 29.39
C LEU D 553 32.79 -54.46 30.10
N GLY D 554 34.01 -54.88 30.41
CA GLY D 554 34.94 -54.02 31.10
C GLY D 554 34.63 -53.84 32.56
N GLU D 555 33.69 -54.62 33.09
CA GLU D 555 33.26 -54.55 34.48
C GLU D 555 33.97 -55.58 35.35
N ARG D 556 33.94 -55.33 36.65
CA ARG D 556 34.54 -56.18 37.67
C ARG D 556 33.37 -56.92 38.34
N VAL D 557 33.41 -58.24 38.34
CA VAL D 557 32.35 -59.04 38.93
C VAL D 557 32.75 -59.72 40.22
N LEU D 558 31.77 -59.86 41.11
CA LEU D 558 31.92 -60.49 42.41
C LEU D 558 30.79 -61.50 42.59
N GLY D 559 31.02 -62.52 43.39
CA GLY D 559 30.05 -63.56 43.65
C GLY D 559 29.61 -63.52 45.11
N PHE D 560 28.31 -63.72 45.33
CA PHE D 560 27.72 -63.70 46.65
C PHE D 560 26.98 -65.00 46.94
N CYS D 561 27.23 -65.58 48.11
CA CYS D 561 26.58 -66.82 48.49
C CYS D 561 26.31 -66.79 49.99
N HIS D 562 25.40 -67.66 50.43
CA HIS D 562 25.05 -67.73 51.83
C HIS D 562 24.58 -69.13 52.17
N PHE D 563 24.43 -69.39 53.46
CA PHE D 563 23.99 -70.70 53.91
C PHE D 563 23.40 -70.60 55.31
N ALA D 564 22.39 -71.43 55.55
CA ALA D 564 21.71 -71.49 56.85
C ALA D 564 22.43 -72.52 57.70
N LEU D 565 23.09 -72.08 58.75
CA LEU D 565 23.81 -73.00 59.61
C LEU D 565 22.80 -73.78 60.45
N PRO D 566 22.91 -75.10 60.52
CA PRO D 566 21.96 -75.90 61.31
C PRO D 566 22.09 -75.57 62.79
N GLU D 567 21.00 -75.10 63.38
CA GLU D 567 21.03 -74.77 64.81
C GLU D 567 21.16 -75.99 65.69
N ASP D 568 21.15 -77.20 65.12
CA ASP D 568 21.28 -78.41 65.91
C ASP D 568 22.74 -78.76 66.13
N LYS D 569 23.59 -78.42 65.18
CA LYS D 569 25.02 -78.69 65.28
C LYS D 569 25.78 -77.46 65.79
N TYR D 570 25.14 -76.29 65.72
CA TYR D 570 25.68 -75.01 66.18
C TYR D 570 24.50 -74.28 66.80
N ASN D 571 24.27 -74.52 68.10
CA ASN D 571 23.16 -73.88 68.81
C ASN D 571 23.36 -72.37 68.92
N GLU D 572 22.33 -71.71 69.43
CA GLU D 572 22.34 -70.26 69.61
C GLU D 572 23.36 -69.80 70.66
N GLY D 573 23.84 -70.71 71.50
CA GLY D 573 24.80 -70.35 72.52
C GLY D 573 26.24 -70.59 72.14
N TYR D 574 26.46 -71.49 71.18
CA TYR D 574 27.83 -71.78 70.76
C TYR D 574 28.50 -70.57 70.12
N PRO D 575 29.76 -70.31 70.46
CA PRO D 575 30.47 -69.17 69.87
C PRO D 575 31.50 -69.66 68.86
N PHE D 576 31.34 -69.26 67.60
CA PHE D 576 32.26 -69.67 66.53
C PHE D 576 33.46 -68.74 66.44
N ASP D 577 34.41 -68.93 67.36
CA ASP D 577 35.61 -68.09 67.34
C ASP D 577 36.36 -68.32 66.03
N ALA D 578 36.87 -67.24 65.45
CA ALA D 578 37.60 -67.30 64.18
C ALA D 578 38.99 -67.93 64.34
N ASP D 579 39.02 -69.26 64.45
CA ASP D 579 40.28 -69.96 64.60
C ASP D 579 40.38 -71.22 63.75
N GLU D 580 39.40 -72.11 63.90
CA GLU D 580 39.33 -73.39 63.18
C GLU D 580 38.13 -73.48 62.24
N PRO D 581 37.91 -74.65 61.56
CA PRO D 581 36.75 -74.74 60.66
C PRO D 581 35.43 -74.89 61.36
N ASN D 582 34.84 -73.76 61.71
CA ASN D 582 33.55 -73.74 62.40
C ASN D 582 32.43 -73.60 61.40
N PHE D 583 32.74 -73.22 60.17
CA PHE D 583 31.70 -73.04 59.18
C PHE D 583 32.02 -73.90 57.96
N PRO D 584 31.02 -74.50 57.33
CA PRO D 584 31.31 -75.31 56.14
C PRO D 584 31.73 -74.43 54.98
N THR D 585 33.00 -74.51 54.60
CA THR D 585 33.48 -73.69 53.49
C THR D 585 32.76 -74.05 52.20
N THR D 586 32.57 -75.34 51.95
CA THR D 586 31.89 -75.82 50.76
C THR D 586 30.41 -76.00 51.08
N ASP D 587 29.67 -76.58 50.13
CA ASP D 587 28.24 -76.85 50.26
C ASP D 587 27.41 -75.60 50.53
N LEU D 588 27.89 -74.42 50.11
CA LEU D 588 27.15 -73.18 50.32
C LEU D 588 26.08 -73.03 49.24
N CYS D 589 25.28 -71.96 49.32
CA CYS D 589 24.22 -71.69 48.36
C CYS D 589 24.55 -70.40 47.62
N PHE D 590 24.97 -70.53 46.36
CA PHE D 590 25.32 -69.38 45.54
C PHE D 590 24.04 -68.68 45.12
N VAL D 591 23.96 -67.37 45.31
CA VAL D 591 22.76 -66.65 44.93
C VAL D 591 22.94 -65.91 43.62
N GLY D 592 24.09 -65.26 43.42
CA GLY D 592 24.29 -64.54 42.17
C GLY D 592 25.46 -63.58 42.12
N LEU D 593 25.92 -63.29 40.91
CA LEU D 593 27.04 -62.38 40.68
C LEU D 593 26.58 -60.93 40.72
N MET D 594 27.53 -60.04 41.00
CA MET D 594 27.27 -58.60 41.09
C MET D 594 28.45 -57.87 40.47
N ALA D 595 28.25 -57.26 39.30
CA ALA D 595 29.30 -56.52 38.62
C ALA D 595 29.24 -55.03 38.99
N MET D 596 30.26 -54.29 38.57
CA MET D 596 30.32 -52.85 38.86
C MET D 596 31.38 -52.18 38.00
N ILE D 597 31.16 -50.91 37.70
CA ILE D 597 32.09 -50.13 36.87
C ILE D 597 31.70 -48.66 36.97
N ASP D 598 32.61 -47.77 36.57
CA ASP D 598 32.32 -46.33 36.60
C ASP D 598 31.45 -45.99 35.39
N PRO D 599 30.22 -45.54 35.60
CA PRO D 599 29.35 -45.24 34.47
C PRO D 599 29.55 -43.83 33.93
N PRO D 600 29.06 -43.58 32.71
CA PRO D 600 29.20 -42.26 32.11
C PRO D 600 28.09 -41.33 32.57
N ARG D 601 28.31 -40.04 32.37
CA ARG D 601 27.31 -39.06 32.76
C ARG D 601 26.07 -39.22 31.88
N ALA D 602 24.92 -38.87 32.44
CA ALA D 602 23.63 -38.96 31.77
C ALA D 602 23.58 -38.58 30.30
N ALA D 603 23.82 -37.31 29.97
CA ALA D 603 23.76 -36.92 28.56
C ALA D 603 25.05 -37.13 27.76
N VAL D 604 25.90 -38.09 28.16
CA VAL D 604 27.12 -38.32 27.40
C VAL D 604 26.86 -39.03 26.07
N PRO D 605 26.15 -40.16 26.02
CA PRO D 605 25.92 -40.81 24.71
C PRO D 605 25.14 -39.93 23.75
N ASP D 606 24.05 -39.31 24.22
CA ASP D 606 23.25 -38.44 23.36
C ASP D 606 24.07 -37.28 22.82
N ALA D 607 24.88 -36.65 23.68
CA ALA D 607 25.69 -35.51 23.23
C ALA D 607 26.74 -35.96 22.22
N VAL D 608 27.38 -37.12 22.45
CA VAL D 608 28.38 -37.57 21.49
C VAL D 608 27.71 -37.84 20.16
N GLY D 609 26.51 -38.42 20.19
CA GLY D 609 25.79 -38.70 18.97
C GLY D 609 25.43 -37.41 18.24
N LYS D 610 25.05 -36.38 19.00
CA LYS D 610 24.69 -35.11 18.40
C LYS D 610 25.90 -34.48 17.73
N CYS D 611 27.06 -34.59 18.37
CA CYS D 611 28.27 -34.02 17.79
C CYS D 611 28.64 -34.76 16.52
N ARG D 612 28.54 -36.09 16.53
CA ARG D 612 28.87 -36.86 15.33
C ARG D 612 27.88 -36.55 14.22
N SER D 613 26.62 -36.27 14.57
CA SER D 613 25.62 -35.94 13.56
C SER D 613 25.97 -34.65 12.85
N ALA D 614 26.56 -33.70 13.58
CA ALA D 614 26.97 -32.41 13.04
C ALA D 614 28.30 -32.49 12.29
N GLY D 615 28.81 -33.70 12.07
CA GLY D 615 30.06 -33.88 11.37
C GLY D 615 31.31 -33.58 12.17
N ILE D 616 31.23 -33.67 13.51
CA ILE D 616 32.37 -33.42 14.38
C ILE D 616 33.04 -34.74 14.71
N LYS D 617 34.34 -34.84 14.41
CA LYS D 617 35.09 -36.05 14.70
C LYS D 617 35.38 -36.13 16.19
N VAL D 618 34.92 -37.20 16.84
CA VAL D 618 35.14 -37.40 18.27
C VAL D 618 36.30 -38.36 18.42
N ILE D 619 37.36 -37.92 19.09
CA ILE D 619 38.56 -38.71 19.30
C ILE D 619 38.82 -38.79 20.79
N MET D 620 38.88 -40.01 21.33
CA MET D 620 39.12 -40.15 22.76
C MET D 620 40.61 -40.07 23.06
N VAL D 621 40.99 -39.29 24.06
CA VAL D 621 42.39 -39.13 24.47
C VAL D 621 42.39 -39.27 25.99
N THR D 622 42.91 -40.38 26.50
CA THR D 622 42.93 -40.56 27.95
C THR D 622 44.14 -41.37 28.38
N GLY D 623 44.56 -41.13 29.62
CA GLY D 623 45.69 -41.82 30.21
C GLY D 623 45.27 -43.05 30.99
N ASP D 624 44.16 -43.67 30.61
CA ASP D 624 43.66 -44.85 31.29
C ASP D 624 44.00 -46.12 30.53
N HIS D 625 43.74 -47.24 31.19
CA HIS D 625 43.99 -48.57 30.64
C HIS D 625 43.18 -48.77 29.37
N PRO D 626 43.80 -49.24 28.27
CA PRO D 626 43.03 -49.42 27.02
C PRO D 626 41.87 -50.38 27.08
N ILE D 627 41.93 -51.42 27.93
CA ILE D 627 40.81 -52.36 28.01
C ILE D 627 39.54 -51.67 28.49
N THR D 628 39.68 -50.61 29.28
CA THR D 628 38.53 -49.88 29.77
C THR D 628 38.19 -48.72 28.84
N ALA D 629 39.21 -48.11 28.24
CA ALA D 629 38.98 -47.01 27.32
C ALA D 629 38.18 -47.46 26.12
N LYS D 630 38.51 -48.63 25.56
CA LYS D 630 37.78 -49.13 24.40
C LYS D 630 36.32 -49.41 24.74
N ALA D 631 36.08 -49.94 25.94
CA ALA D 631 34.71 -50.23 26.35
C ALA D 631 33.91 -48.95 26.52
N ILE D 632 34.50 -47.94 27.16
CA ILE D 632 33.77 -46.69 27.33
C ILE D 632 33.56 -46.02 25.98
N ALA D 633 34.52 -46.18 25.06
CA ALA D 633 34.38 -45.58 23.74
C ALA D 633 33.18 -46.19 23.03
N LYS D 634 33.08 -47.51 23.05
CA LYS D 634 31.95 -48.17 22.40
C LYS D 634 30.64 -47.84 23.11
N GLY D 635 30.71 -47.60 24.42
CA GLY D 635 29.50 -47.28 25.18
C GLY D 635 29.00 -45.86 25.00
N VAL D 636 29.87 -44.92 24.61
CA VAL D 636 29.45 -43.54 24.42
C VAL D 636 29.27 -43.16 22.97
N GLY D 637 29.71 -44.01 22.02
CA GLY D 637 29.56 -43.73 20.61
C GLY D 637 30.83 -43.39 19.85
N ILE D 638 32.00 -43.33 20.51
CA ILE D 638 33.22 -43.01 19.77
C ILE D 638 33.54 -44.14 18.80
N ILE D 639 33.39 -45.38 19.24
CA ILE D 639 33.65 -46.54 18.40
C ILE D 639 32.29 -47.11 18.09
N SER D 640 31.69 -46.68 16.98
CA SER D 640 30.36 -47.17 16.61
C SER D 640 30.31 -48.68 16.63
N GLU D 641 29.18 -49.21 17.10
CA GLU D 641 29.02 -50.65 17.17
C GLU D 641 29.07 -51.22 15.76
N GLY D 642 29.96 -52.18 15.55
CA GLY D 642 30.12 -52.78 14.25
C GLY D 642 31.51 -52.54 13.69
N ASN D 643 32.09 -51.37 13.97
CA ASN D 643 33.42 -51.07 13.48
C ASN D 643 34.41 -52.01 14.16
N GLU D 644 35.59 -52.20 13.56
CA GLU D 644 36.55 -53.12 14.15
C GLU D 644 38.00 -52.71 14.02
N THR D 645 38.79 -53.12 15.02
CA THR D 645 40.22 -52.90 15.15
C THR D 645 40.98 -54.08 14.54
N ILE D 646 42.28 -53.86 14.25
CA ILE D 646 43.07 -54.94 13.64
C ILE D 646 43.18 -56.17 14.55
N GLU D 647 43.22 -55.98 15.88
CA GLU D 647 43.32 -57.16 16.74
C GLU D 647 42.00 -57.92 16.74
N ASP D 648 40.88 -57.21 16.63
CA ASP D 648 39.60 -57.88 16.61
C ASP D 648 39.49 -58.77 15.38
N ILE D 649 40.03 -58.31 14.25
CA ILE D 649 39.98 -59.12 13.03
C ILE D 649 40.87 -60.34 13.19
N ALA D 650 42.06 -60.14 13.79
CA ALA D 650 42.95 -61.28 13.96
C ALA D 650 42.34 -62.30 14.91
N ALA D 651 41.51 -61.85 15.85
CA ALA D 651 40.89 -62.78 16.78
C ALA D 651 39.68 -63.46 16.16
N ARG D 652 38.96 -62.76 15.29
CA ARG D 652 37.80 -63.35 14.63
C ARG D 652 38.21 -64.39 13.59
N LEU D 653 39.41 -64.25 13.03
CA LEU D 653 39.88 -65.19 12.02
C LEU D 653 40.83 -66.26 12.57
N ASN D 654 41.56 -65.96 13.64
CA ASN D 654 42.52 -66.86 14.30
C ASN D 654 43.83 -66.88 13.53
N ILE D 655 44.28 -65.70 13.12
CA ILE D 655 45.52 -65.54 12.36
C ILE D 655 46.36 -64.46 13.04
N PRO D 656 47.66 -64.42 12.77
CA PRO D 656 48.50 -63.39 13.39
C PRO D 656 48.04 -62.00 12.96
N ILE D 657 48.45 -60.99 13.73
CA ILE D 657 48.05 -59.61 13.43
C ILE D 657 48.89 -58.98 12.32
N GLY D 658 50.11 -59.45 12.10
CA GLY D 658 50.95 -58.87 11.06
C GLY D 658 50.51 -59.16 9.64
N GLN D 659 49.50 -60.01 9.45
CA GLN D 659 49.00 -60.37 8.13
C GLN D 659 47.87 -59.46 7.61
N VAL D 660 46.93 -59.08 8.47
CA VAL D 660 45.82 -58.22 8.05
C VAL D 660 46.29 -56.85 7.58
N ASN D 661 45.49 -56.27 6.66
CA ASN D 661 45.75 -54.95 6.09
C ASN D 661 45.09 -53.91 6.99
N PRO D 662 45.80 -52.85 7.40
CA PRO D 662 45.19 -51.83 8.28
C PRO D 662 44.16 -50.93 7.62
N ARG D 663 43.91 -51.07 6.32
CA ARG D 663 42.92 -50.20 5.69
C ARG D 663 41.51 -50.70 5.91
N ASP D 664 41.35 -51.99 6.22
CA ASP D 664 40.04 -52.58 6.45
C ASP D 664 39.54 -52.32 7.87
N ALA D 665 40.28 -51.57 8.69
CA ALA D 665 39.91 -51.26 10.07
C ALA D 665 39.60 -49.76 10.18
N LYS D 666 38.34 -49.45 10.46
CA LYS D 666 37.91 -48.05 10.60
C LYS D 666 38.36 -47.42 11.92
N ALA D 667 38.26 -48.16 13.02
CA ALA D 667 38.64 -47.67 14.35
C ALA D 667 39.94 -48.25 14.86
N CYS D 668 40.74 -47.42 15.54
CA CYS D 668 42.02 -47.87 16.08
C CYS D 668 42.29 -47.37 17.50
N VAL D 669 42.91 -48.26 18.29
CA VAL D 669 43.29 -48.01 19.68
C VAL D 669 44.80 -47.85 19.68
N VAL D 670 45.28 -46.62 19.87
CA VAL D 670 46.72 -46.33 19.89
C VAL D 670 47.18 -46.26 21.34
N HIS D 671 48.13 -47.14 21.69
CA HIS D 671 48.67 -47.18 23.04
C HIS D 671 49.73 -46.10 23.21
N GLY D 672 49.82 -45.56 24.42
CA GLY D 672 50.80 -44.51 24.69
C GLY D 672 52.23 -44.98 24.52
N SER D 673 52.56 -46.16 25.04
CA SER D 673 53.92 -46.68 24.92
C SER D 673 54.33 -46.68 23.45
N ASP D 674 53.39 -47.02 22.56
CA ASP D 674 53.67 -47.04 21.14
C ASP D 674 53.67 -45.63 20.57
N LEU D 675 52.91 -44.73 21.18
CA LEU D 675 52.84 -43.34 20.73
C LEU D 675 54.17 -42.64 20.94
N LYS D 676 54.92 -43.06 21.97
CA LYS D 676 56.21 -42.44 22.25
C LYS D 676 57.20 -42.61 21.09
N ASP D 677 57.14 -43.71 20.36
CA ASP D 677 58.01 -44.03 19.24
C ASP D 677 57.40 -43.73 17.87
N LEU D 678 56.68 -42.63 17.66
CA LEU D 678 56.10 -42.44 16.33
C LEU D 678 56.46 -41.10 15.71
N SER D 679 56.76 -41.15 14.40
CA SER D 679 57.13 -40.02 13.56
C SER D 679 55.92 -39.08 13.37
N THR D 680 56.22 -37.91 12.79
CA THR D 680 55.17 -36.92 12.54
C THR D 680 54.19 -37.42 11.47
N GLU D 681 54.72 -37.98 10.38
CA GLU D 681 53.85 -38.48 9.32
C GLU D 681 52.98 -39.61 9.81
N VAL D 682 53.51 -40.49 10.65
CA VAL D 682 52.70 -41.60 11.16
C VAL D 682 51.47 -41.08 11.89
N LEU D 683 51.62 -40.04 12.73
CA LEU D 683 50.44 -39.52 13.41
C LEU D 683 49.48 -38.91 12.42
N ASP D 684 50.03 -38.25 11.38
CA ASP D 684 49.15 -37.68 10.38
C ASP D 684 48.33 -38.77 9.72
N ASP D 685 48.97 -39.90 9.40
CA ASP D 685 48.27 -41.02 8.77
C ASP D 685 47.28 -41.66 9.73
N ILE D 686 47.59 -41.68 11.02
CA ILE D 686 46.67 -42.27 12.00
C ILE D 686 45.38 -41.49 12.01
N LEU D 687 45.47 -40.16 11.95
CA LEU D 687 44.27 -39.34 11.96
C LEU D 687 43.62 -39.26 10.58
N HIS D 688 44.40 -39.48 9.52
CA HIS D 688 43.95 -39.43 8.13
C HIS D 688 43.26 -40.70 7.66
N TYR D 689 43.52 -41.85 8.27
CA TYR D 689 42.90 -43.09 7.83
C TYR D 689 41.92 -43.72 8.80
N HIS D 690 41.99 -43.39 10.09
CA HIS D 690 41.09 -43.95 11.08
C HIS D 690 40.05 -42.91 11.47
N THR D 691 38.78 -43.28 11.37
CA THR D 691 37.68 -42.37 11.71
C THR D 691 37.30 -42.40 13.18
N GLU D 692 37.49 -43.53 13.87
CA GLU D 692 37.17 -43.68 15.28
C GLU D 692 38.47 -44.02 15.99
N ILE D 693 39.17 -42.98 16.46
CA ILE D 693 40.45 -43.14 17.14
C ILE D 693 40.33 -42.98 18.65
N VAL D 694 41.09 -43.81 19.36
CA VAL D 694 41.12 -43.80 20.83
C VAL D 694 42.57 -43.92 21.26
N PHE D 695 43.10 -42.87 21.87
CA PHE D 695 44.47 -42.82 22.36
C PHE D 695 44.40 -43.20 23.83
N ALA D 696 45.00 -44.34 24.17
CA ALA D 696 45.00 -44.83 25.54
C ALA D 696 46.42 -44.80 26.12
N ARG D 697 46.48 -44.65 27.44
CA ARG D 697 47.74 -44.60 28.18
C ARG D 697 48.66 -43.48 27.69
N THR D 698 48.07 -42.33 27.35
CA THR D 698 48.83 -41.19 26.86
C THR D 698 49.09 -40.19 27.97
N SER D 699 50.33 -39.73 28.08
CA SER D 699 50.74 -38.77 29.09
C SER D 699 50.22 -37.37 28.71
N PRO D 700 50.18 -36.44 29.66
CA PRO D 700 49.70 -35.08 29.31
C PRO D 700 50.47 -34.48 28.16
N GLN D 701 51.78 -34.69 28.15
CA GLN D 701 52.60 -34.14 27.06
C GLN D 701 52.17 -34.77 25.75
N GLN D 702 51.82 -36.07 25.79
CA GLN D 702 51.38 -36.72 24.56
C GLN D 702 50.02 -36.17 24.17
N LYS D 703 49.19 -35.80 25.16
CA LYS D 703 47.89 -35.23 24.84
C LYS D 703 48.10 -33.97 24.02
N LEU D 704 49.07 -33.15 24.45
CA LEU D 704 49.38 -31.92 23.73
C LEU D 704 49.87 -32.25 22.33
N ILE D 705 50.68 -33.30 22.20
CA ILE D 705 51.19 -33.69 20.89
C ILE D 705 50.04 -34.10 19.97
N ILE D 706 49.02 -34.75 20.54
CA ILE D 706 47.88 -35.18 19.74
C ILE D 706 47.07 -33.96 19.27
N VAL D 707 46.87 -33.00 20.17
CA VAL D 707 46.12 -31.81 19.78
C VAL D 707 46.86 -31.10 18.64
N GLU D 708 48.18 -31.01 18.76
CA GLU D 708 48.96 -30.37 17.71
C GLU D 708 48.85 -31.17 16.42
N GLY D 709 48.82 -32.50 16.52
CA GLY D 709 48.70 -33.31 15.32
C GLY D 709 47.39 -33.06 14.62
N CYS D 710 46.38 -32.61 15.36
CA CYS D 710 45.11 -32.34 14.70
C CYS D 710 45.17 -30.98 14.02
N GLN D 711 45.83 -30.01 14.66
CA GLN D 711 45.94 -28.67 14.08
C GLN D 711 46.81 -28.63 12.81
N ARG D 712 47.92 -29.37 12.79
CA ARG D 712 48.82 -29.38 11.63
C ARG D 712 48.09 -29.52 10.29
N GLN D 713 46.97 -30.21 10.25
CA GLN D 713 46.23 -30.38 9.01
C GLN D 713 45.44 -29.11 8.70
N GLY D 714 44.59 -28.67 9.61
CA GLY D 714 43.82 -27.47 9.35
C GLY D 714 42.44 -27.39 9.96
N ALA D 715 42.16 -28.22 10.94
CA ALA D 715 40.86 -28.23 11.59
C ALA D 715 40.92 -27.57 12.97
N ILE D 716 39.78 -27.02 13.38
CA ILE D 716 39.67 -26.35 14.67
C ILE D 716 39.51 -27.46 15.71
N VAL D 717 40.10 -27.27 16.90
CA VAL D 717 40.02 -28.30 17.94
C VAL D 717 39.50 -27.78 19.27
N ALA D 718 38.69 -28.61 19.91
CA ALA D 718 38.08 -28.34 21.21
C ALA D 718 38.41 -29.53 22.10
N VAL D 719 39.11 -29.27 23.20
CA VAL D 719 39.50 -30.29 24.16
C VAL D 719 38.61 -30.17 25.39
N THR D 720 37.97 -31.27 25.78
CA THR D 720 37.09 -31.29 26.94
C THR D 720 37.69 -32.15 28.06
N GLY D 721 38.08 -31.52 29.17
CA GLY D 721 38.65 -32.29 30.27
C GLY D 721 38.35 -31.85 31.70
N ASP D 722 39.04 -32.47 32.66
CA ASP D 722 38.82 -32.12 34.07
C ASP D 722 40.03 -32.02 34.98
N GLY D 723 41.00 -32.92 34.85
CA GLY D 723 42.17 -32.91 35.70
C GLY D 723 43.33 -32.05 35.23
N VAL D 724 44.45 -32.20 35.94
CA VAL D 724 45.65 -31.43 35.61
C VAL D 724 46.31 -31.97 34.36
N ASN D 725 46.13 -33.25 34.05
CA ASN D 725 46.75 -33.80 32.85
C ASN D 725 46.17 -33.18 31.60
N ASP D 726 45.01 -32.54 31.72
CA ASP D 726 44.36 -31.90 30.60
C ASP D 726 44.77 -30.43 30.45
N SER D 727 45.49 -29.88 31.43
CA SER D 727 45.90 -28.47 31.33
C SER D 727 46.67 -28.19 30.05
N PRO D 728 47.75 -28.90 29.71
CA PRO D 728 48.47 -28.58 28.46
C PRO D 728 47.65 -28.87 27.21
N ALA D 729 46.57 -29.65 27.32
CA ALA D 729 45.73 -29.97 26.17
C ALA D 729 44.65 -28.92 25.99
N LEU D 730 44.11 -28.40 27.09
CA LEU D 730 43.07 -27.38 27.00
C LEU D 730 43.64 -26.04 26.58
N LYS D 731 44.91 -25.78 26.95
CA LYS D 731 45.56 -24.53 26.60
C LYS D 731 45.87 -24.42 25.11
N LYS D 732 46.55 -25.43 24.55
CA LYS D 732 46.91 -25.39 23.13
C LYS D 732 45.73 -25.63 22.19
N ALA D 733 44.62 -26.17 22.67
CA ALA D 733 43.49 -26.39 21.81
C ALA D 733 42.84 -25.07 21.43
N ASP D 734 42.14 -25.06 20.29
CA ASP D 734 41.48 -23.83 19.87
C ASP D 734 40.48 -23.39 20.93
N ILE D 735 39.94 -24.34 21.68
CA ILE D 735 38.99 -24.01 22.75
C ILE D 735 38.99 -25.14 23.77
N GLY D 736 39.16 -24.77 25.03
CA GLY D 736 39.18 -25.72 26.12
C GLY D 736 37.88 -25.64 26.91
N VAL D 737 37.42 -26.81 27.33
CA VAL D 737 36.19 -26.94 28.10
C VAL D 737 36.56 -27.69 29.37
N ALA D 738 36.46 -27.01 30.50
CA ALA D 738 36.80 -27.66 31.75
C ALA D 738 35.52 -27.95 32.53
N MET D 739 35.58 -29.03 33.31
CA MET D 739 34.41 -29.36 34.10
C MET D 739 34.42 -28.41 35.29
N GLY D 740 33.23 -28.07 35.79
CA GLY D 740 33.21 -27.16 36.90
C GLY D 740 33.25 -27.76 38.29
N ILE D 741 32.47 -28.81 38.53
CA ILE D 741 32.48 -29.42 39.86
C ILE D 741 33.61 -30.43 40.01
N SER D 742 33.77 -31.32 39.03
CA SER D 742 34.81 -32.34 39.05
C SER D 742 36.14 -31.91 38.45
N GLY D 743 36.31 -30.64 38.09
CA GLY D 743 37.57 -30.22 37.51
C GLY D 743 38.59 -29.71 38.51
N SER D 744 39.85 -29.70 38.07
CA SER D 744 40.96 -29.25 38.88
C SER D 744 41.10 -27.74 38.71
N ASP D 745 41.70 -27.09 39.71
CA ASP D 745 41.88 -25.65 39.67
C ASP D 745 42.82 -25.21 38.55
N VAL D 746 43.88 -25.97 38.28
CA VAL D 746 44.81 -25.59 37.22
C VAL D 746 44.15 -25.65 35.85
N SER D 747 43.48 -26.77 35.55
CA SER D 747 42.82 -26.87 34.25
C SER D 747 41.64 -25.92 34.17
N LYS D 748 41.09 -25.52 35.31
CA LYS D 748 39.96 -24.60 35.30
C LYS D 748 40.45 -23.20 34.98
N GLN D 749 41.65 -22.85 35.47
CA GLN D 749 42.19 -21.53 35.20
C GLN D 749 42.83 -21.44 33.82
N ALA D 750 43.20 -22.57 33.23
CA ALA D 750 43.81 -22.56 31.90
C ALA D 750 42.81 -22.79 30.78
N ALA D 751 41.55 -23.04 31.11
CA ALA D 751 40.53 -23.28 30.10
C ALA D 751 39.88 -21.96 29.66
N ASP D 752 39.11 -22.05 28.58
CA ASP D 752 38.44 -20.88 28.05
C ASP D 752 36.94 -20.92 28.31
N MET D 753 36.37 -22.11 28.51
CA MET D 753 34.95 -22.26 28.78
C MET D 753 34.81 -23.20 29.97
N ILE D 754 33.91 -22.85 30.90
CA ILE D 754 33.68 -23.65 32.09
C ILE D 754 32.24 -24.14 32.13
N LEU D 755 32.08 -25.40 32.54
CA LEU D 755 30.77 -26.07 32.66
C LEU D 755 30.50 -26.18 34.16
N LEU D 756 29.87 -25.15 34.72
CA LEU D 756 29.56 -25.11 36.14
C LEU D 756 28.59 -26.19 36.61
N ASP D 757 27.84 -26.82 35.72
CA ASP D 757 26.90 -27.87 36.11
C ASP D 757 27.39 -29.25 35.74
N ASP D 758 28.53 -29.35 35.07
CA ASP D 758 29.12 -30.61 34.64
C ASP D 758 28.20 -31.37 33.70
N ASN D 759 27.36 -30.63 32.98
CA ASN D 759 26.44 -31.22 32.03
C ASN D 759 27.19 -31.23 30.71
N PHE D 760 27.09 -32.32 29.96
CA PHE D 760 27.82 -32.34 28.71
C PHE D 760 26.97 -31.89 27.53
N ALA D 761 25.65 -31.84 27.67
CA ALA D 761 24.80 -31.40 26.57
C ALA D 761 25.05 -29.93 26.25
N SER D 762 25.63 -29.20 27.20
CA SER D 762 25.92 -27.79 26.97
C SER D 762 26.85 -27.63 25.78
N ILE D 763 27.63 -28.67 25.47
CA ILE D 763 28.53 -28.60 24.32
C ILE D 763 27.70 -28.53 23.05
N VAL D 764 26.60 -29.30 23.01
CA VAL D 764 25.73 -29.30 21.85
C VAL D 764 25.06 -27.92 21.75
N THR D 765 24.60 -27.40 22.88
CA THR D 765 23.97 -26.09 22.85
C THR D 765 24.96 -25.05 22.33
N GLY D 766 26.20 -25.15 22.77
CA GLY D 766 27.23 -24.21 22.33
C GLY D 766 27.52 -24.31 20.84
N VAL D 767 27.66 -25.54 20.33
CA VAL D 767 27.95 -25.68 18.90
C VAL D 767 26.77 -25.17 18.08
N GLU D 768 25.56 -25.16 18.65
CA GLU D 768 24.41 -24.66 17.91
C GLU D 768 24.43 -23.13 17.88
N GLU D 769 24.61 -22.54 19.06
CA GLU D 769 24.65 -21.08 19.18
C GLU D 769 25.80 -20.48 18.38
N GLY D 770 26.94 -21.19 18.32
CA GLY D 770 28.10 -20.68 17.58
C GLY D 770 27.82 -20.48 16.10
N ARG D 771 26.92 -21.28 15.55
CA ARG D 771 26.56 -21.17 14.14
C ARG D 771 25.51 -20.08 13.97
N LEU D 772 24.41 -20.23 14.72
CA LEU D 772 23.33 -19.25 14.68
C LEU D 772 23.84 -17.80 14.75
N ILE D 773 24.73 -17.50 15.70
CA ILE D 773 25.25 -16.13 15.82
C ILE D 773 26.22 -15.75 14.71
N PHE D 774 26.54 -16.68 13.82
CA PHE D 774 27.45 -16.40 12.71
C PHE D 774 26.68 -15.91 11.49
N ASP D 775 25.63 -16.66 11.14
CA ASP D 775 24.84 -16.24 9.97
C ASP D 775 24.20 -14.86 10.21
N ASN D 776 23.99 -14.51 11.47
CA ASN D 776 23.39 -13.22 11.78
C ASN D 776 24.41 -12.11 11.64
N LEU D 777 25.67 -12.39 11.97
CA LEU D 777 26.68 -11.35 11.82
C LEU D 777 26.77 -11.02 10.34
N LYS D 778 26.67 -12.05 9.50
CA LYS D 778 26.75 -11.78 8.05
C LYS D 778 25.62 -10.84 7.64
N LYS D 779 24.39 -11.15 8.08
CA LYS D 779 23.25 -10.29 7.72
C LYS D 779 23.42 -8.85 8.21
N SER D 780 23.79 -8.67 9.48
CA SER D 780 23.96 -7.33 10.03
C SER D 780 25.08 -6.57 9.34
N ILE D 781 26.16 -7.26 8.97
CA ILE D 781 27.26 -6.57 8.29
C ILE D 781 26.78 -6.07 6.93
N ALA D 782 26.03 -6.91 6.20
CA ALA D 782 25.56 -6.45 4.91
C ALA D 782 24.63 -5.27 5.07
N TYR D 783 23.91 -5.22 6.21
CA TYR D 783 23.01 -4.11 6.47
C TYR D 783 23.78 -2.82 6.68
N THR D 784 24.73 -2.83 7.64
CA THR D 784 25.52 -1.64 7.92
C THR D 784 26.45 -1.25 6.76
N LEU D 785 26.64 -2.14 5.79
CA LEU D 785 27.50 -1.81 4.67
C LEU D 785 26.70 -1.28 3.48
N THR D 786 25.41 -1.63 3.43
CA THR D 786 24.57 -1.16 2.34
C THR D 786 24.39 0.36 2.37
N SER D 787 24.29 0.96 3.57
CA SER D 787 24.11 2.40 3.66
C SER D 787 25.36 3.18 3.24
N ASN D 788 26.52 2.53 3.21
CA ASN D 788 27.77 3.15 2.80
C ASN D 788 27.65 4.03 1.55
N ILE D 789 27.22 3.42 0.45
CA ILE D 789 27.05 4.07 -0.86
C ILE D 789 26.20 5.33 -0.82
N PRO D 790 24.93 5.32 -0.34
CA PRO D 790 24.17 6.58 -0.33
C PRO D 790 24.74 7.62 0.62
N GLU D 791 25.89 7.33 1.22
CA GLU D 791 26.56 8.24 2.14
C GLU D 791 27.81 8.85 1.53
N ILE D 792 28.39 8.21 0.51
CA ILE D 792 29.58 8.69 -0.15
C ILE D 792 29.25 9.28 -1.52
N THR D 793 28.31 8.68 -2.25
CA THR D 793 27.95 9.18 -3.57
C THR D 793 27.63 10.67 -3.60
N PRO D 794 26.90 11.25 -2.63
CA PRO D 794 26.63 12.70 -2.70
C PRO D 794 27.89 13.53 -2.84
N PHE D 795 28.92 13.21 -2.04
CA PHE D 795 30.17 13.94 -2.08
C PHE D 795 30.92 13.70 -3.39
N LEU D 796 30.82 12.49 -3.94
CA LEU D 796 31.53 12.21 -5.19
C LEU D 796 30.91 13.03 -6.32
N VAL D 797 29.57 13.11 -6.36
CA VAL D 797 28.95 13.89 -7.41
C VAL D 797 29.18 15.36 -7.11
N PHE D 798 29.46 15.68 -5.84
CA PHE D 798 29.72 17.06 -5.47
C PHE D 798 31.03 17.55 -6.08
N ILE D 799 32.05 16.70 -6.06
CA ILE D 799 33.33 17.10 -6.65
C ILE D 799 33.34 16.95 -8.16
N ILE D 800 32.77 15.87 -8.71
CA ILE D 800 32.79 15.68 -10.16
C ILE D 800 31.77 16.56 -10.89
N GLY D 801 30.51 16.59 -10.44
CA GLY D 801 29.49 17.39 -11.09
C GLY D 801 29.25 18.81 -10.63
N ASN D 802 29.86 19.23 -9.54
CA ASN D 802 29.71 20.59 -9.00
C ASN D 802 28.26 20.99 -8.73
N VAL D 803 27.60 20.21 -7.86
CA VAL D 803 26.21 20.50 -7.50
C VAL D 803 26.26 20.86 -6.02
N PRO D 804 25.23 21.47 -5.43
CA PRO D 804 25.30 21.80 -4.00
C PRO D 804 25.41 20.50 -3.20
N LEU D 805 26.20 20.55 -2.12
CA LEU D 805 26.42 19.39 -1.26
C LEU D 805 25.09 18.71 -0.88
N PRO D 806 24.92 17.44 -1.22
CA PRO D 806 23.68 16.72 -0.88
C PRO D 806 23.56 16.19 0.55
N LEU D 807 24.54 15.43 1.05
CA LEU D 807 24.50 14.86 2.40
C LEU D 807 25.54 15.44 3.36
N GLY D 808 25.08 16.22 4.34
CA GLY D 808 25.91 16.84 5.36
C GLY D 808 26.60 15.87 6.32
N THR D 809 27.45 16.39 7.23
CA THR D 809 28.15 15.55 8.20
C THR D 809 27.34 15.18 9.44
N VAL D 810 26.49 16.09 9.94
CA VAL D 810 25.73 15.74 11.14
C VAL D 810 24.56 14.85 10.80
N THR D 811 24.35 14.56 9.52
CA THR D 811 23.27 13.70 9.12
C THR D 811 23.85 12.32 8.92
N ILE D 812 25.07 12.27 8.37
CA ILE D 812 25.70 10.97 8.21
C ILE D 812 25.88 10.42 9.61
N LEU D 813 26.23 11.29 10.57
CA LEU D 813 26.39 10.84 11.95
C LEU D 813 25.04 10.41 12.52
N CYS D 814 23.95 11.13 12.17
CA CYS D 814 22.66 10.69 12.71
C CYS D 814 22.21 9.37 12.10
N ILE D 815 22.83 8.94 11.00
CA ILE D 815 22.46 7.68 10.35
C ILE D 815 23.32 6.51 10.85
N ASP D 816 24.64 6.65 10.76
CA ASP D 816 25.56 5.59 11.18
C ASP D 816 25.51 5.28 12.67
N LEU D 817 25.35 6.28 13.53
CA LEU D 817 25.32 6.06 14.98
C LEU D 817 23.96 6.21 15.64
N GLY D 818 22.91 6.49 14.89
CA GLY D 818 21.61 6.64 15.51
C GLY D 818 20.67 5.55 15.06
N THR D 819 19.68 5.93 14.25
CA THR D 819 18.67 5.03 13.70
C THR D 819 19.15 3.61 13.43
N ASP D 820 20.21 3.50 12.63
CA ASP D 820 20.83 2.23 12.24
C ASP D 820 21.17 1.23 13.36
N MET D 821 21.61 1.72 14.52
CA MET D 821 22.00 0.82 15.62
C MET D 821 20.94 -0.18 16.06
N VAL D 822 19.73 0.26 16.44
CA VAL D 822 18.73 -0.71 16.89
C VAL D 822 18.42 -1.80 15.85
N PRO D 823 18.22 -1.50 14.56
CA PRO D 823 17.95 -2.58 13.60
C PRO D 823 19.09 -3.59 13.49
N ALA D 824 20.32 -3.09 13.40
CA ALA D 824 21.48 -3.97 13.29
C ALA D 824 21.59 -4.85 14.52
N ILE D 825 21.23 -4.33 15.69
CA ILE D 825 21.29 -5.12 16.90
C ILE D 825 20.21 -6.19 16.89
N SER D 826 19.04 -5.83 16.34
CA SER D 826 17.92 -6.76 16.27
C SER D 826 18.19 -7.93 15.32
N LEU D 827 18.97 -7.70 14.25
CA LEU D 827 19.23 -8.81 13.33
C LEU D 827 19.85 -10.03 14.00
N ALA D 828 20.26 -9.93 15.27
CA ALA D 828 20.86 -11.07 15.96
C ALA D 828 19.83 -12.06 16.45
N TYR D 829 18.65 -11.59 16.83
CA TYR D 829 17.53 -12.38 17.32
C TYR D 829 16.88 -13.24 16.24
N GLU D 830 17.47 -13.39 15.06
CA GLU D 830 16.88 -14.19 14.00
C GLU D 830 17.10 -15.68 14.22
N GLN D 831 16.02 -16.44 14.07
CA GLN D 831 16.01 -17.88 14.22
C GLN D 831 16.59 -18.55 12.98
N ALA D 832 16.77 -19.85 13.06
CA ALA D 832 17.31 -20.61 11.95
C ALA D 832 16.32 -20.66 10.80
N GLU D 833 16.85 -20.96 9.62
CA GLU D 833 16.10 -21.09 8.38
C GLU D 833 15.92 -22.55 8.02
N SER D 834 17.00 -23.31 8.14
CA SER D 834 17.04 -24.73 7.88
C SER D 834 17.65 -25.34 9.15
N ASP D 835 17.80 -26.65 9.19
CA ASP D 835 18.38 -27.24 10.40
C ASP D 835 19.86 -26.89 10.43
N ILE D 836 20.30 -26.22 11.50
CA ILE D 836 21.71 -25.86 11.59
C ILE D 836 22.53 -27.02 12.10
N MET D 837 21.92 -27.88 12.92
CA MET D 837 22.58 -29.04 13.48
C MET D 837 22.66 -30.19 12.48
N LYS D 838 22.51 -29.90 11.19
CA LYS D 838 22.56 -30.89 10.12
C LYS D 838 23.65 -30.65 9.10
N ARG D 839 23.92 -29.39 8.73
CA ARG D 839 24.95 -29.12 7.75
C ARG D 839 26.35 -29.42 8.31
N GLN D 840 27.28 -29.68 7.39
CA GLN D 840 28.65 -29.99 7.75
C GLN D 840 29.36 -28.74 8.26
N PRO D 841 30.45 -28.91 9.02
CA PRO D 841 31.18 -27.74 9.54
C PRO D 841 31.73 -26.88 8.39
N ARG D 842 31.71 -25.58 8.61
CA ARG D 842 32.19 -24.63 7.60
C ARG D 842 33.68 -24.83 7.33
N ASN D 843 34.04 -24.76 6.05
CA ASN D 843 35.45 -24.92 5.71
C ASN D 843 36.15 -23.60 6.02
N PRO D 844 37.26 -23.62 6.73
CA PRO D 844 37.94 -22.36 7.06
C PRO D 844 38.71 -21.74 5.91
N LYS D 845 39.29 -22.58 5.05
CA LYS D 845 40.05 -22.09 3.91
C LYS D 845 39.20 -21.57 2.76
N THR D 846 37.90 -21.85 2.73
CA THR D 846 37.11 -21.35 1.60
C THR D 846 35.88 -20.51 1.99
N ASP D 847 35.05 -20.97 2.93
CA ASP D 847 33.87 -20.19 3.32
C ASP D 847 34.26 -19.22 4.42
N LYS D 848 34.33 -17.94 4.06
CA LYS D 848 34.68 -16.83 4.91
C LYS D 848 33.44 -16.17 5.50
N LEU D 849 33.66 -15.08 6.24
CA LEU D 849 32.59 -14.31 6.87
C LEU D 849 32.15 -13.17 5.97
N VAL D 850 33.11 -12.53 5.29
CA VAL D 850 32.84 -11.43 4.37
C VAL D 850 33.54 -11.74 3.05
N ASN D 851 32.76 -12.20 2.06
CA ASN D 851 33.29 -12.54 0.75
C ASN D 851 32.93 -11.44 -0.26
N GLU D 852 33.27 -11.67 -1.53
CA GLU D 852 32.97 -10.70 -2.57
C GLU D 852 31.49 -10.73 -2.94
N ARG D 853 30.80 -11.79 -2.57
CA ARG D 853 29.37 -11.91 -2.88
C ARG D 853 28.58 -10.92 -2.05
N LEU D 854 29.09 -10.55 -0.89
CA LEU D 854 28.38 -9.58 -0.04
C LEU D 854 28.63 -8.19 -0.60
N ILE D 855 29.90 -7.87 -0.87
CA ILE D 855 30.28 -6.58 -1.42
C ILE D 855 29.50 -6.30 -2.70
N SER D 856 29.26 -7.34 -3.50
CA SER D 856 28.51 -7.13 -4.74
C SER D 856 27.07 -6.75 -4.46
N MET D 857 26.53 -7.11 -3.30
CA MET D 857 25.16 -6.77 -2.96
C MET D 857 25.04 -5.41 -2.27
N ALA D 858 25.71 -5.25 -1.14
CA ALA D 858 25.66 -3.99 -0.40
C ALA D 858 26.23 -2.82 -1.20
N TYR D 859 27.50 -2.91 -1.60
CA TYR D 859 28.12 -1.83 -2.35
C TYR D 859 27.69 -1.76 -3.81
N GLY D 860 27.33 -2.88 -4.40
CA GLY D 860 26.91 -2.92 -5.78
C GLY D 860 25.47 -2.78 -6.23
N GLN D 861 24.53 -3.48 -5.58
CA GLN D 861 23.14 -3.41 -5.98
C GLN D 861 22.17 -2.67 -5.06
N ILE D 862 22.12 -2.98 -3.76
CA ILE D 862 21.17 -2.30 -2.88
C ILE D 862 21.61 -0.86 -2.58
N GLY D 863 22.87 -0.67 -2.18
CA GLY D 863 23.33 0.67 -1.88
C GLY D 863 23.18 1.62 -3.05
N MET D 864 23.31 1.09 -4.27
CA MET D 864 23.18 1.93 -5.46
C MET D 864 21.75 2.47 -5.57
N ILE D 865 20.76 1.60 -5.36
CA ILE D 865 19.37 2.04 -5.43
C ILE D 865 19.08 3.05 -4.34
N GLN D 866 19.63 2.82 -3.14
CA GLN D 866 19.39 3.76 -2.05
C GLN D 866 19.97 5.13 -2.39
N ALA D 867 21.15 5.15 -3.05
CA ALA D 867 21.76 6.42 -3.41
C ALA D 867 20.91 7.14 -4.45
N LEU D 868 20.36 6.38 -5.40
CA LEU D 868 19.53 7.01 -6.42
C LEU D 868 18.27 7.61 -5.79
N GLY D 869 17.70 6.91 -4.81
CA GLY D 869 16.51 7.43 -4.16
C GLY D 869 16.81 8.73 -3.43
N GLY D 870 17.98 8.78 -2.78
CA GLY D 870 18.36 10.00 -2.07
C GLY D 870 18.51 11.16 -3.03
N PHE D 871 19.18 10.93 -4.17
CA PHE D 871 19.36 12.00 -5.14
C PHE D 871 18.02 12.43 -5.71
N PHE D 872 17.07 11.51 -5.78
CA PHE D 872 15.75 11.85 -6.30
C PHE D 872 15.07 12.84 -5.37
N SER D 873 15.02 12.52 -4.07
CA SER D 873 14.39 13.45 -3.12
C SER D 873 15.09 14.79 -3.16
N TYR D 874 16.41 14.78 -3.36
CA TYR D 874 17.24 15.98 -3.42
C TYR D 874 16.74 16.88 -4.55
N PHE D 875 16.87 16.39 -5.79
CA PHE D 875 16.42 17.17 -6.94
C PHE D 875 14.98 17.65 -6.78
N VAL D 876 14.13 16.87 -6.10
CA VAL D 876 12.75 17.32 -5.92
C VAL D 876 12.70 18.57 -5.05
N ILE D 877 13.42 18.55 -3.93
CA ILE D 877 13.42 19.70 -3.04
C ILE D 877 13.95 20.94 -3.76
N LEU D 878 15.03 20.79 -4.52
CA LEU D 878 15.54 21.98 -5.21
C LEU D 878 14.69 22.41 -6.40
N ALA D 879 13.93 21.50 -7.00
CA ALA D 879 13.10 21.87 -8.14
C ALA D 879 11.83 22.58 -7.69
N GLU D 880 11.32 22.24 -6.50
CA GLU D 880 10.10 22.87 -6.01
C GLU D 880 10.35 24.29 -5.53
N ASN D 881 11.56 24.59 -5.06
CA ASN D 881 11.88 25.92 -4.57
C ASN D 881 12.39 26.86 -5.65
N GLY D 882 12.63 26.38 -6.87
CA GLY D 882 13.12 27.28 -7.90
C GLY D 882 14.40 26.94 -8.64
N PHE D 883 15.15 25.93 -8.18
CA PHE D 883 16.39 25.54 -8.82
C PHE D 883 16.21 24.24 -9.60
N LEU D 884 15.97 24.38 -10.91
CA LEU D 884 15.77 23.23 -11.79
C LEU D 884 17.08 22.46 -12.00
N PRO D 885 16.98 21.18 -12.37
CA PRO D 885 18.20 20.37 -12.58
C PRO D 885 19.17 20.90 -13.64
N MET D 886 18.71 21.65 -14.64
CA MET D 886 19.66 22.13 -15.65
C MET D 886 20.55 23.24 -15.10
N ASP D 887 20.04 24.05 -14.19
CA ASP D 887 20.82 25.14 -13.64
C ASP D 887 21.64 24.78 -12.40
N LEU D 888 21.54 23.54 -11.88
CA LEU D 888 22.35 23.23 -10.71
C LEU D 888 23.78 22.81 -11.04
N ILE D 889 24.02 22.27 -12.23
CA ILE D 889 25.36 21.85 -12.65
C ILE D 889 26.25 23.07 -12.91
N GLY D 890 27.30 23.25 -12.12
CA GLY D 890 28.15 24.40 -12.37
C GLY D 890 28.01 25.55 -11.40
N LYS D 891 27.25 25.37 -10.33
CA LYS D 891 26.97 26.42 -9.36
C LYS D 891 27.76 26.41 -8.05
N ARG D 892 28.29 25.28 -7.56
CA ARG D 892 29.00 25.29 -6.29
C ARG D 892 29.96 26.46 -6.03
N VAL D 893 30.64 27.01 -7.04
CA VAL D 893 31.53 28.13 -6.74
C VAL D 893 30.74 29.33 -6.26
N ARG D 894 29.58 29.60 -6.84
CA ARG D 894 28.83 30.74 -6.34
C ARG D 894 27.83 30.31 -5.27
N TRP D 895 27.43 29.04 -5.28
CA TRP D 895 26.50 28.56 -4.26
C TRP D 895 27.15 28.56 -2.90
N ASP D 896 28.47 28.41 -2.87
CA ASP D 896 29.21 28.39 -1.62
C ASP D 896 29.71 29.77 -1.23
N ASP D 897 30.26 30.54 -2.18
CA ASP D 897 30.75 31.88 -1.91
C ASP D 897 29.85 32.54 -0.87
N ARG D 898 30.46 33.10 0.16
CA ARG D 898 29.75 33.75 1.24
C ARG D 898 29.43 35.21 0.97
N TRP D 899 29.96 35.81 -0.09
CA TRP D 899 29.70 37.22 -0.36
C TRP D 899 28.85 37.50 -1.60
N ILE D 900 28.12 36.53 -2.14
CA ILE D 900 27.30 36.78 -3.33
C ILE D 900 25.84 36.75 -2.86
N SER D 901 25.28 37.93 -2.58
CA SER D 901 23.89 38.03 -2.13
C SER D 901 22.90 38.15 -3.27
N ASP D 902 23.19 37.60 -4.45
CA ASP D 902 22.27 37.66 -5.58
C ASP D 902 22.54 36.49 -6.52
N VAL D 903 21.97 35.32 -6.21
CA VAL D 903 22.16 34.12 -7.03
C VAL D 903 20.86 33.85 -7.77
N GLU D 904 20.90 34.01 -9.08
CA GLU D 904 19.75 33.78 -9.94
C GLU D 904 19.41 32.30 -10.08
N ASP D 905 18.12 31.98 -9.97
CA ASP D 905 17.69 30.59 -10.10
C ASP D 905 17.08 30.43 -11.49
N SER D 906 16.52 29.25 -11.76
CA SER D 906 15.92 28.97 -13.06
C SER D 906 14.77 29.90 -13.44
N PHE D 907 14.15 30.60 -12.49
CA PHE D 907 13.05 31.49 -12.83
C PHE D 907 13.42 32.96 -12.82
N GLY D 908 14.62 33.31 -12.40
CA GLY D 908 15.06 34.70 -12.36
C GLY D 908 15.05 35.36 -11.00
N GLN D 909 14.69 34.64 -9.93
CA GLN D 909 14.66 35.21 -8.59
C GLN D 909 16.08 35.33 -8.04
N GLN D 910 16.28 36.30 -7.15
CA GLN D 910 17.58 36.55 -6.53
C GLN D 910 17.56 36.04 -5.08
N TRP D 911 18.46 35.09 -4.79
CA TRP D 911 18.58 34.46 -3.47
C TRP D 911 19.82 34.87 -2.68
N THR D 912 19.64 35.34 -1.44
CA THR D 912 20.78 35.71 -0.62
C THR D 912 21.53 34.42 -0.21
N TYR D 913 22.69 34.58 0.43
CA TYR D 913 23.48 33.42 0.85
C TYR D 913 22.79 32.53 1.89
N GLU D 914 22.33 33.12 3.00
CA GLU D 914 21.68 32.33 4.04
C GLU D 914 20.39 31.67 3.57
N GLN D 915 19.70 32.30 2.61
CA GLN D 915 18.46 31.73 2.11
C GLN D 915 18.72 30.46 1.33
N ARG D 916 19.75 30.44 0.48
CA ARG D 916 20.04 29.23 -0.27
C ARG D 916 20.61 28.16 0.66
N LYS D 917 21.28 28.57 1.74
CA LYS D 917 21.83 27.57 2.65
C LYS D 917 20.72 26.86 3.40
N ILE D 918 19.64 27.57 3.76
CA ILE D 918 18.54 26.92 4.47
C ILE D 918 17.96 25.79 3.62
N VAL D 919 17.85 26.02 2.30
CA VAL D 919 17.31 24.99 1.42
C VAL D 919 18.27 23.81 1.34
N GLU D 920 19.58 24.08 1.31
CA GLU D 920 20.51 22.95 1.25
C GLU D 920 20.40 22.09 2.50
N PHE D 921 20.18 22.73 3.65
CA PHE D 921 20.05 21.96 4.87
C PHE D 921 18.75 21.16 4.86
N THR D 922 17.66 21.75 4.35
CA THR D 922 16.43 20.99 4.30
C THR D 922 16.59 19.80 3.35
N CYS D 923 17.55 19.90 2.43
CA CYS D 923 17.78 18.81 1.49
C CYS D 923 18.58 17.73 2.18
N HIS D 924 19.28 18.11 3.25
CA HIS D 924 20.04 17.09 3.95
C HIS D 924 19.09 16.30 4.82
N THR D 925 18.15 17.02 5.43
CA THR D 925 17.16 16.37 6.28
C THR D 925 16.35 15.37 5.47
N SER D 926 15.87 15.77 4.28
CA SER D 926 15.09 14.79 3.53
C SER D 926 15.97 13.68 2.99
N PHE D 927 17.27 13.93 2.74
CA PHE D 927 18.13 12.85 2.26
C PHE D 927 18.24 11.78 3.33
N PHE D 928 18.38 12.22 4.59
CA PHE D 928 18.49 11.32 5.74
C PHE D 928 17.20 10.53 5.92
N ILE D 929 16.07 11.18 5.67
CA ILE D 929 14.81 10.48 5.82
C ILE D 929 14.65 9.47 4.70
N SER D 930 15.19 9.78 3.51
CA SER D 930 15.12 8.85 2.40
C SER D 930 15.93 7.61 2.76
N ILE D 931 17.06 7.83 3.43
CA ILE D 931 17.91 6.72 3.84
C ILE D 931 17.11 5.79 4.74
N VAL D 932 16.39 6.36 5.71
CA VAL D 932 15.59 5.52 6.61
C VAL D 932 14.52 4.75 5.84
N VAL D 933 13.87 5.40 4.88
CA VAL D 933 12.83 4.75 4.09
C VAL D 933 13.40 3.56 3.31
N VAL D 934 14.56 3.72 2.70
CA VAL D 934 15.11 2.58 1.97
C VAL D 934 15.69 1.55 2.93
N GLN D 935 16.04 1.96 4.15
CA GLN D 935 16.57 1.01 5.09
C GLN D 935 15.47 0.08 5.55
N TRP D 936 14.21 0.51 5.42
CA TRP D 936 13.12 -0.38 5.82
C TRP D 936 13.19 -1.67 4.99
N ALA D 937 13.18 -1.51 3.66
CA ALA D 937 13.25 -2.65 2.77
C ALA D 937 14.61 -3.34 2.87
N ASP D 938 15.63 -2.64 3.34
CA ASP D 938 16.90 -3.33 3.43
C ASP D 938 16.93 -4.22 4.67
N LEU D 939 16.30 -3.77 5.76
CA LEU D 939 16.27 -4.57 6.97
C LEU D 939 15.36 -5.78 6.77
N ILE D 940 14.43 -5.67 5.83
CA ILE D 940 13.53 -6.79 5.58
C ILE D 940 14.18 -7.77 4.63
N ILE D 941 14.95 -7.28 3.64
CA ILE D 941 15.57 -8.25 2.75
C ILE D 941 16.82 -8.82 3.40
N CYS D 942 17.31 -8.21 4.48
CA CYS D 942 18.48 -8.72 5.18
C CYS D 942 18.07 -9.68 6.28
N LYS D 943 16.78 -9.68 6.64
CA LYS D 943 16.29 -10.59 7.67
C LYS D 943 16.59 -12.04 7.30
N THR D 944 16.32 -12.41 6.05
CA THR D 944 16.55 -13.76 5.53
C THR D 944 17.56 -13.71 4.40
N ARG D 945 18.42 -14.74 4.35
CA ARG D 945 19.44 -14.82 3.31
C ARG D 945 19.01 -15.65 2.10
N ARG D 946 18.18 -16.66 2.32
CA ARG D 946 17.70 -17.51 1.23
C ARG D 946 16.18 -17.58 1.21
N ASN D 947 15.58 -18.08 2.31
CA ASN D 947 14.15 -18.22 2.46
C ASN D 947 13.36 -16.94 2.16
N SER D 948 12.05 -17.07 2.01
CA SER D 948 11.16 -15.94 1.73
C SER D 948 10.58 -15.36 3.02
N ILE D 949 10.06 -14.13 2.91
CA ILE D 949 9.47 -13.50 4.09
C ILE D 949 8.15 -14.19 4.44
N PHE D 950 7.40 -14.64 3.44
CA PHE D 950 6.13 -15.29 3.68
C PHE D 950 6.29 -16.70 4.24
N GLN D 951 7.52 -17.16 4.44
CA GLN D 951 7.79 -18.48 4.98
C GLN D 951 8.28 -18.30 6.41
N GLN D 952 9.49 -17.75 6.59
CA GLN D 952 10.07 -17.49 7.91
C GLN D 952 9.02 -16.78 8.75
N GLY D 953 8.74 -15.53 8.45
CA GLY D 953 7.76 -14.74 9.16
C GLY D 953 8.36 -13.63 10.00
N MET D 954 7.54 -12.62 10.26
CA MET D 954 7.91 -11.46 11.06
C MET D 954 7.55 -11.68 12.53
N LYS D 955 8.14 -12.74 13.09
CA LYS D 955 7.90 -13.09 14.48
C LYS D 955 8.91 -12.43 15.41
N ASN D 956 9.91 -11.76 14.85
CA ASN D 956 10.96 -11.07 15.58
C ASN D 956 10.39 -9.73 16.02
N LYS D 957 10.03 -9.62 17.30
CA LYS D 957 9.47 -8.38 17.83
C LYS D 957 10.48 -7.24 17.87
N ILE D 958 11.76 -7.56 18.07
CA ILE D 958 12.78 -6.52 18.13
C ILE D 958 12.91 -5.81 16.80
N LEU D 959 12.90 -6.54 15.68
CA LEU D 959 13.01 -5.89 14.37
C LEU D 959 11.85 -4.91 14.14
N ILE D 960 10.64 -5.31 14.54
CA ILE D 960 9.47 -4.46 14.38
C ILE D 960 9.67 -3.18 15.18
N PHE D 961 10.20 -3.33 16.39
CA PHE D 961 10.45 -2.18 17.24
C PHE D 961 11.54 -1.31 16.64
N GLY D 962 12.49 -1.92 15.94
CA GLY D 962 13.54 -1.16 15.32
C GLY D 962 12.99 -0.25 14.25
N LEU D 963 12.09 -0.79 13.40
CA LEU D 963 11.50 0.05 12.35
C LEU D 963 10.72 1.21 12.94
N PHE D 964 9.85 0.92 13.93
CA PHE D 964 9.06 1.98 14.54
C PHE D 964 9.93 3.08 15.17
N GLU D 965 10.95 2.67 15.92
CA GLU D 965 11.82 3.65 16.56
C GLU D 965 12.64 4.42 15.54
N GLU D 966 13.12 3.73 14.50
CA GLU D 966 13.90 4.37 13.45
C GLU D 966 13.11 5.49 12.80
N THR D 967 11.79 5.32 12.69
CA THR D 967 10.98 6.37 12.08
C THR D 967 10.70 7.51 13.06
N ALA D 968 10.41 7.16 14.32
CA ALA D 968 10.13 8.18 15.33
C ALA D 968 11.32 9.10 15.55
N LEU D 969 12.55 8.56 15.48
CA LEU D 969 13.71 9.41 15.69
C LEU D 969 13.88 10.41 14.55
N ALA D 970 13.66 9.99 13.30
CA ALA D 970 13.80 10.92 12.18
C ALA D 970 12.78 12.05 12.27
N ALA D 971 11.55 11.70 12.67
CA ALA D 971 10.54 12.75 12.78
C ALA D 971 10.88 13.69 13.92
N PHE D 972 11.41 13.15 15.01
CA PHE D 972 11.79 13.97 16.14
C PHE D 972 12.92 14.93 15.80
N LEU D 973 13.95 14.44 15.11
CA LEU D 973 15.07 15.32 14.77
C LEU D 973 14.65 16.41 13.82
N SER D 974 13.60 16.20 13.02
CA SER D 974 13.23 17.28 12.12
C SER D 974 12.23 18.29 12.69
N TYR D 975 11.15 17.81 13.32
CA TYR D 975 10.09 18.65 13.88
C TYR D 975 10.33 19.32 15.24
N CYS D 976 11.31 18.94 16.04
CA CYS D 976 11.43 19.62 17.34
C CYS D 976 12.04 21.02 17.20
N PRO D 977 11.44 22.04 17.85
CA PRO D 977 11.98 23.40 17.76
C PRO D 977 13.42 23.49 18.24
N GLY D 978 14.17 24.39 17.61
CA GLY D 978 15.55 24.61 17.92
C GLY D 978 16.51 23.60 17.35
N THR D 979 16.09 22.82 16.36
CA THR D 979 17.00 21.86 15.77
C THR D 979 17.75 22.50 14.62
N ASP D 980 17.10 23.44 13.94
CA ASP D 980 17.72 24.14 12.83
C ASP D 980 18.78 25.09 13.34
N VAL D 981 18.85 25.22 14.66
CA VAL D 981 19.81 26.06 15.35
C VAL D 981 20.94 25.20 15.91
N ALA D 982 20.57 24.11 16.58
CA ALA D 982 21.52 23.18 17.18
C ALA D 982 22.14 22.23 16.16
N LEU D 983 21.32 21.40 15.48
CA LEU D 983 21.83 20.44 14.50
C LEU D 983 21.66 20.81 13.04
N ARG D 984 20.94 21.88 12.71
CA ARG D 984 20.75 22.31 11.31
C ARG D 984 19.89 21.35 10.47
N MET D 985 18.69 21.06 10.96
CA MET D 985 17.74 20.17 10.29
C MET D 985 16.41 20.90 10.33
N TYR D 986 15.90 21.29 9.16
CA TYR D 986 14.65 22.02 9.06
C TYR D 986 13.46 21.11 8.80
N PRO D 987 12.26 21.59 9.14
CA PRO D 987 11.05 20.79 8.92
C PRO D 987 10.79 20.52 7.46
N LEU D 988 10.12 19.41 7.20
CA LEU D 988 9.77 18.95 5.86
C LEU D 988 8.27 19.14 5.60
N LYS D 989 7.95 19.38 4.34
CA LYS D 989 6.59 19.57 3.92
C LYS D 989 6.06 18.17 3.60
N PRO D 990 4.95 17.74 4.20
CA PRO D 990 4.40 16.39 3.98
C PRO D 990 4.40 15.75 2.60
N SER D 991 4.65 16.47 1.52
CA SER D 991 4.63 15.75 0.26
C SER D 991 6.01 15.17 -0.08
N TRP D 992 7.06 15.66 0.57
CA TRP D 992 8.40 15.16 0.31
C TRP D 992 8.61 13.74 0.88
N TRP D 993 8.20 13.50 2.13
CA TRP D 993 8.34 12.16 2.74
C TRP D 993 8.01 10.96 1.86
N PHE D 994 7.32 11.18 0.73
CA PHE D 994 6.93 10.12 -0.17
C PHE D 994 7.79 10.00 -1.42
N CYS D 995 8.96 10.64 -1.45
CA CYS D 995 9.81 10.55 -2.63
C CYS D 995 10.68 9.29 -2.65
N ALA D 996 10.88 8.63 -1.51
CA ALA D 996 11.69 7.43 -1.43
C ALA D 996 10.90 6.12 -1.43
N PHE D 997 9.58 6.17 -1.28
CA PHE D 997 8.75 4.95 -1.25
C PHE D 997 8.90 4.03 -2.47
N PRO D 998 8.86 4.52 -3.71
CA PRO D 998 9.01 3.57 -4.85
C PRO D 998 10.33 2.82 -4.87
N TYR D 999 11.42 3.50 -4.52
CA TYR D 999 12.71 2.85 -4.52
C TYR D 999 12.71 1.71 -3.51
N SER D 1000 12.08 1.91 -2.35
CA SER D 1000 12.02 0.88 -1.34
C SER D 1000 11.23 -0.33 -1.83
N LEU D 1001 10.06 -0.10 -2.42
CA LEU D 1001 9.30 -1.25 -2.90
C LEU D 1001 10.10 -2.00 -3.95
N ILE D 1002 10.82 -1.27 -4.80
CA ILE D 1002 11.61 -1.92 -5.83
C ILE D 1002 12.71 -2.77 -5.20
N ILE D 1003 13.33 -2.27 -4.14
CA ILE D 1003 14.39 -3.03 -3.47
C ILE D 1003 13.82 -4.34 -2.96
N PHE D 1004 12.63 -4.27 -2.40
CA PHE D 1004 11.96 -5.45 -1.85
C PHE D 1004 11.63 -6.46 -2.95
N LEU D 1005 11.10 -6.00 -4.08
CA LEU D 1005 10.77 -6.93 -5.16
C LEU D 1005 12.01 -7.54 -5.79
N TYR D 1006 13.07 -6.75 -5.97
CA TYR D 1006 14.29 -7.28 -6.56
C TYR D 1006 14.87 -8.37 -5.68
N ASP D 1007 15.05 -8.08 -4.39
CA ASP D 1007 15.62 -9.10 -3.52
C ASP D 1007 14.69 -10.31 -3.39
N GLU D 1008 13.37 -10.10 -3.51
CA GLU D 1008 12.47 -11.25 -3.40
C GLU D 1008 12.66 -12.17 -4.58
N MET D 1009 12.76 -11.62 -5.79
CA MET D 1009 12.97 -12.50 -6.93
C MET D 1009 14.37 -13.09 -6.87
N ARG D 1010 15.31 -12.39 -6.23
CA ARG D 1010 16.67 -12.90 -6.11
C ARG D 1010 16.67 -14.18 -5.29
N ARG D 1011 16.07 -14.14 -4.09
CA ARG D 1011 15.93 -15.24 -3.14
C ARG D 1011 14.98 -16.33 -3.61
N PHE D 1012 14.62 -16.33 -4.88
CA PHE D 1012 13.69 -17.30 -5.47
C PHE D 1012 14.39 -18.21 -6.47
N ILE D 1013 15.25 -17.64 -7.31
CA ILE D 1013 15.96 -18.45 -8.27
C ILE D 1013 16.98 -19.30 -7.52
N ILE D 1014 17.46 -18.79 -6.38
CA ILE D 1014 18.43 -19.55 -5.59
C ILE D 1014 17.78 -20.81 -5.06
N ARG D 1015 16.51 -20.71 -4.66
CA ARG D 1015 15.78 -21.87 -4.14
C ARG D 1015 15.48 -22.87 -5.25
N ARG D 1016 14.81 -22.40 -6.31
CA ARG D 1016 14.48 -23.30 -7.42
C ARG D 1016 15.70 -23.83 -8.16
N SER D 1017 16.74 -23.00 -8.34
CA SER D 1017 17.97 -23.37 -9.04
C SER D 1017 19.20 -23.48 -8.14
N PRO D 1018 19.43 -24.63 -7.50
CA PRO D 1018 20.59 -24.78 -6.61
C PRO D 1018 21.89 -25.03 -7.35
N GLY D 1019 22.89 -24.18 -7.08
CA GLY D 1019 24.21 -24.19 -7.64
C GLY D 1019 24.38 -23.31 -8.87
N GLY D 1020 23.31 -22.64 -9.29
CA GLY D 1020 23.34 -21.76 -10.44
C GLY D 1020 24.03 -20.43 -10.21
N TRP D 1021 23.99 -19.62 -11.28
CA TRP D 1021 24.59 -18.28 -11.30
C TRP D 1021 24.20 -17.39 -10.14
N VAL D 1022 22.90 -17.29 -9.85
CA VAL D 1022 22.47 -16.41 -8.76
C VAL D 1022 23.07 -16.85 -7.43
N GLU D 1023 23.40 -18.14 -7.29
CA GLU D 1023 23.97 -18.61 -6.05
C GLU D 1023 25.46 -18.34 -5.94
N GLN D 1024 26.24 -18.71 -6.95
CA GLN D 1024 27.67 -18.44 -6.86
C GLN D 1024 28.02 -17.00 -7.16
N GLU D 1025 27.04 -16.14 -7.37
CA GLU D 1025 27.29 -14.74 -7.64
C GLU D 1025 26.72 -13.83 -6.56
N THR D 1026 25.53 -14.14 -6.02
CA THR D 1026 24.89 -13.32 -4.99
C THR D 1026 24.63 -13.96 -3.61
N TYR D 1027 24.97 -15.24 -3.38
CA TYR D 1027 24.71 -15.91 -2.09
C TYR D 1027 25.80 -15.76 -1.02
N TYR D 1028 25.79 -14.60 -0.34
CA TYR D 1028 26.73 -14.24 0.75
C TYR D 1028 27.75 -15.29 1.18
N GLY E 12 50.60 -17.74 -4.90
CA GLY E 12 49.72 -16.67 -4.51
C GLY E 12 49.74 -15.48 -5.43
N TRP E 13 50.73 -14.60 -5.22
CA TRP E 13 50.93 -13.39 -6.01
C TRP E 13 50.73 -13.62 -7.52
N LYS E 14 51.45 -14.59 -8.07
CA LYS E 14 51.41 -14.93 -9.48
C LYS E 14 50.17 -15.73 -9.90
N LYS E 15 49.83 -16.80 -9.17
CA LYS E 15 48.68 -17.61 -9.55
C LYS E 15 47.37 -16.82 -9.57
N PHE E 16 46.96 -16.23 -8.44
CA PHE E 16 45.70 -15.47 -8.46
C PHE E 16 45.61 -14.39 -9.54
N LEU E 17 46.65 -14.28 -10.37
CA LEU E 17 46.72 -13.33 -11.47
C LEU E 17 46.53 -14.01 -12.80
N TRP E 18 47.10 -15.20 -12.95
CA TRP E 18 47.01 -15.95 -14.18
C TRP E 18 47.59 -17.34 -14.04
N ASP E 19 46.72 -18.34 -14.10
CA ASP E 19 47.07 -19.74 -14.01
C ASP E 19 46.81 -20.25 -15.40
N SER E 20 47.53 -21.29 -15.83
CA SER E 20 47.28 -21.75 -17.19
C SER E 20 46.63 -23.12 -17.28
N GLU E 21 46.12 -23.68 -16.19
CA GLU E 21 45.50 -24.97 -16.38
C GLU E 21 44.00 -24.76 -16.52
N LYS E 22 43.41 -23.94 -15.65
CA LYS E 22 41.99 -23.59 -15.69
C LYS E 22 41.73 -22.39 -16.59
N LYS E 23 42.78 -21.81 -17.20
CA LYS E 23 42.69 -20.64 -18.09
C LYS E 23 41.88 -19.50 -17.45
N GLU E 24 42.26 -19.17 -16.22
CA GLU E 24 41.64 -18.12 -15.42
C GLU E 24 42.45 -16.85 -15.29
N PHE E 25 41.77 -15.71 -15.27
CA PHE E 25 42.39 -14.39 -15.10
C PHE E 25 41.74 -13.75 -13.88
N LEU E 26 42.55 -13.43 -12.88
CA LEU E 26 42.09 -12.81 -11.63
C LEU E 26 41.18 -13.71 -10.80
N GLY E 27 40.71 -14.82 -11.34
CA GLY E 27 39.85 -15.71 -10.58
C GLY E 27 38.82 -16.45 -11.41
N ARG E 28 38.23 -15.78 -12.38
CA ARG E 28 37.24 -16.39 -13.25
C ARG E 28 37.83 -16.65 -14.64
N THR E 29 37.01 -17.24 -15.50
CA THR E 29 37.39 -17.56 -16.86
C THR E 29 36.92 -16.45 -17.79
N GLY E 30 37.08 -16.65 -19.09
CA GLY E 30 36.66 -15.63 -20.03
C GLY E 30 35.15 -15.43 -20.05
N SER E 31 34.40 -16.53 -20.13
CA SER E 31 32.93 -16.44 -20.15
C SER E 31 32.35 -15.86 -18.87
N SER E 32 33.10 -15.84 -17.78
CA SER E 32 32.56 -15.30 -16.54
C SER E 32 32.62 -13.78 -16.53
N TRP E 33 33.80 -13.21 -16.77
CA TRP E 33 33.90 -11.75 -16.79
C TRP E 33 32.83 -11.17 -17.72
N PHE E 34 32.48 -11.91 -18.78
CA PHE E 34 31.47 -11.42 -19.72
C PHE E 34 30.08 -11.57 -19.13
N LYS E 35 29.78 -12.68 -18.46
CA LYS E 35 28.45 -12.82 -17.88
C LYS E 35 28.21 -11.74 -16.83
N ILE E 36 29.22 -11.48 -16.00
CA ILE E 36 29.08 -10.46 -14.95
C ILE E 36 29.01 -9.05 -15.55
N PHE E 37 29.90 -8.73 -16.51
CA PHE E 37 29.85 -7.39 -17.09
C PHE E 37 28.51 -7.15 -17.77
N LEU E 38 28.00 -8.14 -18.51
CA LEU E 38 26.72 -7.97 -19.19
C LEU E 38 25.61 -7.78 -18.17
N PHE E 39 25.64 -8.54 -17.07
CA PHE E 39 24.60 -8.40 -16.06
C PHE E 39 24.62 -7.00 -15.46
N TYR E 40 25.81 -6.54 -15.05
CA TYR E 40 25.89 -5.21 -14.48
C TYR E 40 25.48 -4.14 -15.47
N LEU E 41 25.76 -4.32 -16.75
CA LEU E 41 25.38 -3.30 -17.72
C LEU E 41 23.86 -3.23 -17.84
N ILE E 42 23.20 -4.39 -17.89
CA ILE E 42 21.74 -4.38 -18.00
C ILE E 42 21.12 -3.84 -16.72
N PHE E 43 21.65 -4.26 -15.57
CA PHE E 43 21.13 -3.81 -14.27
C PHE E 43 21.25 -2.30 -14.12
N TYR E 44 22.47 -1.77 -14.29
CA TYR E 44 22.65 -0.33 -14.15
C TYR E 44 21.87 0.42 -15.22
N GLY E 45 21.67 -0.17 -16.41
CA GLY E 45 20.90 0.51 -17.43
C GLY E 45 19.47 0.68 -16.98
N CYS E 46 18.90 -0.38 -16.38
CA CYS E 46 17.53 -0.30 -15.90
C CYS E 46 17.44 0.73 -14.78
N LEU E 47 18.45 0.74 -13.91
CA LEU E 47 18.48 1.69 -12.80
C LEU E 47 18.45 3.12 -13.33
N ALA E 48 19.26 3.39 -14.36
CA ALA E 48 19.32 4.72 -14.95
C ALA E 48 17.98 5.10 -15.57
N GLY E 49 17.37 4.18 -16.31
CA GLY E 49 16.09 4.49 -16.94
C GLY E 49 15.00 4.76 -15.93
N ILE E 50 15.02 4.05 -14.79
CA ILE E 50 14.01 4.27 -13.78
C ILE E 50 14.19 5.64 -13.13
N PHE E 51 15.44 5.97 -12.76
CA PHE E 51 15.70 7.27 -12.16
C PHE E 51 15.30 8.40 -13.11
N ILE E 52 15.56 8.23 -14.41
CA ILE E 52 15.21 9.26 -15.38
C ILE E 52 13.70 9.40 -15.50
N GLY E 53 12.96 8.29 -15.50
CA GLY E 53 11.52 8.40 -15.60
C GLY E 53 10.94 9.12 -14.39
N THR E 54 11.44 8.77 -13.20
CA THR E 54 10.94 9.44 -12.01
C THR E 54 11.34 10.90 -11.96
N ILE E 55 12.31 11.33 -12.78
CA ILE E 55 12.69 12.74 -12.74
C ILE E 55 11.85 13.50 -13.78
N GLN E 56 11.41 12.79 -14.83
CA GLN E 56 10.60 13.45 -15.84
C GLN E 56 9.23 13.76 -15.26
N VAL E 57 8.65 12.82 -14.50
CA VAL E 57 7.34 13.15 -13.93
C VAL E 57 7.46 14.38 -13.02
N LEU E 58 8.66 14.61 -12.48
CA LEU E 58 8.89 15.75 -11.62
C LEU E 58 8.92 17.01 -12.45
N LEU E 59 9.45 16.91 -13.66
CA LEU E 59 9.47 18.12 -14.48
C LEU E 59 8.06 18.44 -14.93
N LEU E 60 7.21 17.42 -15.04
CA LEU E 60 5.84 17.69 -15.45
C LEU E 60 5.02 18.27 -14.30
N THR E 61 5.51 18.18 -13.06
CA THR E 61 4.78 18.71 -11.90
C THR E 61 5.05 20.19 -11.60
N LEU E 62 5.92 20.87 -12.34
CA LEU E 62 6.24 22.27 -12.10
C LEU E 62 5.89 23.20 -13.26
N SER E 63 5.63 24.46 -12.91
CA SER E 63 5.28 25.53 -13.85
C SER E 63 6.49 26.36 -14.25
N ASP E 64 6.48 26.83 -15.49
CA ASP E 64 7.54 27.64 -16.08
C ASP E 64 7.45 29.13 -15.77
N PHE E 65 6.33 29.64 -15.28
CA PHE E 65 6.20 31.06 -14.99
C PHE E 65 6.16 31.41 -13.52
N GLU E 66 6.30 30.46 -12.61
CA GLU E 66 6.25 30.81 -11.20
C GLU E 66 6.78 29.72 -10.27
N PRO E 67 7.57 30.08 -9.26
CA PRO E 67 8.09 29.07 -8.33
C PRO E 67 6.97 28.69 -7.37
N LYS E 68 6.74 27.39 -7.21
CA LYS E 68 5.68 26.92 -6.33
C LYS E 68 5.84 27.42 -4.90
N TYR E 69 7.04 27.37 -4.34
CA TYR E 69 7.29 27.83 -2.98
C TYR E 69 8.12 29.11 -2.98
N GLN E 70 7.59 30.17 -2.38
CA GLN E 70 8.27 31.45 -2.30
C GLN E 70 8.41 31.92 -0.87
N ASP E 71 8.59 31.02 0.09
CA ASP E 71 8.71 31.44 1.47
C ASP E 71 10.16 31.60 1.94
N ARG E 72 11.12 30.98 1.26
CA ARG E 72 12.51 31.12 1.69
C ARG E 72 13.11 32.44 1.18
N VAL E 73 12.34 33.22 0.43
CA VAL E 73 12.75 34.50 -0.14
C VAL E 73 11.71 35.58 0.14
N ALA E 74 10.97 35.50 1.26
CA ALA E 74 9.95 36.52 1.50
C ALA E 74 10.56 37.88 1.88
N PRO E 75 11.34 38.04 2.94
CA PRO E 75 11.90 39.38 3.21
C PRO E 75 13.11 39.60 2.34
N PRO E 76 13.03 40.49 1.36
CA PRO E 76 14.16 40.74 0.45
C PRO E 76 15.43 41.28 1.07
N GLY E 77 16.53 40.96 0.39
CA GLY E 77 17.86 41.38 0.77
C GLY E 77 18.17 42.77 0.27
N LEU E 78 19.39 43.21 0.57
CA LEU E 78 19.91 44.53 0.20
C LEU E 78 21.38 44.35 -0.16
N SER E 79 21.68 44.19 -1.45
CA SER E 79 23.08 44.01 -1.82
C SER E 79 23.63 45.31 -2.40
N HIS E 80 24.92 45.30 -2.73
CA HIS E 80 25.57 46.47 -3.29
C HIS E 80 26.43 46.08 -4.48
N ALA E 81 26.98 47.11 -5.12
CA ALA E 81 27.83 47.03 -6.30
C ALA E 81 29.27 46.59 -6.04
N PRO E 82 29.99 47.12 -5.05
CA PRO E 82 31.37 46.66 -4.86
C PRO E 82 31.35 45.27 -4.25
N TYR E 83 32.37 44.53 -4.59
CA TYR E 83 32.53 43.16 -4.10
C TYR E 83 33.61 43.23 -3.04
N ALA E 84 33.16 43.23 -1.79
CA ALA E 84 34.03 43.28 -0.63
C ALA E 84 34.14 41.85 -0.14
N ILE E 85 35.36 41.45 0.21
CA ILE E 85 35.58 40.08 0.66
C ILE E 85 34.98 39.87 2.05
N LYS E 86 35.23 40.79 2.97
CA LYS E 86 34.70 40.68 4.33
C LYS E 86 33.83 41.89 4.65
N THR E 87 33.18 42.43 3.62
CA THR E 87 32.32 43.61 3.73
C THR E 87 33.15 44.79 4.18
N GLU E 88 34.35 44.89 3.61
CA GLU E 88 35.29 45.96 3.91
C GLU E 88 35.79 46.57 2.60
N ILE E 89 35.86 47.89 2.58
CA ILE E 89 36.32 48.67 1.43
C ILE E 89 37.56 49.42 1.91
N SER E 90 38.74 48.90 1.58
CA SER E 90 40.01 49.50 1.99
C SER E 90 40.91 49.76 0.79
N PHE E 91 41.28 51.03 0.59
CA PHE E 91 42.14 51.38 -0.53
C PHE E 91 42.89 52.70 -0.29
N SER E 92 44.09 52.78 -0.89
CA SER E 92 44.99 53.92 -0.82
C SER E 92 44.66 54.96 -1.90
N ILE E 93 44.63 56.25 -1.54
CA ILE E 93 44.32 57.24 -2.57
C ILE E 93 45.52 57.53 -3.47
N SER E 94 46.68 56.94 -3.20
CA SER E 94 47.83 57.18 -4.07
C SER E 94 48.00 56.04 -5.06
N ASN E 95 48.23 54.82 -4.55
CA ASN E 95 48.41 53.61 -5.34
C ASN E 95 47.15 53.29 -6.15
N PRO E 96 47.19 53.37 -7.48
CA PRO E 96 45.99 53.06 -8.27
C PRO E 96 45.62 51.58 -8.28
N LYS E 97 46.58 50.67 -8.21
CA LYS E 97 46.30 49.24 -8.22
C LYS E 97 45.69 48.75 -6.90
N SER E 98 45.02 49.64 -6.18
CA SER E 98 44.40 49.30 -4.90
C SER E 98 42.88 49.26 -4.98
N TYR E 99 42.25 50.15 -5.76
CA TYR E 99 40.80 50.16 -5.89
C TYR E 99 40.34 49.61 -7.23
N GLU E 100 41.21 48.87 -7.93
CA GLU E 100 40.83 48.30 -9.22
C GLU E 100 39.75 47.24 -9.07
N SER E 101 39.86 46.40 -8.05
CA SER E 101 38.87 45.35 -7.82
C SER E 101 37.48 45.94 -7.60
N PHE E 102 37.40 47.15 -7.08
CA PHE E 102 36.11 47.78 -6.83
C PHE E 102 35.51 48.32 -8.13
N VAL E 103 36.25 49.22 -8.79
CA VAL E 103 35.79 49.82 -10.05
C VAL E 103 35.43 48.75 -11.07
N LYS E 104 36.20 47.67 -11.15
CA LYS E 104 35.90 46.61 -12.11
C LYS E 104 34.50 46.06 -11.88
N SER E 105 34.15 45.79 -10.62
CA SER E 105 32.82 45.28 -10.32
C SER E 105 31.78 46.34 -10.61
N MET E 106 31.84 47.46 -9.88
CA MET E 106 30.92 48.59 -10.08
C MET E 106 30.58 48.69 -11.56
N HIS E 107 31.63 48.74 -12.38
CA HIS E 107 31.50 48.82 -13.82
C HIS E 107 30.68 47.66 -14.35
N LYS E 108 30.96 46.43 -13.87
CA LYS E 108 30.21 45.26 -14.33
C LYS E 108 28.71 45.46 -14.10
N LEU E 109 28.36 46.06 -12.97
CA LEU E 109 26.96 46.29 -12.64
C LEU E 109 26.33 47.37 -13.51
N MET E 110 26.96 48.54 -13.59
CA MET E 110 26.39 49.62 -14.40
C MET E 110 26.44 49.36 -15.90
N ASP E 111 27.35 48.50 -16.36
CA ASP E 111 27.50 48.17 -17.77
C ASP E 111 26.22 47.55 -18.35
N LEU E 112 25.24 47.21 -17.52
CA LEU E 112 24.00 46.61 -17.96
C LEU E 112 22.87 47.62 -18.15
N TYR E 113 23.06 48.87 -17.73
CA TYR E 113 22.07 49.92 -17.85
C TYR E 113 22.38 50.86 -19.01
N ASN E 114 23.30 50.45 -19.87
CA ASN E 114 23.72 51.24 -21.03
C ASN E 114 22.49 51.56 -21.89
N GLU E 115 22.42 52.80 -22.38
CA GLU E 115 21.27 53.20 -23.21
C GLU E 115 21.19 52.38 -24.48
N SER E 116 22.34 52.04 -25.09
CA SER E 116 22.32 51.25 -26.31
C SER E 116 21.52 49.97 -26.09
N SER E 117 21.59 49.41 -24.89
CA SER E 117 20.84 48.19 -24.60
C SER E 117 19.35 48.48 -24.56
N GLN E 118 18.97 49.59 -23.94
CA GLN E 118 17.58 50.03 -23.80
C GLN E 118 17.19 50.87 -25.02
N ALA E 119 16.59 50.26 -26.02
CA ALA E 119 16.21 51.05 -27.18
C ALA E 119 15.00 50.47 -27.90
N GLY E 120 14.24 51.37 -28.53
CA GLY E 120 13.05 50.98 -29.26
C GLY E 120 11.81 50.95 -28.38
N ASN E 121 10.72 50.50 -29.00
CA ASN E 121 9.47 50.39 -28.27
C ASN E 121 9.44 49.05 -27.58
N SER E 122 10.02 48.07 -28.20
CA SER E 122 10.11 46.74 -27.68
C SER E 122 11.52 46.53 -27.16
N PRO E 123 11.71 45.98 -25.96
CA PRO E 123 10.56 45.62 -25.13
C PRO E 123 10.41 46.71 -24.06
N PHE E 124 11.16 47.80 -24.22
CA PHE E 124 11.21 48.92 -23.29
C PHE E 124 10.15 50.00 -23.47
N GLU E 125 9.74 50.59 -22.34
CA GLU E 125 8.72 51.64 -22.27
C GLU E 125 9.11 52.82 -21.37
N ASP E 126 8.90 54.05 -21.87
CA ASP E 126 9.20 55.26 -21.10
C ASP E 126 8.22 55.42 -19.94
N CYS E 127 8.74 55.54 -18.72
CA CYS E 127 7.87 55.69 -17.55
C CYS E 127 8.13 57.03 -16.87
N SER E 128 7.21 57.41 -15.98
CA SER E 128 7.25 58.66 -15.22
C SER E 128 8.64 59.01 -14.70
N ASP E 129 9.11 60.21 -15.04
CA ASP E 129 10.43 60.65 -14.60
C ASP E 129 10.49 60.90 -13.10
N THR E 130 9.32 60.94 -12.45
CA THR E 130 9.12 61.16 -11.03
C THR E 130 8.50 59.88 -10.46
N PRO E 131 8.86 59.49 -9.23
CA PRO E 131 8.30 58.25 -8.66
C PRO E 131 6.80 58.13 -8.87
N ALA E 132 6.31 56.92 -9.13
CA ALA E 132 4.88 56.71 -9.37
C ALA E 132 4.46 55.43 -8.67
N ASP E 133 3.27 54.95 -8.99
CA ASP E 133 2.71 53.74 -8.40
C ASP E 133 3.06 52.48 -9.19
N TYR E 134 2.53 51.36 -8.71
CA TYR E 134 2.72 50.06 -9.29
C TYR E 134 2.15 50.04 -10.70
N ILE E 135 2.50 49.01 -11.45
CA ILE E 135 2.02 48.85 -12.82
C ILE E 135 1.85 47.35 -12.99
N LYS E 136 0.63 46.93 -13.31
CA LYS E 136 0.32 45.52 -13.49
C LYS E 136 0.12 45.26 -14.97
N ARG E 137 1.00 44.43 -15.54
CA ARG E 137 0.92 44.09 -16.96
C ARG E 137 0.16 42.81 -17.16
N GLY E 138 -0.87 42.60 -16.35
CA GLY E 138 -1.69 41.43 -16.42
C GLY E 138 -1.25 40.37 -15.43
N ASP E 139 -1.64 39.14 -15.73
CA ASP E 139 -1.31 38.00 -14.90
C ASP E 139 0.05 37.44 -15.28
N LEU E 140 0.36 36.25 -14.76
CA LEU E 140 1.62 35.56 -15.03
C LEU E 140 1.35 34.47 -16.07
N ASP E 141 1.02 34.94 -17.28
CA ASP E 141 0.71 34.06 -18.40
C ASP E 141 1.51 34.41 -19.65
N ASP E 142 1.29 33.57 -20.66
CA ASP E 142 1.89 33.67 -21.98
C ASP E 142 0.87 34.19 -22.97
N SER E 143 -0.36 34.47 -22.52
CA SER E 143 -1.44 34.98 -23.35
C SER E 143 -0.85 36.20 -24.04
N GLN E 144 -0.61 37.26 -23.30
CA GLN E 144 0.00 38.40 -23.96
C GLN E 144 1.46 38.01 -24.09
N GLY E 145 2.11 38.45 -25.14
CA GLY E 145 3.50 38.07 -25.25
C GLY E 145 4.37 38.64 -24.15
N GLN E 146 5.68 38.65 -24.38
CA GLN E 146 6.65 39.17 -23.43
C GLN E 146 6.22 40.53 -22.88
N LYS E 147 6.01 40.62 -21.56
CA LYS E 147 5.59 41.88 -20.96
C LYS E 147 6.64 42.98 -21.22
N LYS E 148 6.39 44.20 -20.75
CA LYS E 148 7.30 45.32 -20.96
C LYS E 148 7.79 45.91 -19.64
N ALA E 149 9.10 46.20 -19.57
CA ALA E 149 9.70 46.77 -18.36
C ALA E 149 10.11 48.23 -18.57
N CYS E 150 10.08 49.01 -17.48
CA CYS E 150 10.46 50.42 -17.49
C CYS E 150 11.96 50.61 -17.69
N ARG E 151 12.32 51.70 -18.36
CA ARG E 151 13.71 52.04 -18.63
C ARG E 151 14.33 52.73 -17.42
N PHE E 152 15.61 52.43 -17.15
CA PHE E 152 16.31 53.03 -16.02
C PHE E 152 17.62 53.58 -16.57
N SER E 153 17.72 54.92 -16.59
CA SER E 153 18.91 55.57 -17.12
C SER E 153 20.05 55.64 -16.12
N ARG E 154 21.25 55.63 -16.67
CA ARG E 154 22.53 55.70 -15.97
C ARG E 154 22.58 57.06 -15.29
N MET E 155 22.60 58.10 -16.12
CA MET E 155 22.66 59.50 -15.73
C MET E 155 21.81 59.82 -14.51
N TRP E 156 20.74 59.05 -14.25
CA TRP E 156 19.92 59.32 -13.07
C TRP E 156 20.87 59.38 -11.86
N LEU E 157 21.80 58.44 -11.77
CA LEU E 157 22.81 58.40 -10.71
C LEU E 157 23.75 59.52 -11.16
N LYS E 158 23.81 60.62 -10.41
CA LYS E 158 24.62 61.75 -10.85
C LYS E 158 26.14 61.71 -10.70
N ASN E 159 26.69 61.71 -9.48
CA ASN E 159 28.15 61.69 -9.50
C ASN E 159 28.77 60.29 -9.57
N CYS E 160 27.97 59.22 -9.53
CA CYS E 160 28.51 57.85 -9.63
C CYS E 160 27.85 57.17 -10.82
N SER E 161 28.46 57.30 -11.99
CA SER E 161 27.90 56.68 -13.18
C SER E 161 28.98 56.17 -14.12
N GLY E 162 30.24 56.49 -13.84
CA GLY E 162 31.39 56.11 -14.62
C GLY E 162 31.36 56.70 -16.01
N LEU E 163 30.44 57.64 -16.23
CA LEU E 163 30.34 58.29 -17.53
C LEU E 163 31.21 59.53 -17.55
N ASP E 164 31.41 60.11 -16.37
CA ASP E 164 32.21 61.30 -16.13
C ASP E 164 33.57 60.95 -15.53
N ASP E 165 33.55 60.36 -14.34
CA ASP E 165 34.73 59.95 -13.58
C ASP E 165 34.67 58.44 -13.45
N THR E 166 35.02 57.76 -14.55
CA THR E 166 35.05 56.31 -14.70
C THR E 166 35.32 55.60 -13.38
N THR E 167 36.32 56.07 -12.64
CA THR E 167 36.69 55.51 -11.34
C THR E 167 35.53 55.48 -10.34
N TYR E 168 34.60 56.42 -10.46
CA TYR E 168 33.39 56.63 -9.63
C TYR E 168 33.64 57.28 -8.27
N GLY E 169 34.80 57.86 -7.99
CA GLY E 169 34.90 58.44 -6.67
C GLY E 169 36.18 58.10 -5.93
N TYR E 170 36.50 56.80 -6.03
CA TYR E 170 37.66 56.18 -5.40
C TYR E 170 38.97 56.90 -5.70
N ALA E 171 38.99 57.80 -6.69
CA ALA E 171 40.21 58.50 -7.03
C ALA E 171 40.59 59.59 -6.02
N GLU E 172 39.62 60.25 -5.39
CA GLU E 172 40.06 61.29 -4.45
C GLU E 172 39.43 61.19 -3.07
N GLY E 173 39.23 59.99 -2.52
CA GLY E 173 38.66 59.93 -1.19
C GLY E 173 37.18 60.19 -1.09
N LYS E 174 36.38 59.73 -2.05
CA LYS E 174 34.94 59.97 -2.03
C LYS E 174 34.26 58.82 -2.77
N PRO E 175 34.30 57.61 -2.19
CA PRO E 175 33.68 56.48 -2.88
C PRO E 175 32.16 56.51 -2.88
N CYS E 176 31.62 55.76 -3.82
CA CYS E 176 30.19 55.59 -4.05
C CYS E 176 29.85 54.14 -3.75
N VAL E 177 28.57 53.87 -3.55
CA VAL E 177 28.09 52.51 -3.24
C VAL E 177 26.69 52.40 -3.81
N VAL E 178 26.57 51.64 -4.90
CA VAL E 178 25.29 51.42 -5.57
C VAL E 178 24.53 50.30 -4.87
N ALA E 179 23.45 50.64 -4.18
CA ALA E 179 22.63 49.67 -3.47
C ALA E 179 21.56 49.16 -4.42
N LYS E 180 21.09 47.94 -4.14
CA LYS E 180 20.08 47.27 -4.95
C LYS E 180 19.21 46.31 -4.13
N LEU E 181 17.92 46.31 -4.44
CA LEU E 181 16.91 45.47 -3.81
C LEU E 181 16.78 44.16 -4.58
N ASN E 182 16.86 43.04 -3.86
CA ASN E 182 16.77 41.71 -4.46
C ASN E 182 15.43 41.45 -5.16
N ARG E 183 15.52 41.09 -6.44
CA ARG E 183 14.39 40.80 -7.32
C ARG E 183 13.57 39.59 -6.88
N ILE E 184 12.28 39.81 -6.60
CA ILE E 184 11.35 38.76 -6.19
C ILE E 184 10.13 38.80 -7.10
N ILE E 185 9.68 37.62 -7.55
CA ILE E 185 8.52 37.53 -8.43
C ILE E 185 7.23 37.87 -7.68
N GLY E 186 6.41 38.72 -8.29
CA GLY E 186 5.14 39.11 -7.69
C GLY E 186 5.26 39.84 -6.37
N PHE E 187 6.40 40.46 -6.09
CA PHE E 187 6.59 41.17 -4.84
C PHE E 187 6.31 42.66 -4.99
N TYR E 188 5.37 43.16 -4.19
CA TYR E 188 5.02 44.58 -4.21
C TYR E 188 5.71 45.27 -3.05
N PRO E 189 6.57 46.25 -3.26
CA PRO E 189 7.18 46.91 -2.10
C PRO E 189 6.15 47.85 -1.51
N LYS E 190 6.05 47.87 -0.18
CA LYS E 190 5.09 48.73 0.49
C LYS E 190 5.78 49.60 1.52
N PRO E 191 5.65 50.92 1.43
CA PRO E 191 6.30 51.81 2.39
C PRO E 191 5.44 52.10 3.61
N LEU E 192 6.11 52.59 4.64
CA LEU E 192 5.48 52.94 5.91
C LEU E 192 4.55 54.13 5.70
N LYS E 193 3.41 54.16 6.40
CA LYS E 193 2.52 55.29 6.20
C LYS E 193 2.92 56.46 7.11
N ASN E 194 2.36 57.64 6.82
CA ASN E 194 2.57 58.93 7.50
C ASN E 194 2.17 59.09 8.98
N THR E 195 1.60 58.06 9.61
CA THR E 195 1.16 58.15 11.01
C THR E 195 2.31 58.50 11.98
N THR E 196 1.92 58.96 13.20
CA THR E 196 2.84 59.38 14.26
C THR E 196 3.95 58.41 14.60
N ASP E 197 3.85 57.14 14.23
CA ASP E 197 4.96 56.24 14.54
C ASP E 197 5.54 56.06 13.16
N LEU E 198 6.76 56.44 13.04
CA LEU E 198 7.59 56.43 11.86
C LEU E 198 8.93 56.82 12.43
N PRO E 199 10.03 56.34 11.88
CA PRO E 199 11.32 56.71 12.45
C PRO E 199 11.50 58.22 12.35
N GLU E 200 12.57 58.69 12.96
CA GLU E 200 12.88 60.11 12.97
C GLU E 200 13.13 60.51 11.52
N GLU E 201 14.19 59.95 10.95
CA GLU E 201 14.69 60.11 9.58
C GLU E 201 13.70 60.28 8.43
N LEU E 202 12.79 59.32 8.32
CA LEU E 202 11.75 59.20 7.29
C LEU E 202 10.75 60.35 7.18
N GLN E 203 10.50 61.12 8.24
CA GLN E 203 9.49 62.19 8.14
C GLN E 203 9.65 63.12 6.94
N ALA E 204 10.78 63.80 6.79
CA ALA E 204 10.90 64.69 5.63
C ALA E 204 10.87 63.92 4.30
N ASN E 205 10.26 64.53 3.28
CA ASN E 205 10.14 63.96 1.92
C ASN E 205 9.39 62.62 1.83
N TYR E 206 8.16 62.56 2.36
CA TYR E 206 7.39 61.29 2.30
C TYR E 206 6.68 61.00 0.97
N ASN E 207 7.45 60.75 -0.08
CA ASN E 207 6.74 60.40 -1.32
C ASN E 207 6.21 58.99 -1.07
N GLN E 208 4.88 58.80 -0.96
CA GLN E 208 4.38 57.44 -0.73
C GLN E 208 5.03 56.43 -1.65
N TYR E 209 5.12 56.76 -2.93
CA TYR E 209 5.70 55.94 -3.99
C TYR E 209 7.19 55.60 -3.91
N VAL E 210 7.89 55.95 -2.83
CA VAL E 210 9.32 55.67 -2.75
C VAL E 210 9.64 54.80 -1.54
N LEU E 211 10.46 53.75 -1.77
CA LEU E 211 10.87 52.88 -0.68
C LEU E 211 12.16 53.51 -0.18
N PRO E 212 12.20 54.02 1.04
CA PRO E 212 13.41 54.67 1.56
C PRO E 212 14.56 53.79 2.00
N LEU E 213 15.76 54.30 1.72
CA LEU E 213 17.03 53.69 2.04
C LEU E 213 17.76 54.77 2.82
N ARG E 214 18.25 54.45 4.01
CA ARG E 214 18.95 55.44 4.81
C ARG E 214 20.07 54.74 5.55
N CYS E 215 21.29 55.24 5.37
CA CYS E 215 22.51 54.72 5.96
C CYS E 215 22.90 55.51 7.21
N ALA E 216 23.62 54.83 8.10
CA ALA E 216 24.06 55.45 9.35
C ALA E 216 25.28 54.68 9.86
N ALA E 217 25.68 54.97 11.10
CA ALA E 217 26.83 54.34 11.73
C ALA E 217 26.39 53.34 12.77
N LYS E 218 27.08 52.20 12.78
CA LYS E 218 26.79 51.10 13.70
C LYS E 218 26.93 51.51 15.17
N ARG E 219 28.04 52.16 15.52
CA ARG E 219 28.24 52.56 16.90
C ARG E 219 27.92 54.04 17.09
N GLU E 220 27.62 54.41 18.34
CA GLU E 220 27.28 55.80 18.63
C GLU E 220 28.48 56.73 18.45
N GLU E 221 29.69 56.22 18.71
CA GLU E 221 30.90 57.02 18.55
C GLU E 221 31.10 57.46 17.11
N ASP E 222 31.19 56.49 16.20
CA ASP E 222 31.40 56.67 14.77
C ASP E 222 30.54 57.73 14.08
N ARG E 223 29.40 58.13 14.67
CA ARG E 223 28.55 59.15 14.03
C ARG E 223 29.39 60.31 13.52
N GLU E 224 30.08 60.94 14.45
CA GLU E 224 30.95 62.08 14.24
C GLU E 224 31.98 61.87 13.12
N LYS E 225 32.61 60.69 13.07
CA LYS E 225 33.63 60.47 12.04
C LYS E 225 33.11 60.18 10.64
N ILE E 226 31.81 60.02 10.45
CA ILE E 226 31.23 59.78 9.14
C ILE E 226 30.66 61.13 8.74
N GLY E 227 31.02 61.63 7.56
CA GLY E 227 30.47 62.93 7.26
C GLY E 227 29.10 63.12 6.66
N SER E 228 29.00 63.48 5.39
CA SER E 228 27.70 63.69 4.77
C SER E 228 27.34 62.65 3.71
N ILE E 229 26.40 61.78 4.06
CA ILE E 229 25.87 60.71 3.22
C ILE E 229 25.02 61.34 2.11
N GLU E 230 25.51 61.37 0.87
CA GLU E 230 24.75 61.98 -0.22
C GLU E 230 24.18 60.90 -1.16
N TYR E 231 22.87 60.69 -1.09
CA TYR E 231 22.18 59.69 -1.91
C TYR E 231 21.68 60.24 -3.24
N PHE E 232 21.75 59.39 -4.28
CA PHE E 232 21.32 59.70 -5.63
C PHE E 232 20.30 58.65 -6.07
N GLY E 233 19.23 59.08 -6.72
CA GLY E 233 18.22 58.15 -7.16
C GLY E 233 17.22 58.77 -8.12
N LEU E 234 16.18 57.99 -8.41
CA LEU E 234 15.13 58.44 -9.32
C LEU E 234 14.33 59.56 -8.67
N GLY E 235 14.33 60.72 -9.31
CA GLY E 235 13.59 61.84 -8.77
C GLY E 235 14.39 62.61 -7.75
N GLY E 236 15.60 62.17 -7.45
CA GLY E 236 16.44 62.81 -6.46
C GLY E 236 16.23 62.27 -5.08
N TYR E 237 15.27 61.36 -4.90
CA TYR E 237 14.98 60.79 -3.60
C TYR E 237 15.93 59.63 -3.30
N ALA E 238 15.99 59.31 -2.01
CA ALA E 238 16.84 58.22 -1.51
C ALA E 238 16.00 56.95 -1.38
N GLY E 239 15.57 56.43 -2.50
CA GLY E 239 14.77 55.22 -2.44
C GLY E 239 14.56 54.60 -3.80
N PHE E 240 13.64 53.65 -3.84
CA PHE E 240 13.29 52.94 -5.05
C PHE E 240 11.86 53.26 -5.46
N PRO E 241 11.67 53.70 -6.71
CA PRO E 241 10.33 54.02 -7.19
C PRO E 241 9.48 52.76 -7.34
N LEU E 242 8.26 52.82 -6.80
CA LEU E 242 7.34 51.69 -6.86
C LEU E 242 6.92 51.30 -8.28
N GLN E 243 7.11 52.18 -9.26
CA GLN E 243 6.72 51.86 -10.62
C GLN E 243 7.53 50.72 -11.25
N TYR E 244 8.71 50.41 -10.72
CA TYR E 244 9.51 49.33 -11.27
C TYR E 244 9.13 47.96 -10.74
N TYR E 245 7.93 47.80 -10.21
CA TYR E 245 7.48 46.53 -9.66
C TYR E 245 6.04 46.25 -10.08
N PRO E 246 5.64 44.97 -10.07
CA PRO E 246 6.47 43.83 -9.69
C PRO E 246 7.31 43.26 -10.83
N TYR E 247 8.07 42.22 -10.49
CA TYR E 247 8.94 41.52 -11.42
C TYR E 247 8.16 40.29 -11.86
N TYR E 248 8.03 40.12 -13.16
CA TYR E 248 7.29 39.00 -13.72
C TYR E 248 8.16 37.78 -13.98
N GLY E 249 9.41 37.80 -13.56
CA GLY E 249 10.24 36.65 -13.80
C GLY E 249 10.94 36.74 -15.15
N LYS E 250 12.08 36.06 -15.22
CA LYS E 250 12.89 36.04 -16.43
C LYS E 250 12.09 35.63 -17.67
N ARG E 251 11.40 34.49 -17.59
CA ARG E 251 10.61 33.99 -18.71
C ARG E 251 9.58 34.99 -19.23
N LEU E 252 8.91 35.71 -18.34
CA LEU E 252 7.90 36.66 -18.77
C LEU E 252 8.41 38.09 -18.91
N GLN E 253 9.68 38.35 -18.62
CA GLN E 253 10.20 39.71 -18.74
C GLN E 253 11.69 39.81 -18.98
N LYS E 254 12.26 39.01 -19.90
CA LYS E 254 13.69 39.15 -20.12
C LYS E 254 13.94 40.62 -20.42
N LYS E 255 15.17 41.11 -20.27
CA LYS E 255 15.46 42.52 -20.54
C LYS E 255 14.73 43.41 -19.53
N TYR E 256 14.82 43.05 -18.25
CA TYR E 256 14.18 43.80 -17.18
C TYR E 256 15.27 44.41 -16.30
N LEU E 257 15.11 45.68 -15.96
CA LEU E 257 16.06 46.40 -15.13
C LEU E 257 15.43 46.81 -13.80
N GLN E 258 16.12 46.51 -12.71
CA GLN E 258 15.72 46.82 -11.35
C GLN E 258 16.26 48.19 -10.95
N PRO E 259 15.51 49.00 -10.22
CA PRO E 259 16.03 50.32 -9.83
C PRO E 259 17.32 50.19 -9.04
N LEU E 260 18.04 51.31 -8.92
CA LEU E 260 19.30 51.35 -8.20
C LEU E 260 19.41 52.65 -7.43
N LEU E 261 20.20 52.65 -6.35
CA LEU E 261 20.37 53.87 -5.57
C LEU E 261 21.84 54.06 -5.26
N ALA E 262 22.40 55.22 -5.62
CA ALA E 262 23.81 55.46 -5.35
C ALA E 262 23.99 56.19 -4.03
N ILE E 263 25.08 55.89 -3.33
CA ILE E 263 25.36 56.53 -2.04
C ILE E 263 26.81 56.99 -2.01
N GLN E 264 27.04 58.31 -1.89
CA GLN E 264 28.40 58.85 -1.83
C GLN E 264 28.75 59.20 -0.40
N PHE E 265 29.87 58.65 0.07
CA PHE E 265 30.36 58.88 1.42
C PHE E 265 31.39 60.01 1.48
N THR E 266 30.94 61.19 1.06
CA THR E 266 31.78 62.39 1.06
C THR E 266 32.26 62.67 2.49
N ASN E 267 33.29 63.51 2.61
CA ASN E 267 33.84 63.86 3.93
C ASN E 267 34.07 62.68 4.86
N LEU E 268 34.91 61.75 4.41
CA LEU E 268 35.21 60.56 5.20
C LEU E 268 36.55 60.71 5.88
N THR E 269 36.54 60.53 7.21
CA THR E 269 37.77 60.65 7.98
C THR E 269 38.80 59.69 7.42
N GLN E 270 40.02 60.17 7.34
CA GLN E 270 41.13 59.41 6.81
C GLN E 270 41.87 58.59 7.86
N ASN E 271 42.40 57.45 7.40
CA ASN E 271 43.16 56.47 8.17
C ASN E 271 42.47 55.96 9.44
N MET E 272 41.25 55.40 9.26
CA MET E 272 40.48 54.83 10.38
C MET E 272 39.25 54.04 9.88
N GLU E 273 39.06 52.81 10.38
CA GLU E 273 37.96 51.92 10.02
C GLU E 273 36.54 52.37 10.43
N LEU E 274 35.68 52.66 9.45
CA LEU E 274 34.30 53.09 9.70
C LEU E 274 33.27 52.03 9.31
N ARG E 275 32.41 51.69 10.28
CA ARG E 275 31.32 50.69 10.17
C ARG E 275 30.01 51.41 9.81
N ILE E 276 29.56 51.28 8.57
CA ILE E 276 28.35 51.92 8.08
C ILE E 276 27.27 50.90 7.73
N GLU E 277 26.12 51.00 8.41
CA GLU E 277 24.99 50.12 8.19
C GLU E 277 23.89 50.85 7.43
N CYS E 278 23.51 50.33 6.26
CA CYS E 278 22.45 50.94 5.46
C CYS E 278 21.18 50.12 5.70
N LYS E 279 20.03 50.79 5.73
CA LYS E 279 18.78 50.07 5.98
C LYS E 279 17.58 50.64 5.23
N VAL E 280 16.76 49.72 4.70
CA VAL E 280 15.53 50.03 3.97
C VAL E 280 14.40 49.93 4.99
N TYR E 281 13.33 50.68 4.78
CA TYR E 281 12.19 50.65 5.69
C TYR E 281 10.91 50.33 4.94
N GLY E 282 10.05 49.52 5.55
CA GLY E 282 8.80 49.15 4.91
C GLY E 282 8.05 48.02 5.58
N GLU E 283 6.76 47.90 5.27
CA GLU E 283 5.88 46.87 5.82
C GLU E 283 6.37 45.46 5.52
N ASN E 284 6.31 45.04 4.26
CA ASN E 284 6.76 43.70 3.87
C ASN E 284 8.27 43.53 3.92
N ILE E 285 8.95 44.29 4.77
CA ILE E 285 10.39 44.24 4.94
C ILE E 285 10.64 43.96 6.41
N ASP E 286 11.42 42.92 6.68
CA ASP E 286 11.74 42.50 8.04
C ASP E 286 13.19 42.04 8.05
N TYR E 287 13.92 42.39 9.11
CA TYR E 287 15.31 42.04 9.24
C TYR E 287 15.51 40.74 10.03
N SER E 288 16.75 40.24 9.99
CA SER E 288 17.14 39.00 10.65
C SER E 288 18.47 39.14 11.39
N GLU E 289 18.50 38.69 12.65
CA GLU E 289 19.74 38.76 13.43
C GLU E 289 20.76 37.75 12.95
N LYS E 290 20.36 36.78 12.12
CA LYS E 290 21.24 35.75 11.58
C LYS E 290 21.74 36.09 10.18
N ASP E 291 20.86 36.60 9.31
CA ASP E 291 21.22 36.98 7.95
C ASP E 291 21.42 38.49 8.00
N ARG E 292 22.66 38.93 7.84
CA ARG E 292 22.99 40.34 7.89
C ARG E 292 22.83 41.06 6.55
N PHE E 293 22.07 40.48 5.62
CA PHE E 293 21.85 41.06 4.31
C PHE E 293 20.36 41.15 4.01
N ARG E 294 19.53 40.77 4.96
CA ARG E 294 18.07 40.79 4.82
C ARG E 294 17.57 42.18 5.19
N GLY E 295 17.28 42.97 4.17
CA GLY E 295 16.80 44.34 4.33
C GLY E 295 17.88 45.38 4.57
N ARG E 296 18.94 45.02 5.27
CA ARG E 296 20.03 45.95 5.54
C ARG E 296 21.35 45.37 5.04
N PHE E 297 22.42 46.14 5.22
CA PHE E 297 23.73 45.65 4.81
C PHE E 297 24.76 46.47 5.57
N GLU E 298 25.95 45.88 5.72
CA GLU E 298 27.04 46.50 6.43
C GLU E 298 28.27 46.65 5.55
N VAL E 299 28.98 47.77 5.73
CA VAL E 299 30.18 48.05 4.96
C VAL E 299 31.23 48.62 5.89
N LYS E 300 32.48 48.23 5.70
CA LYS E 300 33.60 48.70 6.51
C LYS E 300 34.49 49.50 5.57
N ILE E 301 34.28 50.81 5.53
CA ILE E 301 35.07 51.67 4.65
C ILE E 301 36.28 52.21 5.40
N GLU E 302 37.40 52.29 4.70
CA GLU E 302 38.65 52.80 5.25
C GLU E 302 39.47 53.35 4.07
N VAL E 303 39.43 54.67 3.92
CA VAL E 303 40.17 55.33 2.83
C VAL E 303 41.52 55.74 3.44
N LYS E 304 42.46 54.80 3.45
CA LYS E 304 43.78 55.03 4.00
C LYS E 304 44.69 55.66 2.95
N SER E 305 45.17 56.87 3.23
CA SER E 305 46.05 57.55 2.29
C SER E 305 47.14 58.33 3.01
N GLU F 24 -7.25 39.37 -4.98
CA GLU F 24 -5.81 39.38 -4.72
C GLU F 24 -5.20 40.71 -5.13
N GLY F 25 -3.99 40.67 -5.67
CA GLY F 25 -3.30 41.86 -6.12
C GLY F 25 -2.25 42.38 -5.15
N PRO F 26 -2.38 43.66 -4.79
CA PRO F 26 -1.41 44.27 -3.87
C PRO F 26 -1.27 43.60 -2.52
N ASP F 27 -2.39 43.22 -1.89
CA ASP F 27 -2.37 42.59 -0.57
C ASP F 27 -2.18 41.07 -0.62
N ASN F 28 -1.44 40.56 -1.61
CA ASN F 28 -1.20 39.12 -1.73
C ASN F 28 -0.08 38.67 -0.78
N ASP F 29 -0.27 38.98 0.51
CA ASP F 29 0.74 38.61 1.50
C ASP F 29 0.73 37.13 1.83
N GLU F 30 -0.41 36.46 1.72
CA GLU F 30 -0.48 35.03 2.03
C GLU F 30 0.44 34.20 1.13
N ARG F 31 0.69 34.65 -0.10
CA ARG F 31 1.54 33.93 -1.04
C ARG F 31 2.99 33.79 -0.56
N PHE F 32 3.31 34.33 0.62
CA PHE F 32 4.67 34.24 1.15
C PHE F 32 4.68 33.77 2.60
N THR F 33 3.61 33.11 3.04
CA THR F 33 3.51 32.62 4.41
C THR F 33 3.23 31.12 4.44
N TYR F 34 3.80 30.45 5.44
CA TYR F 34 3.63 29.02 5.63
C TYR F 34 3.50 28.78 7.13
N ASP F 35 2.52 27.98 7.52
CA ASP F 35 2.28 27.67 8.93
C ASP F 35 3.16 26.53 9.43
N TYR F 36 4.44 26.84 9.62
CA TYR F 36 5.37 25.84 10.11
C TYR F 36 5.01 25.40 11.52
N TYR F 37 4.40 26.28 12.30
CA TYR F 37 4.02 25.96 13.68
C TYR F 37 3.09 24.74 13.71
N ARG F 38 1.96 24.84 13.00
CA ARG F 38 1.01 23.74 12.97
C ARG F 38 1.64 22.46 12.44
N LEU F 39 2.57 22.59 11.49
CA LEU F 39 3.23 21.42 10.93
C LEU F 39 4.09 20.74 11.98
N ARG F 40 4.83 21.53 12.76
CA ARG F 40 5.67 20.95 13.79
C ARG F 40 4.81 20.28 14.85
N VAL F 41 3.71 20.92 15.24
CA VAL F 41 2.83 20.34 16.26
C VAL F 41 2.37 18.96 15.81
N VAL F 42 1.83 18.87 14.60
CA VAL F 42 1.35 17.58 14.08
C VAL F 42 2.49 16.57 13.97
N GLY F 43 3.61 16.96 13.36
CA GLY F 43 4.70 16.02 13.25
C GLY F 43 5.18 15.48 14.58
N LEU F 44 4.99 16.25 15.66
CA LEU F 44 5.43 15.73 16.95
C LEU F 44 4.37 14.78 17.47
N ILE F 45 3.09 15.13 17.31
CA ILE F 45 2.03 14.24 17.77
C ILE F 45 2.24 12.86 17.16
N VAL F 46 2.49 12.85 15.84
CA VAL F 46 2.72 11.60 15.10
C VAL F 46 3.96 10.87 15.62
N ALA F 47 5.07 11.58 15.80
CA ALA F 47 6.27 10.91 16.29
C ALA F 47 5.97 10.23 17.62
N ALA F 48 5.30 10.94 18.51
CA ALA F 48 4.92 10.43 19.82
C ALA F 48 4.12 9.14 19.69
N VAL F 49 3.09 9.17 18.85
CA VAL F 49 2.24 7.99 18.66
C VAL F 49 3.08 6.81 18.19
N LEU F 50 3.89 7.00 17.15
CA LEU F 50 4.72 5.90 16.64
C LEU F 50 5.60 5.34 17.75
N CYS F 51 6.14 6.22 18.59
CA CYS F 51 7.00 5.80 19.69
C CYS F 51 6.24 4.93 20.67
N VAL F 52 5.02 5.34 21.03
CA VAL F 52 4.22 4.55 21.96
C VAL F 52 3.94 3.18 21.37
N ILE F 53 3.31 3.14 20.18
CA ILE F 53 3.00 1.90 19.47
C ILE F 53 4.19 0.96 19.56
N GLY F 54 5.39 1.50 19.31
CA GLY F 54 6.60 0.72 19.37
C GLY F 54 6.73 0.06 20.72
N ILE F 55 6.65 0.86 21.79
CA ILE F 55 6.76 0.28 23.13
C ILE F 55 5.72 -0.82 23.35
N ILE F 56 4.47 -0.56 22.94
CA ILE F 56 3.41 -1.57 23.11
C ILE F 56 3.84 -2.90 22.51
N ILE F 57 4.26 -2.87 21.25
CA ILE F 57 4.69 -4.09 20.57
C ILE F 57 5.84 -4.76 21.33
N LEU F 58 6.81 -3.96 21.77
CA LEU F 58 7.97 -4.50 22.49
C LEU F 58 7.61 -5.20 23.79
N LEU F 59 6.79 -4.59 24.64
CA LEU F 59 6.46 -5.24 25.91
C LEU F 59 5.25 -6.18 25.87
N ALA F 60 4.52 -6.25 24.77
CA ALA F 60 3.36 -7.13 24.64
C ALA F 60 3.75 -8.61 24.57
N GLY F 61 3.68 -9.30 25.70
CA GLY F 61 4.00 -10.71 25.78
C GLY F 61 4.62 -10.99 27.13
N LYS F 62 5.29 -9.97 27.66
CA LYS F 62 5.93 -10.01 28.96
C LYS F 62 4.93 -9.59 30.02
N CYS F 63 3.66 -9.87 29.75
CA CYS F 63 2.52 -9.54 30.58
C CYS F 63 1.26 -10.17 29.99
C1 NAG G . 0.49 -55.13 -28.30
C2 NAG G . 0.93 -54.25 -29.50
C3 NAG G . -0.08 -54.33 -30.63
C4 NAG G . -0.29 -55.76 -31.10
C5 NAG G . -0.86 -56.55 -29.93
C6 NAG G . -1.05 -58.02 -30.23
C7 NAG G . 2.25 -52.42 -28.53
C8 NAG G . 2.27 -50.96 -28.18
N2 NAG G . 1.12 -52.87 -29.09
O3 NAG G . 0.40 -53.55 -31.73
O4 NAG G . -1.26 -55.71 -32.16
O5 NAG G . 0.00 -56.47 -28.78
O6 NAG G . 0.21 -58.66 -30.30
O7 NAG G . 3.22 -53.15 -28.34
C1 NAG G . -1.11 -56.52 -33.36
C2 NAG G . -2.53 -56.71 -33.88
C3 NAG G . -2.53 -57.56 -35.15
C4 NAG G . -1.59 -56.99 -36.20
C5 NAG G . -0.21 -56.71 -35.62
C6 NAG G . 0.70 -55.95 -36.56
C7 NAG G . -4.54 -56.74 -32.47
C8 NAG G . -5.29 -57.47 -31.41
N2 NAG G . -3.38 -57.30 -32.86
O3 NAG G . -3.86 -57.64 -35.66
O4 NAG G . -1.48 -57.91 -37.29
O5 NAG G . -0.29 -55.95 -34.41
O6 NAG G . 0.00 -54.87 -37.18
O7 NAG G . -4.95 -55.69 -32.96
C1 BMA G . -2.29 -57.57 -38.44
C2 BMA G . -1.53 -57.98 -39.72
C3 BMA G . -2.36 -57.57 -40.96
C4 BMA G . -3.74 -58.24 -40.88
C5 BMA G . -4.38 -57.74 -39.58
C6 BMA G . -5.87 -58.09 -39.40
O2 BMA G . -1.37 -59.40 -39.79
O3 BMA G . -1.70 -57.84 -42.20
O4 BMA G . -4.53 -57.90 -42.01
O5 BMA G . -3.57 -58.22 -38.46
O6 BMA G . -6.21 -57.97 -38.03
C1 MAN G . -0.34 -57.33 -42.17
C2 MAN G . -0.05 -56.53 -43.47
C3 MAN G . 0.06 -57.46 -44.68
C4 MAN G . 1.00 -58.66 -44.39
C5 MAN G . 0.60 -59.36 -43.08
C6 MAN G . 1.55 -60.47 -42.68
O2 MAN G . 1.19 -55.84 -43.38
O3 MAN G . 0.50 -56.77 -45.85
O4 MAN G . 0.95 -59.59 -45.46
O5 MAN G . 0.58 -58.40 -42.01
O6 MAN G . 0.99 -61.14 -41.54
C1 MAN G . -7.52 -58.52 -37.82
C2 MAN G . -8.58 -57.52 -38.34
C3 MAN G . -8.51 -56.24 -37.51
C4 MAN G . -8.69 -56.56 -36.02
C5 MAN G . -7.64 -57.61 -35.59
C6 MAN G . -7.80 -58.08 -34.15
O2 MAN G . -9.90 -58.02 -38.17
O3 MAN G . -9.47 -55.28 -37.93
O4 MAN G . -8.52 -55.38 -35.24
O5 MAN G . -7.72 -58.78 -36.44
O6 MAN G . -6.68 -58.92 -33.85
C1 FUC G . 0.04 -59.96 -30.87
C2 FUC G . 1.30 -60.27 -31.66
C3 FUC G . 2.52 -60.25 -30.71
C4 FUC G . 2.23 -61.20 -29.53
C5 FUC G . 0.91 -60.83 -28.90
C6 FUC G . 0.58 -61.72 -27.75
O2 FUC G . 1.50 -59.38 -32.74
O3 FUC G . 3.69 -60.68 -31.36
O4 FUC G . 2.17 -62.54 -29.99
O5 FUC G . -0.14 -60.91 -29.88
C1 NAG H . -12.55 -69.11 -20.11
C2 NAG H . -13.90 -69.63 -20.70
C3 NAG H . -13.73 -70.97 -21.41
C4 NAG H . -12.52 -71.02 -22.33
C5 NAG H . -11.27 -70.54 -21.59
C6 NAG H . -10.04 -70.42 -22.47
C7 NAG H . -15.80 -68.84 -19.32
C8 NAG H . -16.75 -69.22 -18.23
N2 NAG H . -14.89 -69.77 -19.65
O3 NAG H . -14.89 -71.24 -22.19
O4 NAG H . -12.45 -72.32 -22.94
O5 NAG H . -11.52 -69.22 -21.10
O6 NAG H . -8.97 -69.82 -21.77
O7 NAG H . -15.85 -67.76 -19.89
C1 NAG H . -11.50 -73.37 -22.61
C2 NAG H . -12.16 -74.63 -22.08
C3 NAG H . -11.09 -75.68 -21.84
C4 NAG H . -10.45 -76.03 -23.18
C5 NAG H . -9.87 -74.78 -23.83
C6 NAG H . -9.47 -75.00 -25.28
C7 NAG H . -12.83 -74.80 -19.64
C8 NAG H . -13.86 -74.33 -18.66
N2 NAG H . -12.97 -74.36 -20.90
O3 NAG H . -11.65 -76.85 -21.25
O4 NAG H . -9.40 -76.97 -22.99
O5 NAG H . -10.80 -73.67 -23.85
O6 NAG H . -10.28 -74.24 -26.16
O7 NAG H . -11.91 -75.54 -19.29
C1 BMA H . -9.58 -78.21 -23.72
C2 BMA H . -9.77 -79.32 -22.66
C3 BMA H . -9.87 -80.69 -23.38
C4 BMA H . -10.97 -80.67 -24.47
C5 BMA H . -10.75 -79.46 -25.42
C6 BMA H . -11.82 -79.33 -26.52
O2 BMA H . -10.99 -79.06 -21.98
O3 BMA H . -9.98 -81.85 -22.50
O4 BMA H . -10.92 -81.87 -25.22
O5 BMA H . -10.69 -78.23 -24.63
O6 BMA H . -11.27 -79.74 -27.79
C1 MAN H . -11.16 -81.97 -21.68
C2 MAN H . -10.67 -82.12 -20.19
C3 MAN H . -10.06 -83.51 -19.98
C4 MAN H . -10.99 -84.63 -20.50
C5 MAN H . -11.37 -84.36 -21.97
C6 MAN H . -12.37 -85.36 -22.52
O2 MAN H . -11.65 -81.83 -19.09
O3 MAN H . -9.77 -83.74 -18.60
O4 MAN H . -10.35 -85.90 -20.39
O5 MAN H . -11.96 -83.04 -22.10
O6 MAN H . -12.64 -85.03 -23.88
C1 NAG H . -13.00 -82.32 -19.22
C2 NAG H . -13.69 -82.32 -17.82
C3 NAG H . -15.18 -82.61 -17.95
C4 NAG H . -15.86 -81.68 -18.95
C5 NAG H . -15.17 -81.83 -20.29
C6 NAG H . -15.71 -80.89 -21.35
C7 NAG H . -12.43 -82.99 -15.81
C8 NAG H . -12.38 -81.53 -15.46
N2 NAG H . -13.06 -83.29 -16.95
O3 NAG H . -15.79 -82.44 -16.67
O4 NAG H . -17.23 -82.03 -19.08
O5 NAG H . -13.77 -81.53 -20.17
O6 NAG H . -17.03 -80.45 -21.03
O7 NAG H . -11.92 -83.85 -15.10
C1 MAN H . -11.84 -81.03 -28.16
C2 MAN H . -10.72 -81.91 -28.76
C3 MAN H . -10.27 -81.34 -30.11
C4 MAN H . -11.47 -81.09 -31.04
C5 MAN H . -12.56 -80.27 -30.34
C6 MAN H . -13.84 -80.11 -31.16
O2 MAN H . -11.19 -83.23 -29.04
O3 MAN H . -9.30 -82.17 -30.74
O4 MAN H . -11.05 -80.42 -32.22
O5 MAN H . -12.92 -80.89 -29.08
O6 MAN H . -14.95 -80.35 -30.31
C1 NAG I . -11.65 -62.13 9.32
C2 NAG I . -10.65 -63.31 9.36
C3 NAG I . -11.36 -64.64 9.16
C4 NAG I . -12.46 -64.85 10.17
C5 NAG I . -13.48 -63.74 10.01
C6 NAG I . -14.52 -63.74 11.11
C7 NAG I . -8.37 -62.68 8.68
C8 NAG I . -7.40 -62.61 7.54
N2 NAG I . -9.58 -63.15 8.39
O3 NAG I . -10.41 -65.70 9.26
O4 NAG I . -13.09 -66.07 9.81
O5 NAG I . -12.86 -62.45 10.11
O6 NAG I . -13.90 -63.62 12.39
O7 NAG I . -8.07 -62.32 9.82
C1 NAG I . -13.67 -66.95 10.81
C2 NAG I . -14.86 -67.60 10.15
C3 NAG I . -15.55 -68.58 11.11
C4 NAG I . -14.55 -69.58 11.67
C5 NAG I . -13.32 -68.87 12.24
C6 NAG I . -12.20 -69.83 12.61
C7 NAG I . -16.28 -66.59 8.42
C8 NAG I . -17.25 -65.50 8.10
N2 NAG I . -15.82 -66.61 9.67
O3 NAG I . -16.59 -69.25 10.42
O4 NAG I . -15.19 -70.32 12.70
O5 NAG I . -12.77 -67.95 11.29
O6 NAG I . -11.91 -70.72 11.54
O7 NAG I . -15.90 -67.41 7.57
C1 BMA I . -15.51 -71.66 12.26
C2 BMA I . -14.87 -72.63 13.25
C3 BMA I . -15.15 -74.08 12.79
C4 BMA I . -16.66 -74.28 12.71
C5 BMA I . -17.18 -73.26 11.68
C6 BMA I . -18.64 -73.41 11.26
O2 BMA I . -15.44 -72.49 14.53
O3 BMA I . -14.51 -75.05 13.63
O4 BMA I . -16.98 -75.60 12.31
O5 BMA I . -16.91 -71.94 12.22
O6 BMA I . -19.09 -72.20 10.69
C1 MAN I . -13.12 -74.67 13.79
C2 MAN I . -12.23 -75.92 13.55
C3 MAN I . -12.36 -76.93 14.70
C4 MAN I . -12.23 -76.25 16.09
C5 MAN I . -13.17 -75.03 16.18
C6 MAN I . -13.00 -74.24 17.47
O2 MAN I . -10.84 -75.57 13.51
O3 MAN I . -11.43 -77.99 14.58
O4 MAN I . -12.54 -77.17 17.12
O5 MAN I . -12.90 -74.14 15.09
O6 MAN I . -14.03 -73.25 17.51
C1 FUC I . -14.86 -63.85 13.44
C2 FUC I . -14.19 -64.01 14.83
C3 FUC I . -13.55 -62.66 15.24
C4 FUC I . -14.62 -61.56 15.15
C5 FUC I . -15.24 -61.58 13.75
C6 FUC I . -16.31 -60.51 13.60
O2 FUC I . -13.25 -65.06 14.88
O3 FUC I . -13.07 -62.72 16.57
O4 FUC I . -15.63 -61.78 16.13
O5 FUC I . -15.83 -62.87 13.51
C1 NAG J . -28.52 -68.66 -16.32
C2 NAG J . -28.40 -69.68 -15.22
C3 NAG J . -29.27 -70.90 -15.53
C4 NAG J . -30.69 -70.50 -15.91
C5 NAG J . -30.70 -69.34 -16.92
C6 NAG J . -32.08 -68.74 -17.10
C7 NAG J . -26.20 -69.43 -14.16
C8 NAG J . -24.81 -69.94 -14.07
N2 NAG J . -27.01 -70.07 -15.02
O3 NAG J . -29.29 -71.77 -14.41
O4 NAG J . -31.26 -71.66 -16.53
O5 NAG J . -29.87 -68.27 -16.46
O6 NAG J . -32.13 -67.84 -18.21
O7 NAG J . -26.60 -68.47 -13.50
C1 NAG J . -32.66 -71.91 -16.32
C2 NAG J . -33.13 -72.67 -17.55
C3 NAG J . -34.61 -72.99 -17.44
C4 NAG J . -34.91 -73.70 -16.13
C5 NAG J . -34.34 -72.93 -14.94
C6 NAG J . -34.47 -73.66 -13.63
C7 NAG J . -31.75 -72.13 -19.51
C8 NAG J . -31.63 -71.27 -20.73
N2 NAG J . -32.84 -71.93 -18.76
O3 NAG J . -35.01 -73.80 -18.54
O4 NAG J . -36.32 -73.85 -15.96
O5 NAG J . -32.94 -72.68 -15.14
O6 NAG J . -34.18 -72.81 -12.54
O7 NAG J . -30.90 -72.97 -19.20
C1 NAG K . 28.59 50.37 -22.05
C2 NAG K . 29.33 49.30 -22.90
C3 NAG K . 30.83 49.30 -22.60
C4 NAG K . 31.44 50.66 -22.84
C5 NAG K . 30.79 51.65 -21.89
C6 NAG K . 31.27 53.06 -22.08
C7 NAG K . 27.68 47.52 -23.31
C8 NAG K . 27.25 46.14 -22.93
N2 NAG K . 28.76 47.98 -22.66
O3 NAG K . 31.45 48.33 -23.44
O4 NAG K . 32.84 50.54 -22.53
O5 NAG K . 29.36 51.67 -22.06
O6 NAG K . 30.74 53.60 -23.30
O7 NAG K . 27.09 48.19 -24.15
C1 NAG K . 33.86 51.15 -23.36
C2 NAG K . 35.04 51.39 -22.42
C3 NAG K . 36.21 52.05 -23.16
C4 NAG K . 36.59 51.26 -24.40
C5 NAG K . 35.36 50.96 -25.27
C6 NAG K . 35.66 49.99 -26.39
C7 NAG K . 34.84 51.77 -20.00
C8 NAG K . 34.37 52.71 -18.94
N2 NAG K . 34.65 52.18 -21.26
O3 NAG K . 37.32 52.15 -22.28
O4 NAG K . 37.54 52.00 -25.16
O5 NAG K . 34.30 50.37 -24.49
O6 NAG K . 36.45 48.89 -25.96
O7 NAG K . 35.38 50.70 -19.74
C1 BMA K . 38.92 51.56 -24.99
C2 BMA K . 39.66 51.73 -26.33
C3 BMA K . 41.11 51.22 -26.17
C4 BMA K . 41.80 52.00 -25.04
C5 BMA K . 40.96 51.74 -23.77
C6 BMA K . 41.59 52.23 -22.45
O2 BMA K . 39.76 53.10 -26.70
O3 BMA K . 41.87 51.25 -27.39
O4 BMA K . 43.14 51.57 -24.86
O5 BMA K . 39.64 52.30 -23.99
O6 BMA K . 40.57 52.32 -21.46
C1 MAN K . 41.11 50.65 -28.45
C2 MAN K . 42.02 49.64 -29.23
C3 MAN K . 43.07 50.39 -30.05
C4 MAN K . 42.46 51.53 -30.89
C5 MAN K . 41.59 52.44 -30.00
C6 MAN K . 40.85 53.52 -30.78
O2 MAN K . 41.27 48.87 -30.16
O3 MAN K . 43.80 49.50 -30.90
O4 MAN K . 43.48 52.31 -31.50
O5 MAN K . 40.60 51.65 -29.33
O6 MAN K . 40.22 54.38 -29.84
C1 MAN K . 41.10 53.01 -20.31
C2 MAN K . 41.98 52.04 -19.52
C3 MAN K . 41.13 50.89 -18.99
C4 MAN K . 39.97 51.43 -18.16
C5 MAN K . 39.15 52.44 -18.99
C6 MAN K . 38.05 53.12 -18.22
O2 MAN K . 42.55 52.66 -18.37
O3 MAN K . 41.91 49.95 -18.23
O4 MAN K . 39.13 50.36 -17.76
O5 MAN K . 40.03 53.48 -19.51
O6 MAN K . 37.29 53.90 -19.14
C1 FUC K . 31.42 54.81 -23.61
C2 FUC K . 31.49 54.90 -25.13
C3 FUC K . 30.05 54.91 -25.70
C4 FUC K . 29.28 56.04 -25.01
C5 FUC K . 29.36 55.86 -23.51
C6 FUC K . 28.60 56.94 -22.79
O2 FUC K . 32.25 53.85 -25.69
O3 FUC K . 30.07 55.15 -27.10
O4 FUC K . 29.81 57.30 -25.38
O5 FUC K . 30.74 55.91 -23.11
C1 NAG L . 29.28 66.38 -8.79
C2 NAG L . 30.50 66.91 -8.00
C3 NAG L . 31.14 68.13 -8.68
C4 NAG L . 31.32 67.95 -10.19
C5 NAG L . 30.01 67.48 -10.83
C6 NAG L . 30.15 67.14 -12.29
C7 NAG L . 30.22 66.49 -5.57
C8 NAG L . 29.78 67.09 -4.27
N2 NAG L . 30.12 67.29 -6.65
O3 NAG L . 32.42 68.37 -8.10
O4 NAG L . 31.92 69.14 -10.72
O5 NAG L . 29.61 66.27 -10.18
O6 NAG L . 28.95 66.54 -12.78
O7 NAG L . 30.64 65.34 -5.66
C1 NAG L . 31.25 70.13 -11.53
C2 NAG L . 31.23 71.51 -10.88
C3 NAG L . 30.57 72.50 -11.83
C4 NAG L . 31.42 72.61 -13.07
C5 NAG L . 31.59 71.22 -13.72
C6 NAG L . 32.64 71.22 -14.81
C7 NAG L . 29.47 72.08 -9.13
C8 NAG L . 29.11 71.84 -7.69
N2 NAG L . 30.59 71.48 -9.55
O3 NAG L . 30.44 73.77 -11.22
O4 NAG L . 30.81 73.47 -14.02
O5 NAG L . 31.97 70.21 -12.77
O6 NAG L . 33.75 70.40 -14.45
O7 NAG L . 28.77 72.78 -9.85
C1 BMA L . 31.63 74.61 -14.41
C2 BMA L . 30.90 75.85 -13.88
C3 BMA L . 31.68 77.12 -14.34
C4 BMA L . 33.17 77.04 -13.93
C5 BMA L . 33.78 75.69 -14.40
C6 BMA L . 35.26 75.49 -14.01
O2 BMA L . 30.91 75.80 -12.46
O3 BMA L . 31.08 78.41 -13.97
O4 BMA L . 33.89 78.12 -14.51
O5 BMA L . 32.97 74.58 -13.90
O6 BMA L . 36.10 75.69 -15.16
C1 MAN L . 30.98 78.72 -12.57
C2 MAN L . 29.46 79.05 -12.28
C3 MAN L . 29.08 80.41 -12.90
C4 MAN L . 30.10 81.51 -12.52
C5 MAN L . 31.53 81.07 -12.88
C6 MAN L . 32.59 82.04 -12.41
O2 MAN L . 28.98 78.99 -10.86
O3 MAN L . 27.77 80.80 -12.51
O4 MAN L . 29.79 82.72 -13.18
O5 MAN L . 31.83 79.79 -12.22
O6 MAN L . 33.86 81.55 -12.81
C1 NAG L . 29.82 79.58 -9.83
C2 NAG L . 28.97 79.82 -8.55
C3 NAG L . 29.85 80.22 -7.36
C4 NAG L . 30.97 79.22 -7.15
C5 NAG L . 31.80 79.11 -8.42
C6 NAG L . 32.90 78.08 -8.34
C7 NAG L . 26.65 80.66 -8.74
C8 NAG L . 26.20 79.27 -8.40
N2 NAG L . 27.98 80.86 -8.80
O3 NAG L . 29.04 80.27 -6.20
O4 NAG L . 31.81 79.65 -6.09
O5 NAG L . 30.96 78.73 -9.52
O6 NAG L . 33.25 77.81 -6.99
O7 NAG L . 25.85 81.57 -8.95
C1 MAN L . 36.81 76.94 -15.03
C2 MAN L . 36.84 77.63 -16.43
C3 MAN L . 37.72 76.84 -17.39
C4 MAN L . 39.12 76.57 -16.78
C5 MAN L . 38.99 75.93 -15.37
C6 MAN L . 40.32 75.76 -14.66
O2 MAN L . 37.42 78.93 -16.34
O3 MAN L . 37.85 77.49 -18.65
O4 MAN L . 39.86 75.70 -17.63
O5 MAN L . 38.14 76.76 -14.54
O6 MAN L . 40.17 76.22 -13.31
C1 NAG M . 2.95 63.59 5.86
C2 NAG M . 2.50 64.68 4.86
C3 NAG M . 3.15 66.01 5.18
C4 NAG M . 2.84 66.46 6.60
C5 NAG M . 3.41 65.42 7.56
C6 NAG M . 2.99 65.66 8.98
C7 NAG M . 1.89 63.77 2.65
C8 NAG M . 2.37 63.46 1.26
N2 NAG M . 2.80 64.30 3.48
O3 NAG M . 2.68 67.00 4.27
O4 NAG M . 3.57 67.66 6.79
O5 NAG M . 2.90 64.11 7.24
O6 NAG M . 1.57 65.68 9.09
O7 NAG M . 0.73 63.55 2.99
C1 NAG M . 3.08 68.71 7.65
C2 NAG M . 4.30 69.36 8.27
C3 NAG M . 3.91 70.51 9.18
C4 NAG M . 3.00 71.50 8.46
C5 NAG M . 1.83 70.79 7.78
C6 NAG M . 1.04 71.69 6.86
C7 NAG M . 6.42 68.23 8.76
C8 NAG M . 7.10 67.19 9.60
N2 NAG M . 5.12 68.39 8.99
O3 NAG M . 5.08 71.17 9.64
O4 NAG M . 2.50 72.44 9.41
O5 NAG M . 2.30 69.69 6.97
O6 NAG M . 1.88 72.40 5.97
O7 NAG M . 7.03 68.89 7.92
C1 BMA M . 3.15 73.72 9.28
C2 BMA M . 2.06 74.76 9.07
C3 BMA M . 2.71 76.14 8.89
C4 BMA M . 3.56 76.45 10.14
C5 BMA M . 4.62 75.35 10.21
C6 BMA M . 5.73 75.56 11.23
O2 BMA M . 1.23 74.85 10.22
O3 BMA M . 1.75 77.17 8.61
O4 BMA M . 4.16 77.73 10.02
O5 BMA M . 3.92 74.09 10.43
O6 BMA M . 6.35 74.32 11.50
C1 MAN M . 0.87 76.72 7.55
C2 MAN M . 0.74 77.84 6.49
C3 MAN M . -0.10 79.00 7.03
C4 MAN M . -1.41 78.52 7.69
C5 MAN M . -1.13 77.41 8.72
C6 MAN M . -2.37 76.80 9.32
O2 MAN M . 0.04 77.38 5.33
O3 MAN M . -0.39 79.96 6.02
O4 MAN M . -2.07 79.59 8.34
O5 MAN M . -0.40 76.35 8.07
O6 MAN M . -1.98 75.91 10.35
C1 FUC M . 1.17 66.13 10.40
C2 FUC M . -0.35 66.42 10.48
C3 FUC M . -1.14 65.10 10.33
C4 FUC M . -0.61 64.09 11.36
C5 FUC M . 0.90 63.95 11.21
C6 FUC M . 1.49 62.97 12.20
O2 FUC M . -0.79 67.40 9.55
O3 FUC M . -2.53 65.31 10.56
O4 FUC M . -0.93 64.52 12.67
O5 FUC M . 1.51 65.24 11.42
C1 NAG N . 34.04 67.76 6.85
C2 NAG N . 33.11 68.92 7.15
C3 NAG N . 33.92 70.15 7.57
C4 NAG N . 34.93 69.82 8.67
C5 NAG N . 35.71 68.54 8.34
C6 NAG N . 36.50 68.02 9.53
C7 NAG N . 31.07 68.64 5.82
C8 NAG N . 30.34 69.05 4.59
N2 NAG N . 32.26 69.21 6.01
O3 NAG N . 33.03 71.16 8.01
O4 NAG N . 35.84 70.91 8.68
O5 NAG N . 34.80 67.47 8.00
O6 NAG N . 37.40 66.98 9.15
O7 NAG N . 30.62 67.82 6.61
C1 NAG N . 36.38 71.30 9.97
C2 NAG N . 37.75 71.92 9.65
C3 NAG N . 38.42 72.36 10.94
C4 NAG N . 37.51 73.28 11.73
C5 NAG N . 36.14 72.64 11.93
C6 NAG N . 35.13 73.55 12.60
C7 NAG N . 38.68 70.99 7.58
C8 NAG N . 39.60 69.96 6.99
N2 NAG N . 38.59 70.99 8.92
O3 NAG N . 39.64 73.04 10.63
O4 NAG N . 38.08 73.57 13.01
O5 NAG N . 35.57 72.25 10.67
O6 NAG N . 33.97 72.85 13.00
O7 NAG N . 38.07 71.79 6.89
MG MG O . -46.33 37.73 -23.18
MG MG P . -41.30 20.81 -27.60
MG MG Q . -21.69 -6.44 -20.56
C1 OBN R . -22.82 -22.16 -26.16
C2 OBN R . -21.52 -22.10 -27.00
C3 OBN R . -20.40 -22.89 -26.29
C4 OBN R . -20.21 -22.30 -24.87
C5 OBN R . -21.54 -22.28 -24.05
C6 OBN R . -21.28 -21.75 -22.62
C7 OBN R . -20.91 -20.24 -22.61
C8 OBN R . -22.00 -19.39 -23.32
C9 OBN R . -22.30 -19.92 -24.77
C10 OBN R . -22.68 -21.45 -24.77
C11 OBN R . -23.31 -18.94 -25.45
C12 OBN R . -22.75 -17.49 -25.45
C13 OBN R . -22.57 -16.91 -24.02
C14 OBN R . -21.64 -17.85 -23.19
C15 OBN R . -20.21 -17.43 -23.61
C16 OBN R . -20.33 -15.89 -23.60
C17 OBN R . -21.75 -15.58 -24.13
C18 OBN R . -23.97 -16.74 -23.35
C19 OBN R . -24.05 -21.68 -24.04
C20 OBN R . -22.44 -14.35 -23.57
C21 OBN R . -23.40 -13.53 -24.39
C22 OBN R . -22.30 -13.87 -22.34
C23 OBN R . -23.18 -12.71 -22.35
C1' OBN R . -19.82 -25.24 -25.94
C2' OBN R . -20.49 -26.64 -25.86
C3' OBN R . -20.91 -27.11 -27.27
C4' OBN R . -19.67 -27.08 -28.21
C5' OBN R . -19.10 -25.64 -28.21
C6' OBN R . -17.84 -25.55 -29.10
O1 OBN R . -23.19 -23.54 -25.95
O3 OBN R . -20.83 -24.28 -26.28
O5 OBN R . -21.98 -23.64 -23.92
O11 OBN R . -23.54 -19.24 -26.84
O14 OBN R . -21.84 -17.43 -21.83
O19 OBN R . -25.14 -21.62 -24.97
O21 OBN R . -23.82 -12.49 -23.49
O23 OBN R . -23.32 -11.99 -21.38
O2' OBN R . -19.61 -27.61 -25.30
O3' OBN R . -21.42 -28.45 -27.25
O4' OBN R . -20.03 -27.46 -29.54
O5' OBN R . -18.73 -25.25 -26.87
C1 CLR S . -8.77 -12.19 3.81
C2 CLR S . -9.14 -13.65 4.13
C3 CLR S . -10.66 -13.86 4.28
C4 CLR S . -11.35 -13.33 3.00
C5 CLR S . -10.94 -11.92 2.54
C6 CLR S . -11.89 -11.03 2.30
C7 CLR S . -11.64 -9.58 1.96
C8 CLR S . -10.19 -9.36 1.54
C9 CLR S . -9.15 -10.12 2.41
C10 CLR S . -9.42 -11.67 2.49
C11 CLR S . -7.69 -9.72 2.07
C12 CLR S . -7.45 -8.18 1.95
C13 CLR S . -8.54 -7.50 0.99
C14 CLR S . -9.90 -7.89 1.62
C15 CLR S . -10.96 -6.95 0.98
C16 CLR S . -10.16 -5.62 0.74
C17 CLR S . -8.64 -5.94 1.12
C18 CLR S . -8.47 -7.92 -0.49
C19 CLR S . -8.77 -12.38 1.29
C20 CLR S . -7.72 -5.15 0.21
C21 CLR S . -6.21 -5.48 0.30
C22 CLR S . -7.91 -3.66 0.63
C23 CLR S . -7.15 -2.71 -0.31
C24 CLR S . -7.41 -1.28 0.28
C25 CLR S . -6.80 -0.24 -0.64
C26 CLR S . -5.26 -0.21 -0.69
C27 CLR S . -7.49 1.09 -0.41
O1 CLR S . -11.03 -15.20 4.57
C1 CLR T . 2.55 -16.49 -5.90
C2 CLR T . 1.85 -17.82 -5.53
C3 CLR T . 0.56 -17.59 -4.70
C4 CLR T . -0.35 -16.61 -5.48
C5 CLR T . 0.31 -15.33 -5.98
C6 CLR T . -0.26 -14.17 -5.68
C7 CLR T . 0.36 -12.83 -6.01
C8 CLR T . 1.45 -12.95 -7.05
C9 CLR T . 2.40 -14.15 -6.83
C10 CLR T . 1.65 -15.53 -6.73
C11 CLR T . 3.60 -14.14 -7.83
C12 CLR T . 4.30 -12.74 -7.98
C13 CLR T . 3.23 -11.59 -8.23
C14 CLR T . 2.26 -11.69 -7.03
C15 CLR T . 1.45 -10.36 -6.99
C16 CLR T . 2.49 -9.30 -7.55
C17 CLR T . 3.77 -10.15 -8.00
C18 CLR T . 2.46 -11.66 -9.56
C19 CLR T . 1.42 -16.13 -8.14
C20 CLR T . 4.40 -9.48 -9.21
C21 CLR T . 5.72 -10.08 -9.71
C22 CLR T . 4.66 -8.00 -8.78
C23 CLR T . 4.57 -7.05 -9.98
C24 CLR T . 5.06 -5.67 -9.42
C25 CLR T . 5.22 -4.69 -10.59
C26 CLR T . 6.39 -4.98 -11.54
C27 CLR T . 5.13 -3.27 -10.05
O1 CLR T . -0.12 -18.80 -4.34
C1 PCW U . -31.91 10.08 -4.60
C2 PCW U . -31.70 8.56 -4.69
C3 PCW U . -32.48 8.02 -5.89
C4 PCW U . -33.62 13.53 -1.13
C5 PCW U . -34.08 13.48 0.32
C6 PCW U . -33.24 15.71 0.75
C7 PCW U . -35.49 15.41 -0.01
C8 PCW U . -34.89 14.74 2.22
C11 PCW U . -32.97 6.09 -7.03
C12 PCW U . -33.04 4.56 -7.11
C31 PCW U . -29.80 7.44 -3.98
C32 PCW U . -28.32 7.10 -4.17
N PCW U . -34.42 14.83 0.82
O2 PCW U . -30.30 8.31 -4.90
O3 PCW U . -32.49 6.59 -5.86
O11 PCW U . -33.35 6.78 -7.98
O31 PCW U . -30.45 6.96 -3.06
O1P PCW U . -33.99 12.40 -3.97
O2P PCW U . -31.55 12.83 -3.32
O3P PCW U . -32.46 10.50 -3.34
O4P PCW U . -33.24 12.21 -1.60
P PCW U . -32.80 12.07 -3.15
C1 PCW V . -21.74 6.50 -38.32
C2 PCW V . -21.56 4.98 -38.06
C3 PCW V . -22.34 4.13 -39.07
C4 PCW V . -25.34 7.28 -40.64
C5 PCW V . -26.64 7.87 -41.19
C6 PCW V . -27.07 5.94 -42.53
C7 PCW V . -27.94 6.07 -40.31
C8 PCW V . -28.86 7.46 -42.02
C11 PCW V . -23.78 2.32 -39.19
C12 PCW V . -23.34 0.85 -39.16
C31 PCW V . -19.90 3.64 -37.24
C32 PCW V . -18.85 2.63 -37.74
N PCW V . -27.63 6.84 -41.51
O2 PCW V . -20.17 4.65 -38.11
O3 PCW V . -23.08 3.14 -38.35
O11 PCW V . -24.70 2.70 -39.91
O31 PCW V . -20.41 3.53 -36.14
O1P PCW V . -22.10 9.01 -39.74
O2P PCW V . -24.05 8.92 -38.09
O3P PCW V . -23.01 6.80 -38.94
O4P PCW V . -24.38 8.32 -40.48
P PCW V . -23.33 8.35 -39.26
C1 PCW W . 5.15 13.73 -30.62
C2 PCW W . 4.33 12.51 -30.13
C3 PCW W . 4.65 11.25 -30.94
C4 PCW W . 1.98 16.99 -33.04
C5 PCW W . 1.06 16.15 -33.93
C6 PCW W . -1.10 15.17 -34.24
C7 PCW W . -0.57 16.26 -32.15
C8 PCW W . -0.90 17.56 -34.09
C11 PCW W . 4.65 8.92 -30.50
C12 PCW W . 4.26 7.81 -29.51
C13 PCW W . 5.42 6.87 -29.16
C14 PCW W . 5.58 6.70 -27.65
C15 PCW W . 4.48 5.79 -27.10
C16 PCW W . 4.75 5.47 -25.63
C17 PCW W . 3.71 4.47 -25.11
C18 PCW W . 4.23 3.75 -23.86
C19 PCW W . 3.54 4.35 -22.64
C20 PCW W . 3.08 3.44 -21.50
C21 PCW W . 3.35 1.94 -21.58
C22 PCW W . 3.19 1.38 -20.15
C23 PCW W . 1.86 0.62 -20.02
C24 PCW W . 1.93 -0.32 -18.82
C25 PCW W . 0.68 -1.22 -18.77
C26 PCW W . 0.92 -2.41 -17.84
C27 PCW W . -0.36 -3.24 -17.67
C28 PCW W . -0.08 -4.50 -16.84
C31 PCW W . 4.14 13.00 -27.78
C32 PCW W . 4.54 12.53 -26.37
C33 PCW W . 3.47 11.62 -25.75
C34 PCW W . 4.13 10.34 -25.26
C35 PCW W . 3.10 9.42 -24.59
C36 PCW W . 3.22 9.51 -23.07
C37 PCW W . 2.34 8.43 -22.42
C38 PCW W . 2.90 7.95 -21.09
C39 PCW W . 1.88 6.95 -20.56
C40 PCW W . 2.31 5.93 -19.50
C41 PCW W . 3.74 5.90 -18.98
C42 PCW W . 3.57 5.60 -17.49
C43 PCW W . 3.91 4.16 -17.15
C44 PCW W . 3.66 3.97 -15.65
C45 PCW W . 3.80 2.48 -15.36
C46 PCW W . 4.14 2.19 -13.91
C47 PCW W . 4.35 0.67 -13.83
C48 PCW W . 4.48 0.21 -12.39
N PCW W . -0.37 16.28 -33.60
O2 PCW W . 4.63 12.20 -28.76
O3 PCW W . 4.35 10.16 -30.06
O11 PCW W . 5.19 8.66 -31.58
O31 PCW W . 3.44 14.00 -27.95
O1P PCW W . 5.00 16.86 -31.19
O2P PCW W . 2.78 15.87 -30.43
O3P PCW W . 4.45 14.45 -31.66
O4P PCW W . 3.21 16.28 -32.86
P PCW W . 3.87 15.93 -31.42
C1 PCW X . -7.78 17.68 -1.65
C2 PCW X . -7.95 16.23 -1.19
C3 PCW X . -6.59 15.56 -0.94
C4 PCW X . -10.02 22.03 0.12
C5 PCW X . -10.88 22.24 1.38
C6 PCW X . -12.12 23.72 2.79
C7 PCW X . -10.23 24.56 1.58
C8 PCW X . -12.23 23.98 0.41
C11 PCW X . -6.27 13.23 -1.38
C12 PCW X . -6.09 12.17 -2.46
C13 PCW X . -5.96 10.74 -1.90
C14 PCW X . -6.01 9.76 -3.08
C15 PCW X . -5.72 8.33 -2.60
C16 PCW X . -6.05 7.31 -3.70
C17 PCW X . -6.73 6.08 -3.07
C18 PCW X . -6.92 4.97 -4.11
C19 PCW X . -7.87 3.94 -3.47
C20 PCW X . -8.31 2.70 -4.27
C21 PCW X . -7.81 2.49 -5.71
C22 PCW X . -6.38 1.92 -5.72
C23 PCW X . -6.36 0.67 -6.61
C24 PCW X . -4.96 0.07 -6.69
C25 PCW X . -4.65 -0.80 -5.48
C26 PCW X . -3.21 -1.32 -5.60
C27 PCW X . -2.77 -2.02 -4.34
C28 PCW X . -1.27 -2.30 -4.38
C31 PCW X . -9.95 15.51 -0.12
C32 PCW X . -10.78 15.52 1.17
C33 PCW X . -10.52 14.33 2.09
C34 PCW X . -10.85 13.00 1.40
C35 PCW X . -10.19 11.83 2.16
C36 PCW X . -10.36 10.55 1.34
C37 PCW X . -9.94 9.32 2.16
C38 PCW X . -10.55 8.07 1.52
C39 PCW X . -9.57 7.54 0.47
C40 PCW X . -9.83 6.15 -0.14
C41 PCW X . -11.04 5.33 0.33
C42 PCW X . -10.57 3.87 0.34
C43 PCW X . -11.17 3.04 -0.80
C44 PCW X . -10.77 1.57 -0.60
C45 PCW X . -11.48 0.62 -1.57
C46 PCW X . -11.35 -0.82 -1.08
C47 PCW X . -12.67 -1.34 -0.53
C48 PCW X . -12.43 -2.70 0.13
N PCW X . -11.36 23.62 1.54
O2 PCW X . -8.76 16.17 -0.01
O3 PCW X . -6.42 14.49 -1.89
O11 PCW X . -6.25 12.95 -0.18
O31 PCW X . -10.34 14.96 -1.14
O1P PCW X . -9.31 20.23 -2.37
O2P PCW X . -7.30 20.88 -0.92
O3P PCW X . -8.36 18.60 -0.70
O4P PCW X . -9.57 20.67 0.08
P PCW X . -8.58 20.16 -1.09
C1 PCW Y . -0.50 18.73 -10.99
C2 PCW Y . 0.12 18.24 -9.67
C3 PCW Y . -0.41 19.05 -8.50
C4 PCW Y . -2.30 22.02 -13.77
C5 PCW Y . -3.51 22.76 -13.20
C6 PCW Y . -5.36 24.23 -13.57
C7 PCW Y . -3.37 24.49 -14.87
C8 PCW Y . -4.80 22.61 -15.23
C11 PCW Y . 0.08 18.87 -6.20
C12 PCW Y . 0.20 17.94 -4.99
C13 PCW Y . 0.87 16.63 -5.40
C14 PCW Y . 0.72 15.60 -4.27
C15 PCW Y . 1.25 14.23 -4.70
C16 PCW Y . 1.49 13.39 -3.44
C17 PCW Y . 2.64 12.41 -3.69
C18 PCW Y . 2.24 10.96 -3.99
C19 PCW Y . 1.89 10.27 -2.67
C20 PCW Y . 2.50 8.89 -2.41
C21 PCW Y . 3.42 8.30 -3.46
C22 PCW Y . 3.29 6.78 -3.37
C23 PCW Y . 4.31 6.08 -4.24
C24 PCW Y . 4.07 4.58 -4.17
C25 PCW Y . 4.94 3.94 -5.23
C26 PCW Y . 4.70 2.45 -5.32
C27 PCW Y . 5.53 2.00 -6.51
C28 PCW Y . 5.45 0.50 -6.66
C31 PCW Y . 0.57 15.88 -9.88
C32 PCW Y . 0.12 14.44 -9.55
C33 PCW Y . 0.96 13.44 -10.36
C34 PCW Y . 1.34 12.26 -9.46
C35 PCW Y . 1.43 10.96 -10.25
C36 PCW Y . 2.11 9.89 -9.40
C37 PCW Y . 1.15 8.76 -8.99
C38 PCW Y . 1.84 7.89 -7.92
C39 PCW Y . 1.21 6.50 -7.92
C40 PCW Y . 0.45 5.94 -6.70
C41 PCW Y . 0.33 6.78 -5.44
C42 PCW Y . -0.10 5.84 -4.31
C43 PCW Y . -1.61 5.96 -4.10
C44 PCW Y . -2.27 4.58 -4.02
C45 PCW Y . -1.83 3.84 -2.75
C46 PCW Y . -1.69 2.33 -3.02
C47 PCW Y . -1.39 1.64 -1.68
C48 PCW Y . -1.03 0.17 -1.92
N PCW Y . -4.25 23.52 -14.22
O2 PCW Y . -0.23 16.86 -9.40
O3 PCW Y . -0.21 18.22 -7.36
O11 PCW Y . 0.22 20.09 -6.11
O31 PCW Y . 1.58 16.07 -10.55
O1P PCW Y . -0.59 19.42 -13.92
O2P PCW Y . 0.77 21.50 -13.38
O3P PCW Y . 0.16 19.89 -11.52
O4P PCW Y . -1.62 21.32 -12.71
P PCW Y . -0.26 20.51 -12.99
C1 PCW Z . -30.00 -26.37 -12.47
C2 PCW Z . -30.23 -24.99 -11.81
C3 PCW Z . -30.76 -23.98 -12.83
C4 PCW Z . -28.57 -30.60 -11.87
C5 PCW Z . -29.40 -31.30 -10.78
C6 PCW Z . -29.02 -33.19 -9.34
C7 PCW Z . -30.45 -33.42 -11.24
C8 PCW Z . -28.09 -33.24 -11.54
C11 PCW Z . -30.60 -21.60 -12.72
C12 PCW Z . -29.67 -20.40 -12.58
C13 PCW Z . -30.42 -19.07 -12.46
C14 PCW Z . -29.42 -17.92 -12.58
C15 PCW Z . -30.13 -16.56 -12.59
C16 PCW Z . -29.14 -15.44 -12.92
C17 PCW Z . -29.37 -14.19 -12.06
C18 PCW Z . -28.02 -13.51 -11.77
C19 PCW Z . -28.07 -12.10 -12.38
C20 PCW Z . -27.93 -10.84 -11.48
C21 PCW Z . -27.73 -11.01 -9.98
C22 PCW Z . -27.73 -9.60 -9.35
C23 PCW Z . -26.97 -9.59 -8.02
C24 PCW Z . -27.86 -9.08 -6.88
C25 PCW Z . -27.35 -7.74 -6.35
C26 PCW Z . -28.46 -6.69 -6.42
C27 PCW Z . -27.97 -5.37 -5.82
C28 PCW Z . -29.15 -4.38 -5.74
C31 PCW Z . -30.75 -24.64 -9.51
C32 PCW Z . -31.84 -24.74 -8.43
C33 PCW Z . -31.83 -23.58 -7.43
C34 PCW Z . -32.49 -22.32 -8.02
C35 PCW Z . -31.66 -21.07 -7.69
C36 PCW Z . -32.35 -19.81 -8.23
C37 PCW Z . -31.50 -18.59 -7.87
C38 PCW Z . -32.02 -17.29 -8.51
C39 PCW Z . -30.96 -16.22 -8.25
C40 PCW Z . -31.29 -14.75 -8.57
C41 PCW Z . -32.67 -14.40 -9.13
C42 PCW Z . -33.19 -13.16 -8.40
C43 PCW Z . -32.27 -11.95 -8.68
C44 PCW Z . -33.08 -10.64 -8.62
C45 PCW Z . -32.15 -9.50 -8.18
C46 PCW Z . -31.89 -8.53 -9.34
C47 PCW Z . -30.87 -7.48 -8.89
C48 PCW Z . -30.98 -6.23 -9.75
N PCW Z . -29.23 -32.78 -10.74
O2 PCW Z . -31.15 -25.12 -10.72
O3 PCW Z . -29.95 -22.80 -12.75
O11 PCW Z . -31.83 -21.47 -12.79
O31 PCW Z . -29.64 -24.16 -9.27
O1P PCW Z . -26.63 -28.27 -12.63
O2P PCW Z . -28.62 -28.49 -14.21
O3P PCW Z . -28.62 -26.73 -12.41
O4P PCW Z . -28.82 -29.20 -11.83
P PCW Z . -28.09 -28.20 -12.87
C1 PCW AA . -26.92 -25.77 2.21
C2 PCW AA . -28.21 -24.97 2.43
C3 PCW AA . -27.97 -23.70 3.26
C4 PCW AA . -25.14 -29.55 0.57
C5 PCW AA . -25.39 -29.65 -0.95
C6 PCW AA . -25.44 -31.45 -2.53
C7 PCW AA . -23.56 -29.99 -2.45
C8 PCW AA . -23.91 -31.59 -0.70
C11 PCW AA . -28.57 -21.42 2.99
C12 PCW AA . -28.92 -20.29 2.01
C13 PCW AA . -29.16 -18.95 2.73
C14 PCW AA . -29.16 -17.81 1.71
C15 PCW AA . -29.20 -16.45 2.41
C16 PCW AA . -29.39 -15.34 1.37
C17 PCW AA . -28.48 -14.18 1.75
C18 PCW AA . -28.88 -13.41 3.02
C19 PCW AA . -27.61 -12.70 3.56
C20 PCW AA . -27.45 -11.17 3.53
C21 PCW AA . -28.58 -10.31 2.97
C22 PCW AA . -28.02 -8.87 2.82
C23 PCW AA . -29.17 -7.86 2.85
C24 PCW AA . -28.63 -6.45 3.12
C25 PCW AA . -29.81 -5.47 3.20
C26 PCW AA . -29.32 -4.09 3.63
C27 PCW AA . -30.37 -3.05 3.23
C28 PCW AA . -29.81 -1.64 3.48
C31 PCW AA . -29.32 -25.43 0.32
C32 PCW AA . -30.00 -24.80 -0.90
C33 PCW AA . -29.34 -23.46 -1.25
C34 PCW AA . -30.42 -22.45 -1.69
C35 PCW AA . -29.79 -21.28 -2.44
C36 PCW AA . -30.28 -19.93 -1.86
C37 PCW AA . -29.33 -18.81 -2.33
C38 PCW AA . -30.13 -17.69 -3.02
C39 PCW AA . -29.53 -17.49 -4.42
C40 PCW AA . -29.42 -16.08 -5.02
C41 PCW AA . -29.90 -14.85 -4.24
C42 PCW AA . -28.69 -13.97 -3.92
C43 PCW AA . -28.90 -12.60 -4.62
C44 PCW AA . -27.96 -11.52 -4.10
C45 PCW AA . -28.72 -10.51 -3.22
C46 PCW AA . -27.73 -9.46 -2.69
C47 PCW AA . -28.45 -8.51 -1.72
C48 PCW AA . -27.48 -7.43 -1.24
N PCW AA . -24.57 -30.66 -1.64
O2 PCW AA . -28.81 -24.52 1.20
O3 PCW AA . -28.33 -22.61 2.39
O11 PCW AA . -28.53 -21.22 4.21
O31 PCW AA . -29.30 -26.65 0.49
O1P PCW AA . -26.37 -29.40 3.44
O2P PCW AA . -24.60 -27.62 2.99
O3P PCW AA . -27.04 -27.04 2.86
O4P PCW AA . -25.98 -28.53 1.13
P PCW AA . -25.92 -28.19 2.70
C1 PCW BA . -38.92 6.78 -5.48
C2 PCW BA . -38.84 5.45 -6.26
C3 PCW BA . -38.11 4.41 -5.39
C4 PCW BA . -39.89 10.45 -3.25
C5 PCW BA . -39.03 10.55 -1.98
C6 PCW BA . -38.93 12.95 -2.07
C7 PCW BA . -40.75 11.89 -0.92
C8 PCW BA . -38.54 11.81 0.00
C11 PCW BA . -36.71 2.64 -5.77
C12 PCW BA . -35.49 2.02 -6.44
C31 PCW BA . -40.23 4.56 -7.86
C32 PCW BA . -41.60 4.00 -8.28
N PCW BA . -39.32 11.80 -1.24
O2 PCW BA . -40.16 4.96 -6.55
O3 PCW BA . -36.94 3.95 -6.09
O11 PCW BA . -37.42 1.98 -5.01
O31 PCW BA . -39.30 4.62 -8.66
O1P PCW BA . -41.91 9.09 -5.02
O2P PCW BA . -39.84 9.81 -6.31
O3P PCW BA . -40.18 7.40 -5.70
O4P PCW BA . -39.68 9.19 -3.91
P PCW BA . -40.46 8.94 -5.30
C1 PCW CA . -16.44 8.16 -35.71
C2 PCW CA . -15.54 6.91 -35.72
C3 PCW CA . -16.29 5.68 -35.18
C4 PCW CA . -16.69 12.58 -36.54
C5 PCW CA . -16.38 12.87 -38.02
C6 PCW CA . -15.62 14.80 -39.22
C7 PCW CA . -17.91 14.14 -39.35
C8 PCW CA . -17.07 15.13 -37.34
C11 PCW CA . -14.89 3.75 -34.88
C12 PCW CA . -13.93 3.04 -33.92
C13 PCW CA . -13.08 1.94 -34.59
C14 PCW CA . -13.16 0.63 -33.79
C15 PCW CA . -12.81 -0.57 -34.69
C16 PCW CA . -13.06 -1.91 -34.00
C17 PCW CA . -12.05 -2.14 -32.87
C18 PCW CA . -12.71 -2.92 -31.72
C19 PCW CA . -11.79 -2.92 -30.48
C20 PCW CA . -11.44 -4.24 -29.78
C21 PCW CA . -12.00 -5.54 -30.33
C22 PCW CA . -11.45 -6.73 -29.50
C23 PCW CA . -10.75 -7.78 -30.37
C24 PCW CA . -10.31 -8.95 -29.47
C25 PCW CA . -9.55 -10.01 -30.27
C26 PCW CA . -8.99 -11.09 -29.34
C27 PCW CA . -8.16 -12.10 -30.14
C28 PCW CA . -8.58 -13.54 -29.82
C31 PCW CA . -13.71 6.54 -37.23
C32 PCW CA . -13.34 6.17 -38.67
C33 PCW CA . -13.21 4.65 -38.88
C34 PCW CA . -11.75 4.20 -38.68
C35 PCW CA . -11.67 2.68 -38.82
C36 PCW CA . -10.23 2.19 -38.58
C37 PCW CA . -10.17 0.67 -38.74
C38 PCW CA . -8.96 0.08 -38.00
C39 PCW CA . -9.26 -1.38 -37.65
C40 PCW CA . -8.14 -2.41 -37.70
C41 PCW CA . -6.72 -1.98 -38.10
C42 PCW CA . -5.85 -3.25 -38.03
C43 PCW CA . -4.51 -3.09 -38.74
C44 PCW CA . -3.47 -4.00 -38.07
C45 PCW CA . -2.13 -3.91 -38.79
C46 PCW CA . -1.34 -2.68 -38.35
C47 PCW CA . -0.07 -2.59 -39.21
C48 PCW CA . 1.08 -3.33 -38.52
N PCW CA . -16.75 14.23 -38.46
O2 PCW CA . -15.05 6.64 -37.03
O3 PCW CA . -15.41 4.90 -34.36
O11 PCW CA . -15.16 3.31 -35.99
O31 PCW CA . -12.86 6.71 -36.36
O1P PCW CA . -15.69 11.45 -33.80
O2P PCW CA . -17.98 10.53 -34.49
O3P PCW CA . -15.90 9.16 -34.84
O4P PCW CA . -16.31 11.24 -36.22
P PCW CA . -16.52 10.65 -34.73
C1 CLR DA . -8.02 3.46 -35.15
C2 CLR DA . -8.26 4.96 -35.44
C3 CLR DA . -9.57 5.49 -34.84
C4 CLR DA . -9.57 5.15 -33.33
C5 CLR DA . -9.22 3.67 -32.95
C6 CLR DA . -10.03 3.02 -32.12
C7 CLR DA . -9.84 1.55 -31.75
C8 CLR DA . -8.43 1.08 -32.10
C9 CLR DA . -8.00 1.55 -33.52
C10 CLR DA . -7.98 3.12 -33.65
C11 CLR DA . -6.69 0.85 -34.00
C12 CLR DA . -6.66 -0.69 -33.77
C13 CLR DA . -7.01 -1.03 -32.27
C14 CLR DA . -8.42 -0.41 -32.04
C15 CLR DA . -8.97 -1.04 -30.72
C16 CLR DA . -8.34 -2.48 -30.73
C17 CLR DA . -7.36 -2.53 -31.99
C18 CLR DA . -5.98 -0.53 -31.24
C19 CLR DA . -6.69 3.68 -33.02
C20 CLR DA . -6.17 -3.43 -31.65
C21 CLR DA . -5.02 -3.47 -32.67
C22 CLR DA . -6.75 -4.86 -31.50
C23 CLR DA . -5.68 -5.86 -31.04
C24 CLR DA . -6.44 -7.21 -30.86
C25 CLR DA . -5.47 -8.24 -30.30
C26 CLR DA . -4.41 -8.78 -31.27
C27 CLR DA . -6.27 -9.29 -29.52
O1 CLR DA . -9.80 6.87 -35.08
C1 CLR EA . 13.49 -15.12 -21.14
C2 CLR EA . 13.76 -16.63 -21.23
C3 CLR EA . 13.74 -17.32 -19.85
C4 CLR EA . 12.40 -16.98 -19.15
C5 CLR EA . 12.00 -15.48 -19.14
C6 CLR EA . 11.65 -14.95 -17.99
C7 CLR EA . 11.33 -13.48 -17.81
C8 CLR EA . 11.08 -12.80 -19.15
C9 CLR EA . 12.09 -13.21 -20.25
C10 CLR EA . 12.13 -14.78 -20.49
C11 CLR EA . 11.94 -12.36 -21.54
C12 CLR EA . 11.84 -10.81 -21.28
C13 CLR EA . 10.74 -10.49 -20.18
C14 CLR EA . 11.17 -11.31 -18.93
C15 CLR EA . 10.39 -10.75 -17.72
C16 CLR EA . 10.25 -9.23 -18.08
C17 CLR EA . 10.84 -9.05 -19.56
C18 CLR EA . 9.29 -10.81 -20.58
C19 CLR EA . 10.99 -15.19 -21.45
C20 CLR EA . 10.06 -7.97 -20.29
C21 CLR EA . 10.52 -7.63 -21.71
C22 CLR EA . 10.21 -6.70 -19.39
C23 CLR EA . 9.02 -5.74 -19.55
C24 CLR EA . 9.46 -4.45 -18.77
C25 CLR EA . 8.46 -3.33 -19.07
C26 CLR EA . 8.53 -2.75 -20.48
C27 CLR EA . 8.51 -2.32 -17.92
O1 CLR EA . 13.98 -18.73 -19.91
C1 PCW FA . -21.14 -24.59 5.42
C2 PCW FA . -21.24 -23.92 6.80
C3 PCW FA . -20.53 -22.57 6.87
C4 PCW FA . -18.40 -26.67 1.96
C5 PCW FA . -17.36 -27.79 2.04
C6 PCW FA . -15.76 -28.67 0.48
C7 PCW FA . -17.80 -29.86 0.87
C8 PCW FA . -17.80 -27.81 -0.38
C11 PCW FA . -21.00 -20.59 8.01
C12 PCW FA . -22.00 -19.54 8.50
C13 PCW FA . -21.31 -18.37 9.23
C14 PCW FA . -22.31 -17.22 9.36
C15 PCW FA . -21.63 -15.94 9.88
C16 PCW FA . -22.70 -14.85 10.04
C17 PCW FA . -22.04 -13.47 10.10
C18 PCW FA . -23.10 -12.37 10.28
C19 PCW FA . -22.41 -11.05 9.95
C20 PCW FA . -23.16 -9.72 10.12
C21 PCW FA . -24.60 -9.71 10.62
C22 PCW FA . -25.29 -8.51 9.94
C23 PCW FA . -24.81 -7.19 10.56
C24 PCW FA . -25.71 -6.03 10.10
C25 PCW FA . -25.19 -4.71 10.67
C26 PCW FA . -25.98 -3.53 10.09
C27 PCW FA . -25.83 -2.30 11.00
C28 PCW FA . -26.77 -1.19 10.53
C31 PCW FA . -23.47 -24.62 7.43
C32 PCW FA . -24.83 -24.12 7.95
C33 PCW FA . -25.17 -22.76 7.31
C34 PCW FA . -26.57 -22.33 7.77
C35 PCW FA . -27.00 -21.02 7.11
C36 PCW FA . -26.25 -19.82 7.70
C37 PCW FA . -26.67 -18.55 6.96
C38 PCW FA . -25.46 -17.64 6.66
C39 PCW FA . -25.79 -16.87 5.38
C40 PCW FA . -25.72 -15.32 5.34
C41 PCW FA . -25.35 -14.53 6.59
C42 PCW FA . -24.13 -13.66 6.24
C43 PCW FA . -24.53 -12.20 5.99
C44 PCW FA . -23.33 -11.29 6.31
C45 PCW FA . -23.59 -9.84 5.89
C46 PCW FA . -23.08 -9.62 4.46
C47 PCW FA . -23.66 -8.34 3.87
C48 PCW FA . -23.42 -8.31 2.35
N PCW FA . -17.20 -28.52 0.76
O2 PCW FA . -22.59 -23.62 7.20
O3 PCW FA . -21.53 -21.64 7.34
O11 PCW FA . -19.79 -20.44 8.21
O31 PCW FA . -23.24 -25.82 7.28
O1P PCW FA . -20.92 -26.74 3.59
O2P PCW FA . -19.03 -27.58 5.08
O3P PCW FA . -19.84 -25.21 5.28
O4P PCW FA . -18.55 -25.99 3.22
P PCW FA . -19.64 -26.49 4.31
C1 PCW GA . -16.31 -24.34 14.50
C2 PCW GA . -15.79 -23.18 15.38
C3 PCW GA . -14.36 -22.80 14.98
C4 PCW GA . -18.47 -27.80 12.75
C5 PCW GA . -19.92 -27.64 12.26
C6 PCW GA . -21.57 -29.15 11.39
C7 PCW GA . -20.40 -27.68 9.91
C8 PCW GA . -19.27 -29.56 10.87
C11 PCW GA . -13.95 -20.50 14.54
C12 PCW GA . -14.03 -19.36 13.51
C13 PCW GA . -12.84 -18.40 13.59
C14 PCW GA . -13.34 -17.00 13.99
C15 PCW GA . -12.17 -16.12 14.41
C16 PCW GA . -12.04 -14.95 13.41
C17 PCW GA . -11.27 -13.81 14.08
C18 PCW GA . -11.51 -12.48 13.35
C19 PCW GA . -10.73 -12.56 12.04
C20 PCW GA . -10.68 -11.31 11.17
C21 PCW GA . -11.38 -10.06 11.67
C22 PCW GA . -11.49 -9.13 10.46
C23 PCW GA . -11.52 -7.69 10.93
C24 PCW GA . -11.42 -6.83 9.69
C25 PCW GA . -11.34 -5.35 10.07
C26 PCW GA . -12.16 -4.56 9.07
C27 PCW GA . -11.76 -3.09 9.18
C28 PCW GA . -12.69 -2.29 8.30
C31 PCW GA . -17.43 -21.69 16.24
C32 PCW GA . -18.19 -20.36 16.08
C33 PCW GA . -17.60 -19.61 14.87
C34 PCW GA . -17.72 -18.08 15.03
C35 PCW GA . -19.14 -17.60 14.66
C36 PCW GA . -19.13 -16.09 14.34
C37 PCW GA . -19.56 -15.23 15.54
C38 PCW GA . -18.78 -13.90 15.58
C39 PCW GA . -17.49 -14.11 16.39
C40 PCW GA . -16.28 -13.22 16.13
C41 PCW GA . -16.35 -12.12 15.05
C42 PCW GA . -16.17 -10.74 15.73
C43 PCW GA . -15.89 -9.65 14.69
C44 PCW GA . -15.61 -8.32 15.40
C45 PCW GA . -15.12 -7.28 14.38
C46 PCW GA . -15.04 -5.90 15.04
C47 PCW GA . -14.20 -4.96 14.18
C48 PCW GA . -13.82 -3.72 14.98
N PCW GA . -20.28 -28.51 11.12
O2 PCW GA . -16.60 -22.01 15.20
O3 PCW GA . -14.44 -21.68 14.08
O11 PCW GA . -13.47 -20.33 15.66
O31 PCW GA . -17.57 -22.38 17.25
O1P PCW GA . -17.04 -27.91 15.81
O2P PCW GA . -15.77 -27.15 13.73
O3P PCW GA . -16.75 -25.43 15.30
O4P PCW GA . -18.24 -26.91 13.85
P PCW GA . -16.86 -26.95 14.70
C1 PCW HA . -3.63 -16.87 5.92
C2 PCW HA . -4.63 -15.75 6.21
C3 PCW HA . -5.07 -15.74 7.68
C4 PCW HA . -5.21 -20.95 5.76
C5 PCW HA . -5.30 -22.00 6.87
C6 PCW HA . -6.28 -24.18 7.07
C7 PCW HA . -7.34 -22.29 8.10
C8 PCW HA . -7.40 -22.52 5.72
C11 PCW HA . -6.59 -14.51 9.03
C12 PCW HA . -7.58 -13.33 9.06
C13 PCW HA . -6.86 -12.01 8.79
C14 PCW HA . -7.85 -11.04 8.12
C15 PCW HA . -7.31 -9.60 8.15
C16 PCW HA . -7.99 -8.78 7.04
C17 PCW HA . -7.75 -7.27 7.27
C18 PCW HA . -8.46 -6.46 6.19
C19 PCW HA . -9.80 -5.98 6.77
C20 PCW HA . -10.34 -4.58 6.40
C21 PCW HA . -9.59 -3.65 5.49
C22 PCW HA . -10.19 -2.26 5.74
C23 PCW HA . -10.14 -1.38 4.49
C24 PCW HA . -9.16 -0.24 4.71
C25 PCW HA . -9.15 0.66 3.48
C26 PCW HA . -8.28 1.89 3.77
C27 PCW HA . -8.22 2.76 2.51
C28 PCW HA . -7.21 3.88 2.69
C31 PCW HA . -4.81 -13.58 5.18
C32 PCW HA . -4.14 -12.22 4.98
C33 PCW HA . -5.12 -11.05 5.12
C34 PCW HA . -4.65 -9.87 4.25
C35 PCW HA . -3.54 -9.11 4.97
C36 PCW HA . -3.82 -7.60 5.02
C37 PCW HA . -2.86 -6.84 4.08
C38 PCW HA . -3.07 -5.31 4.15
C39 PCW HA . -2.55 -4.72 2.84
C40 PCW HA . -2.21 -3.22 2.73
C41 PCW HA . -2.37 -2.27 3.93
C42 PCW HA . -1.04 -1.67 4.37
C43 PCW HA . -1.29 -0.49 5.33
C44 PCW HA . 0.04 0.16 5.69
C45 PCW HA . -0.13 1.31 6.70
C46 PCW HA . 0.19 2.69 6.16
C47 PCW HA . -0.19 3.72 7.22
C48 PCW HA . 0.15 5.14 6.76
N PCW HA . -6.57 -22.74 6.93
O2 PCW HA . -4.06 -14.46 5.90
O3 PCW HA . -6.03 -14.69 7.80
O11 PCW HA . -6.34 -15.18 10.03
O31 PCW HA . -5.93 -13.82 4.74
O1P PCW HA . -1.99 -19.02 4.92
O2P PCW HA . -3.92 -19.73 3.41
O3P PCW HA . -4.22 -17.87 5.07
O4P PCW HA . -3.94 -20.29 5.84
P PCW HA . -3.44 -19.24 4.72
MG MG IA . 40.19 -36.73 33.80
MG MG JA . 42.83 -21.08 24.93
MG MG KA . 29.13 5.23 7.67
C1 OBN LA . 35.80 20.03 3.69
C2 OBN LA . 35.87 19.75 2.17
C3 OBN LA . 34.75 20.54 1.44
C4 OBN LA . 33.39 20.14 2.05
C5 OBN LA . 33.36 20.34 3.60
C6 OBN LA . 31.95 20.00 4.16
C7 OBN LA . 31.64 18.49 4.05
C8 OBN LA . 32.72 17.62 4.76
C9 OBN LA . 34.16 17.97 4.24
C10 OBN LA . 34.47 19.52 4.35
C11 OBN LA . 35.17 16.99 4.90
C12 OBN LA . 34.78 15.52 4.64
C13 OBN LA . 33.41 15.14 5.25
C14 OBN LA . 32.31 16.11 4.75
C15 OBN LA . 31.91 15.52 3.37
C16 OBN LA . 31.83 14.00 3.67
C17 OBN LA . 32.98 13.74 4.69
C18 OBN LA . 33.53 15.17 6.81
C19 OBN LA . 34.56 19.96 5.85
C20 OBN LA . 32.74 12.66 5.73
C21 OBN LA . 33.87 11.81 6.28
C22 OBN LA . 31.56 12.35 6.28
C23 OBN LA . 31.93 11.27 7.19
C1' OBN LA . 34.35 22.86 0.78
C2' OBN LA . 34.74 24.30 1.21
C3' OBN LA . 36.21 24.60 0.80
C4' OBN LA . 36.37 24.34 -0.72
C5' OBN LA . 35.98 22.88 -1.01
C6' OBN LA . 36.10 22.55 -2.52
O1 OBN LA . 35.92 21.45 3.91
O3 OBN LA . 35.08 21.93 1.62
O5 OBN LA . 33.58 21.74 3.85
O11 OBN LA . 36.50 17.11 4.37
O14 OBN LA . 31.20 15.90 5.64
O19 OBN LA . 35.90 19.85 6.35
O21 OBN LA . 33.22 10.94 7.23
O23 OBN LA . 31.12 10.72 7.90
O2' OBN LA . 33.89 25.27 0.58
O3' OBN LA . 36.55 25.97 1.06
O4' OBN LA . 37.73 24.55 -1.11
O5' OBN LA . 34.60 22.65 -0.62
C1 CLR MA . 2.14 13.30 7.72
C2 CLR MA . 2.17 14.81 8.00
C3 CLR MA . 2.83 15.17 9.35
C4 CLR MA . 4.23 14.51 9.38
C5 CLR MA . 4.30 13.03 9.00
C6 CLR MA . 4.91 12.20 9.83
C7 CLR MA . 4.96 10.70 9.65
C8 CLR MA . 4.57 10.30 8.22
C9 CLR MA . 3.37 11.09 7.66
C10 CLR MA . 3.55 12.66 7.71
C11 CLR MA . 2.89 10.53 6.28
C12 CLR MA . 2.75 8.97 6.23
C13 CLR MA . 4.05 8.26 6.80
C14 CLR MA . 4.23 8.84 8.23
C15 CLR MA . 5.24 7.90 8.96
C16 CLR MA . 4.94 6.49 8.33
C17 CLR MA . 3.87 6.75 7.17
C18 CLR MA . 5.33 8.46 5.95
C19 CLR MA . 4.32 13.13 6.47
C20 CLR MA . 4.12 5.76 6.03
C21 CLR MA . 3.32 5.98 4.74
C22 CLR MA . 3.74 4.37 6.62
C23 CLR MA . 4.09 3.24 5.64
C24 CLR MA . 3.59 1.93 6.36
C25 CLR MA . 3.99 0.73 5.53
C26 CLR MA . 3.24 0.55 4.19
C27 CLR MA . 4.03 -0.50 6.43
O1 CLR MA . 2.88 16.57 9.62
C1 CLR NA . 5.13 15.25 -7.38
C2 CLR NA . 5.27 16.67 -6.79
C3 CLR NA . 5.19 16.67 -5.23
C4 CLR NA . 6.24 15.67 -4.69
C5 CLR NA . 6.22 14.27 -5.33
C6 CLR NA . 6.16 13.21 -4.54
C7 CLR NA . 6.02 11.81 -5.03
C8 CLR NA . 6.38 11.68 -6.50
C9 CLR NA . 5.81 12.83 -7.38
C10 CLR NA . 6.20 14.27 -6.89
C11 CLR NA . 6.07 12.57 -8.90
C12 CLR NA . 5.73 11.11 -9.38
C13 CLR NA . 6.39 10.03 -8.43
C14 CLR NA . 5.85 10.37 -7.01
C15 CLR NA . 6.12 9.14 -6.11
C16 CLR NA . 5.99 7.93 -7.11
C17 CLR NA . 5.80 8.59 -8.57
C18 CLR NA . 7.93 9.98 -8.42
C19 CLR NA . 7.59 14.67 -7.46
C20 CLR NA . 6.46 7.72 -9.61
C21 CLR NA . 6.28 8.14 -11.08
C22 CLR NA . 5.84 6.30 -9.41
C23 CLR NA . 6.84 5.19 -9.79
C24 CLR NA . 6.00 3.88 -9.74
C25 CLR NA . 6.84 2.74 -10.32
C26 CLR NA . 7.09 2.79 -11.84
C27 CLR NA . 6.31 1.41 -9.77
O1 CLR NA . 5.32 17.96 -4.64
C1 PCW OA . 19.21 -7.98 26.63
C2 PCW OA . 19.30 -6.53 26.18
C3 PCW OA . 20.77 -6.10 26.19
C4 PCW OA . 16.81 -10.75 30.28
C5 PCW OA . 15.79 -10.47 31.39
C6 PCW OA . 14.82 -12.67 31.19
C7 PCW OA . 16.62 -12.30 32.72
C8 PCW OA . 14.47 -11.38 33.18
C11 PCW OA . 22.16 -4.31 25.78
C12 PCW OA . 22.38 -2.81 25.59
C31 PCW OA . 17.83 -5.48 24.75
C32 PCW OA . 17.27 -5.28 23.33
N PCW OA . 15.42 -11.70 32.12
O2 PCW OA . 18.79 -6.42 24.85
O3 PCW OA . 20.86 -4.68 26.02
O11 PCW OA . 23.10 -5.10 25.74
O31 PCW OA . 17.40 -4.81 25.68
O1P PCW OA . 19.52 -10.02 29.04
O2P PCW OA . 17.70 -10.55 27.33
O3P PCW OA . 18.36 -8.17 27.78
O4P PCW OA . 17.12 -9.56 29.55
P PCW OA . 18.24 -9.67 28.39
C1 PCW PA . 43.36 -10.04 0.83
C2 PCW PA . 43.18 -8.54 0.59
C3 PCW PA . 44.51 -7.77 0.65
C4 PCW PA . 47.11 -10.86 2.89
C5 PCW PA . 48.19 -11.43 3.83
C6 PCW PA . 49.72 -9.67 3.26
C7 PCW PA . 48.23 -9.41 5.13
C8 PCW PA . 50.05 -10.95 5.26
C11 PCW PA . 45.48 -5.88 1.56
C12 PCW PA . 45.36 -4.48 1.00
C31 PCW PA . 41.74 -7.23 -0.64
C32 PCW PA . 41.72 -6.38 -1.92
N PCW PA . 49.05 -10.36 4.37
O2 PCW PA . 42.54 -8.33 -0.68
O3 PCW PA . 44.34 -6.64 1.50
O11 PCW PA . 46.53 -6.29 2.06
O31 PCW PA . 41.05 -6.91 0.33
O1P PCW PA . 44.56 -12.71 0.80
O2P PCW PA . 44.13 -12.23 3.26
O3P PCW PA . 44.50 -10.33 1.65
O4P PCW PA . 46.40 -11.94 2.30
P PCW PA . 44.81 -11.88 1.99
C1 PCW QA . 22.59 -18.27 -17.49
C2 PCW QA . 22.69 -16.94 -16.72
C3 PCW QA . 23.32 -15.84 -17.56
C4 PCW QA . 25.99 -21.57 -15.50
C5 PCW QA . 27.31 -20.80 -15.25
C6 PCW QA . 28.72 -19.71 -13.69
C7 PCW QA . 26.57 -20.52 -12.97
C8 PCW QA . 28.31 -22.06 -13.45
C11 PCW QA . 23.13 -13.47 -17.68
C12 PCW QA . 22.57 -12.20 -17.01
C13 PCW QA . 21.76 -11.33 -17.98
C14 PCW QA . 20.40 -10.96 -17.40
C15 PCW QA . 20.55 -9.89 -16.31
C16 PCW QA . 19.18 -9.39 -15.86
C17 PCW QA . 19.34 -8.24 -14.85
C18 PCW QA . 18.06 -7.40 -14.79
C19 PCW QA . 17.31 -7.76 -13.50
C20 PCW QA . 16.63 -6.65 -12.69
C21 PCW QA . 16.70 -5.21 -13.16
C22 PCW QA . 15.59 -4.45 -12.40
C23 PCW QA . 16.21 -3.56 -11.31
C24 PCW QA . 15.21 -2.48 -10.91
C25 PCW QA . 15.88 -1.49 -9.93
C26 PCW QA . 15.06 -0.19 -9.86
C27 PCW QA . 15.62 0.74 -8.79
C28 PCW QA . 14.88 2.09 -8.79
C31 PCW QA . 20.72 -17.06 -15.32
C32 PCW QA . 19.34 -16.43 -15.05
C33 PCW QA . 19.43 -15.37 -13.96
C34 PCW QA . 18.77 -14.08 -14.46
C35 PCW QA . 18.79 -13.00 -13.38
C36 PCW QA . 17.42 -12.88 -12.72
C37 PCW QA . 17.40 -11.66 -11.80
C38 PCW QA . 16.00 -11.03 -11.70
C39 PCW QA . 16.14 -9.89 -10.70
C40 PCW QA . 15.10 -8.77 -10.69
C41 PCW QA . 13.94 -8.79 -11.67
C42 PCW QA . 12.77 -8.26 -10.84
C43 PCW QA . 12.42 -6.82 -11.16
C44 PCW QA . 11.27 -6.40 -10.24
C45 PCW QA . 11.08 -4.90 -10.42
C46 PCW QA . 9.68 -4.43 -10.05
C47 PCW QA . 9.63 -2.95 -10.40
C48 PCW QA . 8.36 -2.30 -9.86
N PCW QA . 27.73 -20.77 -13.84
O2 PCW QA . 21.39 -16.46 -16.35
O3 PCW QA . 22.80 -14.62 -17.04
O11 PCW QA . 23.81 -13.41 -18.71
O31 PCW QA . 21.12 -18.02 -14.67
O1P PCW QA . 22.91 -21.43 -17.20
O2P PCW QA . 23.45 -20.16 -15.06
O3P PCW QA . 23.77 -19.07 -17.30
O4P PCW QA . 25.28 -20.96 -16.57
P PCW QA . 23.74 -20.46 -16.47
C1 PCW RA . 3.88 -17.04 8.41
C2 PCW RA . 3.68 -15.51 8.58
C3 PCW RA . 2.85 -14.93 7.43
C4 PCW RA . 3.13 -20.89 11.83
C5 PCW RA . 2.46 -20.84 13.20
C6 PCW RA . 1.76 -22.01 15.17
C7 PCW RA . 1.77 -23.15 13.06
C8 PCW RA . 3.84 -22.58 14.14
C11 PCW RA . 3.25 -12.72 6.60
C12 PCW RA . 4.19 -11.83 5.78
C13 PCW RA . 3.75 -10.36 5.74
C14 PCW RA . 4.86 -9.55 5.06
C15 PCW RA . 4.43 -8.11 4.85
C16 PCW RA . 5.61 -7.22 4.45
C17 PCW RA . 5.52 -5.87 5.16
C18 PCW RA . 6.60 -4.89 4.67
C19 PCW RA . 6.62 -3.71 5.65
C20 PCW RA . 7.63 -2.57 5.45
C21 PCW RA . 8.64 -2.61 4.29
C22 PCW RA . 7.97 -2.16 2.99
C23 PCW RA . 8.82 -1.06 2.35
C24 PCW RA . 8.23 -0.58 1.02
C25 PCW RA . 7.10 0.42 1.22
C26 PCW RA . 6.54 0.79 -0.15
C27 PCW RA . 5.28 1.63 0.01
C28 PCW RA . 4.58 1.77 -1.35
C31 PCW RA . 3.84 -14.49 10.71
C32 PCW RA . 3.14 -14.26 12.06
C33 PCW RA . 2.32 -12.96 12.12
C34 PCW RA . 3.19 -11.72 11.88
C35 PCW RA . 2.31 -10.52 11.52
C36 PCW RA . 3.20 -9.36 11.08
C37 PCW RA . 2.38 -8.07 10.95
C38 PCW RA . 3.34 -6.86 10.98
C39 PCW RA . 3.81 -6.57 9.55
C40 PCW RA . 4.55 -5.27 9.28
C41 PCW RA . 4.83 -4.29 10.44
C42 PCW RA . 4.71 -2.89 9.84
C43 PCW RA . 6.06 -2.18 9.67
C44 PCW RA . 5.81 -0.75 9.22
C45 PCW RA . 7.08 0.11 9.21
C46 PCW RA . 6.71 1.60 9.14
C47 PCW RA . 6.94 2.30 10.47
C48 PCW RA . 6.36 3.71 10.40
N PCW RA . 2.46 -22.15 13.89
O2 PCW RA . 3.08 -15.21 9.84
O3 PCW RA . 3.65 -14.02 6.67
O11 PCW RA . 2.24 -12.27 7.14
O31 PCW RA . 4.95 -14.06 10.47
O1P PCW RA . 5.06 -19.52 9.71
O2P PCW RA . 2.75 -20.11 8.80
O3P PCW RA . 3.27 -17.75 9.50
O4P PCW RA . 3.06 -19.58 11.22
P PCW RA . 3.60 -19.32 9.71
C1 PCW SA . 8.15 -19.97 -2.30
C2 PCW SA . 6.75 -19.35 -2.26
C3 PCW SA . 5.94 -19.94 -1.10
C4 PCW SA . 11.17 -23.46 -1.65
C5 PCW SA . 11.24 -24.01 -0.22
C6 PCW SA . 12.37 -25.37 1.40
C7 PCW SA . 12.46 -25.98 -0.92
C8 PCW SA . 13.66 -24.05 -0.14
C11 PCW SA . 3.73 -19.48 -0.42
C12 PCW SA . 2.70 -18.40 -0.07
C13 PCW SA . 2.82 -17.21 -1.03
C14 PCW SA . 2.01 -16.04 -0.48
C15 PCW SA . 2.23 -14.78 -1.34
C16 PCW SA . 1.09 -13.79 -1.05
C17 PCW SA . 0.81 -12.95 -2.31
C18 PCW SA . 1.39 -11.53 -2.30
C19 PCW SA . 0.49 -10.64 -1.45
C20 PCW SA . 0.07 -9.29 -2.04
C21 PCW SA . 0.56 -8.93 -3.45
C22 PCW SA . 0.67 -7.40 -3.49
C23 PCW SA . 0.97 -6.93 -4.90
C24 PCW SA . 1.14 -5.41 -4.87
C25 PCW SA . 1.67 -5.01 -6.23
C26 PCW SA . 2.00 -3.52 -6.27
C27 PCW SA . 2.63 -3.31 -7.63
C28 PCW SA . 2.92 -1.84 -7.85
C31 PCW SA . 6.89 -17.08 -3.07
C32 PCW SA . 6.95 -15.58 -2.73
C33 PCW SA . 7.32 -14.78 -3.98
C34 PCW SA . 6.43 -13.52 -4.03
C35 PCW SA . 7.18 -12.36 -4.69
C36 PCW SA . 6.19 -11.23 -5.00
C37 PCW SA . 6.41 -9.98 -4.14
C38 PCW SA . 5.22 -9.03 -4.33
C39 PCW SA . 5.65 -7.60 -3.97
C40 PCW SA . 5.03 -6.82 -2.81
C41 PCW SA . 3.94 -7.47 -1.97
C42 PCW SA . 3.27 -6.34 -1.17
C43 PCW SA . 3.84 -6.31 0.24
C44 PCW SA . 4.21 -4.87 0.66
C45 PCW SA . 2.97 -4.00 0.80
C46 PCW SA . 3.25 -2.57 0.35
C47 PCW SA . 2.00 -1.72 0.63
C48 PCW SA . 2.15 -0.33 0.01
N PCW SA . 12.43 -24.85 0.02
O2 PCW SA . 6.80 -17.92 -2.01
O3 PCW SA . 4.92 -18.98 -0.83
O11 PCW SA . 3.47 -20.68 -0.32
O31 PCW SA . 6.94 -17.45 -4.23
O1P PCW SA . 10.66 -21.05 -3.55
O2P PCW SA . 9.33 -23.14 -4.16
O3P PCW SA . 8.18 -21.26 -2.96
O4P PCW SA . 9.99 -22.68 -1.81
P PCW SA . 9.60 -22.02 -3.24
C1 PCW TA . 28.00 26.70 16.00
C2 PCW TA . 27.44 25.45 16.70
C3 PCW TA . 28.50 24.36 16.80
C4 PCW TA . 27.11 30.85 14.45
C5 PCW TA . 26.65 31.77 15.60
C6 PCW TA . 25.37 33.80 15.72
C7 PCW TA . 27.75 33.87 15.98
C8 PCW TA . 26.80 33.45 13.83
C11 PCW TA . 28.13 22.01 17.05
C12 PCW TA . 27.44 20.77 16.48
C13 PCW TA . 27.60 19.54 17.39
C14 PCW TA . 27.10 18.30 16.61
C15 PCW TA . 27.36 17.03 17.42
C16 PCW TA . 27.05 15.79 16.56
C17 PCW TA . 26.32 14.69 17.35
C18 PCW TA . 25.33 13.95 16.44
C19 PCW TA . 25.78 12.47 16.38
C20 PCW TA . 24.83 11.37 16.88
C21 PCW TA . 23.45 11.72 17.42
C22 PCW TA . 22.80 10.42 17.93
C23 PCW TA . 21.27 10.54 17.93
C24 PCW TA . 20.69 10.28 19.32
C25 PCW TA . 19.87 8.97 19.32
C26 PCW TA . 20.40 8.02 20.40
C27 PCW TA . 19.54 6.76 20.47
C28 PCW TA . 19.99 5.89 21.65
C31 PCW TA . 25.69 25.46 18.33
C32 PCW TA . 25.32 25.81 19.78
C33 PCW TA . 24.36 24.80 20.43
C34 PCW TA . 25.10 23.54 20.88
C35 PCW TA . 24.29 22.29 20.51
C36 PCW TA . 25.00 21.02 21.01
C37 PCW TA . 24.15 19.80 20.63
C38 PCW TA . 24.88 18.47 20.95
C39 PCW TA . 24.03 17.36 20.31
C40 PCW TA . 24.34 15.89 20.65
C41 PCW TA . 25.49 15.58 21.61
C42 PCW TA . 25.02 14.50 22.59
C43 PCW TA . 24.70 13.21 21.84
C44 PCW TA . 24.94 11.98 22.74
C45 PCW TA . 24.01 10.84 22.31
C46 PCW TA . 24.80 9.70 21.67
C47 PCW TA . 23.81 8.64 21.16
C48 PCW TA . 24.51 7.29 21.00
N PCW TA . 26.65 33.21 15.27
O2 PCW TA . 26.97 25.80 18.01
O3 PCW TA . 27.92 23.14 16.31
O11 PCW TA . 28.81 21.96 18.08
O31 PCW TA . 24.89 24.95 17.56
O1P PCW TA . 26.59 28.28 12.74
O2P PCW TA . 28.98 28.44 13.64
O3P PCW TA . 27.27 26.96 14.78
O4P PCW TA . 27.08 29.49 14.89
P PCW TA . 27.52 28.29 13.89
C1 PCW UA . 13.78 27.93 20.63
C2 PCW UA . 14.18 27.28 21.96
C3 PCW UA . 13.24 26.13 22.33
C4 PCW UA . 14.60 31.30 17.76
C5 PCW UA . 16.04 31.19 17.22
C6 PCW UA . 17.57 32.75 16.24
C7 PCW UA . 16.43 31.17 14.85
C8 PCW UA . 15.24 33.02 15.78
C11 PCW UA . 13.58 23.89 23.05
C12 PCW UA . 14.50 22.66 23.02
C13 PCW UA . 13.90 21.47 23.78
C14 PCW UA . 14.68 20.20 23.42
C15 PCW UA . 13.99 18.96 24.00
C16 PCW UA . 14.89 17.73 23.80
C17 PCW UA . 14.01 16.56 23.38
C18 PCW UA . 13.05 16.02 24.45
C19 PCW UA . 11.90 15.30 23.72
C20 PCW UA . 11.71 13.77 23.80
C21 PCW UA . 12.69 12.93 24.60
C22 PCW UA . 12.42 11.45 24.25
C23 PCW UA . 12.89 10.55 25.40
C24 PCW UA . 12.28 9.15 25.27
C25 PCW UA . 12.71 8.29 26.46
C26 PCW UA . 11.99 6.95 26.45
C27 PCW UA . 12.78 5.94 27.30
C28 PCW UA . 12.16 4.55 27.15
C31 PCW UA . 16.58 27.53 21.82
C32 PCW UA . 17.93 26.80 21.89
C33 PCW UA . 17.79 25.37 21.33
C34 PCW UA . 18.63 24.40 22.18
C35 PCW UA . 18.85 23.08 21.44
C36 PCW UA . 18.50 21.88 22.34
C37 PCW UA . 18.32 20.63 21.45
C38 PCW UA . 19.23 19.50 21.95
C39 PCW UA . 20.12 19.05 20.79
C40 PCW UA . 20.46 17.56 20.58
C41 PCW UA . 19.93 16.51 21.56
C42 PCW UA . 18.98 15.56 20.80
C43 PCW UA . 19.57 14.15 20.84
C44 PCW UA . 18.55 13.07 20.43
C45 PCW UA . 18.10 12.26 21.66
C46 PCW UA . 17.06 11.22 21.22
C47 PCW UA . 16.52 10.49 22.44
C48 PCW UA . 15.52 9.40 22.00
N PCW UA . 16.31 32.04 16.03
O2 PCW UA . 15.49 26.72 21.93
O3 PCW UA . 14.07 24.97 22.38
O11 PCW UA . 12.50 23.87 23.63
O31 PCW UA . 16.53 28.76 21.71
O1P PCW UA . 12.74 31.66 20.24
O2P PCW UA . 12.08 29.69 18.76
O3P PCW UA . 13.38 29.30 20.87
O4P PCW UA . 14.46 30.43 18.89
P PCW UA . 13.05 30.32 19.67
C1 PCW VA . 23.78 -4.28 31.76
C2 PCW VA . 24.51 -3.09 31.12
C3 PCW VA . 23.48 -2.00 30.77
C4 PCW VA . 22.04 -7.52 34.19
C5 PCW VA . 20.51 -7.51 34.10
C6 PCW VA . 20.33 -9.90 34.32
C7 PCW VA . 20.35 -8.54 36.28
C8 PCW VA . 18.45 -8.52 34.83
C11 PCW VA . 23.24 -0.43 29.14
C12 PCW VA . 23.27 0.00 27.66
C31 PCW VA . 26.66 -2.33 31.41
C32 PCW VA . 27.76 -1.73 32.30
N PCW VA . 19.92 -8.61 34.88
O2 PCW VA . 25.47 -2.54 32.04
O3 PCW VA . 23.53 -1.73 29.37
O11 PCW VA . 23.00 0.39 30.02
O31 PCW VA . 26.87 -2.58 30.23
O1P PCW VA . 24.68 -6.27 34.88
O2P PCW VA . 24.70 -7.32 32.56
O3P PCW VA . 24.55 -4.83 32.83
O4P PCW VA . 22.61 -6.39 33.52
P PCW VA . 24.22 -6.27 33.48
C1 PCW WA . 38.32 -11.75 -2.21
C2 PCW WA . 37.96 -10.59 -3.16
C3 PCW WA . 37.98 -9.24 -2.43
C4 PCW WA . 38.79 -16.22 -1.78
C5 PCW WA . 39.87 -16.73 -2.74
C6 PCW WA . 40.37 -18.87 -3.70
C7 PCW WA . 41.69 -18.05 -1.89
C8 PCW WA . 39.45 -18.80 -1.50
C11 PCW WA . 37.18 -7.41 -3.75
C12 PCW WA . 35.92 -6.65 -4.22
C13 PCW WA . 36.15 -5.73 -5.42
C14 PCW WA . 35.62 -4.31 -5.15
C15 PCW WA . 36.33 -3.30 -6.06
C16 PCW WA . 35.96 -1.85 -5.69
C17 PCW WA . 34.50 -1.54 -6.05
C18 PCW WA . 33.91 -0.55 -5.02
C19 PCW WA . 32.39 -0.45 -5.20
C20 PCW WA . 31.70 0.92 -5.36
C21 PCW WA . 32.56 2.17 -5.32
C22 PCW WA . 31.68 3.41 -5.55
C23 PCW WA . 32.14 4.27 -6.73
C24 PCW WA . 31.25 5.52 -6.83
C25 PCW WA . 31.65 6.39 -8.03
C26 PCW WA . 30.65 7.55 -8.21
C27 PCW WA . 31.01 8.36 -9.45
C28 PCW WA . 31.06 9.85 -9.14
C31 PCW WA . 38.37 -10.58 -5.53
C32 PCW WA . 39.46 -10.46 -6.61
C33 PCW WA . 39.69 -9.00 -7.04
C34 PCW WA . 38.82 -8.65 -8.25
C35 PCW WA . 39.03 -7.17 -8.62
C36 PCW WA . 38.13 -6.78 -9.81
C37 PCW WA . 38.36 -5.30 -10.14
C38 PCW WA . 37.16 -4.71 -10.92
C39 PCW WA . 37.14 -3.20 -10.68
C40 PCW WA . 36.70 -2.27 -11.82
C41 PCW WA . 36.29 -2.87 -13.17
C42 PCW WA . 35.90 -1.68 -14.06
C43 PCW WA . 35.82 -2.05 -15.54
C44 PCW WA . 34.79 -1.14 -16.23
C45 PCW WA . 34.73 -1.45 -17.73
C46 PCW WA . 33.85 -2.66 -18.03
C47 PCW WA . 33.94 -2.96 -19.52
C48 PCW WA . 32.83 -2.23 -20.26
N PCW WA . 40.32 -18.11 -2.45
O2 PCW WA . 38.86 -10.56 -4.27
O3 PCW WA . 36.90 -8.43 -2.89
O11 PCW WA . 38.30 -7.11 -4.14
O31 PCW WA . 37.17 -10.71 -5.82
O1P PCW WA . 36.02 -14.78 -1.45
O2P PCW WA . 37.84 -13.80 0.04
O3P PCW WA . 37.20 -12.65 -2.11
O4P PCW WA . 38.43 -14.88 -2.15
P PCW WA . 37.31 -14.06 -1.31
C1 CLR XA . 33.96 -7.72 -9.83
C2 CLR XA . 34.21 -9.23 -9.56
C3 CLR XA . 34.31 -9.55 -8.07
C4 CLR XA . 33.04 -9.00 -7.37
C5 CLR XA . 32.66 -7.52 -7.69
C6 CLR XA . 32.41 -6.69 -6.69
C7 CLR XA . 32.12 -5.20 -6.87
C8 CLR XA . 31.74 -4.91 -8.32
C9 CLR XA . 32.71 -5.61 -9.33
C10 CLR XA . 32.68 -7.18 -9.19
C11 CLR XA . 32.51 -5.09 -10.79
C12 CLR XA . 32.44 -3.54 -10.91
C13 CLR XA . 31.35 -2.96 -9.93
C14 CLR XA . 31.80 -3.42 -8.51
C15 CLR XA . 31.00 -2.58 -7.49
C16 CLR XA . 30.81 -1.21 -8.23
C17 CLR XA . 31.41 -1.42 -9.71
C18 CLR XA . 29.90 -3.40 -10.24
C19 CLR XA . 31.45 -7.74 -9.90
C20 CLR XA . 30.59 -0.58 -10.69
C21 CLR XA . 30.89 -0.77 -12.18
C22 CLR XA . 30.87 0.91 -10.31
C23 CLR XA . 30.02 1.86 -11.15
C24 CLR XA . 30.36 3.30 -10.61
C25 CLR XA . 29.47 4.31 -11.30
C26 CLR XA . 29.82 4.61 -12.76
C27 CLR XA . 29.30 5.51 -10.38
O1 CLR XA . 34.52 -10.93 -7.79
C1 CLR YA . 12.60 10.85 -24.08
C2 CLR YA . 12.66 12.32 -24.57
C3 CLR YA . 11.54 13.19 -23.97
C4 CLR YA . 11.60 13.06 -22.43
C5 CLR YA . 11.66 11.62 -21.87
C6 CLR YA . 10.80 11.29 -20.92
C7 CLR YA . 10.69 9.88 -20.35
C8 CLR YA . 11.91 9.04 -20.69
C9 CLR YA . 12.39 9.22 -22.16
C10 CLR YA . 12.70 10.72 -22.55
C11 CLR YA . 13.50 8.20 -22.54
C12 CLR YA . 13.19 6.73 -22.12
C13 CLR YA . 12.78 6.65 -20.59
C14 CLR YA . 11.56 7.60 -20.47
C15 CLR YA . 10.87 7.28 -19.11
C16 CLR YA . 11.13 5.74 -18.95
C17 CLR YA . 12.08 5.31 -20.17
C18 CLR YA . 13.88 7.03 -19.58
C19 CLR YA . 14.12 11.08 -22.09
C20 CLR YA . 13.01 4.20 -19.70
C21 CLR YA . 13.98 3.63 -20.75
C22 CLR YA . 12.06 3.06 -19.21
C23 CLR YA . 12.71 2.20 -18.13
C24 CLR YA . 11.72 1.00 -17.94
C25 CLR YA . 12.38 -0.07 -17.08
C26 CLR YA . 13.53 -0.85 -17.75
C27 CLR YA . 11.30 -0.91 -16.41
O1 CLR YA . 11.59 14.55 -24.40
C1 PCW ZA . 8.01 26.76 17.40
C2 PCW ZA . 6.82 26.31 18.26
C3 PCW ZA . 6.28 24.92 17.87
C4 PCW ZA . 9.77 28.10 13.05
C5 PCW ZA . 9.28 29.14 12.04
C6 PCW ZA . 9.88 29.66 9.77
C7 PCW ZA . 10.67 31.05 11.55
C8 PCW ZA . 11.57 28.85 11.24
C11 PCW ZA . 5.37 23.18 19.11
C12 PCW ZA . 5.38 22.29 20.37
C13 PCW ZA . 4.31 21.19 20.29
C14 PCW ZA . 4.61 20.14 21.37
C15 PCW ZA . 3.71 18.90 21.24
C16 PCW ZA . 4.03 17.94 22.38
C17 PCW ZA . 3.53 16.53 22.04
C18 PCW ZA . 3.81 15.55 23.19
C19 PCW ZA . 3.64 14.14 22.61
C20 PCW ZA . 3.77 12.92 23.53
C21 PCW ZA . 4.07 13.10 25.02
C22 PCW ZA . 4.89 11.88 25.46
C23 PCW ZA . 4.01 10.62 25.54
C24 PCW ZA . 4.77 9.49 26.24
C25 PCW ZA . 3.91 8.22 26.26
C26 PCW ZA . 4.71 7.04 26.83
C27 PCW ZA . 3.75 5.95 27.31
C28 PCW ZA . 4.53 4.86 28.04
C31 PCW ZA . 7.46 27.26 20.39
C32 PCW ZA . 7.65 26.96 21.88
C33 PCW ZA . 8.27 25.56 22.05
C34 PCW ZA . 8.54 25.31 23.54
C35 PCW ZA . 9.22 23.96 23.76
C36 PCW ZA . 8.23 22.80 23.59
C37 PCW ZA . 8.98 21.47 23.76
C38 PCW ZA . 8.55 20.43 22.71
C39 PCW ZA . 9.75 19.51 22.46
C40 PCW ZA . 9.63 17.99 22.62
C41 PCW ZA . 8.29 17.35 23.01
C42 PCW ZA . 7.91 16.34 21.92
C43 PCW ZA . 8.20 14.89 22.34
C44 PCW ZA . 7.25 13.95 21.59
C45 PCW ZA . 7.64 12.48 21.82
C46 PCW ZA . 8.58 12.02 20.70
C47 PCW ZA . 9.29 10.72 21.10
C48 PCW ZA . 10.46 10.44 20.14
N PCW ZA . 10.35 29.67 11.16
O2 PCW ZA . 7.13 26.17 19.65
O3 PCW ZA . 6.30 24.17 19.09
O11 PCW ZA . 4.59 22.95 18.20
O31 PCW ZA . 7.57 28.41 19.95
O1P PCW ZA . 9.64 28.61 16.00
O2P PCW ZA . 7.47 29.49 14.99
O3P PCW ZA . 7.53 27.24 16.12
O4P PCW ZA . 8.70 27.63 13.89
P PCW ZA . 8.37 28.36 15.30
C1 PCW AB . -2.26 27.41 17.74
C2 PCW AB . -3.36 26.35 17.88
C3 PCW AB . -3.78 25.80 16.52
C4 PCW AB . 0.62 30.76 18.24
C5 PCW AB . 1.76 30.64 19.27
C6 PCW AB . 3.46 32.15 20.06
C7 PCW AB . 4.03 30.39 18.53
C8 PCW AB . 2.78 32.30 17.77
C11 PCW AB . -3.79 23.44 16.27
C12 PCW AB . -2.95 22.18 15.99
C13 PCW AB . -3.71 21.14 15.15
C14 PCW AB . -3.91 19.87 15.98
C15 PCW AB . -4.93 18.96 15.30
C16 PCW AB . -4.25 17.65 14.85
C17 PCW AB . -5.29 16.56 14.69
C18 PCW AB . -4.66 15.16 14.72
C19 PCW AB . -3.92 14.99 13.40
C20 PCW AB . -3.30 13.62 13.10
C21 PCW AB . -3.48 12.52 14.13
C22 PCW AB . -2.45 11.45 13.76
C23 PCW AB . -2.97 10.09 14.22
C24 PCW AB . -2.02 9.05 13.64
C25 PCW AB . -2.51 7.65 13.97
C26 PCW AB . -1.31 6.79 14.29
C27 PCW AB . -1.73 5.33 14.22
C28 PCW AB . -0.55 4.48 14.69
C31 PCW AB . -3.41 25.14 19.93
C32 PCW AB . -2.98 23.86 20.69
C33 PCW AB . -2.31 22.90 19.70
C34 PCW AB . -2.51 21.43 20.10
C35 PCW AB . -1.52 21.01 21.20
C36 PCW AB . -1.37 19.48 21.24
C37 PCW AB . -2.26 18.84 22.32
C38 PCW AB . -2.81 17.46 21.87
C39 PCW AB . -4.12 17.69 21.13
C40 PCW AB . -4.58 16.66 20.08
C41 PCW AB . -3.71 15.44 19.77
C42 PCW AB . -4.51 14.17 20.15
C43 PCW AB . -3.83 12.92 19.54
C44 PCW AB . -4.69 11.68 19.84
C45 PCW AB . -4.15 10.47 19.06
C46 PCW AB . -4.87 9.19 19.52
C47 PCW AB . -4.63 8.07 18.49
C48 PCW AB . -5.62 6.92 18.75
N PCW AB . 2.99 31.37 18.90
O2 PCW AB . -2.91 25.24 18.67
O3 PCW AB . -3.05 24.59 16.31
O11 PCW AB . -5.01 23.38 16.43
O31 PCW AB . -4.14 25.97 20.45
O1P PCW AB . -2.72 31.17 18.50
O2P PCW AB . -1.64 30.03 16.50
O3P PCW AB . -2.63 28.64 18.35
O4P PCW AB . -0.51 30.01 18.72
P PCW AB . -1.93 30.06 17.95
C1 PCW BB . -1.89 17.80 3.68
C2 PCW BB . -1.72 16.81 4.85
C3 PCW BB . -2.77 17.06 5.94
C4 PCW BB . -0.61 21.93 4.38
C5 PCW BB . -1.45 23.13 4.86
C6 PCW BB . -0.94 25.38 5.50
C7 PCW BB . -1.43 23.77 7.17
C8 PCW BB . 0.64 23.65 6.03
C11 PCW BB . -3.26 16.15 8.08
C12 PCW BB . -2.89 15.08 9.11
C13 PCW BB . -3.13 13.67 8.56
C14 PCW BB . -2.13 12.70 9.20
C15 PCW BB . -2.54 11.24 8.97
C16 PCW BB . -1.32 10.32 9.11
C17 PCW BB . -1.76 8.86 9.24
C18 PCW BB . -0.53 7.96 9.44
C19 PCW BB . -0.39 7.67 10.94
C20 PCW BB . 0.08 6.30 11.42
C21 PCW BB . 0.41 5.17 10.45
C22 PCW BB . 0.38 3.89 11.29
C23 PCW BB . 1.36 2.85 10.77
C24 PCW BB . 0.57 1.67 10.19
C25 PCW BB . 1.55 0.60 9.70
C26 PCW BB . 0.77 -0.63 9.26
C27 PCW BB . 1.75 -1.67 8.72
C28 PCW BB . 1.00 -2.85 8.09
C31 PCW BB . -0.93 14.55 4.80
C32 PCW BB . -1.20 13.12 4.31
C33 PCW BB . -0.93 12.06 5.39
C34 PCW BB . -0.51 10.74 4.73
C35 PCW BB . -1.75 10.00 4.22
C36 PCW BB . -1.77 8.54 4.71
C37 PCW BB . -1.51 7.58 3.53
C38 PCW BB . -1.60 6.11 3.95
C39 PCW BB . -0.77 5.29 2.96
C40 PCW BB . -0.98 3.76 2.82
C41 PCW BB . -2.00 3.01 3.68
C42 PCW BB . -3.11 2.38 2.83
C43 PCW BB . -3.89 1.37 3.68
C44 PCW BB . -4.94 0.67 2.81
C45 PCW BB . -5.81 -0.30 3.62
C46 PCW BB . -5.62 -1.78 3.27
C47 PCW BB . -6.43 -2.60 4.27
C48 PCW BB . -6.31 -4.10 3.94
N PCW BB . -0.78 23.97 5.87
O2 PCW BB . -1.85 15.47 4.38
O3 PCW BB . -2.48 16.11 6.97
O11 PCW BB . -4.19 16.94 8.27
O31 PCW BB . 0.04 14.80 5.52
O1P PCW BB . -1.67 19.66 1.47
O2P PCW BB . 0.66 20.30 2.29
O3P PCW BB . -0.78 18.71 3.63
O4P PCW BB . -1.37 21.19 3.42
P PCW BB . -0.75 19.96 2.59
#